data_8YEZ
#
_entry.id   8YEZ
#
loop_
_entity.id
_entity.type
_entity.pdbx_description
1 polymer 'Piezo-type mechanosensitive ion channel component 1'
2 non-polymer '(1S)-2-{[(S)-(2-aminoethoxy)(hydroxy)phosphoryl]oxy}-1-[(octadecanoyloxy)methyl]ethyl (9Z)-octadec-9-enoate'
#
_entity_poly.entity_id   1
_entity_poly.type   'polypeptide(L)'
_entity_poly.pdbx_seq_one_letter_code
;MEPHVLGAVLYWLLLPCALLAACLLRFSGLSLVYLLFLLLLPWFPGPTRCGLQGHTGRLLRALLGLSLLFLVAHLALQIC
LHIVPRLDQLLGPSCSRWETLSRHIGVTRLDLKDIPNAIRLVAPDLGILVVSSVCLGICGRLARNTRQSPHPRELDDDER
DVDASPTAGLQEAATLAPTRRSRLAARFRVTAHWLLVAAGRVLAVTLLALAGIAHPSALSSVYLLLFLALCTWWACHFPI
STRGFSRLCVAVGCFGAGHLICLYCYQMPLAQALLPPAGIWARVLGLKDFVGPTNCSSPHALVLNTGLDWPVYASPGVLL
LLCYATASLRKLRAYRPSGQRKEAAKGYEARELELAELDQWPQERESDQHVVPTAPDTEADNCIVHELTGQSSVLRRPVR
PKRAEPREASPLHSLGHLIMDQSYVCALIAMMVWSITYHSWLTFVLLLWACLIWTVRSRHQLAMLCSPCILLYGMTLCCL
RYVWAMDLRPELPTTLGPVSLRQLGLEHTRYPCLDLGAMLLYTLTFWLLLRQFVKEKLLKWAESPAALTEVTVADTEPTR
TQTLLQSLGELVKGVYAKYWIYVCAGMFIVVSFAGRLVVYKIVYMFLFLLCLTLFQVYYSLWRKLLKAFWWLVVAYTMLV
LIAVYTFQFQDFPAYWRNLTGFTDEQLGDLGLEQFSVSELFSSILVPGFFLLACILQLHYFHRPFMQLTDMEHVSLPGTR
LPRWAHRQDAVSGTPLLREEQQEHQQQQQEEEEEEEDSRDEGLGVATPHQATQVPEGAAKWGLVAERLLELAAGFSDVLS
RVQVFLRRLLELHVFKLVALYTVWVALKEVSVMNLLLVVLWAFALPYPRFRPMASCLSTVWTCVIIVCKMLYQLKVVNPQ
EYSSNCTEPFPNSTNLLPTEISQSLLYRGPVDPANWFGVRKGFPNLGYIQNHLQVLLLLVFEAIVYRRQEHYRRQHQLAP
LPAQAVFASGTRQQLDQDLLGCLKYFINFFFYKFGLEICFLMAVNVIGQRMNFLVTLHGCWLVAILTRRHRQAIARLWPN
YCLFLALFLLYQYLLCLGMPPALCIDYPWRWSRAVPMNSALIKWLYLPDFFRAPNSTNLISDFLLLLCASQQWQVFSAER
TEEWQRMAGVNTDRLEPLRGEPNPVPNFIHCRSYLDMLKVAVFRYLFWLVLVVVFVTGATRISIFGLGYLLACFYLLLFG
TALLQRDTRARLVLWDCLILYNVTVIISKNMLSLLACVFVEQMQTGFCWVIQLFSLVCTVKGYYDPKEMMDRDQDCLLPV
EEAGIIWDSVCFFFLLLQRRVFLSHYYLHVRADLQATALLASRGFALYNAANLKSIDFHRRIEEKSLAQLKRQMERIRAK
QEKHRQGRVDRSRPQDTLGPKDPGLEPGPDSPGGSSPPRRQWWRPWLDHATVIHSGDYFLFESDSEEEEEAVPEDPRPSA
QSAFQLAYQAWVTNAQAVLRRRQQEQEQARQEQAGQLPTGGGPSQEVEPAEGPEEAAAGRSHVVQRVLSTAQFLWMLGQA
LVDELTRWLQEFTRHHGTMSDVLRAERYLLTQELLQGGEVHRGVLDQLYTSQAEATLPGPTEAPNAPSTVSSGLGAEEPL
SSMTDDMGSPLSTGYHTRSGSEEAVTDPGEREAGASLYQGLMRTASELLLDRRLRIPELEEAELFAEGQGRALRLLRAVY
QCVAAHSELLCYFIIILNHMVTASAGSLVLPVLVFLWAMLSIPRPSKRFWMTAIVFTEIAVVVKYLFQFGFFPWNSHVVL
RRYENKPYFPPRILGLEKTDGYIKYDLVQLMALFFHRSQLLCYGLWDHEEDSPSKEHDKSGEEEQGAEEGPGVPAATTED
HIQVEARVGPTDGTPEPQVELRPRDTRRISLRFRRRKKEGPARKGAAAIEAEDREEEEGEEEKEAPTGREKRPSRSGGRV
RAAGRRLQGFCLSLAQGTYRPLRRFFHDILHTKYRAATDVYALMFLADVVDFIIIIFGFWAFGKHSAATDITSSLSDDQV
PEAFLVMLLIQFSTMVVDRALYLRKTVLGKLAFQVALVLAIHLWMFFILPAVTERMFNQNVVAQLWYFVKCIYFALSAYQ
IRCGYPTRILGNFLTKKYNHLNLFLFQGFRLVPFLVELRAVMDWVWTDTTLSLSSWMCVEDIYANIFIIKCSRETEKKYP
QPKGQKKKKIVKYGMGGLIILFLIAIIWFPLLFMSLVRSVVGVVNQPIDVTVTLKLGGYEPLFTMSAQQPSIIPFTAQAY
EELSRQFDPQPLAMQFISQYSPEDIVTAQIEGSSGALWRISPPSRAQMKRELYNGTADITLRFTWNFQRDLAKGGTVEYA
NEKHMLALAPNSTARRQLASLLEGTSDQSVVIPNLFPKYIRAPNGPEANPVKQLQPNEEADYLGVRIQLRREQGAGATGF
LEWWVIELQECRTDCNLLPMVIFSDKVSPPSLGFLAGYGIMGLYVSIVLVIGKFVRGFFSEISHSIMFEELPCVDRILKL
CQDIFLVRETRELELEEELYAKLIFLYRSPETMIKWTREKE
;
_entity_poly.pdbx_strand_id   A,B,C
#
loop_
_chem_comp.id
_chem_comp.type
_chem_comp.name
_chem_comp.formula
L9Q non-polymer '(1S)-2-{[(S)-(2-aminoethoxy)(hydroxy)phosphoryl]oxy}-1-[(octadecanoyloxy)methyl]ethyl (9Z)-octadec-9-enoate' 'C41 H80 N O8 P'
#
# COMPACT_ATOMS: atom_id res chain seq x y z
N GLU A 570 36.40 90.77 45.10
CA GLU A 570 35.68 91.78 44.35
C GLU A 570 35.17 91.23 43.04
N LEU A 571 35.40 89.95 42.80
CA LEU A 571 34.93 89.32 41.57
C LEU A 571 33.42 89.38 41.54
N VAL A 572 32.79 88.96 42.63
CA VAL A 572 31.33 88.95 42.68
C VAL A 572 30.79 90.36 42.80
N LYS A 573 31.57 91.28 43.36
CA LYS A 573 31.14 92.65 43.41
C LYS A 573 31.08 93.21 42.00
N GLY A 574 32.02 92.81 41.14
CA GLY A 574 32.02 93.24 39.76
C GLY A 574 30.93 92.53 38.98
N VAL A 575 30.59 91.31 39.37
CA VAL A 575 29.51 90.59 38.72
C VAL A 575 28.25 91.39 39.02
N TYR A 576 28.12 91.85 40.25
CA TYR A 576 26.96 92.64 40.63
C TYR A 576 27.05 94.04 40.07
N ALA A 577 28.23 94.45 39.65
CA ALA A 577 28.40 95.76 39.04
C ALA A 577 28.28 95.65 37.53
N LYS A 578 27.46 94.72 37.06
CA LYS A 578 27.21 94.59 35.63
C LYS A 578 25.97 93.74 35.36
N TYR A 579 25.81 92.65 36.10
CA TYR A 579 24.70 91.74 35.83
C TYR A 579 23.80 91.54 37.04
N TRP A 580 23.27 92.62 37.60
CA TRP A 580 22.44 92.48 38.79
C TRP A 580 21.58 93.71 39.02
N ILE A 581 21.76 94.74 38.20
CA ILE A 581 20.93 95.92 38.30
C ILE A 581 19.55 95.50 37.84
N TYR A 582 19.51 94.49 36.98
CA TYR A 582 18.25 94.01 36.44
C TYR A 582 17.44 93.24 37.46
N VAL A 583 18.05 92.84 38.55
CA VAL A 583 17.31 92.19 39.61
C VAL A 583 16.39 93.23 40.21
N CYS A 584 16.89 94.44 40.43
CA CYS A 584 16.04 95.52 40.94
C CYS A 584 14.88 95.79 40.00
N ALA A 585 15.17 95.79 38.70
CA ALA A 585 14.12 96.06 37.72
C ALA A 585 13.06 94.96 37.73
N GLY A 586 13.49 93.71 37.81
CA GLY A 586 12.55 92.61 37.83
C GLY A 586 11.68 92.69 39.07
N MET A 587 12.29 93.08 40.19
CA MET A 587 11.55 93.18 41.44
C MET A 587 10.51 94.28 41.37
N PHE A 588 10.79 95.35 40.64
CA PHE A 588 9.81 96.42 40.46
C PHE A 588 8.53 95.81 39.95
N ILE A 589 8.64 95.01 38.90
CA ILE A 589 7.47 94.35 38.35
C ILE A 589 6.77 93.47 39.37
N VAL A 590 7.53 92.66 40.11
CA VAL A 590 6.94 91.76 41.10
C VAL A 590 6.02 92.52 42.06
N VAL A 591 6.50 93.64 42.60
CA VAL A 591 5.69 94.45 43.49
C VAL A 591 4.41 94.88 42.78
N SER A 592 4.55 95.49 41.61
CA SER A 592 3.38 95.95 40.86
C SER A 592 2.36 94.88 40.56
N PHE A 593 2.82 93.63 40.45
CA PHE A 593 1.92 92.54 40.12
C PHE A 593 1.79 91.58 41.29
N ALA A 594 1.57 92.12 42.48
CA ALA A 594 1.38 91.27 43.66
C ALA A 594 -0.09 91.21 44.05
N GLY A 595 -0.87 90.46 43.30
CA GLY A 595 -2.29 90.34 43.61
C GLY A 595 -3.08 91.49 43.03
N ARG A 596 -4.22 91.79 43.64
CA ARG A 596 -5.08 92.86 43.17
C ARG A 596 -4.29 94.15 43.08
N LEU A 597 -4.09 94.63 41.86
CA LEU A 597 -3.34 95.85 41.68
C LEU A 597 -4.22 97.06 41.86
N VAL A 598 -3.99 97.81 42.92
CA VAL A 598 -4.75 99.03 43.10
C VAL A 598 -3.86 100.14 42.59
N VAL A 599 -4.34 101.37 42.65
CA VAL A 599 -3.58 102.50 42.10
C VAL A 599 -2.10 102.49 42.46
N TYR A 600 -1.77 102.27 43.72
CA TYR A 600 -0.36 102.35 44.11
C TYR A 600 0.52 101.32 43.41
N LYS A 601 0.02 100.11 43.22
CA LYS A 601 0.79 99.08 42.54
C LYS A 601 0.92 99.43 41.07
N ILE A 602 -0.10 100.06 40.50
CA ILE A 602 -0.02 100.50 39.12
C ILE A 602 1.01 101.64 38.97
N VAL A 603 1.10 102.51 39.97
CA VAL A 603 2.11 103.57 39.92
C VAL A 603 3.48 102.95 40.06
N TYR A 604 3.57 101.85 40.81
CA TYR A 604 4.85 101.15 40.92
C TYR A 604 5.28 100.72 39.53
N MET A 605 4.34 100.19 38.75
CA MET A 605 4.67 99.81 37.38
C MET A 605 5.14 101.01 36.61
N PHE A 606 4.42 102.13 36.67
CA PHE A 606 4.81 103.34 35.95
C PHE A 606 6.25 103.74 36.24
N LEU A 607 6.69 103.58 37.49
CA LEU A 607 8.06 103.91 37.84
C LEU A 607 9.03 102.96 37.17
N PHE A 608 8.74 101.66 37.16
CA PHE A 608 9.60 100.72 36.44
C PHE A 608 9.69 101.16 35.00
N LEU A 609 8.55 101.40 34.39
CA LEU A 609 8.53 101.82 33.00
C LEU A 609 9.37 103.06 32.79
N LEU A 610 9.22 104.08 33.63
CA LEU A 610 9.96 105.32 33.45
C LEU A 610 11.45 105.10 33.36
N CYS A 611 11.96 104.23 34.21
CA CYS A 611 13.39 103.93 34.19
C CYS A 611 13.79 103.37 32.84
N LEU A 612 13.16 102.30 32.42
CA LEU A 612 13.52 101.67 31.15
C LEU A 612 13.30 102.57 29.93
N THR A 613 12.29 103.42 29.98
CA THR A 613 12.06 104.33 28.86
C THR A 613 13.16 105.36 28.70
N LEU A 614 13.60 105.98 29.80
CA LEU A 614 14.67 106.95 29.71
C LEU A 614 15.97 106.31 29.23
N PHE A 615 16.18 105.03 29.55
CA PHE A 615 17.36 104.34 29.08
C PHE A 615 17.47 104.48 27.57
N GLN A 616 16.36 104.24 26.89
CA GLN A 616 16.37 104.39 25.43
C GLN A 616 16.50 105.84 25.03
N VAL A 617 15.56 106.68 25.44
CA VAL A 617 15.57 108.08 25.00
C VAL A 617 16.88 108.82 25.21
N TYR A 618 17.34 108.90 26.46
CA TYR A 618 18.56 109.64 26.76
C TYR A 618 19.47 108.80 27.62
N TYR A 619 20.41 108.09 27.01
CA TYR A 619 21.28 107.20 27.78
C TYR A 619 22.07 107.93 28.83
N SER A 620 22.64 109.07 28.47
CA SER A 620 23.43 109.86 29.41
C SER A 620 22.61 110.23 30.63
N LEU A 621 21.41 110.76 30.40
CA LEU A 621 20.56 111.15 31.52
C LEU A 621 20.10 109.96 32.33
N TRP A 622 19.86 108.82 31.69
CA TRP A 622 19.48 107.63 32.44
C TRP A 622 20.57 107.27 33.40
N ARG A 623 21.80 107.25 32.92
CA ARG A 623 22.93 106.96 33.79
C ARG A 623 23.03 107.99 34.91
N LYS A 624 22.72 109.24 34.63
CA LYS A 624 22.78 110.27 35.65
C LYS A 624 21.80 110.07 36.80
N LEU A 625 20.60 109.57 36.51
CA LEU A 625 19.66 109.28 37.59
C LEU A 625 19.44 107.78 37.77
N LEU A 626 20.50 107.02 38.08
CA LEU A 626 20.33 105.59 38.36
C LEU A 626 20.02 105.27 39.82
N LYS A 627 21.05 105.27 40.66
CA LYS A 627 20.85 104.93 42.07
C LYS A 627 20.04 105.97 42.83
N ALA A 628 20.12 107.23 42.43
CA ALA A 628 19.32 108.25 43.07
C ALA A 628 17.87 107.87 42.91
N PHE A 629 17.52 107.48 41.69
CA PHE A 629 16.14 107.10 41.43
C PHE A 629 15.78 105.78 42.10
N TRP A 630 16.72 104.85 42.19
CA TRP A 630 16.40 103.62 42.92
C TRP A 630 16.11 103.93 44.40
N TRP A 631 16.76 104.94 44.95
CA TRP A 631 16.53 105.32 46.37
C TRP A 631 15.22 106.09 46.48
N LEU A 632 14.87 106.82 45.44
CA LEU A 632 13.57 107.48 45.44
C LEU A 632 12.53 106.38 45.42
N VAL A 633 12.86 105.25 44.81
CA VAL A 633 11.93 104.12 44.82
C VAL A 633 11.87 103.51 46.20
N VAL A 634 13.02 103.34 46.83
CA VAL A 634 13.00 102.84 48.21
C VAL A 634 12.03 103.73 48.98
N ALA A 635 12.05 105.03 48.70
CA ALA A 635 11.10 105.93 49.35
C ALA A 635 9.63 105.55 49.10
N TYR A 636 9.29 105.06 47.91
CA TYR A 636 7.92 104.61 47.63
C TYR A 636 7.58 103.39 48.45
N THR A 637 8.42 102.36 48.39
CA THR A 637 8.14 101.12 49.11
C THR A 637 7.92 101.38 50.59
N MET A 638 8.73 102.26 51.19
CA MET A 638 8.58 102.59 52.61
C MET A 638 7.16 102.98 52.95
N LEU A 639 6.69 104.07 52.36
CA LEU A 639 5.36 104.57 52.69
C LEU A 639 4.30 103.48 52.61
N VAL A 640 4.35 102.70 51.54
CA VAL A 640 3.41 101.63 51.36
C VAL A 640 3.38 100.68 52.54
N LEU A 641 4.51 100.04 52.83
CA LEU A 641 4.52 99.05 53.90
C LEU A 641 4.11 99.64 55.25
N ILE A 642 4.57 100.86 55.53
CA ILE A 642 4.23 101.51 56.80
C ILE A 642 2.72 101.61 56.96
N ALA A 643 2.04 102.17 55.98
CA ALA A 643 0.59 102.34 56.08
C ALA A 643 -0.15 101.03 56.02
N VAL A 644 0.12 100.23 54.99
CA VAL A 644 -0.58 98.97 54.83
C VAL A 644 0.08 97.88 55.65
N SER A 678 0.19 86.65 56.57
CA SER A 678 -1.00 87.47 56.69
C SER A 678 -1.23 88.27 55.42
N GLU A 679 -2.49 88.58 55.12
CA GLU A 679 -2.81 89.35 53.92
C GLU A 679 -2.12 90.70 53.90
N LEU A 680 -2.37 91.51 54.93
CA LEU A 680 -1.78 92.84 54.97
C LEU A 680 -0.27 92.76 55.08
N PHE A 681 0.24 91.76 55.78
CA PHE A 681 1.68 91.62 55.95
C PHE A 681 2.38 91.14 54.70
N SER A 682 1.65 90.47 53.80
CA SER A 682 2.24 90.03 52.55
C SER A 682 2.37 91.23 51.65
N SER A 683 1.53 92.23 51.85
CA SER A 683 1.64 93.46 51.08
C SER A 683 2.67 94.40 51.70
N ILE A 684 3.37 93.93 52.72
CA ILE A 684 4.42 94.72 53.36
C ILE A 684 5.69 93.96 53.02
N LEU A 685 5.59 92.63 53.03
CA LEU A 685 6.74 91.78 52.74
C LEU A 685 7.39 92.09 51.42
N VAL A 686 6.59 92.04 50.35
CA VAL A 686 7.14 92.29 49.02
C VAL A 686 7.81 93.66 48.85
N PRO A 687 7.16 94.76 49.28
CA PRO A 687 7.91 96.03 49.17
C PRO A 687 9.22 96.00 49.94
N GLY A 688 9.24 95.35 51.09
CA GLY A 688 10.47 95.22 51.84
C GLY A 688 11.54 94.50 51.04
N PHE A 689 11.17 93.39 50.41
CA PHE A 689 12.12 92.62 49.64
C PHE A 689 12.69 93.49 48.55
N PHE A 690 11.84 94.27 47.90
CA PHE A 690 12.28 95.14 46.83
C PHE A 690 13.34 96.12 47.29
N LEU A 691 13.07 96.82 48.39
CA LEU A 691 14.02 97.82 48.85
C LEU A 691 15.35 97.21 49.27
N LEU A 692 15.31 95.98 49.77
CA LEU A 692 16.54 95.31 50.18
C LEU A 692 17.48 95.12 49.00
N ALA A 693 16.95 94.65 47.88
CA ALA A 693 17.77 94.42 46.71
C ALA A 693 18.38 95.72 46.24
N CYS A 694 17.57 96.79 46.23
CA CYS A 694 18.07 98.09 45.81
C CYS A 694 19.27 98.47 46.64
N ILE A 695 19.14 98.44 47.96
CA ILE A 695 20.23 98.81 48.86
C ILE A 695 21.58 98.26 48.45
N LEU A 696 21.64 96.97 48.17
CA LEU A 696 22.90 96.35 47.79
C LEU A 696 23.52 97.04 46.57
N GLN A 697 22.79 97.17 45.47
CA GLN A 697 23.34 97.92 44.34
C GLN A 697 23.53 99.37 44.74
N LEU A 698 22.47 100.05 45.14
CA LEU A 698 22.51 101.47 45.54
C LEU A 698 23.84 102.03 45.97
N HIS A 699 24.42 101.48 47.02
CA HIS A 699 25.65 102.05 47.51
C HIS A 699 26.88 101.21 47.25
N TYR A 700 26.71 99.90 47.11
CA TYR A 700 27.89 99.05 46.99
C TYR A 700 28.32 98.68 45.56
N PHE A 701 27.36 98.58 44.64
CA PHE A 701 27.71 98.18 43.28
C PHE A 701 27.31 99.22 42.25
N HIS A 702 26.59 100.26 42.65
CA HIS A 702 26.11 101.24 41.68
C HIS A 702 27.24 102.01 41.03
N ARG A 703 28.24 102.41 41.82
CA ARG A 703 29.34 103.18 41.27
C ARG A 703 30.27 102.35 40.39
N PRO A 704 30.63 101.11 40.82
CA PRO A 704 31.42 100.33 39.88
C PRO A 704 30.62 99.92 38.64
N PHE A 705 29.30 100.01 38.69
CA PHE A 705 28.49 99.74 37.50
C PHE A 705 28.57 100.96 36.62
N MET A 706 28.52 102.14 37.21
CA MET A 706 28.66 103.35 36.44
C MET A 706 30.05 103.36 35.84
N GLN A 707 30.90 102.45 36.31
CA GLN A 707 32.25 102.35 35.77
C GLN A 707 32.31 101.24 34.72
N LEU A 708 31.40 100.28 34.79
CA LEU A 708 31.36 99.24 33.77
C LEU A 708 30.68 99.79 32.54
N THR A 709 29.79 100.76 32.73
CA THR A 709 29.11 101.38 31.61
C THR A 709 29.87 102.58 31.08
N ASP A 710 30.99 102.90 31.71
CA ASP A 710 31.77 104.03 31.28
C ASP A 710 32.61 103.67 30.06
N MET A 711 32.08 103.91 28.86
CA MET A 711 32.84 103.67 27.65
C MET A 711 33.62 104.91 27.31
N GLU A 712 33.23 106.02 27.90
CA GLU A 712 33.94 107.27 27.66
C GLU A 712 34.90 107.54 28.81
N LEU A 789 41.73 73.75 34.29
CA LEU A 789 42.96 74.51 34.12
C LEU A 789 43.42 74.50 32.67
N GLU A 790 44.01 73.39 32.24
CA GLU A 790 44.51 73.28 30.87
C GLU A 790 43.40 73.52 29.86
N LEU A 791 42.39 72.66 29.87
CA LEU A 791 41.29 72.80 28.93
C LEU A 791 40.40 73.98 29.26
N ALA A 792 40.47 74.50 30.49
CA ALA A 792 39.69 75.67 30.84
C ALA A 792 40.16 76.89 30.07
N ALA A 793 41.47 77.03 29.90
CA ALA A 793 42.00 78.14 29.10
C ALA A 793 41.59 77.97 27.65
N GLY A 794 41.67 76.75 27.15
CA GLY A 794 41.23 76.49 25.79
C GLY A 794 39.76 76.83 25.63
N PHE A 795 38.94 76.37 26.56
CA PHE A 795 37.51 76.65 26.53
C PHE A 795 37.27 78.15 26.57
N SER A 796 37.99 78.85 27.44
CA SER A 796 37.81 80.29 27.55
C SER A 796 38.05 80.97 26.21
N ASP A 797 39.08 80.53 25.49
CA ASP A 797 39.36 81.11 24.18
C ASP A 797 38.27 80.76 23.17
N VAL A 798 37.84 79.50 23.15
CA VAL A 798 36.76 79.11 22.26
C VAL A 798 35.53 79.96 22.55
N LEU A 799 35.12 80.02 23.81
CA LEU A 799 33.95 80.80 24.19
C LEU A 799 34.13 82.26 23.82
N SER A 800 35.34 82.79 23.96
CA SER A 800 35.59 84.17 23.59
C SER A 800 35.30 84.40 22.12
N ARG A 801 35.79 83.52 21.24
CA ARG A 801 35.52 83.66 19.82
C ARG A 801 34.03 83.71 19.55
N VAL A 802 33.30 82.76 20.12
CA VAL A 802 31.86 82.72 19.94
C VAL A 802 31.23 84.04 20.33
N GLN A 803 31.49 84.49 21.55
CA GLN A 803 30.89 85.73 22.04
C GLN A 803 31.08 86.90 21.10
N VAL A 804 32.31 87.14 20.67
CA VAL A 804 32.58 88.26 19.79
C VAL A 804 31.77 88.15 18.51
N PHE A 805 31.78 86.98 17.88
CA PHE A 805 31.04 86.80 16.63
C PHE A 805 29.56 87.05 16.81
N LEU A 806 28.97 86.47 17.85
CA LEU A 806 27.54 86.61 18.04
C LEU A 806 27.13 88.05 18.28
N ARG A 807 28.00 88.82 18.91
CA ARG A 807 27.71 90.23 19.08
C ARG A 807 27.60 90.91 17.72
N ARG A 808 28.56 90.67 16.84
CA ARG A 808 28.53 91.31 15.54
C ARG A 808 27.21 91.03 14.85
N LEU A 809 26.81 89.76 14.79
CA LEU A 809 25.58 89.39 14.09
C LEU A 809 24.38 90.10 14.66
N LEU A 810 24.23 90.08 15.99
CA LEU A 810 23.08 90.69 16.63
C LEU A 810 23.11 92.20 16.62
N GLU A 811 24.19 92.78 16.10
CA GLU A 811 24.25 94.22 16.00
C GLU A 811 23.49 94.64 14.77
N LEU A 812 23.61 93.85 13.70
CA LEU A 812 22.94 94.21 12.45
C LEU A 812 21.60 93.51 12.22
N HIS A 813 21.39 92.36 12.83
CA HIS A 813 20.16 91.62 12.62
C HIS A 813 19.23 91.70 13.81
N VAL A 814 18.89 92.91 14.23
CA VAL A 814 18.03 93.06 15.40
C VAL A 814 16.85 93.95 15.11
N PHE A 815 16.95 94.86 14.15
CA PHE A 815 15.77 95.64 13.79
C PHE A 815 14.79 94.66 13.21
N LYS A 816 15.27 93.57 12.61
CA LYS A 816 14.40 92.53 12.10
C LYS A 816 13.51 91.94 13.19
N LEU A 817 14.10 91.38 14.23
CA LEU A 817 13.30 90.75 15.29
C LEU A 817 12.44 91.72 16.06
N VAL A 818 12.87 92.96 16.21
CA VAL A 818 12.00 93.92 16.86
C VAL A 818 10.81 94.11 15.97
N ALA A 819 11.02 94.48 14.71
CA ALA A 819 9.91 94.74 13.82
C ALA A 819 8.97 93.57 13.67
N LEU A 820 9.50 92.37 13.55
CA LEU A 820 8.64 91.19 13.48
C LEU A 820 7.79 90.94 14.73
N TYR A 821 8.35 91.03 15.92
CA TYR A 821 7.54 90.86 17.10
C TYR A 821 6.48 91.94 17.27
N THR A 822 6.80 93.21 17.11
CA THR A 822 5.73 94.19 17.22
C THR A 822 4.65 94.02 16.17
N VAL A 823 4.95 93.36 15.07
CA VAL A 823 3.89 93.09 14.12
C VAL A 823 3.07 91.88 14.54
N TRP A 824 3.68 90.77 14.95
CA TRP A 824 2.92 89.63 15.45
C TRP A 824 1.98 89.97 16.60
N VAL A 825 2.39 90.84 17.51
CA VAL A 825 1.52 91.28 18.61
C VAL A 825 0.35 92.07 18.07
N ALA A 826 0.58 93.06 17.22
CA ALA A 826 -0.49 93.88 16.73
C ALA A 826 -1.22 93.27 15.59
N LEU A 827 -0.91 92.03 15.24
CA LEU A 827 -1.70 91.35 14.22
C LEU A 827 -2.64 90.40 14.95
N LYS A 828 -2.33 90.08 16.20
CA LYS A 828 -3.25 89.26 16.97
C LYS A 828 -4.28 90.13 17.66
N GLU A 829 -3.84 91.18 18.35
CA GLU A 829 -4.76 92.03 19.09
C GLU A 829 -5.24 93.23 18.33
N VAL A 830 -5.89 93.00 17.20
CA VAL A 830 -6.32 94.10 16.35
C VAL A 830 -7.09 95.20 17.06
N SER A 831 -6.58 96.42 17.01
CA SER A 831 -7.23 97.53 17.69
C SER A 831 -6.92 98.86 17.05
N VAL A 832 -7.15 99.94 17.77
CA VAL A 832 -6.77 101.26 17.26
C VAL A 832 -5.79 101.92 18.21
N MET A 833 -5.07 101.11 18.98
CA MET A 833 -4.04 101.66 19.85
C MET A 833 -2.81 100.80 19.68
N ASN A 834 -2.94 99.70 18.95
CA ASN A 834 -1.78 98.89 18.63
C ASN A 834 -1.59 99.08 17.14
N LEU A 835 -2.50 99.81 16.50
CA LEU A 835 -2.39 100.08 15.07
C LEU A 835 -1.25 101.01 14.82
N LEU A 836 -1.11 102.04 15.63
CA LEU A 836 0.03 102.93 15.49
C LEU A 836 1.37 102.18 15.49
N LEU A 837 1.52 101.13 16.29
CA LEU A 837 2.74 100.33 16.26
C LEU A 837 2.97 99.68 14.90
N VAL A 838 1.94 99.16 14.24
CA VAL A 838 2.12 98.64 12.89
C VAL A 838 2.63 99.76 12.01
N VAL A 839 1.91 100.87 11.93
CA VAL A 839 2.39 102.02 11.17
C VAL A 839 3.88 102.31 11.38
N LEU A 840 4.34 102.38 12.63
CA LEU A 840 5.74 102.67 12.92
C LEU A 840 6.66 101.64 12.31
N TRP A 841 6.56 100.38 12.70
CA TRP A 841 7.42 99.41 12.05
C TRP A 841 6.94 98.87 10.72
N ALA A 842 6.42 99.73 9.83
CA ALA A 842 6.04 99.31 8.49
C ALA A 842 6.14 100.49 7.60
N PHE A 843 6.64 101.59 8.12
CA PHE A 843 6.88 102.73 7.28
C PHE A 843 8.26 103.15 7.65
N ALA A 844 8.91 102.38 8.50
CA ALA A 844 10.28 102.66 8.84
C ALA A 844 11.14 101.53 8.35
N LEU A 845 10.51 100.45 7.89
CA LEU A 845 11.29 99.39 7.28
C LEU A 845 11.58 99.73 5.82
N PRO A 846 10.59 100.22 5.06
CA PRO A 846 10.96 100.63 3.71
C PRO A 846 11.94 101.77 3.71
N TYR A 847 11.60 102.90 4.32
CA TYR A 847 12.53 104.04 4.42
C TYR A 847 13.36 103.86 5.67
N PRO A 848 14.62 103.43 5.52
CA PRO A 848 15.40 103.10 6.71
C PRO A 848 16.17 104.23 7.35
N ARG A 849 15.72 105.46 7.24
CA ARG A 849 16.38 106.55 7.94
C ARG A 849 15.58 106.82 9.21
N PHE A 850 14.36 106.33 9.24
CA PHE A 850 13.50 106.55 10.38
C PHE A 850 13.78 105.57 11.49
N ARG A 851 14.55 104.52 11.25
CA ARG A 851 14.78 103.49 12.28
C ARG A 851 15.04 103.97 13.71
N PRO A 852 15.90 104.98 13.91
CA PRO A 852 16.02 105.49 15.28
C PRO A 852 14.71 106.04 15.86
N MET A 853 14.04 106.94 15.16
CA MET A 853 12.79 107.48 15.65
C MET A 853 11.69 106.43 15.75
N ALA A 854 11.74 105.38 14.94
CA ALA A 854 10.77 104.32 15.08
C ALA A 854 10.92 103.75 16.45
N SER A 855 12.14 103.32 16.77
CA SER A 855 12.40 102.74 18.08
C SER A 855 11.91 103.66 19.18
N CYS A 856 12.26 104.93 19.13
CA CYS A 856 11.88 105.86 20.18
C CYS A 856 10.39 105.92 20.39
N LEU A 857 9.64 106.20 19.34
CA LEU A 857 8.21 106.35 19.50
C LEU A 857 7.52 105.05 19.89
N SER A 858 8.03 103.91 19.42
CA SER A 858 7.46 102.64 19.84
C SER A 858 7.58 102.50 21.33
N THR A 859 8.75 102.78 21.91
CA THR A 859 8.91 102.58 23.35
C THR A 859 7.91 103.36 24.18
N VAL A 860 7.78 104.66 23.92
CA VAL A 860 6.80 105.46 24.63
C VAL A 860 5.40 104.90 24.44
N TRP A 861 5.02 104.64 23.19
CA TRP A 861 3.67 104.18 22.92
C TRP A 861 3.36 102.81 23.48
N THR A 862 4.29 101.87 23.42
CA THR A 862 4.04 100.58 24.04
C THR A 862 3.77 100.77 25.52
N CYS A 863 4.48 101.70 26.16
CA CYS A 863 4.22 101.98 27.57
C CYS A 863 2.89 102.67 27.81
N VAL A 864 2.43 103.51 26.89
CA VAL A 864 1.10 104.10 27.03
C VAL A 864 0.09 102.96 27.01
N ILE A 865 0.22 102.06 26.06
CA ILE A 865 -0.66 100.90 26.00
C ILE A 865 -0.62 100.16 27.34
N ILE A 866 0.56 99.82 27.83
CA ILE A 866 0.66 99.05 29.07
C ILE A 866 -0.06 99.75 30.23
N VAL A 867 0.19 101.05 30.39
CA VAL A 867 -0.44 101.79 31.47
C VAL A 867 -1.95 101.82 31.38
N CYS A 868 -2.50 102.18 30.21
CA CYS A 868 -3.95 102.23 30.03
C CYS A 868 -4.63 100.90 30.31
N LYS A 869 -4.08 99.83 29.73
CA LYS A 869 -4.65 98.51 29.93
C LYS A 869 -4.59 98.07 31.38
N MET A 870 -3.62 98.56 32.13
CA MET A 870 -3.58 98.24 33.55
C MET A 870 -4.61 99.05 34.32
N LEU A 871 -4.74 100.33 34.00
CA LEU A 871 -5.74 101.15 34.64
C LEU A 871 -7.11 100.77 34.14
N TYR A 872 -7.25 99.54 33.65
CA TYR A 872 -8.56 99.07 33.23
C TYR A 872 -8.83 97.80 34.00
N GLN A 873 -7.88 97.40 34.82
CA GLN A 873 -8.09 96.24 35.66
C GLN A 873 -8.45 96.73 37.05
N LEU A 874 -9.00 97.93 37.13
CA LEU A 874 -9.37 98.50 38.43
C LEU A 874 -10.80 98.17 38.81
N LYS A 875 -11.21 98.55 40.01
CA LYS A 875 -12.56 98.21 40.48
C LYS A 875 -13.61 99.21 40.04
N VAL A 876 -13.18 100.43 39.72
CA VAL A 876 -14.12 101.45 39.26
C VAL A 876 -14.19 101.43 37.75
N VAL A 877 -13.36 100.60 37.12
CA VAL A 877 -13.36 100.51 35.67
C VAL A 877 -14.06 99.22 35.25
N ASN A 878 -15.38 99.26 35.16
CA ASN A 878 -16.14 98.05 34.84
C ASN A 878 -17.25 98.35 33.84
N PRO A 879 -17.72 97.32 33.12
CA PRO A 879 -18.86 97.54 32.22
C PRO A 879 -20.06 98.13 32.96
N ASN A 915 -13.04 98.13 23.84
CA ASN A 915 -12.36 96.98 23.26
C ASN A 915 -11.81 97.27 21.87
N TRP A 916 -12.55 98.06 21.08
CA TRP A 916 -12.08 98.45 19.75
C TRP A 916 -10.82 99.20 19.95
N PHE A 917 -10.80 100.12 20.90
CA PHE A 917 -9.61 100.89 21.18
C PHE A 917 -8.54 100.16 21.95
N GLY A 918 -8.60 98.83 22.03
CA GLY A 918 -7.55 98.07 22.67
C GLY A 918 -7.79 97.74 24.12
N VAL A 919 -7.96 98.76 24.95
CA VAL A 919 -8.21 98.57 26.38
C VAL A 919 -9.34 97.60 26.70
N ARG A 920 -9.03 96.47 27.34
CA ARG A 920 -10.09 95.56 27.78
C ARG A 920 -9.76 94.96 29.13
N LYS A 921 -10.66 94.16 29.69
CA LYS A 921 -10.46 93.59 31.03
C LYS A 921 -10.09 92.12 30.96
N GLY A 922 -9.20 91.70 31.86
CA GLY A 922 -8.74 90.31 31.87
C GLY A 922 -8.39 89.94 33.29
N PHE A 923 -8.08 88.69 33.56
CA PHE A 923 -7.86 88.30 34.96
C PHE A 923 -6.50 87.72 35.36
N PRO A 924 -5.79 87.04 34.46
CA PRO A 924 -4.36 87.12 34.74
C PRO A 924 -3.83 88.47 34.32
N ASN A 925 -3.64 89.39 35.26
CA ASN A 925 -3.19 90.72 34.91
C ASN A 925 -1.82 90.65 34.28
N LEU A 926 -1.00 89.68 34.67
CA LEU A 926 0.29 89.49 34.01
C LEU A 926 0.08 88.96 32.61
N GLY A 927 -0.63 87.84 32.49
CA GLY A 927 -0.87 87.26 31.18
C GLY A 927 -1.47 88.25 30.21
N TYR A 928 -2.28 89.17 30.71
CA TYR A 928 -2.94 90.13 29.84
C TYR A 928 -1.93 91.13 29.31
N ILE A 929 -1.16 91.74 30.20
CA ILE A 929 -0.18 92.73 29.78
C ILE A 929 1.20 92.11 29.68
N GLN A 930 1.27 90.88 29.21
CA GLN A 930 2.55 90.21 29.05
C GLN A 930 3.03 90.49 27.64
N ASN A 931 2.14 90.34 26.67
CA ASN A 931 2.50 90.60 25.28
C ASN A 931 3.19 91.93 25.08
N HIS A 932 2.50 93.01 25.40
CA HIS A 932 3.07 94.33 25.21
C HIS A 932 4.29 94.59 26.07
N LEU A 933 4.44 93.82 27.14
CA LEU A 933 5.64 93.96 27.97
C LEU A 933 6.85 93.36 27.27
N GLN A 934 6.68 92.20 26.64
CA GLN A 934 7.78 91.62 25.91
C GLN A 934 8.26 92.54 24.77
N VAL A 935 7.35 93.30 24.15
CA VAL A 935 7.75 94.26 23.11
C VAL A 935 8.68 95.29 23.72
N LEU A 936 8.26 95.88 24.84
CA LEU A 936 9.11 96.86 25.52
C LEU A 936 10.45 96.20 25.75
N LEU A 937 10.43 94.93 26.14
CA LEU A 937 11.67 94.21 26.38
C LEU A 937 12.54 94.13 25.13
N LEU A 938 12.02 93.56 24.05
CA LEU A 938 12.79 93.52 22.80
C LEU A 938 13.41 94.88 22.55
N LEU A 939 12.58 95.91 22.44
CA LEU A 939 13.11 97.23 22.13
C LEU A 939 14.33 97.59 23.01
N VAL A 940 14.20 97.44 24.32
CA VAL A 940 15.28 97.81 25.22
C VAL A 940 16.50 96.91 25.07
N PHE A 941 16.28 95.60 24.93
CA PHE A 941 17.38 94.67 24.72
C PHE A 941 18.20 95.05 23.48
N GLU A 942 17.53 95.49 22.43
CA GLU A 942 18.22 95.93 21.24
C GLU A 942 19.21 97.03 21.57
N ALA A 943 18.75 98.05 22.29
CA ALA A 943 19.64 99.14 22.67
C ALA A 943 20.82 98.67 23.52
N ILE A 944 20.59 97.74 24.43
CA ILE A 944 21.69 97.19 25.21
C ILE A 944 22.74 96.62 24.26
N VAL A 945 22.34 95.79 23.30
CA VAL A 945 23.30 95.16 22.38
C VAL A 945 24.07 96.20 21.58
N TYR A 946 23.39 97.23 21.13
CA TYR A 946 24.07 98.28 20.41
C TYR A 946 25.18 98.89 21.24
N ARG A 947 24.85 99.32 22.44
CA ARG A 947 25.85 99.95 23.31
C ARG A 947 26.93 99.01 23.85
N ARG A 948 26.59 97.74 24.04
CA ARG A 948 27.56 96.77 24.55
C ARG A 948 28.60 96.55 23.49
N GLN A 949 28.15 96.42 22.24
CA GLN A 949 29.08 96.21 21.15
C GLN A 949 29.88 97.48 20.95
N GLU A 950 29.24 98.63 21.12
CA GLU A 950 29.97 99.89 21.03
C GLU A 950 31.08 99.87 22.04
N HIS A 951 30.78 99.55 23.29
CA HIS A 951 31.80 99.50 24.35
C HIS A 951 32.95 98.57 24.01
N TYR A 952 32.63 97.38 23.53
CA TYR A 952 33.67 96.42 23.19
C TYR A 952 34.73 97.05 22.31
N ARG A 953 34.33 97.59 21.17
CA ARG A 953 35.32 98.13 20.27
C ARG A 953 35.83 99.49 20.70
N ARG A 954 35.03 100.25 21.43
CA ARG A 954 35.49 101.54 21.93
C ARG A 954 36.68 101.33 22.85
N GLN A 955 36.59 100.33 23.72
CA GLN A 955 37.70 100.02 24.59
C GLN A 955 38.76 99.27 23.80
N HIS A 956 38.56 97.97 23.62
CA HIS A 956 39.52 97.17 22.88
C HIS A 956 39.69 97.72 21.47
N GLY A 970 36.54 86.15 3.83
CA GLY A 970 35.20 86.40 3.39
C GLY A 970 35.11 87.44 2.29
N THR A 971 36.09 87.46 1.41
CA THR A 971 36.05 88.40 0.30
C THR A 971 35.86 87.62 -0.98
N ARG A 972 35.75 88.33 -2.11
CA ARG A 972 35.60 87.67 -3.40
C ARG A 972 36.76 86.72 -3.61
N GLN A 973 37.98 87.17 -3.33
CA GLN A 973 39.16 86.34 -3.54
C GLN A 973 39.10 85.06 -2.76
N GLN A 974 38.60 85.12 -1.53
CA GLN A 974 38.51 83.93 -0.71
C GLN A 974 37.64 82.85 -1.31
N LEU A 975 36.64 83.25 -2.09
CA LEU A 975 35.74 82.27 -2.71
C LEU A 975 36.52 81.28 -3.53
N ASP A 976 37.48 81.75 -4.30
CA ASP A 976 38.23 80.86 -5.17
C ASP A 976 39.50 80.31 -4.55
N GLN A 977 39.42 79.86 -3.30
CA GLN A 977 40.59 79.31 -2.64
C GLN A 977 40.25 77.97 -2.03
N ASP A 978 39.66 77.99 -0.84
CA ASP A 978 39.28 76.75 -0.19
C ASP A 978 37.80 76.73 0.09
N LEU A 979 37.29 75.59 0.55
CA LEU A 979 35.88 75.45 0.83
C LEU A 979 35.47 76.43 1.91
N LEU A 980 36.28 76.54 2.95
CA LEU A 980 35.98 77.47 4.03
C LEU A 980 35.99 78.89 3.52
N GLY A 981 36.84 79.19 2.55
CA GLY A 981 36.87 80.51 1.97
C GLY A 981 35.53 80.86 1.38
N CYS A 982 34.96 79.93 0.61
CA CYS A 982 33.66 80.18 0.00
C CYS A 982 32.56 80.27 1.05
N LEU A 983 32.62 79.42 2.06
CA LEU A 983 31.62 79.46 3.12
C LEU A 983 31.56 80.85 3.69
N LYS A 984 32.72 81.40 4.01
CA LYS A 984 32.76 82.73 4.56
C LYS A 984 32.16 83.77 3.65
N TYR A 985 32.43 83.68 2.34
CA TYR A 985 31.94 84.69 1.43
C TYR A 985 30.44 84.75 1.49
N PHE A 986 29.79 83.61 1.63
CA PHE A 986 28.33 83.58 1.62
C PHE A 986 27.69 83.98 2.93
N ILE A 987 28.33 83.72 4.06
CA ILE A 987 27.80 84.17 5.33
C ILE A 987 27.89 85.68 5.34
N ASN A 988 28.94 86.22 4.74
CA ASN A 988 29.05 87.66 4.62
C ASN A 988 28.00 88.16 3.67
N PHE A 989 28.00 87.66 2.44
CA PHE A 989 27.06 88.14 1.44
C PHE A 989 26.27 87.04 0.79
N PHE A 990 24.97 86.95 1.08
CA PHE A 990 24.12 85.97 0.45
C PHE A 990 22.97 86.77 -0.04
N PHE A 991 22.46 87.64 0.80
CA PHE A 991 21.39 88.51 0.38
C PHE A 991 21.95 89.64 -0.43
N TYR A 992 23.26 89.75 -0.52
CA TYR A 992 23.78 90.76 -1.39
C TYR A 992 23.52 90.29 -2.81
N LYS A 993 23.88 89.04 -3.09
CA LYS A 993 23.74 88.54 -4.45
C LYS A 993 22.39 87.94 -4.75
N PHE A 994 22.02 86.87 -4.06
CA PHE A 994 20.73 86.22 -4.28
C PHE A 994 19.59 86.92 -3.56
N GLY A 995 19.25 88.12 -4.00
CA GLY A 995 18.24 88.88 -3.34
C GLY A 995 17.02 89.10 -4.17
N LEU A 996 17.16 89.42 -5.44
CA LEU A 996 15.97 89.53 -6.25
C LEU A 996 15.28 88.19 -6.30
N GLU A 997 16.04 87.12 -6.26
CA GLU A 997 15.45 85.81 -6.27
C GLU A 997 14.67 85.49 -5.01
N ILE A 998 15.07 86.03 -3.86
CA ILE A 998 14.39 85.69 -2.61
C ILE A 998 13.18 86.57 -2.37
N CYS A 999 13.12 87.74 -2.99
CA CYS A 999 11.92 88.54 -2.86
C CYS A 999 10.84 87.98 -3.75
N PHE A 1000 11.22 87.22 -4.75
CA PHE A 1000 10.25 86.64 -5.65
C PHE A 1000 9.77 85.35 -5.06
N LEU A 1001 10.62 84.65 -4.32
CA LEU A 1001 10.14 83.44 -3.68
C LEU A 1001 9.37 83.74 -2.40
N MET A 1002 9.32 85.00 -1.98
CA MET A 1002 8.48 85.34 -0.84
C MET A 1002 7.13 85.73 -1.37
N ALA A 1003 7.04 86.34 -2.54
CA ALA A 1003 5.72 86.62 -3.08
C ALA A 1003 4.99 85.36 -3.43
N VAL A 1004 5.69 84.32 -3.87
CA VAL A 1004 5.02 83.06 -4.11
C VAL A 1004 4.44 82.50 -2.82
N ASN A 1005 5.10 82.69 -1.68
CA ASN A 1005 4.52 82.26 -0.40
C ASN A 1005 3.23 82.97 0.00
N VAL A 1006 3.13 84.29 -0.19
CA VAL A 1006 1.89 84.97 0.11
C VAL A 1006 0.77 84.30 -0.67
N ILE A 1007 0.89 84.18 -1.99
CA ILE A 1007 -0.14 83.58 -2.84
C ILE A 1007 -0.08 82.07 -2.80
N GLY A 1008 -0.07 81.53 -1.61
CA GLY A 1008 -0.02 80.09 -1.46
C GLY A 1008 -0.45 79.77 -0.07
N GLN A 1009 -0.46 80.77 0.79
CA GLN A 1009 -0.89 80.56 2.16
C GLN A 1009 -2.14 81.37 2.43
N ARG A 1010 -2.45 82.30 1.55
CA ARG A 1010 -3.61 83.13 1.75
C ARG A 1010 -4.70 82.79 0.76
N MET A 1011 -4.38 82.73 -0.52
CA MET A 1011 -5.35 82.39 -1.57
C MET A 1011 -6.69 83.11 -1.61
N ASN A 1012 -6.73 84.37 -1.21
CA ASN A 1012 -7.96 85.14 -1.28
C ASN A 1012 -8.03 85.96 -2.54
N PHE A 1013 -8.47 87.20 -2.42
CA PHE A 1013 -8.61 88.04 -3.60
C PHE A 1013 -7.69 89.21 -3.48
N LEU A 1014 -7.36 89.59 -2.28
CA LEU A 1014 -6.41 90.67 -2.14
C LEU A 1014 -4.98 90.15 -2.35
N VAL A 1015 -4.81 88.84 -2.49
CA VAL A 1015 -3.50 88.25 -2.73
C VAL A 1015 -3.23 88.19 -4.21
N THR A 1016 -4.23 88.47 -5.04
CA THR A 1016 -4.03 88.44 -6.47
C THR A 1016 -3.32 89.67 -7.00
N LEU A 1017 -3.26 90.74 -6.24
CA LEU A 1017 -2.50 91.89 -6.70
C LEU A 1017 -1.03 91.67 -6.43
N HIS A 1018 -0.69 90.79 -5.50
CA HIS A 1018 0.72 90.47 -5.28
C HIS A 1018 1.10 89.64 -6.48
N GLY A 1019 0.18 88.83 -6.97
CA GLY A 1019 0.46 88.09 -8.18
C GLY A 1019 0.77 88.98 -9.35
N CYS A 1020 0.01 90.04 -9.57
CA CYS A 1020 0.23 90.87 -10.74
C CYS A 1020 1.48 91.70 -10.65
N TRP A 1021 1.97 91.94 -9.44
CA TRP A 1021 3.21 92.66 -9.31
C TRP A 1021 4.36 91.75 -9.68
N LEU A 1022 4.32 90.49 -9.27
CA LEU A 1022 5.36 89.55 -9.63
C LEU A 1022 5.46 89.49 -11.14
N VAL A 1023 4.35 89.42 -11.85
CA VAL A 1023 4.40 89.26 -13.30
C VAL A 1023 4.46 90.55 -14.06
N ALA A 1024 4.98 91.59 -13.45
CA ALA A 1024 5.15 92.86 -14.15
C ALA A 1024 6.48 93.35 -13.70
N ILE A 1025 7.13 92.62 -12.80
CA ILE A 1025 8.47 92.99 -12.38
C ILE A 1025 9.34 91.94 -13.04
N LEU A 1026 8.92 90.69 -13.01
CA LEU A 1026 9.68 89.65 -13.64
C LEU A 1026 9.81 89.95 -15.11
N THR A 1027 8.77 90.47 -15.75
CA THR A 1027 8.80 90.67 -17.20
C THR A 1027 9.83 91.67 -17.68
N ARG A 1028 10.19 92.65 -16.88
CA ARG A 1028 11.27 93.53 -17.27
C ARG A 1028 12.45 92.70 -16.87
N ARG A 1029 13.04 91.94 -17.79
CA ARG A 1029 14.10 91.00 -17.41
C ARG A 1029 15.46 91.53 -16.98
N HIS A 1030 15.68 92.83 -17.03
CA HIS A 1030 16.99 93.36 -16.70
C HIS A 1030 17.07 93.83 -15.28
N ARG A 1031 18.13 93.47 -14.56
CA ARG A 1031 18.27 93.87 -13.17
C ARG A 1031 18.19 95.38 -13.04
N GLN A 1032 18.76 96.11 -13.99
CA GLN A 1032 18.73 97.56 -13.94
C GLN A 1032 17.33 98.12 -14.09
N ALA A 1033 16.53 97.59 -15.01
CA ALA A 1033 15.15 98.05 -15.10
C ALA A 1033 14.34 97.73 -13.85
N ILE A 1034 14.59 96.57 -13.23
CA ILE A 1034 13.86 96.19 -12.04
C ILE A 1034 14.21 97.16 -10.94
N ALA A 1035 15.44 97.64 -10.93
CA ALA A 1035 15.85 98.60 -9.91
C ALA A 1035 15.21 99.98 -10.02
N ARG A 1036 14.42 100.21 -11.04
CA ARG A 1036 13.70 101.45 -11.14
C ARG A 1036 12.24 101.27 -10.73
N LEU A 1037 11.77 100.03 -10.64
CA LEU A 1037 10.41 99.75 -10.19
C LEU A 1037 10.39 99.37 -8.72
N TRP A 1038 11.53 99.01 -8.16
CA TRP A 1038 11.58 98.74 -6.74
C TRP A 1038 11.08 99.90 -5.89
N PRO A 1039 11.32 101.17 -6.28
CA PRO A 1039 10.70 102.22 -5.46
C PRO A 1039 9.20 102.08 -5.26
N ASN A 1040 8.48 101.65 -6.28
CA ASN A 1040 7.07 101.47 -6.16
C ASN A 1040 6.65 100.14 -5.56
N TYR A 1041 7.37 99.06 -5.83
CA TYR A 1041 7.05 97.79 -5.20
C TYR A 1041 7.07 97.98 -3.71
N CYS A 1042 8.07 98.67 -3.17
CA CYS A 1042 8.17 98.82 -1.74
C CYS A 1042 7.11 99.74 -1.16
N LEU A 1043 6.74 100.81 -1.84
CA LEU A 1043 5.65 101.63 -1.34
C LEU A 1043 4.35 100.84 -1.33
N PHE A 1044 4.02 100.16 -2.42
CA PHE A 1044 2.82 99.34 -2.45
C PHE A 1044 2.78 98.36 -1.30
N LEU A 1045 3.81 97.55 -1.11
CA LEU A 1045 3.73 96.54 -0.06
C LEU A 1045 3.51 97.11 1.32
N ALA A 1046 3.92 98.35 1.55
CA ALA A 1046 3.69 98.97 2.85
C ALA A 1046 2.28 99.58 3.00
N LEU A 1047 1.73 100.14 1.93
CA LEU A 1047 0.38 100.66 1.99
C LEU A 1047 -0.65 99.56 1.92
N PHE A 1048 -0.26 98.38 1.47
CA PHE A 1048 -1.17 97.26 1.47
C PHE A 1048 -1.26 96.60 2.83
N LEU A 1049 -0.17 96.49 3.58
CA LEU A 1049 -0.27 95.93 4.92
C LEU A 1049 -1.12 96.85 5.75
N LEU A 1050 -0.94 98.15 5.67
CA LEU A 1050 -1.77 98.97 6.52
C LEU A 1050 -3.23 98.89 6.13
N TYR A 1051 -3.54 98.95 4.85
CA TYR A 1051 -4.92 98.95 4.46
C TYR A 1051 -5.59 97.62 4.77
N GLN A 1052 -4.88 96.52 4.63
CA GLN A 1052 -5.45 95.25 4.98
C GLN A 1052 -5.63 95.11 6.49
N TYR A 1053 -4.89 95.84 7.29
CA TYR A 1053 -5.13 95.80 8.73
C TYR A 1053 -6.09 96.87 9.19
N LEU A 1054 -6.52 97.76 8.29
CA LEU A 1054 -7.54 98.72 8.65
C LEU A 1054 -8.80 97.95 8.37
N LEU A 1055 -8.75 97.08 7.38
CA LEU A 1055 -9.90 96.24 7.08
C LEU A 1055 -9.88 94.99 7.91
N CYS A 1056 -9.14 94.98 9.01
CA CYS A 1056 -9.19 93.83 9.89
C CYS A 1056 -9.53 94.37 11.25
N LEU A 1057 -9.66 95.68 11.34
CA LEU A 1057 -10.09 96.28 12.58
C LEU A 1057 -11.48 96.74 12.33
N GLY A 1058 -11.77 97.10 11.09
CA GLY A 1058 -13.10 97.57 10.74
C GLY A 1058 -13.08 98.93 10.06
N SER A 1096 -6.27 87.71 10.04
CA SER A 1096 -5.40 88.80 10.43
C SER A 1096 -4.18 88.22 11.07
N THR A 1097 -3.89 86.98 10.78
CA THR A 1097 -2.65 86.38 11.26
C THR A 1097 -2.10 85.67 10.06
N ASN A 1098 -2.46 86.15 8.87
CA ASN A 1098 -1.93 85.59 7.65
C ASN A 1098 -1.41 86.80 6.95
N LEU A 1099 -1.65 87.97 7.51
CA LEU A 1099 -1.10 89.19 6.95
C LEU A 1099 0.37 89.27 7.33
N ILE A 1100 0.89 88.32 8.10
CA ILE A 1100 2.32 88.30 8.42
C ILE A 1100 3.14 87.89 7.22
N SER A 1101 2.51 87.33 6.17
CA SER A 1101 3.27 87.02 4.96
C SER A 1101 3.43 88.26 4.13
N ASP A 1102 2.57 89.26 4.30
CA ASP A 1102 2.76 90.51 3.61
C ASP A 1102 3.81 91.33 4.35
N PHE A 1103 4.15 90.95 5.57
CA PHE A 1103 5.23 91.62 6.25
C PHE A 1103 6.50 90.95 5.87
N LEU A 1104 6.61 89.66 6.08
CA LEU A 1104 7.89 89.06 5.77
C LEU A 1104 8.38 89.57 4.44
N LEU A 1105 7.47 89.98 3.55
CA LEU A 1105 7.87 90.43 2.20
C LEU A 1105 8.13 91.92 2.11
N LEU A 1106 7.61 92.73 3.02
CA LEU A 1106 7.96 94.12 3.00
C LEU A 1106 9.31 94.19 3.60
N LEU A 1107 9.67 93.22 4.43
CA LEU A 1107 11.03 93.21 4.95
C LEU A 1107 11.99 92.81 3.83
N CYS A 1108 11.82 91.64 3.24
CA CYS A 1108 12.75 91.21 2.22
C CYS A 1108 12.92 92.27 1.15
N ALA A 1109 11.85 92.93 0.74
CA ALA A 1109 12.00 93.87 -0.35
C ALA A 1109 12.57 95.19 0.06
N SER A 1110 12.45 95.57 1.31
CA SER A 1110 13.09 96.80 1.72
C SER A 1110 14.56 96.58 1.79
N GLN A 1111 14.97 95.35 2.09
CA GLN A 1111 16.38 95.03 2.12
C GLN A 1111 17.02 94.93 0.72
N GLN A 1112 16.26 94.57 -0.29
CA GLN A 1112 16.81 94.56 -1.66
C GLN A 1112 16.83 95.94 -2.23
N TRP A 1113 16.12 96.87 -1.62
CA TRP A 1113 16.21 98.23 -2.12
C TRP A 1113 17.50 98.77 -1.62
N GLN A 1114 18.00 98.18 -0.53
CA GLN A 1114 19.29 98.62 -0.03
C GLN A 1114 20.44 98.10 -0.87
N VAL A 1115 20.40 96.84 -1.31
CA VAL A 1115 21.43 96.34 -2.18
C VAL A 1115 21.40 97.15 -3.46
N PHE A 1116 20.22 97.50 -3.95
CA PHE A 1116 20.09 98.25 -5.21
C PHE A 1116 20.67 99.64 -5.17
N SER A 1117 21.04 100.14 -4.00
CA SER A 1117 21.68 101.43 -3.91
C SER A 1117 23.01 101.32 -3.19
N ALA A 1118 23.53 100.11 -3.03
CA ALA A 1118 24.84 99.93 -2.41
C ALA A 1118 25.79 99.21 -3.32
N GLU A 1119 25.27 98.56 -4.36
CA GLU A 1119 26.14 97.94 -5.33
C GLU A 1119 26.65 99.09 -6.16
N ARG A 1120 25.91 100.19 -6.18
CA ARG A 1120 26.32 101.38 -6.92
C ARG A 1120 27.50 102.09 -6.27
N THR A 1121 27.79 101.77 -5.03
CA THR A 1121 28.94 102.37 -4.36
C THR A 1121 30.19 101.55 -4.63
N TYR A 1154 38.89 70.42 -3.51
CA TYR A 1154 37.55 69.86 -3.47
C TYR A 1154 36.50 70.90 -3.77
N LEU A 1155 36.85 72.17 -3.70
CA LEU A 1155 35.91 73.22 -4.06
C LEU A 1155 35.75 73.18 -5.55
N ASP A 1156 36.79 72.74 -6.24
CA ASP A 1156 36.72 72.62 -7.68
C ASP A 1156 35.75 71.54 -8.08
N MET A 1157 35.63 70.49 -7.29
CA MET A 1157 34.64 69.47 -7.59
C MET A 1157 33.23 70.03 -7.51
N LEU A 1158 32.94 70.76 -6.44
CA LEU A 1158 31.61 71.34 -6.28
C LEU A 1158 31.24 72.26 -7.42
N LYS A 1159 32.18 73.06 -7.90
CA LYS A 1159 31.84 74.02 -8.94
C LYS A 1159 31.46 73.32 -10.23
N VAL A 1160 31.99 72.13 -10.50
CA VAL A 1160 31.57 71.40 -11.68
C VAL A 1160 30.17 70.84 -11.50
N ALA A 1161 29.88 70.27 -10.34
CA ALA A 1161 28.54 69.76 -10.08
C ALA A 1161 27.50 70.82 -9.76
N VAL A 1162 27.76 72.08 -10.07
CA VAL A 1162 26.77 73.12 -9.88
C VAL A 1162 26.68 73.83 -11.22
N PHE A 1163 27.79 73.94 -11.92
CA PHE A 1163 27.77 74.68 -13.18
C PHE A 1163 27.72 73.80 -14.40
N ARG A 1164 27.56 72.50 -14.20
CA ARG A 1164 27.47 71.59 -15.33
C ARG A 1164 26.37 70.56 -15.19
N TYR A 1165 26.40 69.76 -14.12
CA TYR A 1165 25.35 68.79 -13.89
C TYR A 1165 24.25 69.29 -13.00
N LEU A 1166 23.76 70.50 -13.23
CA LEU A 1166 22.62 70.98 -12.48
C LEU A 1166 21.51 71.18 -13.45
N PHE A 1167 21.80 71.57 -14.68
CA PHE A 1167 20.76 71.69 -15.67
C PHE A 1167 20.03 70.38 -15.72
N TRP A 1168 20.74 69.29 -15.59
CA TRP A 1168 20.12 67.99 -15.64
C TRP A 1168 19.26 67.66 -14.44
N LEU A 1169 19.55 68.21 -13.27
CA LEU A 1169 18.69 68.01 -12.10
C LEU A 1169 17.47 68.89 -12.15
N VAL A 1170 17.57 70.09 -12.69
CA VAL A 1170 16.40 70.92 -12.85
C VAL A 1170 15.41 70.16 -13.68
N LEU A 1171 15.86 69.48 -14.72
CA LEU A 1171 14.96 68.74 -15.61
C LEU A 1171 14.26 67.56 -14.95
N VAL A 1172 14.85 66.94 -13.94
CA VAL A 1172 14.15 65.89 -13.23
C VAL A 1172 13.10 66.52 -12.35
N VAL A 1173 13.41 67.60 -11.63
CA VAL A 1173 12.40 68.31 -10.85
C VAL A 1173 11.21 68.74 -11.69
N VAL A 1174 11.41 69.25 -12.91
CA VAL A 1174 10.27 69.60 -13.76
C VAL A 1174 9.35 68.39 -13.97
N PHE A 1175 9.89 67.21 -14.14
CA PHE A 1175 9.06 66.01 -14.26
C PHE A 1175 8.31 65.77 -12.98
N VAL A 1176 8.99 65.73 -11.84
CA VAL A 1176 8.32 65.43 -10.58
C VAL A 1176 7.53 66.60 -10.00
N THR A 1177 7.34 67.67 -10.75
CA THR A 1177 6.52 68.77 -10.29
C THR A 1177 5.22 68.49 -10.95
N GLY A 1178 5.29 67.88 -12.12
CA GLY A 1178 4.08 67.61 -12.88
C GLY A 1178 3.54 66.21 -12.90
N ALA A 1179 4.13 65.31 -12.13
CA ALA A 1179 3.61 63.96 -12.05
C ALA A 1179 3.31 63.58 -10.63
N THR A 1180 3.32 64.53 -9.73
CA THR A 1180 2.94 64.26 -8.36
C THR A 1180 1.58 64.92 -8.17
N ARG A 1181 1.33 65.99 -8.92
CA ARG A 1181 0.06 66.69 -8.83
C ARG A 1181 -0.71 66.48 -10.11
N ILE A 1182 -1.55 65.45 -10.17
CA ILE A 1182 -2.29 65.14 -11.39
C ILE A 1182 -3.37 66.14 -11.74
N SER A 1183 -3.12 66.97 -12.73
CA SER A 1183 -4.09 67.97 -13.16
C SER A 1183 -3.84 68.26 -14.61
N ILE A 1184 -4.33 69.38 -15.10
CA ILE A 1184 -4.09 69.75 -16.48
C ILE A 1184 -2.78 70.50 -16.53
N PHE A 1185 -2.51 71.28 -15.49
CA PHE A 1185 -1.29 72.06 -15.45
C PHE A 1185 -0.12 71.15 -15.34
N GLY A 1186 -0.29 70.06 -14.60
CA GLY A 1186 0.77 69.07 -14.47
C GLY A 1186 1.20 68.45 -15.78
N LEU A 1187 0.29 68.22 -16.70
CA LEU A 1187 0.69 67.69 -18.00
C LEU A 1187 1.60 68.65 -18.71
N GLY A 1188 1.36 69.93 -18.58
CA GLY A 1188 2.26 70.90 -19.17
C GLY A 1188 3.71 70.75 -18.76
N TYR A 1189 3.96 70.48 -17.49
CA TYR A 1189 5.32 70.26 -17.01
C TYR A 1189 5.90 69.01 -17.63
N LEU A 1190 5.16 67.90 -17.63
CA LEU A 1190 5.64 66.68 -18.24
C LEU A 1190 6.09 66.95 -19.65
N LEU A 1191 5.32 67.69 -20.42
CA LEU A 1191 5.67 67.91 -21.81
C LEU A 1191 6.78 68.92 -22.02
N ALA A 1192 7.09 69.74 -21.03
CA ALA A 1192 8.22 70.65 -21.17
C ALA A 1192 9.50 69.91 -20.85
N CYS A 1193 9.44 68.93 -19.96
CA CYS A 1193 10.61 68.13 -19.67
C CYS A 1193 11.00 67.43 -20.93
N PHE A 1194 10.04 66.86 -21.65
CA PHE A 1194 10.35 66.10 -22.86
C PHE A 1194 11.03 66.96 -23.91
N TYR A 1195 10.55 68.19 -24.10
CA TYR A 1195 11.17 69.07 -25.07
C TYR A 1195 12.56 69.42 -24.66
N LEU A 1196 12.76 69.80 -23.42
CA LEU A 1196 14.07 70.26 -23.01
C LEU A 1196 15.08 69.15 -22.81
N LEU A 1197 14.66 67.90 -22.87
CA LEU A 1197 15.63 66.83 -22.78
C LEU A 1197 16.12 66.58 -24.17
N LEU A 1198 15.23 66.64 -25.15
CA LEU A 1198 15.59 66.37 -26.53
C LEU A 1198 16.45 67.46 -27.12
N PHE A 1199 16.05 68.71 -26.95
CA PHE A 1199 16.78 69.81 -27.51
C PHE A 1199 17.58 70.45 -26.43
N GLY A 1200 18.18 69.65 -25.57
CA GLY A 1200 18.92 70.19 -24.46
C GLY A 1200 20.36 70.43 -24.78
N THR A 1201 20.99 69.49 -25.47
CA THR A 1201 22.41 69.62 -25.78
C THR A 1201 22.65 70.88 -26.58
N ALA A 1202 21.78 71.17 -27.52
CA ALA A 1202 21.91 72.37 -28.31
C ALA A 1202 21.73 73.63 -27.48
N LEU A 1203 20.84 73.58 -26.49
CA LEU A 1203 20.64 74.74 -25.64
C LEU A 1203 21.86 75.03 -24.80
N LEU A 1204 22.48 73.99 -24.24
CA LEU A 1204 23.62 74.22 -23.35
C LEU A 1204 24.80 74.76 -24.13
N GLN A 1205 24.65 74.94 -25.43
CA GLN A 1205 25.76 75.40 -26.27
C GLN A 1205 25.50 76.74 -26.90
N ARG A 1206 24.25 77.07 -27.16
CA ARG A 1206 23.92 78.32 -27.84
C ARG A 1206 24.41 79.55 -27.09
N ASP A 1207 24.52 80.66 -27.79
CA ASP A 1207 24.94 81.90 -27.14
C ASP A 1207 23.92 82.32 -26.10
N THR A 1208 24.31 83.16 -25.14
CA THR A 1208 23.40 83.54 -24.06
C THR A 1208 22.03 84.02 -24.51
N ARG A 1209 21.97 85.03 -25.36
CA ARG A 1209 20.67 85.44 -25.87
C ARG A 1209 19.69 84.29 -25.79
N ALA A 1210 19.83 83.29 -26.66
CA ALA A 1210 18.84 82.21 -26.74
C ALA A 1210 18.67 81.31 -25.54
N ARG A 1211 19.77 80.92 -24.90
CA ARG A 1211 19.68 80.13 -23.70
C ARG A 1211 18.75 80.89 -22.78
N LEU A 1212 19.05 82.15 -22.56
CA LEU A 1212 18.21 82.99 -21.72
C LEU A 1212 16.78 83.03 -22.20
N VAL A 1213 16.48 83.34 -23.45
CA VAL A 1213 15.08 83.30 -23.86
C VAL A 1213 14.35 81.99 -23.52
N LEU A 1214 14.97 80.86 -23.79
CA LEU A 1214 14.32 79.60 -23.46
C LEU A 1214 14.09 79.42 -21.95
N TRP A 1215 15.10 79.71 -21.13
CA TRP A 1215 14.85 79.60 -19.70
C TRP A 1215 13.86 80.62 -19.16
N ASP A 1216 13.70 81.76 -19.82
CA ASP A 1216 12.75 82.76 -19.39
C ASP A 1216 11.34 82.39 -19.79
N CYS A 1217 11.20 81.59 -20.83
CA CYS A 1217 9.86 81.11 -21.15
C CYS A 1217 9.37 80.04 -20.17
N LEU A 1218 10.20 79.10 -19.75
CA LEU A 1218 9.83 78.06 -18.81
C LEU A 1218 9.46 78.70 -17.47
N ILE A 1219 10.11 79.81 -17.13
CA ILE A 1219 9.78 80.51 -15.88
C ILE A 1219 8.35 81.08 -15.96
N LEU A 1220 7.92 81.58 -17.11
CA LEU A 1220 6.55 82.07 -17.23
C LEU A 1220 5.50 81.01 -16.99
N TYR A 1221 5.64 79.83 -17.57
CA TYR A 1221 4.69 78.78 -17.26
C TYR A 1221 4.48 78.62 -15.75
N ASN A 1222 5.54 78.58 -14.96
CA ASN A 1222 5.41 78.43 -13.53
C ASN A 1222 4.68 79.60 -12.90
N VAL A 1223 5.11 80.83 -13.13
CA VAL A 1223 4.36 81.92 -12.56
C VAL A 1223 2.89 81.86 -12.96
N THR A 1224 2.53 81.43 -14.18
CA THR A 1224 1.11 81.35 -14.50
C THR A 1224 0.38 80.24 -13.78
N VAL A 1225 0.92 79.04 -13.73
CA VAL A 1225 0.29 78.00 -12.93
C VAL A 1225 0.15 78.47 -11.47
N ILE A 1226 1.00 79.38 -11.00
CA ILE A 1226 0.81 79.90 -9.64
C ILE A 1226 -0.26 81.00 -9.51
N ILE A 1227 -0.29 81.95 -10.42
CA ILE A 1227 -1.30 83.00 -10.39
C ILE A 1227 -2.67 82.43 -10.70
N SER A 1228 -2.72 81.41 -11.53
CA SER A 1228 -4.00 80.78 -11.87
C SER A 1228 -4.51 79.87 -10.77
N LYS A 1229 -3.73 78.87 -10.37
CA LYS A 1229 -4.24 77.96 -9.37
C LYS A 1229 -4.93 78.79 -8.30
N ASN A 1230 -4.55 80.05 -8.16
CA ASN A 1230 -5.24 80.92 -7.19
C ASN A 1230 -6.58 81.47 -7.72
N MET A 1231 -6.55 82.24 -8.80
CA MET A 1231 -7.79 82.75 -9.39
C MET A 1231 -8.89 81.71 -9.47
N LEU A 1232 -8.52 80.44 -9.53
CA LEU A 1232 -9.52 79.39 -9.55
C LEU A 1232 -9.48 78.58 -8.28
N SER A 1233 -9.41 79.27 -7.14
CA SER A 1233 -9.45 78.57 -5.86
C SER A 1233 -9.07 79.49 -4.72
N ALA A 1283 -4.10 69.49 -3.51
CA ALA A 1283 -3.33 69.95 -4.64
C ALA A 1283 -3.06 71.44 -4.53
N GLY A 1284 -1.79 71.84 -4.50
CA GLY A 1284 -1.47 73.24 -4.30
C GLY A 1284 -0.27 73.87 -4.98
N ILE A 1285 0.45 74.71 -4.27
CA ILE A 1285 1.55 75.44 -4.86
C ILE A 1285 2.93 74.93 -4.43
N ILE A 1286 3.02 74.05 -3.44
CA ILE A 1286 4.34 73.60 -2.95
C ILE A 1286 5.24 73.08 -4.03
N TRP A 1287 4.78 72.15 -4.86
CA TRP A 1287 5.68 71.59 -5.85
C TRP A 1287 5.99 72.56 -6.97
N ASP A 1288 5.15 73.54 -7.20
CA ASP A 1288 5.49 74.56 -8.18
C ASP A 1288 6.38 75.61 -7.57
N SER A 1289 6.63 75.54 -6.27
CA SER A 1289 7.57 76.47 -5.67
C SER A 1289 8.93 75.87 -5.55
N VAL A 1290 9.05 74.56 -5.42
CA VAL A 1290 10.37 73.95 -5.45
C VAL A 1290 10.88 74.24 -6.85
N CYS A 1291 10.02 74.05 -7.85
CA CYS A 1291 10.42 74.30 -9.22
C CYS A 1291 10.77 75.74 -9.46
N PHE A 1292 10.06 76.72 -8.93
CA PHE A 1292 10.39 78.10 -9.24
C PHE A 1292 11.75 78.41 -8.68
N PHE A 1293 12.15 77.78 -7.59
CA PHE A 1293 13.49 78.00 -7.08
C PHE A 1293 14.49 77.50 -8.09
N PHE A 1294 14.48 76.21 -8.39
CA PHE A 1294 15.50 75.65 -9.28
C PHE A 1294 15.65 76.41 -10.56
N LEU A 1295 14.57 76.84 -11.17
CA LEU A 1295 14.68 77.50 -12.45
C LEU A 1295 15.26 78.89 -12.29
N LEU A 1296 15.10 79.51 -11.13
CA LEU A 1296 15.71 80.80 -10.95
C LEU A 1296 17.17 80.65 -10.59
N LEU A 1297 17.57 79.48 -10.09
CA LEU A 1297 18.98 79.25 -9.82
C LEU A 1297 19.72 78.98 -11.12
N GLN A 1298 19.12 78.27 -12.06
CA GLN A 1298 19.79 77.97 -13.30
C GLN A 1298 19.83 79.16 -14.18
N ARG A 1299 18.99 80.15 -13.98
CA ARG A 1299 19.13 81.33 -14.80
C ARG A 1299 20.40 82.02 -14.38
N ARG A 1300 20.80 81.87 -13.13
CA ARG A 1300 22.05 82.47 -12.68
C ARG A 1300 23.28 81.68 -13.12
N VAL A 1301 23.23 80.35 -13.14
CA VAL A 1301 24.37 79.58 -13.68
C VAL A 1301 24.57 79.93 -15.14
N PHE A 1302 23.50 80.03 -15.94
CA PHE A 1302 23.58 80.35 -17.37
C PHE A 1302 23.88 81.79 -17.66
N LEU A 1303 24.22 82.58 -16.65
CA LEU A 1303 24.59 83.96 -16.88
C LEU A 1303 25.83 84.27 -16.11
N SER A 1304 26.63 83.27 -15.80
CA SER A 1304 27.81 83.50 -15.01
C SER A 1304 29.01 83.65 -15.88
N HIS A 1305 30.19 83.63 -15.27
CA HIS A 1305 31.42 83.71 -16.04
C HIS A 1305 32.09 82.39 -15.89
N TYR A 1306 31.61 81.59 -14.96
CA TYR A 1306 32.15 80.27 -14.78
C TYR A 1306 31.48 79.30 -15.73
N TYR A 1307 30.39 79.72 -16.37
CA TYR A 1307 29.72 78.87 -17.33
C TYR A 1307 30.38 79.06 -18.65
N LEU A 1308 30.96 80.21 -18.89
CA LEU A 1308 31.67 80.39 -20.13
C LEU A 1308 32.66 79.25 -20.35
N HIS A 1309 33.31 78.79 -19.29
CA HIS A 1309 34.25 77.69 -19.40
C HIS A 1309 33.59 76.35 -19.74
N VAL A 1310 32.39 76.10 -19.25
CA VAL A 1310 31.72 74.86 -19.58
C VAL A 1310 31.12 74.94 -20.95
N ARG A 1311 30.79 76.12 -21.42
CA ARG A 1311 30.31 76.22 -22.78
C ARG A 1311 31.43 75.82 -23.68
N ALA A 1312 32.65 76.27 -23.39
CA ALA A 1312 33.81 75.94 -24.21
C ALA A 1312 33.98 74.45 -24.36
N ASP A 1313 34.01 73.74 -23.24
CA ASP A 1313 34.18 72.30 -23.29
C ASP A 1313 33.12 71.66 -24.15
N LEU A 1314 31.87 72.02 -23.96
CA LEU A 1314 30.80 71.41 -24.72
C LEU A 1314 30.89 71.71 -26.21
N GLN A 1315 31.32 72.91 -26.56
CA GLN A 1315 31.48 73.26 -27.96
C GLN A 1315 32.58 72.43 -28.58
N ALA A 1316 33.68 72.27 -27.86
CA ALA A 1316 34.80 71.49 -28.37
C ALA A 1316 34.43 70.05 -28.66
N THR A 1317 33.59 69.44 -27.83
CA THR A 1317 33.27 68.05 -28.04
C THR A 1317 32.53 67.83 -29.34
N ALA A 1318 31.74 68.80 -29.74
CA ALA A 1318 31.03 68.68 -31.01
C ALA A 1318 31.98 68.73 -32.20
N LEU A 1319 33.09 69.44 -32.07
CA LEU A 1319 34.07 69.50 -33.14
C LEU A 1319 34.88 68.21 -33.19
N LEU A 1320 35.35 67.75 -32.04
CA LEU A 1320 36.16 66.54 -31.97
C LEU A 1320 35.36 65.25 -32.04
N ALA A 1321 34.12 65.31 -32.49
CA ALA A 1321 33.31 64.11 -32.61
C ALA A 1321 33.85 63.23 -33.70
N SER A 1322 34.28 63.81 -34.80
CA SER A 1322 34.79 63.03 -35.92
C SER A 1322 35.99 62.22 -35.52
N ARG A 1323 36.89 62.83 -34.77
CA ARG A 1323 38.04 62.10 -34.27
C ARG A 1323 37.54 60.92 -33.46
N GLY A 1324 36.64 61.17 -32.53
CA GLY A 1324 36.08 60.09 -31.76
C GLY A 1324 35.63 58.91 -32.60
N PHE A 1325 34.91 59.16 -33.67
CA PHE A 1325 34.41 58.08 -34.51
C PHE A 1325 35.58 57.31 -35.06
N ALA A 1326 36.58 58.01 -35.56
CA ALA A 1326 37.76 57.35 -36.09
C ALA A 1326 38.43 56.48 -35.05
N LEU A 1327 38.71 57.04 -33.87
CA LEU A 1327 39.30 56.22 -32.82
C LEU A 1327 38.50 54.93 -32.61
N TYR A 1328 37.20 55.04 -32.41
CA TYR A 1328 36.36 53.86 -32.20
C TYR A 1328 36.46 52.89 -33.36
N ASN A 1329 36.26 53.36 -34.58
CA ASN A 1329 36.26 52.48 -35.73
C ASN A 1329 37.59 51.80 -35.93
N ALA A 1330 38.68 52.49 -35.66
CA ALA A 1330 39.98 51.88 -35.76
C ALA A 1330 40.08 50.73 -34.78
N ALA A 1331 39.67 50.97 -33.54
CA ALA A 1331 39.71 49.92 -32.54
C ALA A 1331 38.90 48.71 -32.96
N ASN A 1332 37.72 48.94 -33.55
CA ASN A 1332 36.90 47.85 -34.00
C ASN A 1332 37.60 47.04 -35.06
N LEU A 1333 38.15 47.72 -36.07
CA LEU A 1333 38.83 47.02 -37.14
C LEU A 1333 40.04 46.24 -36.66
N LYS A 1334 40.75 46.77 -35.69
CA LYS A 1334 41.90 46.06 -35.15
C LYS A 1334 41.46 44.75 -34.52
N SER A 1335 40.42 44.78 -33.70
CA SER A 1335 39.95 43.57 -33.06
C SER A 1335 39.44 42.58 -34.08
N ILE A 1336 38.78 43.07 -35.12
CA ILE A 1336 38.30 42.20 -36.17
C ILE A 1336 39.48 41.42 -36.73
N ASP A 1337 40.55 42.11 -37.07
CA ASP A 1337 41.70 41.45 -37.65
C ASP A 1337 42.31 40.42 -36.74
N PHE A 1338 42.41 40.71 -35.45
CA PHE A 1338 43.04 39.78 -34.55
C PHE A 1338 42.22 38.50 -34.48
N HIS A 1339 40.90 38.64 -34.41
CA HIS A 1339 40.05 37.47 -34.34
C HIS A 1339 40.13 36.68 -35.63
N ARG A 1340 40.11 37.37 -36.76
CA ARG A 1340 40.19 36.71 -38.05
C ARG A 1340 41.49 35.92 -38.16
N ARG A 1341 42.59 36.49 -37.72
CA ARG A 1341 43.86 35.77 -37.73
C ARG A 1341 43.75 34.47 -36.99
N ILE A 1342 43.25 34.51 -35.76
CA ILE A 1342 43.13 33.32 -34.94
C ILE A 1342 42.33 32.21 -35.63
N GLU A 1343 41.25 32.56 -36.28
CA GLU A 1343 40.44 31.57 -36.98
C GLU A 1343 41.21 30.94 -38.12
N GLU A 1344 41.95 31.73 -38.88
CA GLU A 1344 42.74 31.19 -39.97
C GLU A 1344 43.83 30.26 -39.48
N LYS A 1345 44.42 30.57 -38.34
CA LYS A 1345 45.42 29.68 -37.76
C LYS A 1345 44.80 28.32 -37.49
N SER A 1346 43.61 28.30 -36.91
CA SER A 1346 42.95 27.05 -36.61
C SER A 1346 42.72 26.26 -37.87
N LEU A 1347 42.33 26.92 -38.95
CA LEU A 1347 42.02 26.18 -40.15
C LEU A 1347 43.27 25.63 -40.79
N ALA A 1348 44.40 26.30 -40.58
CA ALA A 1348 45.64 25.76 -41.09
C ALA A 1348 46.00 24.51 -40.32
N GLN A 1349 45.90 24.58 -39.00
CA GLN A 1349 46.22 23.42 -38.19
C GLN A 1349 45.35 22.25 -38.55
N LEU A 1350 44.05 22.48 -38.75
CA LEU A 1350 43.15 21.39 -39.06
C LEU A 1350 43.60 20.72 -40.32
N LYS A 1351 43.96 21.50 -41.33
CA LYS A 1351 44.36 20.92 -42.59
C LYS A 1351 45.70 20.20 -42.49
N ARG A 1352 46.61 20.69 -41.67
CA ARG A 1352 47.87 20.00 -41.49
C ARG A 1352 47.63 18.65 -40.86
N GLN A 1353 46.80 18.62 -39.82
CA GLN A 1353 46.55 17.38 -39.13
C GLN A 1353 45.95 16.36 -40.07
N MET A 1354 45.06 16.78 -40.94
CA MET A 1354 44.43 15.81 -41.80
C MET A 1354 45.41 15.28 -42.83
N GLU A 1355 46.44 16.03 -43.18
CA GLU A 1355 47.44 15.47 -44.08
C GLU A 1355 48.22 14.38 -43.40
N ARG A 1356 48.55 14.52 -42.12
CA ARG A 1356 49.24 13.39 -41.48
C ARG A 1356 48.39 12.15 -41.37
N ILE A 1357 47.09 12.29 -41.12
CA ILE A 1357 46.21 11.13 -41.10
C ILE A 1357 46.29 10.46 -42.45
N ARG A 1358 46.05 11.19 -43.53
CA ARG A 1358 46.03 10.59 -44.85
C ARG A 1358 47.36 9.98 -45.27
N ALA A 1359 48.47 10.51 -44.77
CA ALA A 1359 49.76 9.94 -45.09
C ALA A 1359 49.90 8.55 -44.50
N LYS A 1360 49.57 8.40 -43.23
CA LYS A 1360 49.66 7.09 -42.59
C LYS A 1360 48.78 6.09 -43.30
N GLN A 1361 47.58 6.48 -43.67
CA GLN A 1361 46.68 5.53 -44.28
C GLN A 1361 47.24 5.03 -45.59
N GLU A 1362 47.91 5.89 -46.33
CA GLU A 1362 48.51 5.47 -47.59
C GLU A 1362 49.69 4.56 -47.41
N LYS A 1363 50.50 4.80 -46.39
CA LYS A 1363 51.61 3.91 -46.12
C LYS A 1363 51.10 2.52 -45.84
N HIS A 1364 50.02 2.42 -45.07
CA HIS A 1364 49.48 1.12 -44.73
C HIS A 1364 48.76 0.49 -45.92
N ARG A 1365 48.28 1.30 -46.85
CA ARG A 1365 47.65 0.76 -48.04
C ARG A 1365 48.72 0.12 -48.88
N GLN A 1366 49.87 0.77 -48.98
CA GLN A 1366 50.98 0.20 -49.73
C GLN A 1366 51.54 -1.01 -49.03
N GLY A 1367 51.49 -1.01 -47.70
CA GLY A 1367 51.96 -2.17 -46.96
C GLY A 1367 51.10 -3.37 -47.28
N ARG A 1368 49.79 -3.19 -47.32
CA ARG A 1368 48.89 -4.27 -47.69
C ARG A 1368 49.14 -4.71 -49.12
N VAL A 1369 49.45 -3.75 -50.00
CA VAL A 1369 49.76 -4.10 -51.39
C VAL A 1369 50.99 -5.00 -51.46
N ASP A 1370 52.05 -4.63 -50.74
CA ASP A 1370 53.25 -5.46 -50.73
C ASP A 1370 53.00 -6.78 -50.03
N ASP A 1408 33.23 -2.04 -49.84
CA ASP A 1408 32.07 -2.26 -48.98
C ASP A 1408 32.34 -1.79 -47.57
N HIS A 1409 31.35 -1.15 -46.95
CA HIS A 1409 31.54 -0.62 -45.61
C HIS A 1409 31.95 -1.65 -44.61
N ALA A 1410 31.27 -2.79 -44.59
CA ALA A 1410 31.55 -3.78 -43.57
C ALA A 1410 32.77 -4.63 -43.83
N THR A 1411 33.53 -4.32 -44.86
CA THR A 1411 34.76 -5.05 -45.07
C THR A 1411 35.88 -4.08 -44.82
N VAL A 1412 35.55 -2.86 -44.44
CA VAL A 1412 36.56 -1.87 -44.10
C VAL A 1412 36.55 -1.77 -42.59
N ILE A 1413 35.37 -1.81 -42.00
CA ILE A 1413 35.25 -1.78 -40.56
C ILE A 1413 35.91 -3.01 -39.98
N HIS A 1414 35.70 -4.17 -40.60
CA HIS A 1414 36.25 -5.42 -40.10
C HIS A 1414 37.50 -5.85 -40.82
N SER A 1415 38.50 -4.98 -40.90
CA SER A 1415 39.75 -5.35 -41.53
C SER A 1415 40.94 -4.63 -40.95
N GLY A 1416 41.26 -4.93 -39.70
CA GLY A 1416 42.44 -4.34 -39.10
C GLY A 1416 43.39 -5.47 -38.92
N ASP A 1417 44.68 -5.20 -38.88
CA ASP A 1417 45.61 -6.26 -38.59
C ASP A 1417 46.65 -5.78 -37.64
N TYR A 1418 47.73 -6.52 -37.47
CA TYR A 1418 48.70 -6.16 -36.48
C TYR A 1418 49.74 -5.26 -37.06
N PHE A 1419 49.63 -4.94 -38.34
CA PHE A 1419 50.65 -4.12 -38.98
C PHE A 1419 50.40 -2.65 -38.81
N LEU A 1420 49.16 -2.25 -38.56
CA LEU A 1420 48.85 -0.88 -38.36
C LEU A 1420 49.41 -0.45 -37.04
N PHE A 1421 49.34 -1.30 -36.03
CA PHE A 1421 49.78 -0.93 -34.70
C PHE A 1421 51.23 -1.19 -34.58
N GLU A 1422 51.97 -0.93 -35.66
CA GLU A 1422 53.40 -1.21 -35.67
C GLU A 1422 54.21 -0.12 -35.03
N SER A 1423 55.16 0.43 -35.77
CA SER A 1423 56.02 1.46 -35.20
C SER A 1423 55.23 2.72 -34.89
N PHE A 1513 38.11 45.80 13.23
CA PHE A 1513 38.93 45.25 12.15
C PHE A 1513 38.08 45.04 10.91
N LEU A 1514 36.82 44.67 11.10
CA LEU A 1514 35.96 44.37 9.96
C LEU A 1514 35.81 45.53 8.99
N TRP A 1515 35.80 46.74 9.51
CA TRP A 1515 35.72 47.92 8.64
C TRP A 1515 36.93 47.94 7.71
N MET A 1516 38.13 47.75 8.26
CA MET A 1516 39.33 47.77 7.45
C MET A 1516 39.39 46.58 6.51
N LEU A 1517 38.88 45.44 6.96
CA LEU A 1517 38.83 44.26 6.10
C LEU A 1517 37.92 44.55 4.92
N GLY A 1518 36.78 45.18 5.18
CA GLY A 1518 35.85 45.53 4.13
C GLY A 1518 36.46 46.49 3.15
N GLN A 1519 37.27 47.42 3.66
CA GLN A 1519 37.93 48.38 2.80
C GLN A 1519 38.88 47.70 1.83
N ALA A 1520 39.54 46.64 2.26
CA ALA A 1520 40.41 45.89 1.36
C ALA A 1520 39.62 45.30 0.20
N LEU A 1521 38.46 44.73 0.50
CA LEU A 1521 37.61 44.18 -0.56
C LEU A 1521 37.08 45.24 -1.49
N VAL A 1522 36.85 46.44 -0.96
CA VAL A 1522 36.38 47.54 -1.79
C VAL A 1522 37.45 47.83 -2.83
N ASP A 1523 38.70 47.86 -2.39
CA ASP A 1523 39.79 48.11 -3.32
C ASP A 1523 39.89 47.03 -4.38
N GLU A 1524 39.64 45.78 -4.01
CA GLU A 1524 39.64 44.70 -4.99
C GLU A 1524 38.58 44.93 -6.06
N LEU A 1525 37.37 45.29 -5.64
CA LEU A 1525 36.31 45.58 -6.59
C LEU A 1525 36.71 46.72 -7.49
N THR A 1526 37.22 47.80 -6.91
CA THR A 1526 37.63 48.95 -7.68
C THR A 1526 38.63 48.55 -8.75
N ARG A 1527 39.59 47.69 -8.40
CA ARG A 1527 40.56 47.22 -9.38
C ARG A 1527 39.90 46.50 -10.54
N TRP A 1528 38.97 45.60 -10.24
CA TRP A 1528 38.25 44.88 -11.29
C TRP A 1528 37.50 45.84 -12.19
N LEU A 1529 36.79 46.81 -11.61
CA LEU A 1529 36.03 47.76 -12.39
C LEU A 1529 36.93 48.58 -13.29
N GLN A 1530 38.11 48.92 -12.78
CA GLN A 1530 39.04 49.70 -13.58
C GLN A 1530 39.51 48.92 -14.78
N GLU A 1531 39.65 47.61 -14.62
CA GLU A 1531 40.05 46.77 -15.74
C GLU A 1531 38.91 46.60 -16.72
N PHE A 1532 37.68 46.61 -16.21
CA PHE A 1532 36.53 46.47 -17.07
C PHE A 1532 36.29 47.71 -17.93
N THR A 1533 36.83 48.85 -17.52
CA THR A 1533 36.66 50.07 -18.27
C THR A 1533 37.94 50.55 -18.90
N ARG A 1534 38.95 49.70 -18.93
CA ARG A 1534 40.26 50.13 -19.43
C ARG A 1534 40.26 50.72 -20.83
N HIS A 1535 39.71 50.00 -21.80
CA HIS A 1535 39.72 50.47 -23.18
C HIS A 1535 39.05 51.83 -23.29
N HIS A 1536 37.89 51.97 -22.66
CA HIS A 1536 37.19 53.24 -22.70
C HIS A 1536 38.05 54.33 -22.13
N GLY A 1537 38.71 54.07 -21.01
CA GLY A 1537 39.58 55.05 -20.39
C GLY A 1537 40.62 55.59 -21.35
N THR A 1538 41.29 54.71 -22.08
CA THR A 1538 42.32 55.16 -22.98
C THR A 1538 41.75 56.06 -24.05
N MET A 1539 40.64 55.67 -24.65
CA MET A 1539 40.03 56.47 -25.72
C MET A 1539 39.70 57.84 -25.19
N SER A 1540 39.15 57.88 -23.98
CA SER A 1540 38.81 59.15 -23.38
C SER A 1540 40.01 60.05 -23.21
N ASP A 1541 41.11 59.54 -22.67
CA ASP A 1541 42.29 60.35 -22.41
C ASP A 1541 42.88 60.96 -23.65
N VAL A 1542 42.86 60.23 -24.76
CA VAL A 1542 43.35 60.78 -26.01
C VAL A 1542 42.50 61.99 -26.34
N LEU A 1543 41.18 61.84 -26.22
CA LEU A 1543 40.29 62.94 -26.59
C LEU A 1543 40.29 64.10 -25.60
N ARG A 1544 40.61 63.83 -24.34
CA ARG A 1544 40.65 64.90 -23.35
C ARG A 1544 41.83 65.80 -23.61
N ALA A 1545 42.98 65.20 -23.89
CA ALA A 1545 44.16 65.98 -24.17
C ALA A 1545 43.94 66.82 -25.40
N GLU A 1546 43.34 66.24 -26.42
CA GLU A 1546 43.05 66.99 -27.62
C GLU A 1546 42.13 68.14 -27.34
N ARG A 1547 41.14 67.92 -26.48
CA ARG A 1547 40.19 68.98 -26.15
C ARG A 1547 40.84 70.11 -25.39
N TYR A 1548 41.81 69.80 -24.54
CA TYR A 1548 42.49 70.83 -23.79
C TYR A 1548 43.02 71.88 -24.73
N LEU A 1549 43.76 71.44 -25.73
CA LEU A 1549 44.35 72.40 -26.65
C LEU A 1549 43.29 73.05 -27.50
N LEU A 1550 42.29 72.27 -27.91
CA LEU A 1550 41.27 72.81 -28.78
C LEU A 1550 40.62 74.02 -28.15
N THR A 1551 40.24 73.89 -26.88
CA THR A 1551 39.56 74.98 -26.21
C THR A 1551 40.43 76.21 -26.06
N GLN A 1552 41.73 76.04 -25.87
CA GLN A 1552 42.63 77.19 -25.80
C GLN A 1552 42.46 78.07 -27.02
N GLU A 1553 42.52 77.48 -28.20
CA GLU A 1553 42.40 78.26 -29.42
C GLU A 1553 41.05 78.91 -29.53
N LEU A 1554 40.00 78.18 -29.18
CA LEU A 1554 38.67 78.75 -29.20
C LEU A 1554 38.59 79.96 -28.28
N LEU A 1555 39.14 79.84 -27.08
CA LEU A 1555 39.10 80.93 -26.11
C LEU A 1555 39.90 82.12 -26.57
N GLN A 1556 40.99 81.87 -27.31
CA GLN A 1556 41.77 82.98 -27.85
C GLN A 1556 40.88 83.76 -28.80
N GLY A 1557 40.10 83.05 -29.60
CA GLY A 1557 39.26 83.72 -30.58
C GLY A 1557 39.78 83.36 -31.94
N GLY A 1558 40.72 82.42 -31.99
CA GLY A 1558 41.30 82.00 -33.25
C GLY A 1558 40.68 80.72 -33.77
N GLU A 1559 41.19 80.24 -34.89
CA GLU A 1559 40.64 79.02 -35.49
C GLU A 1559 41.28 77.76 -34.95
N VAL A 1560 40.54 76.67 -34.97
CA VAL A 1560 41.08 75.40 -34.53
C VAL A 1560 41.58 74.65 -35.76
N HIS A 1561 42.87 74.67 -36.00
CA HIS A 1561 43.44 74.01 -37.17
C HIS A 1561 43.92 72.60 -36.84
N ARG A 1562 44.52 71.94 -37.82
CA ARG A 1562 45.05 70.60 -37.59
C ARG A 1562 46.34 70.71 -36.81
N GLY A 1563 47.05 71.82 -36.98
CA GLY A 1563 48.29 72.04 -36.27
C GLY A 1563 48.14 72.00 -34.76
N VAL A 1564 46.96 72.41 -34.28
CA VAL A 1564 46.69 72.34 -32.85
C VAL A 1564 46.89 70.91 -32.37
N LEU A 1565 46.24 69.97 -33.06
CA LEU A 1565 46.35 68.56 -32.68
C LEU A 1565 47.74 68.02 -32.94
N ASP A 1566 48.42 68.57 -33.94
CA ASP A 1566 49.75 68.08 -34.30
C ASP A 1566 50.77 68.37 -33.22
N GLN A 1567 50.55 69.43 -32.45
CA GLN A 1567 51.46 69.75 -31.35
C GLN A 1567 51.58 68.60 -30.38
N LEU A 1568 50.46 67.93 -30.12
CA LEU A 1568 50.46 66.79 -29.21
C LEU A 1568 51.47 65.73 -29.66
N ALA A 1645 44.21 54.32 -30.34
CA ALA A 1645 44.03 54.97 -29.05
C ALA A 1645 45.24 54.79 -28.18
N SER A 1646 45.55 53.55 -27.85
CA SER A 1646 46.71 53.26 -27.04
C SER A 1646 47.95 53.74 -27.75
N GLU A 1647 48.04 53.46 -29.03
CA GLU A 1647 49.19 53.91 -29.82
C GLU A 1647 49.34 55.42 -29.75
N LEU A 1648 48.26 56.16 -29.94
CA LEU A 1648 48.34 57.62 -29.96
C LEU A 1648 48.79 58.20 -28.64
N LEU A 1649 48.51 57.52 -27.55
CA LEU A 1649 48.98 57.99 -26.26
C LEU A 1649 50.49 57.96 -26.24
N LEU A 1650 51.07 56.85 -26.66
CA LEU A 1650 52.53 56.73 -26.68
C LEU A 1650 53.17 57.73 -27.62
N ASP A 1651 52.63 57.85 -28.83
CA ASP A 1651 53.21 58.74 -29.83
C ASP A 1651 53.24 60.18 -29.34
N ARG A 1652 52.13 60.65 -28.80
CA ARG A 1652 52.08 62.00 -28.27
C ARG A 1652 53.09 62.14 -27.14
N ARG A 1653 53.88 63.21 -27.18
CA ARG A 1653 54.86 63.42 -26.12
C ARG A 1653 54.73 64.80 -25.51
N LEU A 1654 53.78 65.59 -25.98
CA LEU A 1654 53.55 66.91 -25.39
C LEU A 1654 52.87 66.76 -24.04
N ARG A 1655 53.65 66.61 -22.98
CA ARG A 1655 53.11 66.40 -21.66
C ARG A 1655 52.42 67.66 -21.14
N ILE A 1656 51.11 67.58 -20.88
CA ILE A 1656 50.37 68.75 -20.43
C ILE A 1656 50.41 68.91 -18.92
N PRO A 1657 50.27 70.14 -18.43
CA PRO A 1657 50.38 70.38 -16.98
C PRO A 1657 49.14 70.09 -16.18
N GLU A 1658 48.11 70.91 -16.32
CA GLU A 1658 46.88 70.74 -15.54
C GLU A 1658 46.39 69.32 -15.47
N LEU A 1659 46.26 68.66 -16.62
CA LEU A 1659 45.71 67.31 -16.65
C LEU A 1659 46.48 66.32 -15.76
N GLU A 1660 47.79 66.46 -15.68
CA GLU A 1660 48.60 65.57 -14.86
C GLU A 1660 48.37 65.79 -13.38
N GLU A 1661 48.29 67.05 -12.96
CA GLU A 1661 48.04 67.35 -11.56
C GLU A 1661 46.66 66.88 -11.17
N ALA A 1662 45.72 66.94 -12.10
CA ALA A 1662 44.36 66.49 -11.83
C ALA A 1662 44.35 65.00 -11.54
N GLU A 1663 45.14 64.25 -12.30
CA GLU A 1663 45.22 62.83 -12.09
C GLU A 1663 45.77 62.51 -10.71
N LEU A 1664 46.74 63.29 -10.25
CA LEU A 1664 47.28 63.08 -8.90
C LEU A 1664 46.23 63.30 -7.84
N PHE A 1665 45.42 64.35 -7.98
CA PHE A 1665 44.35 64.61 -7.03
C PHE A 1665 43.43 63.41 -6.99
N ALA A 1666 43.09 62.88 -8.16
CA ALA A 1666 42.22 61.72 -8.23
C ALA A 1666 42.80 60.52 -7.51
N GLU A 1667 44.09 60.24 -7.73
CA GLU A 1667 44.73 59.12 -7.07
C GLU A 1667 44.79 59.33 -5.58
N GLY A 1668 44.94 60.59 -5.17
CA GLY A 1668 45.02 60.89 -3.76
C GLY A 1668 43.68 61.21 -3.13
N GLN A 1669 42.62 60.60 -3.63
CA GLN A 1669 41.32 60.81 -3.02
C GLN A 1669 41.05 59.67 -2.06
N GLY A 1670 39.96 59.76 -1.31
CA GLY A 1670 39.60 58.69 -0.40
C GLY A 1670 39.11 57.48 -1.18
N ARG A 1671 39.13 56.32 -0.54
CA ARG A 1671 38.67 55.11 -1.20
C ARG A 1671 37.22 55.20 -1.61
N ALA A 1672 36.41 55.86 -0.78
CA ALA A 1672 35.00 56.02 -1.10
C ALA A 1672 34.82 56.78 -2.39
N LEU A 1673 35.44 57.95 -2.48
CA LEU A 1673 35.33 58.75 -3.68
C LEU A 1673 35.80 57.96 -4.89
N ARG A 1674 36.87 57.20 -4.73
CA ARG A 1674 37.41 56.47 -5.85
C ARG A 1674 36.52 55.31 -6.26
N LEU A 1675 35.88 54.66 -5.31
CA LEU A 1675 34.97 53.58 -5.65
C LEU A 1675 33.77 54.09 -6.43
N LEU A 1676 33.31 55.28 -6.09
CA LEU A 1676 32.15 55.82 -6.78
C LEU A 1676 32.56 56.26 -8.17
N ARG A 1677 33.79 56.72 -8.33
CA ARG A 1677 34.25 57.09 -9.64
C ARG A 1677 34.28 55.85 -10.49
N ALA A 1678 34.71 54.75 -9.91
CA ALA A 1678 34.78 53.50 -10.65
C ALA A 1678 33.41 53.08 -11.16
N VAL A 1679 32.39 53.23 -10.33
CA VAL A 1679 31.03 52.88 -10.75
C VAL A 1679 30.56 53.76 -11.91
N TYR A 1680 30.75 55.07 -11.81
CA TYR A 1680 30.36 55.93 -12.91
C TYR A 1680 31.09 55.54 -14.17
N GLN A 1681 32.35 55.18 -14.05
CA GLN A 1681 33.12 54.85 -15.24
C GLN A 1681 32.52 53.63 -15.91
N CYS A 1682 32.14 52.63 -15.13
CA CYS A 1682 31.56 51.43 -15.69
C CYS A 1682 30.26 51.71 -16.43
N VAL A 1683 29.37 52.49 -15.83
CA VAL A 1683 28.11 52.82 -16.47
C VAL A 1683 28.34 53.59 -17.75
N ALA A 1684 29.22 54.58 -17.72
CA ALA A 1684 29.46 55.38 -18.90
C ALA A 1684 30.24 54.64 -19.96
N ALA A 1685 30.78 53.49 -19.63
CA ALA A 1685 31.46 52.70 -20.63
C ALA A 1685 30.44 51.83 -21.30
N HIS A 1686 29.79 50.97 -20.54
CA HIS A 1686 28.78 50.10 -21.09
C HIS A 1686 27.41 50.66 -20.85
N SER A 1687 26.99 51.64 -21.65
CA SER A 1687 25.69 52.24 -21.47
C SER A 1687 24.61 51.41 -22.11
N GLU A 1688 24.95 50.66 -23.14
CA GLU A 1688 23.94 49.89 -23.84
C GLU A 1688 23.36 48.86 -22.92
N LEU A 1689 24.19 48.19 -22.15
CA LEU A 1689 23.69 47.14 -21.29
C LEU A 1689 22.81 47.71 -20.21
N LEU A 1690 22.95 48.97 -19.91
CA LEU A 1690 22.06 49.58 -18.92
C LEU A 1690 20.70 49.78 -19.55
N CYS A 1691 20.62 50.53 -20.63
CA CYS A 1691 19.35 50.70 -21.29
C CYS A 1691 18.60 49.40 -21.34
N TYR A 1692 19.29 48.30 -21.65
CA TYR A 1692 18.60 47.03 -21.82
C TYR A 1692 18.14 46.46 -20.49
N PHE A 1693 18.99 46.52 -19.48
CA PHE A 1693 18.62 45.96 -18.20
C PHE A 1693 17.37 46.64 -17.72
N ILE A 1694 17.28 47.95 -17.87
CA ILE A 1694 16.13 48.68 -17.35
C ILE A 1694 14.86 48.43 -18.15
N ILE A 1695 14.94 48.31 -19.46
CA ILE A 1695 13.77 47.99 -20.27
C ILE A 1695 13.17 46.67 -19.82
N ILE A 1696 14.01 45.68 -19.58
CA ILE A 1696 13.54 44.38 -19.13
C ILE A 1696 13.05 44.42 -17.69
N LEU A 1697 13.70 45.18 -16.82
CA LEU A 1697 13.23 45.29 -15.44
C LEU A 1697 11.87 45.96 -15.32
N ASN A 1698 11.55 46.88 -16.22
CA ASN A 1698 10.24 47.51 -16.19
C ASN A 1698 9.17 46.46 -16.39
N HIS A 1699 9.36 45.55 -17.33
CA HIS A 1699 8.36 44.53 -17.61
C HIS A 1699 8.23 43.52 -16.49
N MET A 1700 9.24 43.41 -15.66
CA MET A 1700 9.15 42.51 -14.53
C MET A 1700 8.32 43.14 -13.41
N VAL A 1701 8.39 44.46 -13.28
CA VAL A 1701 7.62 45.15 -12.27
C VAL A 1701 6.19 45.45 -12.73
N THR A 1702 6.06 46.28 -13.76
CA THR A 1702 4.73 46.64 -14.27
C THR A 1702 3.92 45.48 -14.81
N ALA A 1703 4.56 44.57 -15.52
CA ALA A 1703 3.88 43.41 -16.08
C ALA A 1703 2.59 43.73 -16.80
N SER A 1704 2.65 44.62 -17.77
CA SER A 1704 1.44 45.00 -18.48
C SER A 1704 1.43 44.44 -19.87
N ALA A 1705 0.88 45.20 -20.80
CA ALA A 1705 0.87 44.77 -22.18
C ALA A 1705 1.45 45.91 -22.98
N GLY A 1706 1.70 47.02 -22.30
CA GLY A 1706 2.31 48.14 -22.97
C GLY A 1706 3.80 47.94 -22.85
N SER A 1707 4.23 47.49 -21.68
CA SER A 1707 5.65 47.26 -21.46
C SER A 1707 6.11 45.93 -22.00
N LEU A 1708 5.47 45.43 -23.05
CA LEU A 1708 5.85 44.18 -23.65
C LEU A 1708 6.48 44.52 -24.97
N VAL A 1709 6.07 45.63 -25.55
CA VAL A 1709 6.56 45.97 -26.86
C VAL A 1709 8.05 46.15 -26.85
N LEU A 1710 8.55 46.95 -25.93
CA LEU A 1710 9.98 47.21 -25.91
C LEU A 1710 10.86 45.98 -25.63
N PRO A 1711 10.52 45.14 -24.64
CA PRO A 1711 11.36 43.94 -24.50
C PRO A 1711 11.39 43.06 -25.74
N VAL A 1712 10.30 42.90 -26.46
CA VAL A 1712 10.34 42.13 -27.69
C VAL A 1712 11.29 42.77 -28.67
N LEU A 1713 11.17 44.07 -28.88
CA LEU A 1713 12.02 44.75 -29.83
C LEU A 1713 13.49 44.76 -29.44
N VAL A 1714 13.82 44.70 -28.16
CA VAL A 1714 15.20 44.61 -27.77
C VAL A 1714 15.74 43.31 -28.33
N PHE A 1715 15.06 42.19 -28.06
CA PHE A 1715 15.56 40.89 -28.51
C PHE A 1715 15.49 40.60 -29.99
N LEU A 1716 14.75 41.39 -30.76
CA LEU A 1716 14.56 41.10 -32.18
C LEU A 1716 14.88 42.22 -33.16
N TRP A 1717 15.36 43.36 -32.70
CA TRP A 1717 15.72 44.45 -33.59
C TRP A 1717 17.04 45.02 -33.13
N ALA A 1718 17.25 45.08 -31.84
CA ALA A 1718 18.47 45.68 -31.36
C ALA A 1718 19.57 44.70 -31.33
N MET A 1719 19.37 43.63 -30.60
CA MET A 1719 20.43 42.67 -30.43
C MET A 1719 20.79 41.86 -31.68
N LEU A 1720 19.97 41.95 -32.72
CA LEU A 1720 20.25 41.25 -33.96
C LEU A 1720 20.71 42.19 -35.07
N SER A 1721 20.94 43.46 -34.74
CA SER A 1721 21.41 44.42 -35.73
C SER A 1721 22.91 44.34 -35.86
N ILE A 1722 23.43 44.30 -37.08
CA ILE A 1722 24.87 44.07 -37.27
C ILE A 1722 25.91 45.01 -36.64
N PRO A 1723 26.02 46.27 -37.09
CA PRO A 1723 27.06 47.06 -36.44
C PRO A 1723 26.66 47.53 -35.05
N ARG A 1724 25.60 48.33 -34.93
CA ARG A 1724 25.13 48.84 -33.66
C ARG A 1724 23.65 49.11 -33.82
N PRO A 1725 22.88 49.06 -32.72
CA PRO A 1725 21.48 49.44 -32.86
C PRO A 1725 21.39 50.84 -33.41
N SER A 1726 20.70 51.05 -34.52
CA SER A 1726 20.66 52.34 -35.17
C SER A 1726 19.92 53.45 -34.46
N LYS A 1727 19.95 54.64 -35.05
CA LYS A 1727 19.23 55.77 -34.48
C LYS A 1727 17.79 55.43 -34.30
N ARG A 1728 17.19 54.79 -35.27
CA ARG A 1728 15.79 54.48 -35.20
C ARG A 1728 15.39 53.62 -34.02
N PHE A 1729 16.24 52.71 -33.57
CA PHE A 1729 15.88 51.96 -32.38
C PHE A 1729 15.82 52.89 -31.21
N TRP A 1730 16.87 53.65 -30.99
CA TRP A 1730 16.89 54.49 -29.82
C TRP A 1730 15.77 55.51 -29.86
N MET A 1731 15.50 56.12 -30.99
CA MET A 1731 14.40 57.07 -31.08
C MET A 1731 13.04 56.42 -30.87
N THR A 1732 12.85 55.19 -31.32
CA THR A 1732 11.59 54.50 -31.06
C THR A 1732 11.42 54.32 -29.57
N ALA A 1733 12.46 53.87 -28.88
CA ALA A 1733 12.32 53.61 -27.47
C ALA A 1733 12.00 54.88 -26.71
N ILE A 1734 12.65 55.97 -27.04
CA ILE A 1734 12.37 57.22 -26.38
C ILE A 1734 10.92 57.63 -26.61
N VAL A 1735 10.45 57.61 -27.87
CA VAL A 1735 9.09 58.02 -28.16
C VAL A 1735 8.06 57.14 -27.48
N PHE A 1736 8.20 55.83 -27.57
CA PHE A 1736 7.27 54.94 -26.89
C PHE A 1736 7.22 55.17 -25.37
N THR A 1737 8.34 55.38 -24.71
CA THR A 1737 8.30 55.54 -23.26
C THR A 1737 7.67 56.85 -22.88
N GLU A 1738 7.81 57.85 -23.72
CA GLU A 1738 7.16 59.12 -23.44
C GLU A 1738 5.66 58.97 -23.57
N ILE A 1739 5.22 58.25 -24.59
CA ILE A 1739 3.79 58.05 -24.80
C ILE A 1739 3.19 57.35 -23.62
N ALA A 1740 3.76 56.25 -23.19
CA ALA A 1740 3.18 55.51 -22.10
C ALA A 1740 3.06 56.36 -20.86
N VAL A 1741 4.04 57.22 -20.60
CA VAL A 1741 3.96 58.12 -19.47
C VAL A 1741 2.70 58.99 -19.58
N VAL A 1742 2.51 59.67 -20.72
CA VAL A 1742 1.33 60.51 -20.90
C VAL A 1742 0.02 59.72 -20.80
N VAL A 1743 -0.06 58.59 -21.47
CA VAL A 1743 -1.28 57.78 -21.42
C VAL A 1743 -1.66 57.34 -20.01
N LYS A 1744 -0.71 56.84 -19.25
CA LYS A 1744 -1.01 56.45 -17.89
C LYS A 1744 -1.32 57.65 -17.02
N TYR A 1745 -0.82 58.82 -17.37
CA TYR A 1745 -1.11 60.03 -16.61
C TYR A 1745 -2.55 60.43 -16.81
N LEU A 1746 -3.05 60.30 -18.03
CA LEU A 1746 -4.41 60.71 -18.33
C LEU A 1746 -5.45 59.76 -17.80
N PHE A 1747 -5.03 58.60 -17.30
CA PHE A 1747 -6.00 57.71 -16.69
C PHE A 1747 -5.95 57.81 -15.17
N THR A 1779 -3.19 54.16 -10.03
CA THR A 1779 -2.51 53.68 -8.83
C THR A 1779 -1.57 54.73 -8.25
N ASP A 1780 -0.83 54.36 -7.21
CA ASP A 1780 0.10 55.28 -6.58
C ASP A 1780 1.54 54.86 -6.79
N GLY A 1781 1.82 54.21 -7.91
CA GLY A 1781 3.18 53.80 -8.22
C GLY A 1781 3.22 53.58 -9.71
N TYR A 1782 2.78 54.58 -10.46
CA TYR A 1782 2.68 54.41 -11.91
C TYR A 1782 3.86 54.86 -12.77
N ILE A 1783 4.43 56.02 -12.51
CA ILE A 1783 5.48 56.53 -13.35
C ILE A 1783 6.73 56.78 -12.56
N LYS A 1784 7.33 55.73 -12.01
CA LYS A 1784 8.61 55.89 -11.31
C LYS A 1784 9.67 55.16 -12.11
N TYR A 1785 9.38 53.93 -12.50
CA TYR A 1785 10.34 53.16 -13.27
C TYR A 1785 10.47 53.72 -14.66
N ASP A 1786 9.43 54.34 -15.16
CA ASP A 1786 9.50 54.95 -16.48
C ASP A 1786 10.30 56.23 -16.47
N LEU A 1787 10.50 56.84 -15.31
CA LEU A 1787 11.35 58.02 -15.26
C LEU A 1787 12.77 57.54 -15.38
N VAL A 1788 13.14 56.50 -14.66
CA VAL A 1788 14.47 55.95 -14.83
C VAL A 1788 14.71 55.56 -16.29
N GLN A 1789 13.82 54.78 -16.88
CA GLN A 1789 13.97 54.39 -18.27
C GLN A 1789 14.28 55.57 -19.14
N LEU A 1790 13.41 56.56 -19.19
CA LEU A 1790 13.61 57.68 -20.10
C LEU A 1790 14.94 58.38 -19.89
N MET A 1791 15.41 58.46 -18.65
CA MET A 1791 16.65 59.15 -18.38
C MET A 1791 17.85 58.31 -18.73
N ALA A 1792 17.70 57.00 -18.75
CA ALA A 1792 18.80 56.15 -19.16
C ALA A 1792 18.96 56.19 -20.66
N LEU A 1793 17.87 56.30 -21.38
CA LEU A 1793 17.93 56.29 -22.84
C LEU A 1793 18.48 57.61 -23.35
N PHE A 1794 18.29 58.67 -22.59
CA PHE A 1794 18.85 59.94 -22.99
C PHE A 1794 20.31 60.04 -22.57
N PHE A 1795 20.77 59.20 -21.65
CA PHE A 1795 22.19 59.18 -21.31
C PHE A 1795 22.92 58.54 -22.46
N HIS A 1796 22.46 57.38 -22.89
CA HIS A 1796 23.07 56.72 -24.03
C HIS A 1796 23.23 57.71 -25.15
N ARG A 1797 22.17 58.40 -25.52
CA ARG A 1797 22.23 59.34 -26.64
C ARG A 1797 23.40 60.27 -26.51
N SER A 1798 23.63 60.81 -25.32
CA SER A 1798 24.74 61.73 -25.11
C SER A 1798 26.10 61.11 -25.33
N GLN A 1799 26.29 59.85 -24.92
CA GLN A 1799 27.57 59.19 -25.23
C GLN A 1799 27.69 58.92 -26.72
N LEU A 1800 26.63 58.40 -27.33
CA LEU A 1800 26.64 58.12 -28.76
C LEU A 1800 26.56 59.38 -29.58
N LEU A 1801 26.95 60.50 -29.00
CA LEU A 1801 26.96 61.76 -29.73
C LEU A 1801 28.24 62.47 -29.42
N CYS A 1802 28.93 62.02 -28.38
CA CYS A 1802 30.21 62.62 -28.04
C CYS A 1802 31.32 61.84 -28.73
N TYR A 1803 31.03 60.62 -29.17
CA TYR A 1803 32.02 59.83 -29.89
C TYR A 1803 31.65 59.70 -31.36
N ARG A 1940 10.37 45.56 -48.19
CA ARG A 1940 11.72 45.88 -48.66
C ARG A 1940 12.77 46.10 -47.55
N PRO A 1941 12.50 47.02 -46.59
CA PRO A 1941 13.53 47.12 -45.56
C PRO A 1941 13.68 45.85 -44.73
N LEU A 1942 12.60 45.12 -44.50
CA LEU A 1942 12.67 43.87 -43.75
C LEU A 1942 13.60 42.90 -44.43
N ARG A 1943 13.44 42.73 -45.73
CA ARG A 1943 14.29 41.82 -46.47
C ARG A 1943 15.74 42.21 -46.30
N ARG A 1944 16.04 43.49 -46.45
CA ARG A 1944 17.42 43.94 -46.33
C ARG A 1944 17.99 43.66 -44.94
N PHE A 1945 17.24 43.97 -43.89
CA PHE A 1945 17.69 43.69 -42.54
C PHE A 1945 18.08 42.23 -42.42
N PHE A 1946 17.16 41.34 -42.75
CA PHE A 1946 17.44 39.93 -42.58
C PHE A 1946 18.67 39.52 -43.37
N HIS A 1947 18.76 39.91 -44.62
CA HIS A 1947 19.94 39.58 -45.39
C HIS A 1947 21.17 39.87 -44.57
N ASP A 1948 21.28 41.08 -44.03
CA ASP A 1948 22.50 41.42 -43.31
C ASP A 1948 22.86 40.35 -42.30
N ILE A 1949 22.00 40.12 -41.31
CA ILE A 1949 22.30 39.14 -40.26
C ILE A 1949 22.72 37.80 -40.81
N LEU A 1950 22.14 37.39 -41.93
CA LEU A 1950 22.45 36.06 -42.47
C LEU A 1950 23.69 36.03 -43.35
N HIS A 1951 23.96 37.10 -44.07
CA HIS A 1951 25.12 37.14 -44.95
C HIS A 1951 25.85 38.45 -44.83
N THR A 1952 26.64 38.62 -43.77
CA THR A 1952 27.43 39.83 -43.60
C THR A 1952 28.89 39.50 -43.82
N LYS A 1953 29.79 40.30 -43.27
CA LYS A 1953 31.23 40.05 -43.42
C LYS A 1953 31.95 40.40 -42.15
N TYR A 1954 31.23 40.92 -41.17
CA TYR A 1954 31.83 41.29 -39.91
C TYR A 1954 31.47 40.26 -38.87
N ARG A 1955 31.82 39.01 -39.13
CA ARG A 1955 31.42 37.95 -38.23
C ARG A 1955 32.57 37.22 -37.59
N ALA A 1956 33.12 37.74 -36.51
CA ALA A 1956 34.15 37.00 -35.80
C ALA A 1956 33.41 35.88 -35.11
N ALA A 1957 33.75 34.64 -35.39
CA ALA A 1957 32.96 33.53 -34.86
C ALA A 1957 33.27 33.06 -33.46
N THR A 1958 32.24 32.72 -32.70
CA THR A 1958 32.41 32.27 -31.32
C THR A 1958 31.46 31.14 -31.03
N ASP A 1959 31.70 30.40 -29.95
CA ASP A 1959 30.83 29.31 -29.57
C ASP A 1959 30.30 29.54 -28.19
N VAL A 1960 29.03 29.91 -28.09
CA VAL A 1960 28.43 30.11 -26.79
C VAL A 1960 27.35 29.08 -26.54
N TYR A 1961 27.55 27.82 -26.92
CA TYR A 1961 26.54 26.82 -26.59
C TYR A 1961 26.70 26.40 -25.16
N ALA A 1962 27.90 26.06 -24.75
CA ALA A 1962 28.08 25.72 -23.36
C ALA A 1962 27.16 26.55 -22.50
N LEU A 1963 27.31 27.86 -22.52
CA LEU A 1963 26.52 28.73 -21.63
C LEU A 1963 25.03 28.85 -21.96
N MET A 1964 24.66 28.97 -23.21
CA MET A 1964 23.26 29.01 -23.55
C MET A 1964 22.61 27.83 -22.85
N PHE A 1965 23.33 26.74 -22.71
CA PHE A 1965 22.75 25.55 -22.11
C PHE A 1965 22.65 25.67 -20.60
N LEU A 1966 23.69 26.16 -19.96
CA LEU A 1966 23.63 26.36 -18.52
C LEU A 1966 22.43 27.19 -18.11
N ALA A 1967 22.09 28.24 -18.86
CA ALA A 1967 20.90 29.02 -18.54
C ALA A 1967 19.69 28.14 -18.60
N ASP A 1968 19.59 27.31 -19.62
CA ASP A 1968 18.47 26.38 -19.71
C ASP A 1968 18.42 25.39 -18.55
N VAL A 1969 19.56 24.91 -18.08
CA VAL A 1969 19.56 24.02 -16.92
C VAL A 1969 19.00 24.78 -15.73
N VAL A 1970 19.55 25.94 -15.43
CA VAL A 1970 19.09 26.72 -14.29
C VAL A 1970 17.58 26.93 -14.36
N ASP A 1971 17.07 27.28 -15.52
CA ASP A 1971 15.63 27.42 -15.67
C ASP A 1971 14.94 26.15 -15.25
N PHE A 1972 15.26 25.03 -15.89
CA PHE A 1972 14.69 23.74 -15.52
C PHE A 1972 14.59 23.64 -14.02
N ILE A 1973 15.69 23.83 -13.31
CA ILE A 1973 15.67 23.69 -11.86
C ILE A 1973 14.63 24.59 -11.20
N ILE A 1974 14.58 25.87 -11.54
CA ILE A 1974 13.56 26.76 -10.99
C ILE A 1974 12.15 26.20 -11.16
N ILE A 1975 11.75 25.87 -12.39
CA ILE A 1975 10.44 25.27 -12.61
C ILE A 1975 10.20 24.10 -11.66
N ILE A 1976 11.14 23.16 -11.61
CA ILE A 1976 10.96 21.99 -10.77
C ILE A 1976 10.93 22.32 -9.30
N PHE A 1977 11.98 22.92 -8.78
CA PHE A 1977 12.06 23.18 -7.34
C PHE A 1977 10.89 24.02 -6.88
N GLY A 1978 10.70 25.15 -7.52
CA GLY A 1978 9.55 25.97 -7.19
C GLY A 1978 8.35 25.59 -8.02
N PHE A 1979 7.79 24.42 -7.76
CA PHE A 1979 6.60 24.00 -8.48
C PHE A 1979 5.37 24.71 -7.95
N TRP A 1980 5.48 25.26 -6.73
CA TRP A 1980 4.35 25.96 -6.13
C TRP A 1980 3.98 27.23 -6.88
N PRO A 2001 0.08 19.58 -10.91
CA PRO A 2001 -0.33 20.86 -11.50
C PRO A 2001 -0.04 20.94 -12.98
N GLU A 2002 -1.08 21.11 -13.79
CA GLU A 2002 -0.90 21.16 -15.23
C GLU A 2002 0.07 22.24 -15.71
N ALA A 2003 0.02 23.42 -15.12
CA ALA A 2003 0.93 24.50 -15.52
C ALA A 2003 2.37 24.04 -15.47
N PHE A 2004 2.83 23.61 -14.30
CA PHE A 2004 4.20 23.15 -14.16
C PHE A 2004 4.49 22.04 -15.14
N LEU A 2005 3.59 21.07 -15.25
CA LEU A 2005 3.81 19.95 -16.14
C LEU A 2005 4.06 20.38 -17.56
N VAL A 2006 3.20 21.23 -18.09
CA VAL A 2006 3.36 21.65 -19.47
C VAL A 2006 4.65 22.43 -19.64
N MET A 2007 4.93 23.34 -18.71
CA MET A 2007 6.13 24.13 -18.83
C MET A 2007 7.40 23.29 -18.80
N LEU A 2008 7.41 22.23 -18.00
CA LEU A 2008 8.58 21.38 -17.92
C LEU A 2008 8.82 20.75 -19.26
N LEU A 2009 7.78 20.22 -19.87
CA LEU A 2009 7.94 19.66 -21.20
C LEU A 2009 8.43 20.68 -22.21
N ILE A 2010 7.92 21.90 -22.12
CA ILE A 2010 8.34 22.94 -23.04
C ILE A 2010 9.84 23.15 -22.92
N GLN A 2011 10.34 23.35 -21.70
CA GLN A 2011 11.76 23.62 -21.54
C GLN A 2011 12.58 22.47 -22.08
N PHE A 2012 12.19 21.24 -21.78
CA PHE A 2012 12.90 20.09 -22.32
C PHE A 2012 12.93 20.14 -23.84
N SER A 2013 11.80 20.39 -24.47
CA SER A 2013 11.77 20.37 -25.91
C SER A 2013 12.58 21.48 -26.56
N THR A 2014 12.69 22.64 -25.93
CA THR A 2014 13.53 23.68 -26.50
C THR A 2014 14.98 23.25 -26.49
N MET A 2015 15.41 22.59 -25.42
CA MET A 2015 16.79 22.15 -25.32
C MET A 2015 17.16 21.18 -26.43
N VAL A 2016 16.26 20.27 -26.76
CA VAL A 2016 16.53 19.33 -27.84
C VAL A 2016 16.69 20.05 -29.18
N VAL A 2017 15.80 20.97 -29.50
CA VAL A 2017 15.89 21.70 -30.76
C VAL A 2017 17.18 22.50 -30.81
N ASP A 2018 17.57 23.08 -29.69
CA ASP A 2018 18.81 23.85 -29.64
C ASP A 2018 20.01 23.00 -30.03
N ARG A 2019 20.13 21.81 -29.48
CA ARG A 2019 21.24 20.94 -29.82
C ARG A 2019 21.25 20.66 -31.30
N ALA A 2020 20.09 20.48 -31.90
CA ALA A 2020 20.05 20.16 -33.32
C ALA A 2020 20.62 21.24 -34.18
N LEU A 2021 20.26 22.48 -33.90
CA LEU A 2021 20.77 23.59 -34.68
C LEU A 2021 22.24 23.87 -34.43
N TYR A 2022 22.77 23.42 -33.29
CA TYR A 2022 24.18 23.59 -33.04
C TYR A 2022 24.93 22.60 -33.87
N LEU A 2023 24.57 21.32 -33.79
CA LEU A 2023 25.30 20.28 -34.50
C LEU A 2023 25.15 20.38 -36.01
N ARG A 2024 24.06 20.95 -36.49
CA ARG A 2024 23.86 21.08 -37.92
C ARG A 2024 24.30 22.45 -38.41
N LYS A 2025 24.78 23.30 -37.50
CA LYS A 2025 25.28 24.63 -37.85
C LYS A 2025 24.42 25.45 -38.79
N THR A 2026 23.24 25.84 -38.34
CA THR A 2026 22.35 26.65 -39.15
C THR A 2026 22.11 27.98 -38.45
N VAL A 2027 22.40 29.09 -39.12
CA VAL A 2027 22.14 30.40 -38.53
C VAL A 2027 20.73 30.84 -38.85
N LEU A 2028 20.23 30.43 -40.00
CA LEU A 2028 18.86 30.76 -40.35
C LEU A 2028 17.89 30.05 -39.45
N GLY A 2029 18.20 28.82 -39.07
CA GLY A 2029 17.34 28.09 -38.17
C GLY A 2029 17.34 28.70 -36.78
N LYS A 2030 18.49 29.16 -36.32
CA LYS A 2030 18.56 29.79 -35.02
C LYS A 2030 17.80 31.10 -35.03
N LEU A 2031 17.84 31.84 -36.13
CA LEU A 2031 17.08 33.08 -36.22
C LEU A 2031 15.61 32.79 -36.06
N ALA A 2032 15.10 31.82 -36.81
CA ALA A 2032 13.70 31.45 -36.70
C ALA A 2032 13.30 30.97 -35.33
N PHE A 2033 14.14 30.16 -34.69
CA PHE A 2033 13.84 29.68 -33.35
C PHE A 2033 13.78 30.85 -32.37
N GLN A 2034 14.68 31.81 -32.50
CA GLN A 2034 14.64 32.98 -31.64
C GLN A 2034 13.34 33.73 -31.84
N VAL A 2035 13.00 34.09 -33.08
CA VAL A 2035 11.79 34.85 -33.32
C VAL A 2035 10.60 34.17 -32.69
N ALA A 2036 10.41 32.89 -33.00
CA ALA A 2036 9.30 32.16 -32.43
C ALA A 2036 9.31 32.20 -30.92
N LEU A 2037 10.39 31.76 -30.31
CA LEU A 2037 10.42 31.68 -28.86
C LEU A 2037 10.22 33.02 -28.15
N VAL A 2038 10.78 34.10 -28.67
CA VAL A 2038 10.67 35.39 -28.01
C VAL A 2038 9.19 35.72 -27.95
N LEU A 2039 8.52 35.68 -29.08
CA LEU A 2039 7.10 36.02 -29.12
C LEU A 2039 6.30 35.10 -28.24
N ALA A 2040 6.52 33.80 -28.34
CA ALA A 2040 5.72 32.86 -27.59
C ALA A 2040 5.82 33.00 -26.08
N ILE A 2041 7.02 33.16 -25.56
CA ILE A 2041 7.18 33.25 -24.11
C ILE A 2041 6.62 34.57 -23.63
N HIS A 2042 6.83 35.63 -24.40
CA HIS A 2042 6.34 36.93 -24.00
C HIS A 2042 4.83 37.01 -24.04
N LEU A 2043 4.18 36.11 -24.74
CA LEU A 2043 2.72 36.09 -24.75
C LEU A 2043 2.22 35.13 -23.70
N TRP A 2044 2.73 33.91 -23.68
CA TRP A 2044 2.24 32.91 -22.74
C TRP A 2044 2.40 33.32 -21.30
N MET A 2045 3.53 33.89 -20.95
CA MET A 2045 3.77 34.21 -19.56
C MET A 2045 3.17 35.53 -19.15
N PHE A 2046 2.59 36.26 -20.09
CA PHE A 2046 2.08 37.58 -19.75
C PHE A 2046 0.62 37.76 -20.11
N PHE A 2047 -0.02 36.72 -20.60
CA PHE A 2047 -1.45 36.79 -20.91
C PHE A 2047 -2.10 35.52 -20.45
N ILE A 2048 -1.71 34.40 -21.02
CA ILE A 2048 -2.30 33.12 -20.67
C ILE A 2048 -2.05 32.70 -19.24
N LEU A 2049 -0.82 32.35 -18.92
CA LEU A 2049 -0.48 31.92 -17.56
C LEU A 2049 -1.04 32.80 -16.44
N PRO A 2050 -0.82 34.13 -16.48
CA PRO A 2050 -1.41 34.86 -15.36
C PRO A 2050 -2.85 35.24 -15.67
N ASN A 2060 4.91 36.77 -7.60
CA ASN A 2060 5.43 35.49 -8.01
C ASN A 2060 6.92 35.60 -8.26
N VAL A 2061 7.73 35.33 -7.25
CA VAL A 2061 9.17 35.42 -7.40
C VAL A 2061 9.72 34.35 -8.33
N VAL A 2062 9.13 33.17 -8.29
CA VAL A 2062 9.58 32.11 -9.17
C VAL A 2062 9.43 32.53 -10.63
N ALA A 2063 8.26 32.98 -11.03
CA ALA A 2063 8.10 33.32 -12.44
C ALA A 2063 8.84 34.57 -12.79
N GLN A 2064 9.16 35.40 -11.81
CA GLN A 2064 9.95 36.59 -12.09
C GLN A 2064 11.36 36.17 -12.42
N LEU A 2065 11.91 35.19 -11.71
CA LEU A 2065 13.23 34.69 -12.06
C LEU A 2065 13.13 33.99 -13.40
N TRP A 2066 12.39 32.90 -13.49
CA TRP A 2066 12.37 32.20 -14.74
C TRP A 2066 12.54 33.21 -15.83
N TYR A 2067 11.88 34.35 -15.73
CA TYR A 2067 11.96 35.31 -16.82
C TYR A 2067 13.35 35.91 -16.96
N PHE A 2068 13.95 36.35 -15.87
CA PHE A 2068 15.28 36.89 -15.96
C PHE A 2068 16.27 35.91 -16.57
N VAL A 2069 16.20 34.65 -16.17
CA VAL A 2069 17.14 33.67 -16.69
C VAL A 2069 16.86 33.35 -18.14
N LYS A 2070 15.61 33.39 -18.56
CA LYS A 2070 15.30 33.18 -19.98
C LYS A 2070 15.69 34.40 -20.79
N CYS A 2071 15.75 35.57 -20.18
CA CYS A 2071 16.20 36.74 -20.90
C CYS A 2071 17.68 36.64 -21.17
N ILE A 2072 18.44 36.07 -20.25
CA ILE A 2072 19.85 35.86 -20.50
C ILE A 2072 20.05 34.86 -21.63
N TYR A 2073 19.18 33.87 -21.75
CA TYR A 2073 19.28 32.93 -22.86
C TYR A 2073 19.05 33.63 -24.17
N PHE A 2074 18.07 34.53 -24.24
CA PHE A 2074 17.77 35.17 -25.52
C PHE A 2074 18.86 36.12 -25.91
N ALA A 2075 19.60 36.65 -24.95
CA ALA A 2075 20.70 37.53 -25.25
C ALA A 2075 21.88 36.78 -25.82
N LEU A 2076 22.24 35.67 -25.17
CA LEU A 2076 23.36 34.88 -25.62
C LEU A 2076 23.07 34.25 -26.97
N SER A 2077 21.83 33.88 -27.21
CA SER A 2077 21.47 33.32 -28.49
C SER A 2077 21.70 34.32 -29.57
N ALA A 2078 21.30 35.56 -29.35
CA ALA A 2078 21.45 36.61 -30.36
C ALA A 2078 22.89 36.90 -30.66
N TYR A 2079 23.77 36.74 -29.69
CA TYR A 2079 25.18 36.91 -29.95
C TYR A 2079 25.62 35.86 -30.97
N GLN A 2080 25.19 34.63 -30.82
CA GLN A 2080 25.54 33.57 -31.77
C GLN A 2080 24.97 33.79 -33.18
N ILE A 2081 23.74 34.28 -33.31
CA ILE A 2081 23.19 34.57 -34.64
C ILE A 2081 23.89 35.74 -35.31
N ARG A 2082 24.49 36.60 -34.51
CA ARG A 2082 25.20 37.74 -35.08
C ARG A 2082 26.64 37.43 -35.34
N CYS A 2083 27.22 36.48 -34.61
CA CYS A 2083 28.63 36.19 -34.76
C CYS A 2083 28.94 35.01 -35.65
N GLY A 2084 28.04 34.04 -35.73
CA GLY A 2084 28.25 32.90 -36.59
C GLY A 2084 28.90 31.74 -35.87
N TYR A 2085 28.69 30.52 -36.36
CA TYR A 2085 29.25 29.35 -35.72
C TYR A 2085 30.67 29.16 -36.20
N PRO A 2086 31.53 28.57 -35.37
CA PRO A 2086 32.93 28.35 -35.76
C PRO A 2086 33.12 27.18 -36.72
N THR A 2087 34.31 26.60 -36.76
CA THR A 2087 34.57 25.45 -37.63
C THR A 2087 34.54 24.15 -36.84
N ARG A 2088 35.21 24.14 -35.70
CA ARG A 2088 35.23 22.96 -34.87
C ARG A 2088 34.22 23.03 -33.75
N ILE A 2089 33.07 22.41 -33.94
CA ILE A 2089 32.05 22.41 -32.92
C ILE A 2089 31.97 21.09 -32.18
N LEU A 2090 32.72 20.09 -32.60
CA LEU A 2090 32.61 18.75 -31.99
C LEU A 2090 33.68 18.48 -30.94
N GLY A 2091 33.27 18.21 -29.71
CA GLY A 2091 34.20 17.91 -28.65
C GLY A 2091 33.70 18.38 -27.29
N ASN A 2092 33.73 17.52 -26.27
CA ASN A 2092 33.19 17.87 -24.97
C ASN A 2092 33.76 19.12 -24.35
N PHE A 2093 33.06 19.69 -23.40
CA PHE A 2093 33.48 20.92 -22.79
C PHE A 2093 34.40 20.62 -21.65
N LEU A 2094 34.13 19.54 -20.93
CA LEU A 2094 34.92 19.23 -19.76
C LEU A 2094 36.17 18.45 -20.06
N THR A 2095 36.30 17.91 -21.27
CA THR A 2095 37.44 17.09 -21.60
C THR A 2095 38.50 17.83 -22.37
N LYS A 2096 38.81 19.04 -21.96
CA LYS A 2096 39.79 19.83 -22.67
C LYS A 2096 41.01 19.99 -21.84
N LYS A 2097 40.83 20.04 -20.53
CA LYS A 2097 41.97 20.14 -19.65
C LYS A 2097 41.93 18.97 -18.73
N TYR A 2098 43.09 18.42 -18.39
CA TYR A 2098 43.13 17.23 -17.58
C TYR A 2098 43.54 17.52 -16.16
N ASN A 2099 42.67 18.16 -15.39
CA ASN A 2099 43.03 18.52 -14.04
C ASN A 2099 42.31 17.68 -13.02
N HIS A 2100 41.75 18.33 -12.00
CA HIS A 2100 41.03 17.62 -10.98
C HIS A 2100 39.62 18.11 -10.98
N LEU A 2101 39.43 19.39 -11.27
CA LEU A 2101 38.09 19.92 -11.37
C LEU A 2101 37.40 19.21 -12.50
N ASN A 2102 38.06 19.11 -13.63
CA ASN A 2102 37.45 18.48 -14.78
C ASN A 2102 37.02 17.06 -14.48
N LEU A 2103 37.84 16.30 -13.77
CA LEU A 2103 37.49 14.92 -13.47
C LEU A 2103 36.23 14.90 -12.67
N PHE A 2104 36.12 15.74 -11.66
CA PHE A 2104 34.96 15.66 -10.79
C PHE A 2104 33.69 16.15 -11.44
N LEU A 2105 33.80 17.08 -12.38
CA LEU A 2105 32.61 17.52 -13.08
C LEU A 2105 32.19 16.49 -14.11
N PHE A 2106 33.15 15.86 -14.78
CA PHE A 2106 32.83 14.82 -15.75
C PHE A 2106 32.10 13.72 -15.04
N GLN A 2107 32.66 13.23 -13.95
CA GLN A 2107 32.05 12.13 -13.26
C GLN A 2107 30.69 12.49 -12.73
N GLY A 2108 30.50 13.73 -12.30
CA GLY A 2108 29.20 14.16 -11.83
C GLY A 2108 28.15 14.21 -12.92
N PHE A 2109 28.53 14.65 -14.10
CA PHE A 2109 27.58 14.72 -15.22
C PHE A 2109 27.14 13.32 -15.60
N ARG A 2110 28.01 12.34 -15.43
CA ARG A 2110 27.64 10.97 -15.73
C ARG A 2110 26.61 10.44 -14.75
N LEU A 2111 26.59 10.96 -13.53
CA LEU A 2111 25.65 10.46 -12.51
C LEU A 2111 24.21 10.91 -12.67
N VAL A 2112 23.97 12.09 -13.23
CA VAL A 2112 22.61 12.54 -13.48
C VAL A 2112 21.92 11.54 -14.37
N PRO A 2113 20.78 11.00 -13.94
CA PRO A 2113 20.17 9.94 -14.73
C PRO A 2113 19.69 10.28 -16.12
N PHE A 2114 20.27 9.69 -17.15
CA PHE A 2114 19.80 9.90 -18.53
C PHE A 2114 20.57 10.87 -19.39
N LEU A 2115 21.36 11.74 -18.78
CA LEU A 2115 22.07 12.75 -19.56
C LEU A 2115 23.05 12.14 -20.53
N VAL A 2116 23.92 11.26 -20.05
CA VAL A 2116 24.90 10.63 -20.91
C VAL A 2116 24.27 9.95 -22.10
N GLU A 2117 23.15 9.28 -21.90
CA GLU A 2117 22.55 8.52 -22.98
C GLU A 2117 21.94 9.43 -24.00
N LEU A 2118 21.18 10.41 -23.55
CA LEU A 2118 20.51 11.30 -24.49
C LEU A 2118 21.48 12.09 -25.31
N ARG A 2119 22.59 12.49 -24.73
CA ARG A 2119 23.60 13.18 -25.50
C ARG A 2119 24.03 12.29 -26.64
N ALA A 2120 24.38 11.06 -26.35
CA ALA A 2120 24.90 10.18 -27.38
C ALA A 2120 23.96 9.97 -28.56
N VAL A 2121 22.70 9.65 -28.29
CA VAL A 2121 21.77 9.41 -29.36
C VAL A 2121 21.53 10.68 -30.14
N MET A 2122 21.38 11.81 -29.46
CA MET A 2122 21.12 13.06 -30.14
C MET A 2122 22.26 13.41 -31.07
N ASP A 2123 23.48 13.22 -30.63
CA ASP A 2123 24.59 13.58 -31.46
C ASP A 2123 24.66 12.65 -32.66
N TRP A 2124 24.14 11.45 -32.53
CA TRP A 2124 24.25 10.53 -33.63
C TRP A 2124 23.30 10.97 -34.70
N VAL A 2125 22.06 11.22 -34.33
CA VAL A 2125 21.06 11.57 -35.33
C VAL A 2125 21.49 12.75 -36.16
N TRP A 2126 22.05 13.79 -35.55
CA TRP A 2126 22.41 15.00 -36.29
C TRP A 2126 23.81 15.10 -36.90
N THR A 2127 24.81 14.39 -36.39
CA THR A 2127 26.13 14.41 -37.01
C THR A 2127 26.19 13.37 -38.12
N ASP A 2128 26.94 13.64 -39.17
CA ASP A 2128 27.03 12.72 -40.30
C ASP A 2128 28.07 11.66 -40.06
N THR A 2129 27.67 10.41 -39.94
CA THR A 2129 28.60 9.35 -39.63
C THR A 2129 28.32 8.14 -40.48
N THR A 2130 29.29 7.27 -40.63
CA THR A 2130 29.11 6.06 -41.40
C THR A 2130 28.79 4.91 -40.49
N LEU A 2131 28.95 5.09 -39.19
CA LEU A 2131 28.74 4.01 -38.24
C LEU A 2131 27.31 3.94 -37.75
N SER A 2132 26.92 2.84 -37.12
CA SER A 2132 25.56 2.67 -36.66
C SER A 2132 25.37 3.28 -35.30
N LEU A 2133 24.52 2.69 -34.47
CA LEU A 2133 24.40 3.22 -33.12
C LEU A 2133 25.19 2.37 -32.18
N SER A 2134 25.24 1.08 -32.44
CA SER A 2134 26.05 0.23 -31.60
C SER A 2134 27.48 0.69 -31.66
N SER A 2135 27.97 0.98 -32.85
CA SER A 2135 29.35 1.38 -33.00
C SER A 2135 29.62 2.80 -32.56
N TRP A 2136 28.65 3.67 -32.69
CA TRP A 2136 28.84 5.02 -32.21
C TRP A 2136 29.03 4.92 -30.75
N MET A 2137 28.18 4.20 -30.06
CA MET A 2137 28.25 4.17 -28.61
C MET A 2137 29.43 3.41 -28.05
N CYS A 2138 30.14 2.66 -28.87
CA CYS A 2138 31.32 2.00 -28.39
C CYS A 2138 32.51 2.91 -28.54
N VAL A 2139 32.47 3.86 -29.46
CA VAL A 2139 33.55 4.84 -29.58
C VAL A 2139 33.41 5.85 -28.47
N GLU A 2140 32.19 6.18 -28.10
CA GLU A 2140 32.00 7.13 -27.01
C GLU A 2140 32.34 6.56 -25.65
N ASP A 2141 32.27 5.25 -25.46
CA ASP A 2141 32.64 4.66 -24.19
C ASP A 2141 34.14 4.55 -24.05
N ILE A 2142 34.83 4.15 -25.11
CA ILE A 2142 36.26 4.11 -25.05
C ILE A 2142 36.78 5.48 -24.68
N TYR A 2143 36.22 6.55 -25.23
CA TYR A 2143 36.72 7.89 -24.94
C TYR A 2143 36.49 8.33 -23.53
N ALA A 2144 35.34 8.04 -22.96
CA ALA A 2144 35.09 8.39 -21.60
C ALA A 2144 36.07 7.75 -20.65
N ASN A 2145 36.37 6.48 -20.84
CA ASN A 2145 37.26 5.79 -19.92
C ASN A 2145 38.72 6.12 -20.14
N ILE A 2146 39.12 6.45 -21.35
CA ILE A 2146 40.49 6.85 -21.60
C ILE A 2146 40.70 8.24 -21.01
N PHE A 2147 39.67 9.06 -20.96
CA PHE A 2147 39.80 10.36 -20.33
C PHE A 2147 40.04 10.18 -18.86
N ILE A 2148 39.23 9.39 -18.19
CA ILE A 2148 39.36 9.25 -16.74
C ILE A 2148 40.73 8.70 -16.35
N ILE A 2149 41.27 7.77 -17.11
CA ILE A 2149 42.60 7.27 -16.81
C ILE A 2149 43.60 8.40 -17.04
N LYS A 2150 43.42 9.21 -18.07
CA LYS A 2150 44.40 10.27 -18.35
C LYS A 2150 44.43 11.26 -17.23
N CYS A 2151 43.28 11.65 -16.71
CA CYS A 2151 43.25 12.57 -15.59
C CYS A 2151 44.00 12.04 -14.38
N SER A 2152 43.80 10.78 -14.03
CA SER A 2152 44.48 10.19 -12.90
C SER A 2152 45.97 10.04 -13.11
N ARG A 2153 46.40 9.81 -14.33
CA ARG A 2153 47.82 9.69 -14.60
C ARG A 2153 48.47 11.04 -14.41
N GLU A 2154 47.79 12.10 -14.81
CA GLU A 2154 48.34 13.43 -14.60
C GLU A 2154 48.49 13.76 -13.11
N THR A 2155 47.45 13.57 -12.31
CA THR A 2155 47.56 13.94 -10.92
C THR A 2155 48.72 13.24 -10.26
N GLU A 2156 49.05 12.05 -10.69
CA GLU A 2156 50.11 11.30 -10.03
C GLU A 2156 51.46 11.62 -10.58
N LYS A 2157 51.56 12.62 -11.42
CA LYS A 2157 52.85 13.05 -11.92
C LYS A 2157 53.11 14.40 -11.29
N LYS A 2158 52.04 15.12 -11.00
CA LYS A 2158 52.18 16.41 -10.37
C LYS A 2158 52.43 16.25 -8.90
N TYR A 2159 51.80 15.26 -8.30
CA TYR A 2159 51.96 15.03 -6.87
C TYR A 2159 52.44 13.62 -6.62
N PRO A 2160 53.73 13.35 -6.83
CA PRO A 2160 54.19 11.96 -6.70
C PRO A 2160 54.22 11.45 -5.28
N GLN A 2161 54.30 10.14 -5.11
CA GLN A 2161 54.39 9.55 -3.78
C GLN A 2161 55.61 8.66 -3.74
N PRO A 2162 56.41 8.74 -2.67
CA PRO A 2162 57.64 7.96 -2.59
C PRO A 2162 57.43 6.45 -2.64
N LYS A 2163 58.43 5.70 -3.09
CA LYS A 2163 58.27 4.26 -3.21
C LYS A 2163 58.38 3.57 -1.88
N GLY A 2164 57.30 2.91 -1.46
CA GLY A 2164 57.30 2.18 -0.21
C GLY A 2164 56.83 3.02 0.93
N GLN A 2165 55.89 3.91 0.67
CA GLN A 2165 55.41 4.80 1.70
C GLN A 2165 53.98 4.45 2.00
N LYS A 2166 53.70 4.14 3.26
CA LYS A 2166 52.35 3.76 3.65
C LYS A 2166 51.34 4.85 3.41
N LYS A 2167 50.14 4.46 3.02
CA LYS A 2167 49.09 5.43 2.82
C LYS A 2167 48.80 6.06 4.17
N LYS A 2168 48.69 7.38 4.22
CA LYS A 2168 48.50 8.07 5.50
C LYS A 2168 47.24 7.68 6.21
N LYS A 2169 47.30 7.57 7.54
CA LYS A 2169 46.14 7.15 8.32
C LYS A 2169 44.89 7.99 8.13
N ILE A 2170 45.03 9.29 7.94
CA ILE A 2170 43.88 10.15 7.75
C ILE A 2170 43.06 9.72 6.54
N VAL A 2171 43.71 9.53 5.40
CA VAL A 2171 43.00 9.11 4.18
C VAL A 2171 42.24 7.84 4.44
N LYS A 2172 42.91 6.87 5.05
CA LYS A 2172 42.28 5.60 5.33
C LYS A 2172 41.07 5.78 6.20
N TYR A 2173 41.23 6.43 7.34
CA TYR A 2173 40.12 6.56 8.28
C TYR A 2173 38.96 7.35 7.74
N GLY A 2174 39.24 8.25 6.81
CA GLY A 2174 38.18 9.02 6.21
C GLY A 2174 37.36 8.19 5.25
N MET A 2175 38.00 7.67 4.22
CA MET A 2175 37.29 6.88 3.22
C MET A 2175 36.63 5.68 3.86
N GLY A 2176 37.42 4.87 4.52
CA GLY A 2176 36.88 3.69 5.18
C GLY A 2176 35.77 4.03 6.12
N GLY A 2177 35.98 5.03 6.97
CA GLY A 2177 34.97 5.41 7.92
C GLY A 2177 33.61 5.64 7.31
N LEU A 2178 33.56 6.43 6.26
CA LEU A 2178 32.30 6.72 5.61
C LEU A 2178 31.62 5.46 5.14
N ILE A 2179 32.35 4.58 4.48
CA ILE A 2179 31.77 3.37 3.95
C ILE A 2179 31.15 2.55 5.06
N ILE A 2180 31.90 2.32 6.13
CA ILE A 2180 31.38 1.54 7.24
C ILE A 2180 30.10 2.17 7.76
N LEU A 2181 30.11 3.48 7.97
CA LEU A 2181 28.92 4.16 8.46
C LEU A 2181 27.71 3.96 7.55
N PHE A 2182 27.91 4.06 6.24
CA PHE A 2182 26.81 3.86 5.31
C PHE A 2182 26.16 2.51 5.50
N LEU A 2183 26.98 1.48 5.72
CA LEU A 2183 26.44 0.14 5.89
C LEU A 2183 25.60 0.01 7.13
N ILE A 2184 26.03 0.61 8.23
CA ILE A 2184 25.22 0.58 9.44
C ILE A 2184 23.92 1.34 9.21
N ALA A 2185 23.98 2.43 8.47
CA ALA A 2185 22.78 3.22 8.22
C ALA A 2185 21.90 2.64 7.15
N ILE A 2186 22.26 1.49 6.60
CA ILE A 2186 21.39 0.84 5.63
C ILE A 2186 20.81 -0.40 6.28
N ILE A 2187 21.19 -0.63 7.53
CA ILE A 2187 20.64 -1.76 8.26
C ILE A 2187 19.87 -1.28 9.48
N TRP A 2188 20.55 -0.63 10.42
CA TRP A 2188 19.91 -0.21 11.66
C TRP A 2188 18.99 0.98 11.51
N PHE A 2189 19.45 2.04 10.86
CA PHE A 2189 18.62 3.26 10.78
C PHE A 2189 17.20 3.10 10.25
N PRO A 2190 17.00 2.34 9.15
CA PRO A 2190 15.59 2.14 8.76
C PRO A 2190 14.73 1.63 9.91
N LEU A 2191 15.17 0.57 10.57
CA LEU A 2191 14.42 0.04 11.71
C LEU A 2191 14.19 1.11 12.75
N LEU A 2192 15.22 1.85 13.11
CA LEU A 2192 15.09 2.90 14.11
C LEU A 2192 13.97 3.88 13.77
N PHE A 2193 13.94 4.35 12.53
CA PHE A 2193 12.93 5.34 12.14
C PHE A 2193 11.52 4.78 12.23
N MET A 2194 11.33 3.53 11.84
CA MET A 2194 10.02 2.91 11.94
C MET A 2194 9.59 2.83 13.40
N SER A 2195 10.53 2.48 14.28
CA SER A 2195 10.23 2.39 15.71
C SER A 2195 10.00 3.76 16.32
N LEU A 2196 10.57 4.80 15.74
CA LEU A 2196 10.34 6.14 16.24
C LEU A 2196 8.90 6.52 15.95
N VAL A 2197 8.41 6.14 14.77
CA VAL A 2197 7.03 6.44 14.40
C VAL A 2197 6.10 5.82 15.44
N ARG A 2198 6.46 4.64 15.94
CA ARG A 2198 5.60 3.94 16.89
C ARG A 2198 5.49 4.57 18.27
N SER A 2199 6.28 5.59 18.55
CA SER A 2199 6.20 6.29 19.83
C SER A 2199 5.15 7.39 19.78
N VAL A 2200 3.89 7.02 19.91
CA VAL A 2200 2.80 8.01 19.88
C VAL A 2200 1.86 7.83 21.06
N VAL A 2201 0.70 8.50 21.03
CA VAL A 2201 -0.24 8.42 22.14
C VAL A 2201 -1.65 8.01 21.74
N GLY A 2202 -2.52 7.82 22.74
CA GLY A 2202 -3.93 7.54 22.53
C GLY A 2202 -4.79 8.65 23.10
N VAL A 2203 -6.03 8.78 22.64
CA VAL A 2203 -6.87 9.89 23.08
C VAL A 2203 -8.01 9.45 24.00
N VAL A 2204 -8.22 10.19 25.09
CA VAL A 2204 -9.31 9.88 26.02
C VAL A 2204 -10.65 10.25 25.37
N ASN A 2205 -11.34 9.27 24.78
CA ASN A 2205 -12.68 9.48 24.23
C ASN A 2205 -13.75 9.15 25.29
N GLN A 2206 -13.96 10.11 26.19
CA GLN A 2206 -15.05 10.09 27.16
C GLN A 2206 -16.41 10.15 26.42
N PRO A 2207 -17.44 9.42 26.86
CA PRO A 2207 -18.77 9.56 26.30
C PRO A 2207 -19.29 11.00 26.44
N ILE A 2208 -20.00 11.47 25.42
CA ILE A 2208 -20.75 12.73 25.40
C ILE A 2208 -22.11 12.55 26.05
N ASP A 2209 -22.76 11.41 25.76
CA ASP A 2209 -24.06 11.03 26.29
C ASP A 2209 -24.01 9.56 26.75
N VAL A 2210 -24.58 9.30 27.92
CA VAL A 2210 -24.78 7.98 28.50
C VAL A 2210 -26.29 7.76 28.60
N THR A 2211 -26.84 7.13 27.56
CA THR A 2211 -28.28 6.84 27.48
C THR A 2211 -28.59 5.48 28.09
N VAL A 2212 -29.49 5.47 29.06
CA VAL A 2212 -29.87 4.28 29.84
C VAL A 2212 -31.38 4.09 29.77
N THR A 2213 -31.81 2.86 29.48
CA THR A 2213 -33.24 2.51 29.43
C THR A 2213 -33.54 1.25 30.23
N LEU A 2214 -34.65 1.26 30.96
CA LEU A 2214 -35.20 0.08 31.61
C LEU A 2214 -36.51 -0.31 30.94
N LYS A 2215 -36.53 -1.43 30.23
CA LYS A 2215 -37.67 -1.91 29.44
C LYS A 2215 -38.20 -3.21 30.02
N LEU A 2216 -39.50 -3.26 30.33
CA LEU A 2216 -40.17 -4.51 30.69
C LEU A 2216 -40.76 -5.17 29.45
N GLY A 2217 -40.20 -6.31 29.04
CA GLY A 2217 -40.64 -7.14 27.93
C GLY A 2217 -40.77 -6.36 26.61
N GLY A 2218 -41.92 -6.54 25.95
CA GLY A 2218 -42.25 -5.83 24.71
C GLY A 2218 -42.59 -4.35 24.90
N TYR A 2219 -43.03 -3.94 26.10
CA TYR A 2219 -43.68 -2.66 26.41
C TYR A 2219 -42.77 -1.44 26.30
N GLU A 2220 -43.36 -0.24 26.24
CA GLU A 2220 -42.58 1.01 26.25
C GLU A 2220 -41.64 1.05 27.48
N PRO A 2221 -40.39 1.56 27.34
CA PRO A 2221 -39.47 1.62 28.47
C PRO A 2221 -40.10 2.34 29.66
N LEU A 2222 -39.95 1.75 30.84
CA LEU A 2222 -40.44 2.30 32.10
C LEU A 2222 -39.66 3.58 32.44
N PHE A 2223 -38.35 3.51 32.25
CA PHE A 2223 -37.40 4.59 32.52
C PHE A 2223 -36.49 4.80 31.31
N THR A 2224 -36.29 6.06 30.94
CA THR A 2224 -35.26 6.50 29.99
C THR A 2224 -34.57 7.74 30.53
N MET A 2225 -33.24 7.75 30.57
CA MET A 2225 -32.44 8.93 30.95
C MET A 2225 -31.19 9.01 30.08
N SER A 2226 -30.79 10.23 29.73
CA SER A 2226 -29.60 10.59 28.94
C SER A 2226 -28.70 11.46 29.81
N ALA A 2227 -27.71 10.84 30.46
CA ALA A 2227 -26.75 11.58 31.27
C ALA A 2227 -25.70 12.19 30.33
N GLN A 2228 -25.85 13.48 30.05
CA GLN A 2228 -24.94 14.15 29.13
C GLN A 2228 -23.71 14.68 29.83
N GLN A 2229 -22.83 15.35 29.09
CA GLN A 2229 -21.57 15.86 29.64
C GLN A 2229 -21.54 16.43 31.07
N PRO A 2230 -22.52 17.27 31.48
CA PRO A 2230 -22.47 17.70 32.88
C PRO A 2230 -22.55 16.51 33.86
N SER A 2231 -23.59 15.70 33.74
CA SER A 2231 -23.77 14.55 34.63
C SER A 2231 -22.59 13.60 34.49
N ILE A 2232 -21.97 13.58 33.32
CA ILE A 2232 -20.78 12.73 33.11
C ILE A 2232 -19.57 13.40 33.77
N ILE A 2233 -19.13 12.86 34.90
CA ILE A 2233 -18.05 13.41 35.74
C ILE A 2233 -16.82 12.50 35.65
N PRO A 2234 -15.66 12.96 35.14
CA PRO A 2234 -14.43 12.16 35.16
C PRO A 2234 -13.93 11.94 36.60
N PHE A 2235 -13.28 10.80 36.85
CA PHE A 2235 -12.75 10.48 38.17
C PHE A 2235 -11.69 11.49 38.60
N THR A 2236 -11.87 12.08 39.79
CA THR A 2236 -10.79 12.79 40.46
C THR A 2236 -9.73 11.79 40.93
N ALA A 2237 -8.50 12.26 41.20
CA ALA A 2237 -7.48 11.42 41.83
C ALA A 2237 -7.96 10.82 43.17
N GLN A 2238 -8.80 11.55 43.91
CA GLN A 2238 -9.44 11.06 45.14
C GLN A 2238 -10.44 9.94 44.86
N ALA A 2239 -11.33 10.09 43.87
CA ALA A 2239 -12.26 9.02 43.47
C ALA A 2239 -11.52 7.77 42.94
N TYR A 2240 -10.37 7.96 42.29
CA TYR A 2240 -9.52 6.85 41.84
C TYR A 2240 -8.83 6.14 43.02
N GLU A 2241 -8.32 6.89 44.01
CA GLU A 2241 -7.82 6.33 45.27
C GLU A 2241 -8.93 5.61 46.07
N GLU A 2242 -10.15 6.14 46.09
CA GLU A 2242 -11.29 5.55 46.77
C GLU A 2242 -11.74 4.24 46.11
N LEU A 2243 -11.80 4.20 44.77
CA LEU A 2243 -12.05 2.98 44.01
C LEU A 2243 -10.93 1.95 44.22
N SER A 2244 -9.68 2.40 44.24
CA SER A 2244 -8.52 1.55 44.53
C SER A 2244 -8.62 0.96 45.95
N ARG A 2245 -8.93 1.78 46.96
CA ARG A 2245 -9.17 1.31 48.35
C ARG A 2245 -10.38 0.39 48.48
N GLN A 2246 -11.42 0.56 47.66
CA GLN A 2246 -12.58 -0.33 47.63
C GLN A 2246 -12.20 -1.73 47.10
N PHE A 2247 -11.27 -1.82 46.16
CA PHE A 2247 -10.92 -3.06 45.46
C PHE A 2247 -9.55 -3.65 45.80
N ASP A 2248 -8.78 -3.01 46.68
CA ASP A 2248 -7.52 -3.50 47.26
C ASP A 2248 -7.56 -4.99 47.69
N PRO A 2249 -8.67 -5.55 48.22
CA PRO A 2249 -8.80 -6.98 48.52
C PRO A 2249 -8.88 -7.92 47.30
N GLN A 2250 -9.30 -7.43 46.13
CA GLN A 2250 -9.40 -8.21 44.89
C GLN A 2250 -8.20 -7.90 43.96
N PRO A 2251 -7.17 -8.76 43.89
CA PRO A 2251 -6.00 -8.49 43.05
C PRO A 2251 -6.33 -8.40 41.55
N LEU A 2252 -7.36 -9.12 41.08
CA LEU A 2252 -7.86 -9.02 39.69
C LEU A 2252 -8.55 -7.69 39.41
N ALA A 2253 -9.26 -7.13 40.41
CA ALA A 2253 -9.87 -5.81 40.30
C ALA A 2253 -8.81 -4.71 40.27
N MET A 2254 -7.80 -4.77 41.14
CA MET A 2254 -6.68 -3.83 41.13
C MET A 2254 -5.87 -3.91 39.84
N GLN A 2255 -5.62 -5.12 39.31
CA GLN A 2255 -5.00 -5.29 37.99
C GLN A 2255 -5.84 -4.64 36.88
N PHE A 2256 -7.17 -4.68 36.95
CA PHE A 2256 -8.03 -4.00 35.98
C PHE A 2256 -8.02 -2.47 36.16
N ILE A 2257 -8.24 -1.97 37.39
CA ILE A 2257 -8.25 -0.52 37.69
C ILE A 2257 -6.94 0.13 37.24
N SER A 2258 -5.80 -0.52 37.51
CA SER A 2258 -4.46 -0.01 37.13
C SER A 2258 -4.20 0.11 35.62
N GLN A 2259 -5.08 -0.42 34.76
CA GLN A 2259 -5.01 -0.25 33.30
C GLN A 2259 -5.61 1.08 32.81
N TYR A 2260 -6.39 1.76 33.66
CA TYR A 2260 -7.11 2.99 33.33
C TYR A 2260 -6.59 4.17 34.15
N SER A 2261 -6.54 5.35 33.53
CA SER A 2261 -6.22 6.63 34.18
C SER A 2261 -7.49 7.22 34.83
N PRO A 2262 -7.38 8.15 35.80
CA PRO A 2262 -8.56 8.85 36.34
C PRO A 2262 -9.40 9.58 35.26
N GLU A 2263 -8.79 10.00 34.15
CA GLU A 2263 -9.49 10.63 33.02
C GLU A 2263 -10.28 9.63 32.15
N ASP A 2264 -9.87 8.35 32.14
CA ASP A 2264 -10.50 7.28 31.36
C ASP A 2264 -11.74 6.72 32.05
N ILE A 2265 -11.78 6.83 33.38
CA ILE A 2265 -12.91 6.40 34.19
C ILE A 2265 -13.84 7.60 34.40
N VAL A 2266 -15.10 7.49 33.96
CA VAL A 2266 -16.13 8.52 34.19
C VAL A 2266 -17.27 7.95 35.02
N THR A 2267 -17.79 8.73 35.95
CA THR A 2267 -19.07 8.47 36.61
C THR A 2267 -20.16 9.17 35.82
N ALA A 2268 -21.03 8.42 35.15
CA ALA A 2268 -22.30 8.96 34.70
C ALA A 2268 -23.27 8.99 35.88
N GLN A 2269 -23.58 10.20 36.36
CA GLN A 2269 -24.63 10.43 37.35
C GLN A 2269 -25.98 10.42 36.63
N ILE A 2270 -26.55 9.23 36.46
CA ILE A 2270 -27.84 9.04 35.82
C ILE A 2270 -28.93 9.46 36.81
N GLU A 2271 -29.71 10.49 36.47
CA GLU A 2271 -30.86 10.89 37.30
C GLU A 2271 -31.91 9.75 37.37
N GLY A 2272 -32.35 9.44 38.60
CA GLY A 2272 -33.25 8.33 38.89
C GLY A 2272 -34.71 8.57 38.52
N SER A 2273 -35.12 9.81 38.23
CA SER A 2273 -36.44 10.08 37.63
C SER A 2273 -36.35 9.92 36.12
N SER A 2274 -37.28 9.19 35.50
CA SER A 2274 -37.32 9.06 34.04
C SER A 2274 -37.44 10.43 33.36
N GLY A 2275 -36.53 10.76 32.44
CA GLY A 2275 -36.53 11.99 31.66
C GLY A 2275 -37.67 12.07 30.64
N ALA A 2276 -38.42 10.98 30.45
CA ALA A 2276 -39.65 10.94 29.69
C ALA A 2276 -40.82 10.43 30.54
N LEU A 2277 -42.00 11.04 30.34
CA LEU A 2277 -43.29 10.49 30.76
C LEU A 2277 -43.50 9.11 30.11
N TRP A 2278 -44.08 8.19 30.87
CA TRP A 2278 -44.37 6.83 30.42
C TRP A 2278 -45.63 6.85 29.53
N ARG A 2279 -45.41 6.98 28.22
CA ARG A 2279 -46.52 7.11 27.26
C ARG A 2279 -47.22 5.82 26.86
N ILE A 2280 -47.31 4.88 27.77
CA ILE A 2280 -47.86 3.56 27.48
C ILE A 2280 -49.37 3.64 27.19
N SER A 2281 -49.80 3.01 26.09
CA SER A 2281 -51.22 2.99 25.77
C SER A 2281 -52.02 2.29 26.89
N PRO A 2282 -53.24 2.77 27.25
CA PRO A 2282 -54.08 2.10 28.23
C PRO A 2282 -54.28 0.59 27.98
N PRO A 2283 -54.49 0.07 26.75
CA PRO A 2283 -54.52 -1.38 26.53
C PRO A 2283 -53.16 -2.05 26.72
N SER A 2284 -52.03 -1.43 26.34
CA SER A 2284 -50.69 -1.95 26.63
C SER A 2284 -50.43 -2.04 28.13
N ARG A 2285 -50.83 -1.03 28.91
CA ARG A 2285 -50.72 -1.04 30.38
C ARG A 2285 -51.61 -2.11 31.01
N ALA A 2286 -52.84 -2.27 30.52
CA ALA A 2286 -53.72 -3.34 30.95
C ALA A 2286 -53.16 -4.74 30.61
N GLN A 2287 -52.52 -4.89 29.45
CA GLN A 2287 -51.85 -6.13 29.05
C GLN A 2287 -50.62 -6.41 29.92
N MET A 2288 -49.76 -5.42 30.16
CA MET A 2288 -48.62 -5.51 31.07
C MET A 2288 -49.06 -5.88 32.49
N LYS A 2289 -50.14 -5.28 33.01
CA LYS A 2289 -50.71 -5.65 34.30
C LYS A 2289 -51.20 -7.10 34.32
N ARG A 2290 -51.90 -7.56 33.27
CA ARG A 2290 -52.31 -8.97 33.12
C ARG A 2290 -51.11 -9.92 33.02
N GLU A 2291 -50.06 -9.55 32.31
CA GLU A 2291 -48.87 -10.37 32.12
C GLU A 2291 -48.04 -10.46 33.41
N LEU A 2292 -47.94 -9.38 34.18
CA LEU A 2292 -47.31 -9.40 35.50
C LEU A 2292 -48.07 -10.28 36.51
N TYR A 2293 -49.40 -10.14 36.63
CA TYR A 2293 -50.20 -10.94 37.56
C TYR A 2293 -50.45 -12.39 37.11
N ASN A 2294 -50.84 -12.59 35.85
CA ASN A 2294 -51.39 -13.86 35.33
C ASN A 2294 -50.51 -14.51 34.24
N GLY A 2295 -49.43 -13.86 33.80
CA GLY A 2295 -48.55 -14.40 32.76
C GLY A 2295 -47.74 -15.59 33.27
N THR A 2296 -47.82 -16.71 32.55
CA THR A 2296 -47.07 -17.94 32.86
C THR A 2296 -45.65 -17.93 32.28
N ALA A 2297 -45.40 -17.16 31.23
CA ALA A 2297 -44.06 -16.94 30.67
C ALA A 2297 -43.25 -15.94 31.48
N ASP A 2298 -41.93 -16.09 31.51
CA ASP A 2298 -41.01 -15.12 32.11
C ASP A 2298 -41.08 -13.78 31.39
N ILE A 2299 -41.27 -12.69 32.13
CA ILE A 2299 -41.28 -11.34 31.57
C ILE A 2299 -39.88 -10.72 31.72
N THR A 2300 -39.22 -10.46 30.59
CA THR A 2300 -37.82 -10.04 30.55
C THR A 2300 -37.66 -8.57 30.89
N LEU A 2301 -37.07 -8.27 32.04
CA LEU A 2301 -36.67 -6.92 32.40
C LEU A 2301 -35.29 -6.63 31.80
N ARG A 2302 -35.26 -5.79 30.77
CA ARG A 2302 -34.05 -5.43 30.02
C ARG A 2302 -33.55 -4.05 30.45
N PHE A 2303 -32.37 -4.01 31.06
CA PHE A 2303 -31.63 -2.78 31.33
C PHE A 2303 -30.60 -2.58 30.23
N THR A 2304 -30.65 -1.49 29.48
CA THR A 2304 -29.71 -1.19 28.39
C THR A 2304 -28.94 0.09 28.67
N TRP A 2305 -27.67 0.12 28.30
CA TRP A 2305 -26.86 1.32 28.30
C TRP A 2305 -26.22 1.51 26.92
N ASN A 2306 -26.11 2.75 26.48
CA ASN A 2306 -25.55 3.13 25.19
C ASN A 2306 -24.77 4.44 25.34
N PHE A 2307 -23.49 4.38 25.01
CA PHE A 2307 -22.53 5.44 25.18
C PHE A 2307 -22.21 6.07 23.82
N GLN A 2308 -22.61 7.34 23.62
CA GLN A 2308 -22.23 8.11 22.45
C GLN A 2308 -20.84 8.74 22.69
N ARG A 2309 -19.92 8.59 21.74
CA ARG A 2309 -18.55 9.14 21.78
C ARG A 2309 -18.32 10.19 20.72
N ASP A 2310 -17.30 11.01 20.93
CA ASP A 2310 -16.90 12.06 20.01
C ASP A 2310 -16.03 11.48 18.88
N LEU A 2311 -16.57 11.32 17.67
CA LEU A 2311 -15.79 10.88 16.51
C LEU A 2311 -14.65 11.85 16.16
N ALA A 2312 -14.74 13.14 16.52
CA ALA A 2312 -13.67 14.11 16.30
C ALA A 2312 -12.47 13.90 17.26
N LYS A 2313 -12.65 13.17 18.36
CA LYS A 2313 -11.54 12.69 19.22
C LYS A 2313 -10.92 11.38 18.73
N GLY A 2314 -11.51 10.73 17.73
CA GLY A 2314 -11.02 9.50 17.11
C GLY A 2314 -11.76 8.23 17.53
N GLY A 2315 -11.38 7.12 16.91
CA GLY A 2315 -12.15 5.87 16.93
C GLY A 2315 -13.11 5.78 15.73
N THR A 2316 -13.58 4.57 15.43
CA THR A 2316 -14.46 4.28 14.27
C THR A 2316 -15.91 3.99 14.66
N VAL A 2317 -16.22 4.02 15.96
CA VAL A 2317 -17.51 3.60 16.52
C VAL A 2317 -18.04 4.71 17.42
N GLU A 2318 -19.08 5.40 16.97
CA GLU A 2318 -19.75 6.48 17.72
C GLU A 2318 -20.53 5.92 18.93
N TYR A 2319 -21.16 4.76 18.79
CA TYR A 2319 -22.04 4.18 19.81
C TYR A 2319 -21.51 2.84 20.32
N ALA A 2320 -21.19 2.76 21.61
CA ALA A 2320 -20.93 1.50 22.30
C ALA A 2320 -22.11 1.17 23.23
N ASN A 2321 -22.77 0.03 23.04
CA ASN A 2321 -23.96 -0.36 23.78
C ASN A 2321 -23.93 -1.83 24.23
N GLU A 2322 -24.70 -2.15 25.27
CA GLU A 2322 -24.98 -3.52 25.68
C GLU A 2322 -26.28 -3.58 26.51
N LYS A 2323 -26.75 -4.80 26.83
CA LYS A 2323 -27.98 -5.06 27.59
C LYS A 2323 -27.80 -6.13 28.67
N HIS A 2324 -28.31 -5.86 29.86
CA HIS A 2324 -28.63 -6.89 30.85
C HIS A 2324 -30.10 -7.30 30.73
N MET A 2325 -30.43 -8.56 31.04
CA MET A 2325 -31.78 -9.12 30.90
C MET A 2325 -32.10 -10.08 32.05
N LEU A 2326 -32.89 -9.60 33.02
CA LEU A 2326 -33.42 -10.46 34.09
C LEU A 2326 -34.77 -11.07 33.71
N ALA A 2327 -34.89 -12.39 33.85
CA ALA A 2327 -36.15 -13.10 33.72
C ALA A 2327 -36.98 -12.97 35.03
N LEU A 2328 -38.02 -12.14 35.03
CA LEU A 2328 -38.91 -12.03 36.18
C LEU A 2328 -39.88 -13.23 36.19
N ALA A 2329 -39.46 -14.29 36.89
CA ALA A 2329 -40.19 -15.55 36.97
C ALA A 2329 -41.67 -15.38 37.36
N PRO A 2330 -42.60 -16.19 36.81
CA PRO A 2330 -44.00 -16.17 37.21
C PRO A 2330 -44.14 -16.38 38.72
N ASN A 2331 -45.09 -15.68 39.35
CA ASN A 2331 -45.30 -15.66 40.80
C ASN A 2331 -44.13 -15.14 41.68
N SER A 2332 -43.01 -14.66 41.12
CA SER A 2332 -41.94 -14.05 41.92
C SER A 2332 -42.40 -12.79 42.66
N THR A 2333 -41.76 -12.49 43.80
CA THR A 2333 -42.06 -11.31 44.64
C THR A 2333 -41.93 -10.01 43.86
N ALA A 2334 -40.81 -9.84 43.14
CA ALA A 2334 -40.58 -8.68 42.28
C ALA A 2334 -41.66 -8.53 41.20
N ARG A 2335 -42.05 -9.62 40.53
CA ARG A 2335 -43.11 -9.57 39.50
C ARG A 2335 -44.45 -9.13 40.08
N ARG A 2336 -44.84 -9.65 41.26
CA ARG A 2336 -46.09 -9.25 41.95
C ARG A 2336 -46.03 -7.81 42.48
N GLN A 2337 -44.91 -7.36 43.03
CA GLN A 2337 -44.74 -5.98 43.52
C GLN A 2337 -44.73 -4.96 42.38
N LEU A 2338 -44.14 -5.28 41.23
CA LEU A 2338 -44.22 -4.44 40.03
C LEU A 2338 -45.65 -4.46 39.44
N ALA A 2339 -46.41 -5.54 39.64
CA ALA A 2339 -47.84 -5.60 39.33
C ALA A 2339 -48.72 -4.71 40.24
N SER A 2340 -48.43 -4.65 41.55
CA SER A 2340 -49.16 -3.80 42.50
C SER A 2340 -48.84 -2.31 42.33
N LEU A 2341 -47.60 -1.95 41.95
CA LEU A 2341 -47.26 -0.58 41.54
C LEU A 2341 -48.18 -0.05 40.43
N LEU A 2342 -48.56 -0.88 39.45
CA LEU A 2342 -49.48 -0.48 38.37
C LEU A 2342 -50.91 -0.18 38.85
N GLU A 2343 -51.30 -0.63 40.04
CA GLU A 2343 -52.60 -0.31 40.64
C GLU A 2343 -52.64 1.09 41.24
N GLY A 2344 -51.48 1.66 41.60
CA GLY A 2344 -51.37 2.99 42.19
C GLY A 2344 -52.04 3.12 43.56
N THR A 2345 -52.22 2.00 44.26
CA THR A 2345 -52.78 1.89 45.62
C THR A 2345 -51.72 1.74 46.71
N SER A 2346 -50.44 1.62 46.33
CA SER A 2346 -49.32 1.35 47.23
C SER A 2346 -48.16 2.33 47.05
N ASP A 2347 -47.75 2.99 48.13
CA ASP A 2347 -46.48 3.72 48.22
C ASP A 2347 -45.24 2.78 48.28
N GLN A 2348 -45.44 1.48 48.02
CA GLN A 2348 -44.42 0.44 48.12
C GLN A 2348 -43.57 0.40 46.85
N SER A 2349 -42.27 0.58 47.00
CA SER A 2349 -41.30 0.31 45.94
C SER A 2349 -41.05 -1.19 45.75
N VAL A 2350 -40.92 -1.65 44.50
CA VAL A 2350 -40.37 -2.99 44.22
C VAL A 2350 -38.84 -2.93 44.22
N VAL A 2351 -38.18 -3.89 44.88
CA VAL A 2351 -36.73 -4.06 44.77
C VAL A 2351 -36.45 -5.21 43.82
N ILE A 2352 -35.70 -4.94 42.75
CA ILE A 2352 -35.25 -5.93 41.79
C ILE A 2352 -33.74 -6.11 42.00
N PRO A 2353 -33.29 -7.23 42.58
CA PRO A 2353 -31.87 -7.50 42.79
C PRO A 2353 -31.15 -7.66 41.44
N ASN A 2354 -29.82 -7.57 41.44
CA ASN A 2354 -28.97 -8.02 40.34
C ASN A 2354 -29.18 -7.31 38.98
N LEU A 2355 -29.66 -6.04 38.98
CA LEU A 2355 -30.11 -5.35 37.76
C LEU A 2355 -29.12 -4.29 37.24
N PHE A 2356 -28.42 -3.57 38.12
CA PHE A 2356 -27.57 -2.42 37.75
C PHE A 2356 -26.08 -2.79 37.83
N PRO A 2357 -25.39 -3.09 36.71
CA PRO A 2357 -23.93 -3.19 36.71
C PRO A 2357 -23.32 -1.80 36.99
N LYS A 2358 -22.71 -1.63 38.18
CA LYS A 2358 -22.06 -0.37 38.55
C LYS A 2358 -20.80 -0.11 37.71
N TYR A 2359 -20.10 -1.14 37.26
CA TYR A 2359 -18.79 -1.02 36.63
C TYR A 2359 -18.84 -1.58 35.20
N ILE A 2360 -18.72 -0.70 34.20
CA ILE A 2360 -18.90 -1.05 32.78
C ILE A 2360 -17.69 -0.61 31.97
N ARG A 2361 -17.16 -1.49 31.12
CA ARG A 2361 -16.14 -1.11 30.12
C ARG A 2361 -16.83 -0.59 28.87
N ALA A 2362 -16.36 0.56 28.39
CA ALA A 2362 -16.69 1.09 27.07
C ALA A 2362 -15.45 0.90 26.18
N PRO A 2363 -15.32 -0.22 25.43
CA PRO A 2363 -14.17 -0.47 24.58
C PRO A 2363 -14.27 0.26 23.23
N ASN A 2364 -13.20 0.29 22.45
CA ASN A 2364 -13.17 0.89 21.11
C ASN A 2364 -14.12 0.22 20.08
N GLY A 2365 -14.67 -0.96 20.40
CA GLY A 2365 -15.72 -1.63 19.64
C GLY A 2365 -17.15 -1.21 20.07
N PRO A 2366 -18.19 -1.80 19.46
CA PRO A 2366 -19.58 -1.46 19.75
C PRO A 2366 -20.17 -2.10 21.03
N GLU A 2367 -19.48 -3.04 21.67
CA GLU A 2367 -20.03 -3.87 22.77
C GLU A 2367 -19.58 -3.36 24.17
N ALA A 2368 -20.48 -2.69 24.90
CA ALA A 2368 -20.19 -2.07 26.19
C ALA A 2368 -20.28 -3.04 27.39
N ASN A 2369 -19.37 -4.00 27.47
CA ASN A 2369 -19.42 -5.10 28.44
C ASN A 2369 -19.22 -4.68 29.93
N PRO A 2370 -19.99 -5.22 30.90
CA PRO A 2370 -19.72 -5.07 32.33
C PRO A 2370 -18.35 -5.63 32.75
N VAL A 2371 -17.73 -5.03 33.77
CA VAL A 2371 -16.35 -5.36 34.18
C VAL A 2371 -16.32 -6.60 35.08
N LYS A 2372 -16.14 -7.77 34.47
CA LYS A 2372 -15.99 -9.07 35.16
C LYS A 2372 -14.86 -9.11 36.21
N GLN A 2373 -13.88 -8.23 36.14
CA GLN A 2373 -12.81 -8.10 37.13
C GLN A 2373 -13.24 -7.36 38.41
N LEU A 2374 -14.21 -6.45 38.32
CA LEU A 2374 -14.79 -5.68 39.42
C LEU A 2374 -16.10 -6.29 39.93
N GLN A 2375 -16.74 -7.10 39.08
CA GLN A 2375 -17.98 -7.82 39.34
C GLN A 2375 -17.75 -9.32 39.02
N PRO A 2376 -16.86 -10.02 39.76
CA PRO A 2376 -16.45 -11.39 39.49
C PRO A 2376 -17.56 -12.45 39.59
N ASN A 2377 -18.65 -12.18 40.31
CA ASN A 2377 -19.84 -13.04 40.36
C ASN A 2377 -20.88 -12.65 39.28
N GLU A 2378 -20.47 -11.81 38.32
CA GLU A 2378 -21.28 -11.24 37.24
C GLU A 2378 -22.61 -10.69 37.76
N GLU A 2379 -23.75 -11.34 37.45
CA GLU A 2379 -25.08 -10.89 37.87
C GLU A 2379 -25.23 -10.70 39.38
N ALA A 2380 -24.56 -11.50 40.21
CA ALA A 2380 -24.68 -11.44 41.66
C ALA A 2380 -23.96 -10.23 42.30
N ASP A 2381 -23.05 -9.57 41.56
CA ASP A 2381 -22.40 -8.33 41.98
C ASP A 2381 -23.08 -7.08 41.39
N TYR A 2382 -24.18 -7.24 40.63
CA TYR A 2382 -24.96 -6.11 40.10
C TYR A 2382 -25.87 -5.57 41.20
N LEU A 2383 -25.96 -4.24 41.31
CA LEU A 2383 -26.71 -3.61 42.37
C LEU A 2383 -28.22 -3.83 42.19
N GLY A 2384 -28.90 -4.07 43.30
CA GLY A 2384 -30.36 -4.07 43.33
C GLY A 2384 -30.92 -2.68 43.06
N VAL A 2385 -31.96 -2.61 42.23
CA VAL A 2385 -32.65 -1.37 41.88
C VAL A 2385 -34.02 -1.36 42.54
N ARG A 2386 -34.28 -0.32 43.33
CA ARG A 2386 -35.59 0.00 43.87
C ARG A 2386 -36.35 0.81 42.80
N ILE A 2387 -37.47 0.29 42.33
CA ILE A 2387 -38.33 0.93 41.33
C ILE A 2387 -39.61 1.42 42.00
N GLN A 2388 -40.05 2.63 41.64
CA GLN A 2388 -41.28 3.27 42.07
C GLN A 2388 -42.05 3.77 40.83
N LEU A 2389 -43.38 3.81 40.92
CA LEU A 2389 -44.23 4.51 39.94
C LEU A 2389 -44.68 5.84 40.55
N ARG A 2390 -44.27 6.97 39.96
CA ARG A 2390 -44.78 8.29 40.31
C ARG A 2390 -46.01 8.59 39.44
N ARG A 2391 -47.08 9.05 40.07
CA ARG A 2391 -48.34 9.25 39.34
C ARG A 2391 -48.98 10.58 39.62
N GLU A 2392 -48.45 11.65 39.06
CA GLU A 2392 -49.10 12.94 39.21
C GLU A 2392 -50.49 12.82 38.62
N GLN A 2393 -51.50 13.20 39.38
CA GLN A 2393 -52.86 13.16 38.87
C GLN A 2393 -53.38 14.58 38.75
N GLY A 2394 -53.17 15.37 39.79
CA GLY A 2394 -53.72 16.73 39.79
C GLY A 2394 -55.04 16.66 40.53
N ALA A 2395 -55.20 15.65 41.40
CA ALA A 2395 -56.45 15.46 42.17
C ALA A 2395 -57.73 15.65 41.38
N GLY A 2396 -57.94 14.84 40.36
CA GLY A 2396 -59.15 14.95 39.54
C GLY A 2396 -59.07 14.16 38.27
N ALA A 2397 -60.16 13.45 37.93
CA ALA A 2397 -60.20 12.62 36.71
C ALA A 2397 -59.18 11.50 36.61
N THR A 2398 -58.88 11.07 35.40
CA THR A 2398 -57.93 9.97 35.21
C THR A 2398 -56.70 10.49 34.47
N GLY A 2399 -56.57 11.81 34.39
CA GLY A 2399 -55.40 12.40 33.76
C GLY A 2399 -54.20 11.99 34.58
N PHE A 2400 -53.46 11.00 34.11
CA PHE A 2400 -52.37 10.50 34.92
C PHE A 2400 -51.00 10.72 34.34
N LEU A 2401 -50.31 11.74 34.83
CA LEU A 2401 -48.94 11.98 34.40
C LEU A 2401 -48.17 10.91 35.12
N GLU A 2402 -47.84 9.83 34.42
CA GLU A 2402 -47.14 8.73 35.06
C GLU A 2402 -45.70 8.63 34.52
N TRP A 2403 -44.76 8.38 35.43
CA TRP A 2403 -43.36 8.12 35.11
C TRP A 2403 -42.75 7.22 36.18
N TRP A 2404 -41.71 6.49 35.82
CA TRP A 2404 -41.02 5.62 36.75
C TRP A 2404 -39.83 6.34 37.36
N VAL A 2405 -39.57 6.04 38.63
CA VAL A 2405 -38.37 6.43 39.36
C VAL A 2405 -37.62 5.16 39.71
N ILE A 2406 -36.30 5.18 39.53
CA ILE A 2406 -35.39 4.14 39.94
C ILE A 2406 -34.38 4.73 40.95
N GLU A 2407 -34.08 3.96 41.98
CA GLU A 2407 -33.09 4.29 43.02
C GLU A 2407 -32.22 3.04 43.22
N LEU A 2408 -30.99 3.19 43.72
CA LEU A 2408 -30.20 2.02 44.15
C LEU A 2408 -30.71 1.52 45.51
N GLN A 2409 -30.79 0.20 45.69
CA GLN A 2409 -31.26 -0.45 46.92
C GLN A 2409 -30.52 0.05 48.17
N GLU A 2410 -29.22 0.32 48.03
CA GLU A 2410 -28.32 0.79 49.10
C GLU A 2410 -28.00 2.29 49.05
N CYS A 2411 -28.82 3.12 48.38
CA CYS A 2411 -28.58 4.56 48.36
C CYS A 2411 -28.60 5.16 49.78
N ARG A 2412 -27.63 6.03 50.07
CA ARG A 2412 -27.46 6.71 51.39
C ARG A 2412 -27.42 8.22 51.25
N THR A 2413 -26.62 8.68 50.29
CA THR A 2413 -26.58 10.04 49.76
C THR A 2413 -27.05 10.00 48.32
N ASP A 2414 -27.66 11.09 47.85
CA ASP A 2414 -28.07 11.29 46.46
C ASP A 2414 -28.86 10.11 45.85
N CYS A 2415 -29.90 9.62 46.55
CA CYS A 2415 -30.78 8.55 46.07
C CYS A 2415 -31.43 8.85 44.69
N ASN A 2416 -31.49 10.13 44.29
CA ASN A 2416 -31.93 10.57 42.98
C ASN A 2416 -30.87 10.36 41.87
N LEU A 2417 -29.68 9.83 42.16
CA LEU A 2417 -28.59 9.59 41.22
C LEU A 2417 -28.15 8.13 41.25
N LEU A 2418 -27.94 7.54 40.07
CA LEU A 2418 -27.40 6.20 39.90
C LEU A 2418 -25.98 6.33 39.30
N PRO A 2419 -24.91 6.31 40.12
CA PRO A 2419 -23.55 6.44 39.64
C PRO A 2419 -23.11 5.18 38.89
N MET A 2420 -23.11 5.26 37.56
CA MET A 2420 -22.54 4.25 36.66
C MET A 2420 -21.08 4.60 36.37
N VAL A 2421 -20.16 3.73 36.74
CA VAL A 2421 -18.71 3.90 36.57
C VAL A 2421 -18.27 3.25 35.26
N ILE A 2422 -17.89 4.07 34.30
CA ILE A 2422 -17.59 3.68 32.91
C ILE A 2422 -16.09 3.81 32.67
N PHE A 2423 -15.45 2.71 32.31
CA PHE A 2423 -14.03 2.64 31.93
C PHE A 2423 -13.93 2.75 30.41
N SER A 2424 -13.65 3.94 29.88
CA SER A 2424 -13.53 4.16 28.44
C SER A 2424 -12.12 3.80 27.95
N ASP A 2425 -12.02 2.91 26.98
CA ASP A 2425 -10.74 2.64 26.30
C ASP A 2425 -10.27 3.88 25.52
N LYS A 2426 -8.95 4.09 25.44
CA LYS A 2426 -8.36 5.18 24.64
C LYS A 2426 -8.40 4.84 23.15
N VAL A 2427 -8.77 5.81 22.32
CA VAL A 2427 -8.78 5.58 20.88
C VAL A 2427 -7.42 5.93 20.28
N SER A 2428 -7.13 5.48 19.07
CA SER A 2428 -5.80 5.73 18.50
C SER A 2428 -5.79 6.14 17.02
N PRO A 2429 -5.38 7.39 16.74
CA PRO A 2429 -5.26 7.83 15.34
C PRO A 2429 -3.83 8.18 14.93
N PRO A 2430 -3.13 7.25 14.27
CA PRO A 2430 -1.75 7.50 13.82
C PRO A 2430 -1.68 8.33 12.55
N SER A 2431 -0.54 8.98 12.32
CA SER A 2431 -0.38 9.82 11.13
C SER A 2431 0.49 9.13 10.09
N LEU A 2432 1.52 8.43 10.54
CA LEU A 2432 2.40 7.70 9.63
C LEU A 2432 2.18 6.22 9.75
N GLY A 2433 0.92 5.79 9.83
CA GLY A 2433 0.63 4.38 10.02
C GLY A 2433 0.74 3.51 8.79
N PHE A 2434 1.36 4.02 7.73
CA PHE A 2434 1.56 3.22 6.53
C PHE A 2434 2.70 2.26 6.75
N LEU A 2435 3.58 2.58 7.69
CA LEU A 2435 4.68 1.68 8.03
C LEU A 2435 4.30 0.72 9.14
N ALA A 2436 3.23 -0.04 8.92
CA ALA A 2436 2.76 -0.98 9.94
C ALA A 2436 2.51 -2.35 9.32
N GLY A 2437 2.52 -3.39 10.14
CA GLY A 2437 2.26 -4.73 9.65
C GLY A 2437 3.49 -5.59 9.51
N TYR A 2438 3.31 -6.90 9.47
CA TYR A 2438 4.44 -7.81 9.28
C TYR A 2438 4.84 -7.82 7.82
N GLY A 2439 4.00 -7.25 6.97
CA GLY A 2439 4.37 -7.14 5.56
C GLY A 2439 5.44 -6.08 5.47
N ILE A 2440 5.40 -5.08 6.35
CA ILE A 2440 6.44 -4.06 6.35
C ILE A 2440 7.75 -4.61 6.88
N MET A 2441 7.68 -5.61 7.76
CA MET A 2441 8.90 -6.24 8.24
C MET A 2441 9.53 -7.01 7.10
N GLY A 2442 8.71 -7.77 6.38
CA GLY A 2442 9.22 -8.52 5.25
C GLY A 2442 9.77 -7.62 4.17
N LEU A 2443 9.14 -6.46 3.97
CA LEU A 2443 9.61 -5.53 2.97
C LEU A 2443 11.00 -5.07 3.31
N TYR A 2444 11.23 -4.70 4.57
CA TYR A 2444 12.55 -4.27 4.99
C TYR A 2444 13.60 -5.29 4.62
N VAL A 2445 13.39 -6.55 5.00
CA VAL A 2445 14.35 -7.59 4.72
C VAL A 2445 14.68 -7.62 3.24
N SER A 2446 13.65 -7.66 2.41
CA SER A 2446 13.87 -7.67 0.96
C SER A 2446 14.70 -6.49 0.47
N ILE A 2447 14.45 -5.28 0.99
CA ILE A 2447 15.27 -4.15 0.60
C ILE A 2447 16.74 -4.41 0.88
N VAL A 2448 17.08 -4.83 2.10
CA VAL A 2448 18.46 -5.14 2.43
C VAL A 2448 19.09 -6.08 1.41
N LEU A 2449 18.42 -7.19 1.11
CA LEU A 2449 18.95 -8.13 0.13
C LEU A 2449 19.30 -7.46 -1.19
N VAL A 2450 18.38 -6.71 -1.76
CA VAL A 2450 18.65 -6.04 -3.02
C VAL A 2450 19.85 -5.09 -2.94
N ILE A 2451 19.87 -4.21 -1.95
CA ILE A 2451 21.00 -3.31 -1.80
C ILE A 2451 22.28 -4.11 -1.62
N GLY A 2452 22.21 -5.22 -0.89
CA GLY A 2452 23.37 -6.05 -0.69
C GLY A 2452 23.99 -6.52 -1.98
N LYS A 2453 23.17 -6.96 -2.92
CA LYS A 2453 23.68 -7.43 -4.20
C LYS A 2453 24.24 -6.28 -5.02
N PHE A 2454 23.70 -5.09 -4.85
CA PHE A 2454 24.23 -3.93 -5.54
C PHE A 2454 25.63 -3.59 -5.05
N VAL A 2455 25.83 -3.61 -3.74
CA VAL A 2455 27.14 -3.32 -3.18
C VAL A 2455 28.14 -4.40 -3.60
N ARG A 2456 27.68 -5.64 -3.67
CA ARG A 2456 28.57 -6.73 -4.09
C ARG A 2456 29.11 -6.42 -5.45
N GLY A 2457 28.31 -5.83 -6.31
CA GLY A 2457 28.79 -5.45 -7.61
C GLY A 2457 30.14 -4.76 -7.61
N PHE A 2458 30.35 -3.82 -6.72
CA PHE A 2458 31.59 -3.07 -6.70
C PHE A 2458 32.75 -3.88 -6.15
N PHE A 2459 32.48 -4.87 -5.33
CA PHE A 2459 33.55 -5.62 -4.70
C PHE A 2459 33.77 -6.99 -5.27
N SER A 2460 32.97 -7.42 -6.25
CA SER A 2460 33.08 -8.78 -6.74
C SER A 2460 34.01 -8.95 -7.90
N GLU A 2461 33.51 -8.86 -9.11
CA GLU A 2461 34.36 -9.10 -10.26
C GLU A 2461 35.02 -7.84 -10.74
N ILE A 2462 36.05 -7.40 -10.03
CA ILE A 2462 36.75 -6.21 -10.40
C ILE A 2462 38.07 -6.65 -10.93
N SER A 2463 38.24 -7.95 -11.07
CA SER A 2463 39.48 -8.49 -11.57
C SER A 2463 39.31 -8.84 -13.01
N HIS A 2464 38.10 -8.74 -13.51
CA HIS A 2464 37.84 -9.11 -14.88
C HIS A 2464 38.08 -7.94 -15.80
N SER A 2465 38.11 -6.74 -15.26
CA SER A 2465 38.36 -5.55 -16.04
C SER A 2465 39.61 -4.92 -15.54
N ILE A 2466 40.74 -5.58 -15.68
CA ILE A 2466 42.00 -5.05 -15.22
C ILE A 2466 42.72 -4.82 -16.51
N MET A 2467 42.28 -5.48 -17.55
CA MET A 2467 42.95 -5.36 -18.82
C MET A 2467 42.57 -4.09 -19.47
N PHE A 2468 41.43 -3.55 -19.10
CA PHE A 2468 40.92 -2.36 -19.75
C PHE A 2468 40.88 -1.17 -18.83
N GLU A 2469 41.48 -1.29 -17.65
CA GLU A 2469 41.42 -0.20 -16.68
C GLU A 2469 42.70 0.07 -15.95
N GLU A 2470 43.76 -0.65 -16.26
CA GLU A 2470 45.03 -0.43 -15.60
C GLU A 2470 46.08 -0.10 -16.60
N LEU A 2471 45.72 0.63 -17.63
CA LEU A 2471 46.66 0.95 -18.68
C LEU A 2471 47.69 1.99 -18.26
N PRO A 2472 48.98 1.69 -18.43
CA PRO A 2472 50.05 2.59 -18.04
C PRO A 2472 50.10 3.97 -18.68
N CYS A 2473 50.12 4.09 -20.00
CA CYS A 2473 50.12 5.39 -20.69
C CYS A 2473 49.02 5.47 -21.72
N VAL A 2474 47.94 6.16 -21.41
CA VAL A 2474 46.80 6.22 -22.32
C VAL A 2474 46.84 7.40 -23.24
N ASP A 2475 47.95 7.64 -23.91
CA ASP A 2475 48.07 8.82 -24.75
C ASP A 2475 47.93 8.52 -26.20
N ARG A 2476 48.37 7.36 -26.62
CA ARG A 2476 48.32 7.04 -28.01
C ARG A 2476 46.90 6.67 -28.39
N ILE A 2477 46.11 6.22 -27.43
CA ILE A 2477 44.71 5.92 -27.69
C ILE A 2477 43.89 7.19 -27.72
N LEU A 2478 44.33 8.21 -27.00
CA LEU A 2478 43.63 9.49 -27.01
C LEU A 2478 43.82 10.18 -28.33
N LYS A 2479 44.93 9.93 -29.00
CA LYS A 2479 45.10 10.50 -30.31
C LYS A 2479 44.20 9.84 -31.33
N LEU A 2480 44.01 8.53 -31.28
CA LEU A 2480 43.09 7.88 -32.21
C LEU A 2480 41.68 8.33 -31.96
N CYS A 2481 41.30 8.55 -30.71
CA CYS A 2481 39.92 8.89 -30.44
C CYS A 2481 39.65 10.30 -30.87
N GLN A 2482 40.63 11.17 -30.78
CA GLN A 2482 40.46 12.54 -31.22
C GLN A 2482 40.63 12.74 -32.72
N ASP A 2483 41.16 11.75 -33.42
CA ASP A 2483 41.27 11.84 -34.86
C ASP A 2483 40.03 11.32 -35.53
N ILE A 2484 39.25 10.51 -34.83
CA ILE A 2484 38.00 10.06 -35.38
C ILE A 2484 37.15 11.30 -35.36
N PHE A 2485 37.28 12.12 -34.33
CA PHE A 2485 36.42 13.30 -34.23
C PHE A 2485 36.75 14.37 -35.25
N LEU A 2486 38.03 14.63 -35.50
CA LEU A 2486 38.41 15.59 -36.54
C LEU A 2486 37.88 15.20 -37.89
N VAL A 2487 37.91 13.93 -38.22
CA VAL A 2487 37.46 13.48 -39.51
C VAL A 2487 35.96 13.70 -39.63
N ARG A 2488 35.20 13.50 -38.55
CA ARG A 2488 33.77 13.74 -38.58
C ARG A 2488 33.45 15.20 -38.84
N GLU A 2489 34.31 16.11 -38.40
CA GLU A 2489 34.10 17.54 -38.60
C GLU A 2489 34.26 17.92 -40.05
N THR A 2490 35.39 17.57 -40.63
CA THR A 2490 35.68 17.93 -42.02
C THR A 2490 35.02 17.02 -43.02
N ARG A 2491 34.09 16.20 -42.56
CA ARG A 2491 33.41 15.25 -43.41
C ARG A 2491 34.26 14.50 -44.42
N GLU A 2492 35.23 13.72 -43.95
CA GLU A 2492 36.02 12.89 -44.84
C GLU A 2492 35.67 11.53 -44.37
N LEU A 2493 34.40 11.16 -44.45
CA LEU A 2493 33.94 9.90 -43.89
C LEU A 2493 34.57 8.56 -44.27
N GLU A 2494 35.46 8.54 -45.25
CA GLU A 2494 36.14 7.28 -45.57
C GLU A 2494 37.18 6.97 -44.51
N LEU A 2495 37.75 7.98 -43.88
CA LEU A 2495 38.76 7.76 -42.88
C LEU A 2495 38.12 7.54 -41.53
N GLU A 2496 36.84 7.77 -41.39
CA GLU A 2496 36.20 7.46 -40.13
C GLU A 2496 36.13 5.95 -40.05
N GLU A 2497 35.84 5.29 -41.15
CA GLU A 2497 35.80 3.83 -41.17
C GLU A 2497 37.15 3.22 -40.94
N GLU A 2498 38.20 3.75 -41.52
CA GLU A 2498 39.48 3.11 -41.36
C GLU A 2498 40.09 3.35 -40.00
N LEU A 2499 39.72 4.43 -39.32
CA LEU A 2499 40.21 4.66 -37.98
C LEU A 2499 39.35 3.96 -36.96
N TYR A 2500 38.15 3.53 -37.32
CA TYR A 2500 37.35 2.77 -36.39
C TYR A 2500 37.91 1.37 -36.39
N ALA A 2501 38.43 0.92 -37.51
CA ALA A 2501 39.03 -0.39 -37.53
C ALA A 2501 40.27 -0.51 -36.69
N LYS A 2502 41.04 0.55 -36.50
CA LYS A 2502 42.17 0.44 -35.63
C LYS A 2502 41.72 0.38 -34.19
N LEU A 2503 40.72 1.14 -33.81
CA LEU A 2503 40.30 1.16 -32.41
C LEU A 2503 39.68 -0.15 -32.02
N ILE A 2504 38.96 -0.77 -32.94
CA ILE A 2504 38.34 -2.06 -32.66
C ILE A 2504 39.34 -3.20 -32.65
N PHE A 2505 40.50 -3.07 -33.27
CA PHE A 2505 41.44 -4.16 -33.22
C PHE A 2505 42.49 -3.93 -32.20
N LEU A 2506 42.27 -3.01 -31.28
CA LEU A 2506 43.20 -2.81 -30.19
C LEU A 2506 42.46 -3.42 -29.08
N TYR A 2507 41.15 -3.28 -29.09
CA TYR A 2507 40.35 -3.80 -28.01
C TYR A 2507 39.95 -5.23 -28.26
N ARG A 2508 40.49 -5.85 -29.29
CA ARG A 2508 40.21 -7.25 -29.62
C ARG A 2508 41.45 -8.06 -29.54
N SER A 2509 42.55 -7.47 -29.11
CA SER A 2509 43.79 -8.18 -28.95
C SER A 2509 44.44 -7.67 -27.74
N PRO A 2510 44.26 -8.34 -26.61
CA PRO A 2510 44.83 -7.88 -25.35
C PRO A 2510 46.32 -7.60 -25.35
N GLU A 2511 47.09 -8.21 -26.24
CA GLU A 2511 48.54 -8.03 -26.29
C GLU A 2511 49.05 -6.95 -27.21
N THR A 2512 48.19 -6.30 -27.97
CA THR A 2512 48.58 -5.14 -28.75
C THR A 2512 48.18 -3.93 -27.99
N MET A 2513 47.54 -4.11 -26.85
CA MET A 2513 47.24 -2.99 -26.01
C MET A 2513 48.37 -2.90 -25.03
N ILE A 2514 49.10 -3.97 -24.78
CA ILE A 2514 50.27 -3.85 -23.91
C ILE A 2514 51.48 -3.38 -24.68
N LYS A 2515 51.33 -3.11 -25.96
CA LYS A 2515 52.42 -2.53 -26.71
C LYS A 2515 52.11 -1.08 -26.96
N TRP A 2516 50.85 -0.78 -27.26
CA TRP A 2516 50.45 0.59 -27.52
C TRP A 2516 50.39 1.40 -26.25
N THR A 2517 50.03 0.79 -25.13
CA THR A 2517 49.98 1.50 -23.86
C THR A 2517 51.16 1.22 -22.97
N ARG A 2518 52.37 1.43 -23.43
CA ARG A 2518 53.52 1.27 -22.55
C ARG A 2518 54.18 2.60 -22.38
N GLU A 2519 54.82 2.80 -21.24
CA GLU A 2519 55.43 4.08 -20.95
C GLU A 2519 56.68 4.23 -21.75
N LYS A 2520 56.65 5.13 -22.73
CA LYS A 2520 57.80 5.30 -23.61
C LYS A 2520 58.81 6.23 -22.98
N GLU A 2521 59.70 5.67 -22.18
CA GLU A 2521 60.72 6.48 -21.53
C GLU A 2521 62.09 6.10 -22.06
N GLU B 570 -60.86 6.58 -88.60
CA GLU B 570 -61.68 5.38 -88.50
C GLU B 570 -61.05 4.38 -87.56
N LEU B 571 -59.92 4.73 -86.97
CA LEU B 571 -59.26 3.84 -86.04
C LEU B 571 -60.16 3.60 -84.84
N VAL B 572 -60.68 4.67 -84.27
CA VAL B 572 -61.55 4.55 -83.11
C VAL B 572 -62.90 3.99 -83.50
N LYS B 573 -63.32 4.20 -84.74
CA LYS B 573 -64.55 3.61 -85.20
C LYS B 573 -64.40 2.10 -85.23
N GLY B 574 -63.22 1.62 -85.63
CA GLY B 574 -62.95 0.19 -85.65
C GLY B 574 -62.77 -0.34 -84.25
N VAL B 575 -62.28 0.49 -83.34
CA VAL B 575 -62.14 0.08 -81.96
C VAL B 575 -63.55 -0.16 -81.44
N TYR B 576 -64.46 0.75 -81.81
CA TYR B 576 -65.84 0.61 -81.38
C TYR B 576 -66.55 -0.46 -82.17
N ALA B 577 -65.97 -0.88 -83.29
CA ALA B 577 -66.54 -1.96 -84.09
C ALA B 577 -65.92 -3.28 -83.68
N LYS B 578 -65.54 -3.41 -82.40
CA LYS B 578 -65.02 -4.67 -81.91
C LYS B 578 -65.04 -4.71 -80.39
N TYR B 579 -64.66 -3.60 -79.74
CA TYR B 579 -64.57 -3.60 -78.29
C TYR B 579 -65.45 -2.54 -77.64
N TRP B 580 -66.74 -2.55 -77.93
CA TRP B 580 -67.62 -1.53 -77.37
C TRP B 580 -69.07 -1.94 -77.42
N ILE B 581 -69.35 -3.10 -78.03
CA ILE B 581 -70.71 -3.61 -78.06
C ILE B 581 -71.03 -4.01 -76.63
N TYR B 582 -69.99 -4.37 -75.89
CA TYR B 582 -70.17 -4.81 -74.50
C TYR B 582 -70.52 -3.67 -73.58
N VAL B 583 -70.34 -2.43 -74.03
CA VAL B 583 -70.75 -1.30 -73.21
C VAL B 583 -72.26 -1.32 -73.17
N CYS B 584 -72.90 -1.57 -74.31
CA CYS B 584 -74.37 -1.67 -74.34
C CYS B 584 -74.85 -2.77 -73.41
N ALA B 585 -74.14 -3.91 -73.42
CA ALA B 585 -74.55 -5.03 -72.57
C ALA B 585 -74.40 -4.68 -71.10
N GLY B 586 -73.30 -4.03 -70.74
CA GLY B 586 -73.09 -3.66 -69.35
C GLY B 586 -74.16 -2.70 -68.91
N MET B 587 -74.54 -1.77 -69.79
CA MET B 587 -75.55 -0.78 -69.47
C MET B 587 -76.90 -1.44 -69.24
N PHE B 588 -77.19 -2.51 -69.97
CA PHE B 588 -78.44 -3.24 -69.77
C PHE B 588 -78.54 -3.59 -68.31
N ILE B 589 -77.50 -4.20 -67.77
CA ILE B 589 -77.49 -4.56 -66.36
C ILE B 589 -77.70 -3.35 -65.46
N VAL B 590 -76.99 -2.26 -65.72
CA VAL B 590 -77.11 -1.06 -64.89
C VAL B 590 -78.57 -0.63 -64.75
N VAL B 591 -79.29 -0.55 -65.86
CA VAL B 591 -80.71 -0.21 -65.82
C VAL B 591 -81.47 -1.17 -64.93
N SER B 592 -81.33 -2.47 -65.20
CA SER B 592 -82.02 -3.48 -64.40
C SER B 592 -81.74 -3.42 -62.92
N PHE B 593 -80.56 -2.94 -62.55
CA PHE B 593 -80.18 -2.88 -61.15
C PHE B 593 -80.07 -1.44 -60.69
N ALA B 594 -81.06 -0.62 -61.02
CA ALA B 594 -81.06 0.76 -60.56
C ALA B 594 -82.03 0.96 -59.41
N GLY B 595 -81.65 0.51 -58.22
CA GLY B 595 -82.52 0.67 -57.07
C GLY B 595 -83.56 -0.43 -57.01
N ARG B 596 -84.68 -0.15 -56.36
CA ARG B 596 -85.75 -1.14 -56.21
C ARG B 596 -86.15 -1.66 -57.56
N LEU B 597 -85.88 -2.94 -57.82
CA LEU B 597 -86.22 -3.53 -59.09
C LEU B 597 -87.65 -3.98 -59.09
N VAL B 598 -88.48 -3.32 -59.89
CA VAL B 598 -89.85 -3.76 -60.00
C VAL B 598 -89.89 -4.58 -61.27
N VAL B 599 -91.06 -5.11 -61.61
CA VAL B 599 -91.18 -5.98 -62.78
C VAL B 599 -90.46 -5.48 -64.02
N TYR B 600 -90.64 -4.21 -64.37
CA TYR B 600 -90.02 -3.71 -65.60
C TYR B 600 -88.50 -3.81 -65.61
N LYS B 601 -87.87 -3.52 -64.48
CA LYS B 601 -86.41 -3.61 -64.39
C LYS B 601 -85.98 -5.07 -64.46
N ILE B 602 -86.79 -5.97 -63.92
CA ILE B 602 -86.48 -7.38 -64.01
C ILE B 602 -86.62 -7.87 -65.46
N VAL B 603 -87.59 -7.33 -66.20
CA VAL B 603 -87.72 -7.70 -67.61
C VAL B 603 -86.54 -7.14 -68.37
N TYR B 604 -86.02 -5.99 -67.94
CA TYR B 604 -84.83 -5.45 -68.57
C TYR B 604 -83.72 -6.47 -68.46
N MET B 605 -83.57 -7.05 -67.28
CA MET B 605 -82.55 -8.07 -67.09
C MET B 605 -82.80 -9.22 -68.04
N PHE B 606 -84.03 -9.72 -68.10
CA PHE B 606 -84.36 -10.84 -69.00
C PHE B 606 -83.91 -10.56 -70.44
N LEU B 607 -84.06 -9.32 -70.90
CA LEU B 607 -83.63 -8.99 -72.24
C LEU B 607 -82.13 -9.07 -72.38
N PHE B 608 -81.38 -8.55 -71.40
CA PHE B 608 -79.92 -8.70 -71.43
C PHE B 608 -79.59 -10.17 -71.52
N LEU B 609 -80.18 -10.96 -70.64
CA LEU B 609 -79.91 -12.38 -70.64
C LEU B 609 -80.20 -13.00 -72.00
N LEU B 610 -81.35 -12.69 -72.60
CA LEU B 610 -81.72 -13.29 -73.88
C LEU B 610 -80.65 -13.09 -74.92
N CYS B 611 -80.09 -11.89 -74.98
CA CYS B 611 -79.04 -11.62 -75.94
C CYS B 611 -77.86 -12.54 -75.73
N LEU B 612 -77.30 -12.54 -74.53
CA LEU B 612 -76.13 -13.37 -74.27
C LEU B 612 -76.39 -14.87 -74.42
N THR B 613 -77.60 -15.32 -74.09
CA THR B 613 -77.91 -16.72 -74.25
C THR B 613 -77.93 -17.17 -75.70
N LEU B 614 -78.55 -16.39 -76.58
CA LEU B 614 -78.57 -16.75 -77.99
C LEU B 614 -77.17 -16.76 -78.59
N PHE B 615 -76.28 -15.90 -78.08
CA PHE B 615 -74.92 -15.88 -78.55
C PHE B 615 -74.33 -17.28 -78.47
N GLN B 616 -74.52 -17.94 -77.33
CA GLN B 616 -74.03 -19.30 -77.19
C GLN B 616 -74.80 -20.26 -78.07
N VAL B 617 -76.11 -20.36 -77.86
CA VAL B 617 -76.90 -21.35 -78.59
C VAL B 617 -76.74 -21.31 -80.12
N TYR B 618 -77.04 -20.17 -80.73
CA TYR B 618 -76.98 -20.07 -82.18
C TYR B 618 -76.21 -18.82 -82.57
N TYR B 619 -74.91 -18.96 -82.82
CA TYR B 619 -74.10 -17.78 -83.12
C TYR B 619 -74.58 -17.05 -84.35
N SER B 620 -74.89 -17.79 -85.41
CA SER B 620 -75.37 -17.18 -86.64
C SER B 620 -76.61 -16.34 -86.39
N LEU B 621 -77.59 -16.92 -85.70
CA LEU B 621 -78.82 -16.19 -85.43
C LEU B 621 -78.58 -15.00 -84.50
N TRP B 622 -77.66 -15.13 -83.55
CA TRP B 622 -77.36 -14.00 -82.68
C TRP B 622 -76.87 -12.85 -83.50
N ARG B 623 -75.93 -13.12 -84.40
CA ARG B 623 -75.43 -12.09 -85.28
C ARG B 623 -76.55 -11.50 -86.13
N LYS B 624 -77.49 -12.32 -86.56
CA LYS B 624 -78.60 -11.84 -87.37
C LYS B 624 -79.50 -10.83 -86.64
N LEU B 625 -79.69 -10.97 -85.33
CA LEU B 625 -80.62 -10.07 -84.62
C LEU B 625 -80.03 -8.93 -83.79
N LEU B 626 -78.72 -8.93 -83.55
CA LEU B 626 -78.04 -7.91 -82.70
C LEU B 626 -78.58 -6.48 -82.61
N LYS B 627 -78.30 -5.69 -83.63
CA LYS B 627 -78.70 -4.28 -83.62
C LYS B 627 -80.21 -4.09 -83.65
N ALA B 628 -80.93 -5.00 -84.29
CA ALA B 628 -82.38 -4.91 -84.31
C ALA B 628 -82.88 -4.99 -82.88
N PHE B 629 -82.33 -5.92 -82.11
CA PHE B 629 -82.73 -6.05 -80.71
C PHE B 629 -82.23 -4.89 -79.86
N TRP B 630 -81.08 -4.33 -80.20
CA TRP B 630 -80.66 -3.15 -79.45
C TRP B 630 -81.64 -2.01 -79.68
N TRP B 631 -82.20 -1.90 -80.88
CA TRP B 631 -83.18 -0.85 -81.19
C TRP B 631 -84.50 -1.18 -80.53
N LEU B 632 -84.77 -2.47 -80.35
CA LEU B 632 -85.96 -2.87 -79.62
C LEU B 632 -85.80 -2.44 -78.17
N VAL B 633 -84.57 -2.45 -77.65
CA VAL B 633 -84.41 -1.92 -76.29
C VAL B 633 -84.45 -0.43 -76.27
N VAL B 634 -84.03 0.20 -77.36
CA VAL B 634 -84.19 1.65 -77.39
C VAL B 634 -85.69 1.86 -77.24
N ALA B 635 -86.49 1.03 -77.90
CA ALA B 635 -87.95 1.13 -77.79
C ALA B 635 -88.44 0.90 -76.36
N TYR B 636 -87.93 -0.13 -75.69
CA TYR B 636 -88.29 -0.36 -74.30
C TYR B 636 -87.95 0.84 -73.42
N THR B 637 -86.66 1.19 -73.34
CA THR B 637 -86.25 2.32 -72.52
C THR B 637 -87.17 3.52 -72.73
N MET B 638 -87.56 3.78 -73.97
CA MET B 638 -88.45 4.90 -74.27
C MET B 638 -89.70 4.87 -73.42
N LEU B 639 -90.50 3.82 -73.57
CA LEU B 639 -91.76 3.74 -72.84
C LEU B 639 -91.58 3.99 -71.36
N VAL B 640 -90.57 3.37 -70.79
CA VAL B 640 -90.29 3.55 -69.37
C VAL B 640 -90.13 5.01 -68.99
N LEU B 641 -89.14 5.68 -69.58
CA LEU B 641 -88.88 7.06 -69.19
C LEU B 641 -90.08 7.97 -69.42
N ILE B 642 -90.79 7.77 -70.54
CA ILE B 642 -91.96 8.58 -70.84
C ILE B 642 -92.97 8.50 -69.71
N ALA B 643 -93.37 7.30 -69.33
CA ALA B 643 -94.38 7.14 -68.29
C ALA B 643 -93.85 7.55 -66.92
N VAL B 644 -92.72 7.00 -66.52
CA VAL B 644 -92.17 7.30 -65.20
C VAL B 644 -91.36 8.57 -65.25
N SER B 678 -83.81 14.16 -59.04
CA SER B 678 -85.13 13.78 -58.56
C SER B 678 -85.30 12.29 -58.63
N GLU B 679 -86.13 11.72 -57.75
CA GLU B 679 -86.37 10.28 -57.74
C GLU B 679 -86.90 9.78 -59.07
N LEU B 680 -88.03 10.33 -59.50
CA LEU B 680 -88.64 9.88 -60.75
C LEU B 680 -87.75 10.19 -61.93
N PHE B 681 -87.03 11.30 -61.87
CA PHE B 681 -86.17 11.69 -62.99
C PHE B 681 -84.91 10.86 -63.06
N SER B 682 -84.50 10.24 -61.95
CA SER B 682 -83.33 9.38 -61.96
C SER B 682 -83.73 8.08 -62.63
N SER B 683 -85.00 7.73 -62.54
CA SER B 683 -85.49 6.53 -63.22
C SER B 683 -85.80 6.83 -64.69
N ILE B 684 -85.48 8.02 -65.15
CA ILE B 684 -85.68 8.39 -66.54
C ILE B 684 -84.26 8.57 -67.06
N LEU B 685 -83.40 9.12 -66.22
CA LEU B 685 -82.01 9.37 -66.62
C LEU B 685 -81.31 8.12 -67.10
N VAL B 686 -81.30 7.09 -66.26
CA VAL B 686 -80.61 5.85 -66.63
C VAL B 686 -81.10 5.20 -67.93
N PRO B 687 -82.43 5.04 -68.11
CA PRO B 687 -82.84 4.50 -69.42
C PRO B 687 -82.38 5.37 -70.58
N GLY B 688 -82.37 6.69 -70.40
CA GLY B 688 -81.88 7.55 -71.44
C GLY B 688 -80.42 7.28 -71.75
N PHE B 689 -79.59 7.14 -70.72
CA PHE B 689 -78.18 6.88 -70.92
C PHE B 689 -78.01 5.61 -71.70
N PHE B 690 -78.79 4.59 -71.35
CA PHE B 690 -78.71 3.31 -72.04
C PHE B 690 -78.96 3.45 -73.53
N LEU B 691 -80.06 4.11 -73.89
CA LEU B 691 -80.40 4.21 -75.30
C LEU B 691 -79.36 5.00 -76.08
N LEU B 692 -78.73 5.98 -75.44
CA LEU B 692 -77.71 6.78 -76.09
C LEU B 692 -76.55 5.91 -76.55
N ALA B 693 -76.07 5.04 -75.67
CA ALA B 693 -74.94 4.19 -76.01
C ALA B 693 -75.32 3.29 -77.18
N CYS B 694 -76.52 2.74 -77.13
CA CYS B 694 -76.98 1.87 -78.21
C CYS B 694 -76.89 2.59 -79.53
N ILE B 695 -77.48 3.79 -79.61
CA ILE B 695 -77.47 4.56 -80.86
C ILE B 695 -76.13 4.59 -81.56
N LEU B 696 -75.08 4.89 -80.82
CA LEU B 696 -73.75 4.97 -81.42
C LEU B 696 -73.36 3.67 -82.11
N GLN B 697 -73.44 2.53 -81.42
CA GLN B 697 -73.18 1.26 -82.11
C GLN B 697 -74.24 1.03 -83.16
N LEU B 698 -75.51 0.97 -82.76
CA LEU B 698 -76.64 0.74 -83.68
C LEU B 698 -76.43 1.05 -85.13
N HIS B 699 -76.14 2.30 -85.45
CA HIS B 699 -76.03 2.65 -86.85
C HIS B 699 -74.61 2.91 -87.31
N TYR B 700 -73.74 3.33 -86.41
CA TYR B 700 -72.40 3.73 -86.85
C TYR B 700 -71.31 2.65 -86.74
N PHE B 701 -71.41 1.75 -85.77
CA PHE B 701 -70.38 0.74 -85.59
C PHE B 701 -70.91 -0.68 -85.71
N HIS B 702 -72.22 -0.84 -85.79
CA HIS B 702 -72.80 -2.19 -85.81
C HIS B 702 -72.41 -2.96 -87.06
N ARG B 703 -72.43 -2.30 -88.22
CA ARG B 703 -72.10 -2.97 -89.46
C ARG B 703 -70.62 -3.30 -89.59
N PRO B 704 -69.72 -2.35 -89.23
CA PRO B 704 -68.32 -2.77 -89.26
C PRO B 704 -67.99 -3.81 -88.19
N PHE B 705 -68.85 -3.97 -87.19
CA PHE B 705 -68.64 -5.01 -86.19
C PHE B 705 -69.09 -6.32 -86.81
N MET B 706 -70.19 -6.28 -87.55
CA MET B 706 -70.64 -7.48 -88.23
C MET B 706 -69.59 -7.84 -89.26
N GLN B 707 -68.65 -6.93 -89.49
CA GLN B 707 -67.56 -7.21 -90.43
C GLN B 707 -66.33 -7.67 -89.68
N LEU B 708 -66.21 -7.32 -88.40
CA LEU B 708 -65.09 -7.80 -87.61
C LEU B 708 -65.37 -9.22 -87.18
N THR B 709 -66.65 -9.57 -87.05
CA THR B 709 -67.01 -10.92 -86.68
C THR B 709 -67.20 -11.81 -87.90
N ASP B 710 -67.03 -11.24 -89.08
CA ASP B 710 -67.18 -12.01 -90.29
C ASP B 710 -65.95 -12.86 -90.56
N MET B 711 -65.94 -14.09 -90.08
CA MET B 711 -64.82 -14.98 -90.35
C MET B 711 -65.10 -15.71 -91.64
N GLU B 712 -66.35 -15.71 -92.06
CA GLU B 712 -66.71 -16.36 -93.31
C GLU B 712 -66.81 -15.33 -94.42
N LEU B 789 -41.38 4.72 -81.37
CA LEU B 789 -41.13 4.40 -82.77
C LEU B 789 -40.25 3.16 -82.89
N GLU B 790 -38.96 3.31 -82.66
CA GLU B 790 -38.03 2.19 -82.78
C GLU B 790 -38.44 1.04 -81.87
N LEU B 791 -38.43 1.30 -80.57
CA LEU B 791 -38.78 0.26 -79.61
C LEU B 791 -40.27 -0.06 -79.64
N ALA B 792 -41.09 0.83 -80.18
CA ALA B 792 -42.51 0.56 -80.29
C ALA B 792 -42.76 -0.58 -81.24
N ALA B 793 -42.03 -0.64 -82.34
CA ALA B 793 -42.17 -1.76 -83.28
C ALA B 793 -41.70 -3.04 -82.62
N GLY B 794 -40.59 -2.97 -81.89
CA GLY B 794 -40.11 -4.13 -81.18
C GLY B 794 -41.14 -4.60 -80.17
N PHE B 795 -41.68 -3.67 -79.39
CA PHE B 795 -42.70 -4.00 -78.41
C PHE B 795 -43.90 -4.62 -79.08
N SER B 796 -44.34 -4.04 -80.20
CA SER B 796 -45.50 -4.58 -80.90
C SER B 796 -45.28 -6.04 -81.27
N ASP B 797 -44.07 -6.38 -81.72
CA ASP B 797 -43.78 -7.76 -82.07
C ASP B 797 -43.76 -8.64 -80.84
N VAL B 798 -43.12 -8.19 -79.77
CA VAL B 798 -43.12 -8.96 -78.53
C VAL B 798 -44.54 -9.21 -78.08
N LEU B 799 -45.34 -8.15 -77.99
CA LEU B 799 -46.72 -8.28 -77.56
C LEU B 799 -47.50 -9.22 -78.48
N SER B 800 -47.22 -9.15 -79.78
CA SER B 800 -47.89 -10.05 -80.71
C SER B 800 -47.62 -11.51 -80.37
N ARG B 801 -46.36 -11.86 -80.12
CA ARG B 801 -46.02 -13.22 -79.75
C ARG B 801 -46.82 -13.67 -78.54
N VAL B 802 -46.81 -12.85 -77.50
CA VAL B 802 -47.55 -13.17 -76.29
C VAL B 802 -49.01 -13.46 -76.61
N GLN B 803 -49.67 -12.51 -77.27
CA GLN B 803 -51.08 -12.67 -77.58
C GLN B 803 -51.41 -13.99 -78.26
N VAL B 804 -50.68 -14.32 -79.31
CA VAL B 804 -50.95 -15.56 -80.03
C VAL B 804 -50.82 -16.77 -79.11
N PHE B 805 -49.74 -16.83 -78.35
CA PHE B 805 -49.52 -17.96 -77.45
C PHE B 805 -50.64 -18.09 -76.43
N LEU B 806 -51.01 -16.99 -75.80
CA LEU B 806 -52.02 -17.05 -74.75
C LEU B 806 -53.36 -17.49 -75.30
N ARG B 807 -53.65 -17.14 -76.53
CA ARG B 807 -54.88 -17.62 -77.14
C ARG B 807 -54.87 -19.14 -77.23
N ARG B 808 -53.78 -19.72 -77.72
CA ARG B 808 -53.71 -21.16 -77.86
C ARG B 808 -54.00 -21.82 -76.52
N LEU B 809 -53.31 -21.39 -75.46
CA LEU B 809 -53.49 -22.01 -74.14
C LEU B 809 -54.93 -21.95 -73.68
N LEU B 810 -55.54 -20.77 -73.76
CA LEU B 810 -56.90 -20.59 -73.30
C LEU B 810 -57.94 -21.23 -74.19
N GLU B 811 -57.50 -21.81 -75.31
CA GLU B 811 -58.44 -22.51 -76.16
C GLU B 811 -58.67 -23.88 -75.60
N LEU B 812 -57.61 -24.49 -75.06
CA LEU B 812 -57.74 -25.84 -74.54
C LEU B 812 -57.94 -25.93 -73.02
N HIS B 813 -57.51 -24.92 -72.29
CA HIS B 813 -57.62 -24.95 -70.84
C HIS B 813 -58.70 -24.02 -70.34
N VAL B 814 -59.93 -24.19 -70.82
CA VAL B 814 -61.01 -23.32 -70.41
C VAL B 814 -62.21 -24.09 -69.92
N PHE B 815 -62.39 -25.33 -70.37
CA PHE B 815 -63.47 -26.12 -69.81
C PHE B 815 -63.12 -26.36 -68.36
N LYS B 816 -61.83 -26.36 -68.05
CA LYS B 816 -61.40 -26.50 -66.66
C LYS B 816 -61.96 -25.38 -65.79
N LEU B 817 -61.64 -24.13 -66.09
CA LEU B 817 -62.10 -23.02 -65.27
C LEU B 817 -63.60 -22.85 -65.24
N VAL B 818 -64.28 -23.18 -66.33
CA VAL B 818 -65.73 -23.11 -66.30
C VAL B 818 -66.19 -24.15 -65.31
N ALA B 819 -65.81 -25.39 -65.48
CA ALA B 819 -66.28 -26.44 -64.60
C ALA B 819 -65.95 -26.20 -63.15
N LEU B 820 -64.74 -25.73 -62.86
CA LEU B 820 -64.39 -25.41 -61.49
C LEU B 820 -65.22 -24.28 -60.86
N TYR B 821 -65.45 -23.18 -61.56
CA TYR B 821 -66.29 -22.15 -61.00
C TYR B 821 -67.73 -22.57 -60.80
N THR B 822 -68.37 -23.23 -61.75
CA THR B 822 -69.74 -23.67 -61.48
C THR B 822 -69.81 -24.67 -60.34
N VAL B 823 -68.72 -25.35 -60.03
CA VAL B 823 -68.75 -26.22 -58.86
C VAL B 823 -68.56 -25.42 -57.57
N TRP B 824 -67.60 -24.51 -57.50
CA TRP B 824 -67.45 -23.67 -56.31
C TRP B 824 -68.70 -22.90 -55.94
N VAL B 825 -69.45 -22.40 -56.92
CA VAL B 825 -70.71 -21.71 -56.65
C VAL B 825 -71.73 -22.68 -56.08
N ALA B 826 -71.94 -23.82 -56.70
CA ALA B 826 -72.94 -24.75 -56.23
C ALA B 826 -72.47 -25.60 -55.10
N LEU B 827 -71.28 -25.35 -54.58
CA LEU B 827 -70.84 -26.08 -53.39
C LEU B 827 -71.03 -25.14 -52.22
N LYS B 828 -71.13 -23.83 -52.48
CA LYS B 828 -71.41 -22.91 -51.39
C LYS B 828 -72.91 -22.78 -51.19
N GLU B 829 -73.67 -22.56 -52.25
CA GLU B 829 -75.10 -22.36 -52.11
C GLU B 829 -75.91 -23.62 -52.29
N VAL B 830 -75.66 -24.62 -51.46
CA VAL B 830 -76.34 -25.90 -51.61
C VAL B 830 -77.85 -25.81 -51.75
N SER B 831 -78.39 -26.32 -52.85
CA SER B 831 -79.82 -26.25 -53.06
C SER B 831 -80.31 -27.35 -53.98
N VAL B 832 -81.51 -27.19 -54.54
CA VAL B 832 -81.99 -28.16 -55.51
C VAL B 832 -82.28 -27.46 -56.83
N MET B 833 -81.61 -26.34 -57.07
CA MET B 833 -81.74 -25.67 -58.35
C MET B 833 -80.35 -25.31 -58.81
N ASN B 834 -79.36 -25.52 -57.96
CA ASN B 834 -77.98 -25.31 -58.39
C ASN B 834 -77.40 -26.71 -58.40
N LEU B 835 -78.18 -27.71 -57.98
CA LEU B 835 -77.72 -29.09 -58.00
C LEU B 835 -77.59 -29.57 -59.40
N LEU B 836 -78.57 -29.27 -60.24
CA LEU B 836 -78.47 -29.62 -61.64
C LEU B 836 -77.17 -29.14 -62.29
N LEU B 837 -76.67 -27.96 -61.94
CA LEU B 837 -75.38 -27.50 -62.45
C LEU B 837 -74.24 -28.42 -62.04
N VAL B 838 -74.21 -28.91 -60.81
CA VAL B 838 -73.17 -29.88 -60.44
C VAL B 838 -73.30 -31.09 -61.35
N VAL B 839 -74.47 -31.71 -61.40
CA VAL B 839 -74.69 -32.82 -62.32
C VAL B 839 -74.10 -32.57 -63.71
N LEU B 840 -74.40 -31.43 -64.32
CA LEU B 840 -73.90 -31.11 -65.66
C LEU B 840 -72.40 -31.11 -65.71
N TRP B 841 -71.73 -30.24 -64.98
CA TRP B 841 -70.28 -30.31 -65.00
C TRP B 841 -69.63 -31.35 -64.09
N ALA B 842 -70.18 -32.56 -64.02
CA ALA B 842 -69.55 -33.63 -63.25
C ALA B 842 -69.96 -34.92 -63.87
N PHE B 843 -70.65 -34.85 -64.99
CA PHE B 843 -70.97 -36.07 -65.70
C PHE B 843 -70.61 -35.75 -67.12
N ALA B 844 -70.03 -34.56 -67.33
CA ALA B 844 -69.57 -34.21 -68.65
C ALA B 844 -68.08 -34.08 -68.61
N LEU B 845 -67.50 -34.11 -67.41
CA LEU B 845 -66.05 -34.11 -67.32
C LEU B 845 -65.52 -35.53 -67.51
N PRO B 846 -66.13 -36.54 -66.88
CA PRO B 846 -65.66 -37.88 -67.20
C PRO B 846 -65.88 -38.24 -68.65
N TYR B 847 -67.11 -38.22 -69.12
CA TYR B 847 -67.41 -38.50 -70.53
C TYR B 847 -67.32 -37.20 -71.30
N PRO B 848 -66.22 -37.00 -72.04
CA PRO B 848 -66.02 -35.69 -72.67
C PRO B 848 -66.62 -35.49 -74.03
N ARG B 849 -67.70 -36.17 -74.36
CA ARG B 849 -68.37 -35.91 -75.63
C ARG B 849 -69.54 -34.99 -75.35
N PHE B 850 -69.93 -34.91 -74.09
CA PHE B 850 -71.05 -34.08 -73.71
C PHE B 850 -70.65 -32.63 -73.55
N ARG B 851 -69.37 -32.31 -73.52
CA ARG B 851 -68.93 -30.93 -73.28
C ARG B 851 -69.71 -29.81 -74.00
N PRO B 852 -70.00 -29.95 -75.31
CA PRO B 852 -70.85 -28.92 -75.91
C PRO B 852 -72.23 -28.79 -75.27
N MET B 853 -72.97 -29.89 -75.14
CA MET B 853 -74.28 -29.84 -74.52
C MET B 853 -74.22 -29.43 -73.05
N ALA B 854 -73.13 -29.71 -72.36
CA ALA B 854 -73.00 -29.25 -70.99
C ALA B 854 -73.07 -27.77 -71.00
N SER B 855 -72.20 -27.15 -71.79
CA SER B 855 -72.18 -25.70 -71.88
C SER B 855 -73.56 -25.16 -72.18
N CYS B 856 -74.22 -25.69 -73.20
CA CYS B 856 -75.53 -25.20 -73.59
C CYS B 856 -76.53 -25.21 -72.47
N LEU B 857 -76.73 -26.37 -71.85
CA LEU B 857 -77.74 -26.46 -70.82
C LEU B 857 -77.38 -25.64 -69.58
N SER B 858 -76.10 -25.52 -69.26
CA SER B 858 -75.71 -24.68 -68.14
C SER B 858 -76.16 -23.26 -68.40
N THR B 859 -75.91 -22.72 -69.58
CA THR B 859 -76.26 -21.31 -69.83
C THR B 859 -77.74 -21.03 -69.61
N VAL B 860 -78.61 -21.83 -70.21
CA VAL B 860 -80.04 -21.65 -70.00
C VAL B 860 -80.38 -21.75 -68.53
N TRP B 861 -79.92 -22.81 -67.87
CA TRP B 861 -80.26 -23.03 -66.47
C TRP B 861 -79.72 -21.98 -65.54
N THR B 862 -78.49 -21.52 -65.72
CA THR B 862 -77.98 -20.45 -64.89
C THR B 862 -78.89 -19.25 -65.02
N CYS B 863 -79.38 -18.96 -66.21
CA CYS B 863 -80.32 -17.86 -66.40
C CYS B 863 -81.68 -18.10 -65.77
N VAL B 864 -82.15 -19.34 -65.74
CA VAL B 864 -83.39 -19.62 -65.03
C VAL B 864 -83.18 -19.28 -63.57
N ILE B 865 -82.08 -19.74 -63.00
CA ILE B 865 -81.76 -19.42 -61.62
C ILE B 865 -81.77 -17.90 -61.43
N ILE B 866 -81.04 -17.16 -62.27
CA ILE B 866 -80.95 -15.71 -62.10
C ILE B 866 -82.33 -15.06 -62.11
N VAL B 867 -83.17 -15.42 -63.08
CA VAL B 867 -84.50 -14.84 -63.18
C VAL B 867 -85.37 -15.13 -61.97
N CYS B 868 -85.46 -16.39 -61.55
CA CYS B 868 -86.27 -16.75 -60.39
C CYS B 868 -85.84 -16.02 -59.13
N LYS B 869 -84.53 -16.02 -58.85
CA LYS B 869 -84.02 -15.36 -57.66
C LYS B 869 -84.28 -13.87 -57.70
N MET B 870 -84.35 -13.27 -58.87
CA MET B 870 -84.69 -11.86 -58.95
C MET B 870 -86.18 -11.64 -58.71
N LEU B 871 -87.02 -12.49 -59.30
CA LEU B 871 -88.45 -12.37 -59.07
C LEU B 871 -88.77 -12.84 -57.67
N TYR B 872 -87.79 -12.77 -56.78
CA TYR B 872 -88.05 -13.11 -55.39
C TYR B 872 -87.64 -11.92 -54.56
N GLN B 873 -87.14 -10.89 -55.23
CA GLN B 873 -86.78 -9.67 -54.52
C GLN B 873 -87.91 -8.68 -54.74
N LEU B 874 -89.11 -9.19 -55.01
CA LEU B 874 -90.26 -8.31 -55.25
C LEU B 874 -91.02 -8.01 -53.97
N LYS B 875 -92.02 -7.13 -54.05
CA LYS B 875 -92.75 -6.72 -52.84
C LYS B 875 -93.89 -7.68 -52.51
N VAL B 876 -94.36 -8.43 -53.50
CA VAL B 876 -95.44 -9.39 -53.27
C VAL B 876 -94.85 -10.75 -52.95
N VAL B 877 -93.52 -10.85 -53.04
CA VAL B 877 -92.86 -12.11 -52.75
C VAL B 877 -92.20 -12.04 -51.38
N ASN B 878 -92.96 -12.29 -50.33
CA ASN B 878 -92.43 -12.17 -48.97
C ASN B 878 -92.87 -13.33 -48.10
N PRO B 879 -92.13 -13.60 -47.01
CA PRO B 879 -92.58 -14.63 -46.08
C PRO B 879 -93.99 -14.37 -45.58
N ASN B 915 -86.16 -21.71 -49.73
CA ASN B 915 -84.72 -21.65 -49.53
C ASN B 915 -84.03 -22.95 -49.92
N TRP B 916 -84.69 -24.08 -49.65
CA TRP B 916 -84.14 -25.38 -50.03
C TRP B 916 -84.02 -25.37 -51.52
N PHE B 917 -85.04 -24.90 -52.20
CA PHE B 917 -85.01 -24.83 -53.65
C PHE B 917 -84.18 -23.69 -54.21
N GLY B 918 -83.32 -23.08 -53.42
CA GLY B 918 -82.43 -22.05 -53.92
C GLY B 918 -82.93 -20.63 -53.77
N VAL B 919 -84.09 -20.35 -54.36
CA VAL B 919 -84.69 -19.01 -54.28
C VAL B 919 -84.80 -18.45 -52.86
N ARG B 920 -84.09 -17.35 -52.57
CA ARG B 920 -84.25 -16.71 -51.27
C ARG B 920 -84.20 -15.20 -51.40
N LYS B 921 -84.39 -14.47 -50.31
CA LYS B 921 -84.42 -13.01 -50.36
C LYS B 921 -83.15 -12.40 -49.80
N GLY B 922 -82.70 -11.31 -50.41
CA GLY B 922 -81.46 -10.66 -49.99
C GLY B 922 -81.44 -9.23 -50.51
N PHE B 923 -81.05 -8.28 -49.67
CA PHE B 923 -81.14 -6.87 -50.07
C PHE B 923 -80.04 -6.23 -50.90
N PRO B 924 -78.78 -6.70 -50.81
CA PRO B 924 -77.99 -6.33 -51.99
C PRO B 924 -78.40 -7.16 -53.19
N ASN B 925 -79.27 -6.64 -54.04
CA ASN B 925 -79.75 -7.42 -55.16
C ASN B 925 -78.63 -7.79 -56.12
N LEU B 926 -77.65 -6.92 -56.29
CA LEU B 926 -76.50 -7.27 -57.11
C LEU B 926 -75.67 -8.33 -56.41
N GLY B 927 -75.25 -8.06 -55.18
CA GLY B 927 -74.45 -9.02 -54.44
C GLY B 927 -75.09 -10.38 -54.38
N TYR B 928 -76.42 -10.41 -54.34
CA TYR B 928 -77.11 -11.68 -54.21
C TYR B 928 -77.01 -12.46 -55.52
N ILE B 929 -77.36 -11.83 -56.62
CA ILE B 929 -77.31 -12.50 -57.91
C ILE B 929 -76.03 -12.16 -58.65
N GLN B 930 -74.93 -12.06 -57.92
CA GLN B 930 -73.65 -11.77 -58.54
C GLN B 930 -72.98 -13.09 -58.85
N ASN B 931 -72.99 -14.00 -57.90
CA ASN B 931 -72.40 -15.32 -58.12
C ASN B 931 -72.85 -15.96 -59.40
N HIS B 932 -74.14 -16.22 -59.53
CA HIS B 932 -74.65 -16.89 -60.71
C HIS B 932 -74.48 -16.07 -61.97
N LEU B 933 -74.29 -14.77 -61.83
CA LEU B 933 -74.03 -13.93 -63.00
C LEU B 933 -72.61 -14.16 -63.51
N GLN B 934 -71.64 -14.25 -62.61
CA GLN B 934 -70.29 -14.53 -63.05
C GLN B 934 -70.19 -15.89 -63.76
N VAL B 935 -71.00 -16.88 -63.38
CA VAL B 935 -71.01 -18.16 -64.09
C VAL B 935 -71.45 -17.94 -65.53
N LEU B 936 -72.56 -17.22 -65.70
CA LEU B 936 -73.02 -16.92 -67.06
C LEU B 936 -71.87 -16.28 -67.79
N LEU B 937 -71.16 -15.40 -67.11
CA LEU B 937 -70.03 -14.73 -67.73
C LEU B 937 -68.95 -15.71 -68.18
N LEU B 938 -68.42 -16.51 -67.27
CA LEU B 938 -67.43 -17.51 -67.65
C LEU B 938 -67.92 -18.24 -68.89
N LEU B 939 -69.07 -18.88 -68.81
CA LEU B 939 -69.56 -19.64 -69.94
C LEU B 939 -69.46 -18.85 -71.26
N VAL B 940 -69.97 -17.63 -71.28
CA VAL B 940 -69.97 -16.84 -72.51
C VAL B 940 -68.56 -16.44 -72.94
N PHE B 941 -67.72 -16.04 -72.00
CA PHE B 941 -66.33 -15.71 -72.31
C PHE B 941 -65.62 -16.88 -72.99
N GLU B 942 -65.89 -18.09 -72.53
CA GLU B 942 -65.30 -19.26 -73.15
C GLU B 942 -65.64 -19.32 -74.63
N ALA B 943 -66.91 -19.15 -74.96
CA ALA B 943 -67.31 -19.16 -76.36
C ALA B 943 -66.64 -18.06 -77.17
N ILE B 944 -66.50 -16.87 -76.60
CA ILE B 944 -65.78 -15.81 -77.29
C ILE B 944 -64.39 -16.29 -77.66
N VAL B 945 -63.64 -16.85 -76.70
CA VAL B 945 -62.27 -17.29 -76.97
C VAL B 945 -62.21 -18.35 -78.05
N TYR B 946 -63.15 -19.29 -78.03
CA TYR B 946 -63.20 -20.29 -79.05
C TYR B 946 -63.32 -19.66 -80.43
N ARG B 947 -64.30 -18.79 -80.61
CA ARG B 947 -64.51 -18.17 -81.91
C ARG B 947 -63.45 -17.16 -82.32
N ARG B 948 -62.84 -16.49 -81.36
CA ARG B 948 -61.80 -15.50 -81.66
C ARG B 948 -60.60 -16.24 -82.19
N GLN B 949 -60.26 -17.36 -81.56
CA GLN B 949 -59.12 -18.13 -82.02
C GLN B 949 -59.47 -18.74 -83.35
N GLU B 950 -60.71 -19.16 -83.53
CA GLU B 950 -61.14 -19.68 -84.81
C GLU B 950 -60.88 -18.63 -85.87
N HIS B 951 -61.35 -17.41 -85.64
CA HIS B 951 -61.15 -16.31 -86.59
C HIS B 951 -59.69 -16.09 -86.93
N TYR B 952 -58.84 -16.05 -85.91
CA TYR B 952 -57.43 -15.82 -86.14
C TYR B 952 -56.88 -16.74 -87.21
N ARG B 953 -57.03 -18.05 -87.01
CA ARG B 953 -56.46 -18.97 -87.98
C ARG B 953 -57.29 -19.09 -89.24
N ARG B 954 -58.59 -18.86 -89.16
CA ARG B 954 -59.44 -18.89 -90.34
C ARG B 954 -58.97 -17.84 -91.32
N GLN B 955 -58.67 -16.65 -90.81
CA GLN B 955 -58.17 -15.59 -91.67
C GLN B 955 -56.71 -15.86 -91.96
N HIS B 956 -55.84 -15.50 -91.02
CA HIS B 956 -54.41 -15.70 -91.21
C HIS B 956 -54.12 -17.17 -91.44
N GLY B 970 -40.61 -28.50 -79.43
CA GLY B 970 -41.40 -29.18 -78.43
C GLY B 970 -41.72 -30.62 -78.77
N THR B 971 -40.80 -31.29 -79.44
CA THR B 971 -41.03 -32.68 -79.76
C THR B 971 -40.07 -33.54 -78.95
N ARG B 972 -40.18 -34.86 -79.10
CA ARG B 972 -39.27 -35.75 -78.40
C ARG B 972 -37.84 -35.41 -78.74
N GLN B 973 -37.56 -35.20 -80.02
CA GLN B 973 -36.21 -34.88 -80.46
C GLN B 973 -35.66 -33.65 -79.80
N GLN B 974 -36.49 -32.64 -79.63
CA GLN B 974 -36.05 -31.40 -79.00
C GLN B 974 -35.56 -31.60 -77.60
N LEU B 975 -36.10 -32.58 -76.89
CA LEU B 975 -35.69 -32.83 -75.51
C LEU B 975 -34.20 -33.06 -75.43
N ASP B 976 -33.65 -33.82 -76.36
CA ASP B 976 -32.23 -34.15 -76.30
C ASP B 976 -31.37 -33.20 -77.11
N GLN B 977 -31.61 -31.90 -76.99
CA GLN B 977 -30.81 -30.92 -77.72
C GLN B 977 -30.32 -29.86 -76.77
N ASP B 978 -31.16 -28.87 -76.50
CA ASP B 978 -30.78 -27.81 -75.58
C ASP B 978 -31.74 -27.73 -74.43
N LEU B 979 -31.43 -26.90 -73.44
CA LEU B 979 -32.28 -26.76 -72.27
C LEU B 979 -33.64 -26.26 -72.68
N LEU B 980 -33.67 -25.26 -73.56
CA LEU B 980 -34.94 -24.73 -74.02
C LEU B 980 -35.73 -25.79 -74.77
N GLY B 981 -35.04 -26.69 -75.47
CA GLY B 981 -35.71 -27.76 -76.16
C GLY B 981 -36.50 -28.60 -75.19
N CYS B 982 -35.87 -28.97 -74.08
CA CYS B 982 -36.54 -29.77 -73.07
C CYS B 982 -37.68 -29.01 -72.42
N LEU B 983 -37.46 -27.73 -72.13
CA LEU B 983 -38.51 -26.92 -71.53
C LEU B 983 -39.75 -27.01 -72.36
N LYS B 984 -39.59 -26.81 -73.66
CA LYS B 984 -40.73 -26.86 -74.56
C LYS B 984 -41.43 -28.20 -74.53
N TYR B 985 -40.68 -29.30 -74.48
CA TYR B 985 -41.29 -30.61 -74.52
C TYR B 985 -42.24 -30.77 -73.36
N PHE B 986 -41.87 -30.23 -72.20
CA PHE B 986 -42.70 -30.41 -71.01
C PHE B 986 -43.90 -29.48 -70.94
N ILE B 987 -43.79 -28.28 -71.48
CA ILE B 987 -44.95 -27.40 -71.52
C ILE B 987 -45.96 -28.02 -72.46
N ASN B 988 -45.47 -28.65 -73.52
CA ASN B 988 -46.37 -29.35 -74.41
C ASN B 988 -46.95 -30.56 -73.70
N PHE B 989 -46.09 -31.44 -73.22
CA PHE B 989 -46.57 -32.66 -72.59
C PHE B 989 -45.99 -32.88 -71.21
N PHE B 990 -46.81 -32.74 -70.18
CA PHE B 990 -46.36 -32.99 -68.81
C PHE B 990 -47.39 -33.91 -68.27
N PHE B 991 -48.64 -33.59 -68.50
CA PHE B 991 -49.70 -34.46 -68.07
C PHE B 991 -49.83 -35.61 -69.04
N TYR B 992 -49.11 -35.57 -70.14
CA TYR B 992 -49.15 -36.72 -71.00
C TYR B 992 -48.40 -37.82 -70.30
N LYS B 993 -47.20 -37.51 -69.82
CA LYS B 993 -46.37 -38.52 -69.19
C LYS B 993 -46.61 -38.70 -67.72
N PHE B 994 -46.37 -37.68 -66.92
CA PHE B 994 -46.57 -37.76 -65.49
C PHE B 994 -48.02 -37.55 -65.08
N GLY B 995 -48.88 -38.50 -65.43
CA GLY B 995 -50.27 -38.34 -65.16
C GLY B 995 -50.80 -39.33 -64.17
N LEU B 996 -50.42 -40.58 -64.27
CA LEU B 996 -50.86 -41.51 -63.25
C LEU B 996 -50.30 -41.08 -61.91
N GLU B 997 -49.13 -40.49 -61.92
CA GLU B 997 -48.55 -40.02 -60.69
C GLU B 997 -49.30 -38.85 -60.08
N ILE B 998 -49.91 -37.99 -60.89
CA ILE B 998 -50.59 -36.81 -60.35
C ILE B 998 -52.01 -37.12 -59.93
N CYS B 999 -52.61 -38.18 -60.45
CA CYS B 999 -53.92 -38.54 -59.97
C CYS B 999 -53.80 -39.24 -58.64
N PHE B 1000 -52.63 -39.77 -58.34
CA PHE B 1000 -52.43 -40.45 -57.08
C PHE B 1000 -52.04 -39.43 -56.06
N LEU B 1001 -51.35 -38.37 -56.46
CA LEU B 1001 -51.06 -37.34 -55.49
C LEU B 1001 -52.24 -36.41 -55.25
N MET B 1002 -53.32 -36.58 -55.99
CA MET B 1002 -54.51 -35.80 -55.70
C MET B 1002 -55.36 -36.61 -54.75
N ALA B 1003 -55.36 -37.93 -54.83
CA ALA B 1003 -56.10 -38.70 -53.86
C ALA B 1003 -55.51 -38.56 -52.49
N VAL B 1004 -54.19 -38.43 -52.39
CA VAL B 1004 -53.59 -38.20 -51.08
C VAL B 1004 -54.07 -36.87 -50.49
N ASN B 1005 -54.29 -35.85 -51.32
CA ASN B 1005 -54.85 -34.59 -50.82
C ASN B 1005 -56.27 -34.69 -50.26
N VAL B 1006 -57.17 -35.43 -50.90
CA VAL B 1006 -58.49 -35.60 -50.34
C VAL B 1006 -58.36 -36.16 -48.94
N ILE B 1007 -57.67 -37.28 -48.76
CA ILE B 1007 -57.49 -37.92 -47.43
C ILE B 1007 -56.43 -37.24 -46.63
N GLY B 1008 -56.52 -35.93 -46.52
CA GLY B 1008 -55.54 -35.18 -45.76
C GLY B 1008 -56.14 -33.84 -45.45
N GLN B 1009 -57.20 -33.50 -46.16
CA GLN B 1009 -57.86 -32.25 -45.90
C GLN B 1009 -59.27 -32.49 -45.42
N ARG B 1010 -59.74 -33.71 -45.55
CA ARG B 1010 -61.09 -34.02 -45.14
C ARG B 1010 -61.08 -34.91 -43.90
N MET B 1011 -60.32 -35.99 -43.93
CA MET B 1011 -60.22 -36.91 -42.78
C MET B 1011 -61.50 -37.41 -42.11
N ASN B 1012 -62.56 -37.60 -42.87
CA ASN B 1012 -63.79 -38.14 -42.31
C ASN B 1012 -63.89 -39.62 -42.53
N PHE B 1013 -65.06 -40.09 -42.90
CA PHE B 1013 -65.25 -41.52 -43.07
C PHE B 1013 -65.58 -41.80 -44.51
N LEU B 1014 -66.16 -40.83 -45.19
CA LEU B 1014 -66.41 -41.05 -46.59
C LEU B 1014 -65.13 -40.84 -47.41
N VAL B 1015 -64.05 -40.39 -46.77
CA VAL B 1015 -62.78 -40.20 -47.45
C VAL B 1015 -61.97 -41.48 -47.39
N THR B 1016 -62.41 -42.46 -46.62
CA THR B 1016 -61.68 -43.71 -46.53
C THR B 1016 -61.91 -44.61 -47.73
N LEU B 1017 -62.94 -44.37 -48.51
CA LEU B 1017 -63.11 -45.18 -49.71
C LEU B 1017 -62.21 -44.68 -50.80
N HIS B 1018 -61.79 -43.42 -50.72
CA HIS B 1018 -60.81 -42.91 -51.69
C HIS B 1018 -59.53 -43.59 -51.34
N GLY B 1019 -59.29 -43.80 -50.06
CA GLY B 1019 -58.12 -44.54 -49.66
C GLY B 1019 -58.08 -45.94 -50.23
N CYS B 1020 -59.18 -46.67 -50.19
CA CYS B 1020 -59.15 -48.05 -50.66
C CYS B 1020 -59.04 -48.16 -52.16
N TRP B 1021 -59.41 -47.11 -52.88
CA TRP B 1021 -59.25 -47.15 -54.31
C TRP B 1021 -57.78 -46.96 -54.65
N LEU B 1022 -57.10 -46.06 -53.95
CA LEU B 1022 -55.68 -45.86 -54.19
C LEU B 1022 -54.96 -47.17 -54.00
N VAL B 1023 -55.27 -47.92 -52.95
CA VAL B 1023 -54.53 -49.14 -52.67
C VAL B 1023 -55.10 -50.37 -53.33
N ALA B 1024 -55.78 -50.20 -54.45
CA ALA B 1024 -56.27 -51.34 -55.20
C ALA B 1024 -56.03 -50.99 -56.63
N ILE B 1025 -55.50 -49.80 -56.87
CA ILE B 1025 -55.15 -49.40 -58.22
C ILE B 1025 -53.64 -49.45 -58.22
N LEU B 1026 -53.02 -48.95 -57.17
CA LEU B 1026 -51.58 -48.97 -57.08
C LEU B 1026 -51.12 -50.40 -57.11
N THR B 1027 -51.83 -51.32 -56.47
CA THR B 1027 -51.36 -52.70 -56.38
C THR B 1027 -51.25 -53.43 -57.70
N ARG B 1028 -52.07 -53.09 -58.68
CA ARG B 1028 -51.89 -53.68 -60.00
C ARG B 1028 -50.78 -52.82 -60.53
N ARG B 1029 -49.53 -53.25 -60.42
CA ARG B 1029 -48.41 -52.39 -60.79
C ARG B 1029 -48.16 -52.06 -62.25
N HIS B 1030 -48.92 -52.62 -63.17
CA HIS B 1030 -48.66 -52.39 -64.58
C HIS B 1030 -49.53 -51.30 -65.14
N ARG B 1031 -48.95 -50.38 -65.90
CA ARG B 1031 -49.72 -49.27 -66.47
C ARG B 1031 -50.88 -49.82 -67.29
N GLN B 1032 -50.67 -50.90 -68.01
CA GLN B 1032 -51.72 -51.48 -68.83
C GLN B 1032 -52.87 -52.02 -68.00
N ALA B 1033 -52.59 -52.71 -66.91
CA ALA B 1033 -53.68 -53.16 -66.06
C ALA B 1033 -54.44 -52.00 -65.42
N ILE B 1034 -53.74 -50.94 -65.06
CA ILE B 1034 -54.38 -49.79 -64.44
C ILE B 1034 -55.32 -49.18 -65.45
N ALA B 1035 -54.94 -49.21 -66.73
CA ALA B 1035 -55.79 -48.65 -67.78
C ALA B 1035 -57.08 -49.41 -68.03
N ARG B 1036 -57.28 -50.52 -67.36
CA ARG B 1036 -58.54 -51.23 -67.48
C ARG B 1036 -59.43 -50.96 -66.27
N LEU B 1037 -58.87 -50.41 -65.20
CA LEU B 1037 -59.65 -50.05 -64.02
C LEU B 1037 -60.00 -48.58 -64.02
N TRP B 1038 -59.32 -47.78 -64.82
CA TRP B 1038 -59.68 -46.39 -64.93
C TRP B 1038 -61.12 -46.17 -65.32
N PRO B 1039 -61.72 -47.03 -66.19
CA PRO B 1039 -63.15 -46.82 -66.43
C PRO B 1039 -64.01 -46.76 -65.17
N ASN B 1040 -63.72 -47.58 -64.19
CA ASN B 1040 -64.47 -47.58 -62.97
C ASN B 1040 -64.02 -46.52 -61.97
N TYR B 1041 -62.73 -46.23 -61.88
CA TYR B 1041 -62.29 -45.16 -60.99
C TYR B 1041 -63.02 -43.90 -61.36
N CYS B 1042 -63.14 -43.59 -62.65
CA CYS B 1042 -63.78 -42.35 -63.06
C CYS B 1042 -65.28 -42.35 -62.82
N LEU B 1043 -65.96 -43.46 -63.03
CA LEU B 1043 -67.38 -43.48 -62.70
C LEU B 1043 -67.59 -43.30 -61.21
N PHE B 1044 -66.86 -44.04 -60.38
CA PHE B 1044 -66.97 -43.87 -58.93
C PHE B 1044 -66.78 -42.43 -58.52
N LEU B 1045 -65.68 -41.78 -58.91
CA LEU B 1045 -65.46 -40.43 -58.43
C LEU B 1045 -66.55 -39.45 -58.81
N ALA B 1046 -67.27 -39.71 -59.89
CA ALA B 1046 -68.38 -38.85 -60.27
C ALA B 1046 -69.68 -39.14 -59.51
N LEU B 1047 -69.96 -40.40 -59.23
CA LEU B 1047 -71.15 -40.73 -58.45
C LEU B 1047 -70.94 -40.46 -56.98
N PHE B 1048 -69.70 -40.31 -56.54
CA PHE B 1048 -69.45 -39.95 -55.17
C PHE B 1048 -69.60 -38.45 -54.94
N LEU B 1049 -69.19 -37.62 -55.87
CA LEU B 1049 -69.41 -36.19 -55.68
C LEU B 1049 -70.88 -35.93 -55.66
N LEU B 1050 -71.66 -36.53 -56.54
CA LEU B 1050 -73.08 -36.21 -56.48
C LEU B 1050 -73.71 -36.72 -55.20
N TYR B 1051 -73.41 -37.93 -54.79
CA TYR B 1051 -74.05 -38.45 -53.60
C TYR B 1051 -73.63 -37.69 -52.36
N GLN B 1052 -72.39 -37.26 -52.28
CA GLN B 1052 -71.98 -36.48 -51.14
C GLN B 1052 -72.61 -35.09 -51.16
N TYR B 1053 -73.01 -34.59 -52.31
CA TYR B 1053 -73.71 -33.30 -52.32
C TYR B 1053 -75.21 -33.46 -52.24
N LEU B 1054 -75.72 -34.69 -52.26
CA LEU B 1054 -77.14 -34.91 -52.04
C LEU B 1054 -77.22 -35.00 -50.55
N LEU B 1055 -76.17 -35.50 -49.92
CA LEU B 1055 -76.13 -35.56 -48.48
C LEU B 1055 -75.58 -34.28 -47.91
N CYS B 1056 -75.60 -33.20 -48.67
CA CYS B 1056 -75.18 -31.92 -48.12
C CYS B 1056 -76.31 -30.98 -48.36
N LEU B 1057 -77.35 -31.47 -49.03
CA LEU B 1057 -78.53 -30.65 -49.24
C LEU B 1057 -79.56 -31.26 -48.34
N GLY B 1058 -79.47 -32.56 -48.12
CA GLY B 1058 -80.43 -33.23 -47.26
C GLY B 1058 -81.09 -34.42 -47.95
N SER B 1096 -69.24 -28.84 -46.96
CA SER B 1096 -69.66 -28.86 -48.35
C SER B 1096 -68.81 -27.89 -49.10
N THR B 1097 -67.65 -27.58 -48.58
CA THR B 1097 -66.71 -26.75 -49.31
C THR B 1097 -65.39 -27.46 -49.14
N ASN B 1098 -65.45 -28.77 -48.95
CA ASN B 1098 -64.26 -29.56 -48.85
C ASN B 1098 -64.50 -30.64 -49.85
N LEU B 1099 -65.70 -30.67 -50.42
CA LEU B 1099 -66.00 -31.61 -51.47
C LEU B 1099 -65.36 -31.13 -52.77
N ILE B 1100 -64.70 -29.97 -52.75
CA ILE B 1100 -63.98 -29.50 -53.94
C ILE B 1100 -62.72 -30.30 -54.17
N SER B 1101 -62.27 -31.08 -53.18
CA SER B 1101 -61.11 -31.94 -53.41
C SER B 1101 -61.55 -33.19 -54.12
N ASP B 1102 -62.82 -33.57 -54.02
CA ASP B 1102 -63.30 -34.70 -54.79
C ASP B 1102 -63.57 -34.25 -56.22
N PHE B 1103 -63.60 -32.94 -56.47
CA PHE B 1103 -63.72 -32.49 -57.84
C PHE B 1103 -62.36 -32.39 -58.41
N LEU B 1104 -61.47 -31.64 -57.79
CA LEU B 1104 -60.17 -31.50 -58.42
C LEU B 1104 -59.70 -32.86 -58.89
N LEU B 1105 -60.16 -33.95 -58.26
CA LEU B 1105 -59.69 -35.30 -58.62
C LEU B 1105 -60.54 -35.98 -59.67
N LEU B 1106 -61.78 -35.57 -59.86
CA LEU B 1106 -62.55 -36.14 -60.94
C LEU B 1106 -62.06 -35.46 -62.16
N LEU B 1107 -61.50 -34.26 -62.03
CA LEU B 1107 -60.92 -33.62 -63.20
C LEU B 1107 -59.61 -34.34 -63.55
N CYS B 1108 -58.65 -34.40 -62.65
CA CYS B 1108 -57.40 -35.02 -62.99
C CYS B 1108 -57.60 -36.40 -63.55
N ALA B 1109 -58.52 -37.18 -63.01
CA ALA B 1109 -58.64 -38.54 -63.50
C ALA B 1109 -59.40 -38.66 -64.78
N SER B 1110 -60.25 -37.71 -65.11
CA SER B 1110 -60.91 -37.78 -66.39
C SER B 1110 -59.92 -37.44 -67.46
N GLN B 1111 -58.94 -36.61 -67.12
CA GLN B 1111 -57.91 -36.27 -68.08
C GLN B 1111 -56.89 -37.40 -68.31
N GLN B 1112 -56.67 -38.27 -67.33
CA GLN B 1112 -55.78 -39.42 -67.55
C GLN B 1112 -56.51 -40.52 -68.26
N TRP B 1113 -57.82 -40.44 -68.33
CA TRP B 1113 -58.51 -41.45 -69.09
C TRP B 1113 -58.34 -41.07 -70.52
N GLN B 1114 -58.09 -39.79 -70.76
CA GLN B 1114 -57.85 -39.36 -72.13
C GLN B 1114 -56.46 -39.76 -72.62
N VAL B 1115 -55.43 -39.62 -71.80
CA VAL B 1115 -54.11 -40.07 -72.18
C VAL B 1115 -54.17 -41.56 -72.43
N PHE B 1116 -54.91 -42.30 -71.60
CA PHE B 1116 -54.99 -43.76 -71.72
C PHE B 1116 -55.64 -44.25 -72.99
N SER B 1117 -56.26 -43.36 -73.76
CA SER B 1117 -56.83 -43.75 -75.03
C SER B 1117 -56.28 -42.89 -76.16
N ALA B 1118 -55.19 -42.17 -75.90
CA ALA B 1118 -54.55 -41.38 -76.95
C ALA B 1118 -53.11 -41.77 -77.16
N GLU B 1119 -52.54 -42.50 -76.20
CA GLU B 1119 -51.19 -43.00 -76.38
C GLU B 1119 -51.36 -44.16 -77.33
N ARG B 1120 -52.56 -44.74 -77.36
CA ARG B 1120 -52.84 -45.86 -78.24
C ARG B 1120 -52.92 -45.43 -79.71
N THR B 1121 -53.04 -44.14 -79.97
CA THR B 1121 -53.07 -43.65 -81.34
C THR B 1121 -51.65 -43.39 -81.83
N TYR B 1154 -25.21 -28.16 -71.10
CA TYR B 1154 -25.62 -28.05 -69.71
C TYR B 1154 -26.84 -28.89 -69.41
N LEU B 1155 -27.55 -29.32 -70.44
CA LEU B 1155 -28.69 -30.19 -70.23
C LEU B 1155 -28.13 -31.54 -69.84
N ASP B 1156 -26.94 -31.84 -70.31
CA ASP B 1156 -26.31 -33.09 -69.96
C ASP B 1156 -25.96 -33.13 -68.49
N MET B 1157 -25.61 -31.98 -67.92
CA MET B 1157 -25.35 -31.93 -66.48
C MET B 1157 -26.60 -32.27 -65.69
N LEU B 1158 -27.72 -31.67 -66.05
CA LEU B 1158 -28.97 -31.93 -65.34
C LEU B 1158 -29.36 -33.38 -65.39
N LYS B 1159 -29.18 -34.04 -66.52
CA LYS B 1159 -29.62 -35.42 -66.63
C LYS B 1159 -28.83 -36.33 -65.72
N VAL B 1160 -27.58 -36.01 -65.42
CA VAL B 1160 -26.82 -36.81 -64.47
C VAL B 1160 -27.32 -36.58 -63.06
N ALA B 1161 -27.57 -35.33 -62.69
CA ALA B 1161 -28.10 -35.04 -61.36
C ALA B 1161 -29.58 -35.34 -61.19
N VAL B 1162 -30.19 -36.12 -62.07
CA VAL B 1162 -31.57 -36.50 -61.89
C VAL B 1162 -31.57 -38.02 -62.02
N PHE B 1163 -30.70 -38.57 -62.86
CA PHE B 1163 -30.73 -40.00 -63.08
C PHE B 1163 -29.63 -40.73 -62.33
N ARG B 1164 -28.90 -40.03 -61.48
CA ARG B 1164 -27.85 -40.66 -60.71
C ARG B 1164 -27.83 -40.23 -59.26
N TYR B 1165 -27.69 -38.94 -59.00
CA TYR B 1165 -27.71 -38.44 -57.63
C TYR B 1165 -29.08 -37.99 -57.18
N LEU B 1166 -30.12 -38.78 -57.44
CA LEU B 1166 -31.42 -38.44 -56.92
C LEU B 1166 -31.81 -39.53 -55.98
N PHE B 1167 -31.42 -40.78 -56.25
CA PHE B 1167 -31.70 -41.84 -55.32
C PHE B 1167 -31.19 -41.42 -53.98
N TRP B 1168 -30.06 -40.75 -53.94
CA TRP B 1168 -29.49 -40.32 -52.68
C TRP B 1168 -30.26 -39.21 -52.00
N LEU B 1169 -30.96 -38.36 -52.75
CA LEU B 1169 -31.79 -37.33 -52.12
C LEU B 1169 -33.10 -37.90 -51.65
N VAL B 1170 -33.66 -38.88 -52.32
CA VAL B 1170 -34.86 -39.51 -51.83
C VAL B 1170 -34.56 -40.05 -50.47
N LEU B 1171 -33.40 -40.65 -50.28
CA LEU B 1171 -33.05 -41.24 -48.99
C LEU B 1171 -32.90 -40.24 -47.85
N VAL B 1172 -32.52 -39.00 -48.13
CA VAL B 1172 -32.49 -38.00 -47.08
C VAL B 1172 -33.91 -37.60 -46.74
N VAL B 1173 -34.78 -37.38 -47.73
CA VAL B 1173 -36.19 -37.10 -47.45
C VAL B 1173 -36.84 -38.20 -46.60
N VAL B 1174 -36.59 -39.48 -46.86
CA VAL B 1174 -37.14 -40.52 -46.00
C VAL B 1174 -36.75 -40.32 -44.55
N PHE B 1175 -35.54 -39.91 -44.27
CA PHE B 1175 -35.14 -39.62 -42.90
C PHE B 1175 -35.93 -38.44 -42.37
N VAL B 1176 -35.96 -37.31 -43.08
CA VAL B 1176 -36.65 -36.15 -42.56
C VAL B 1176 -38.17 -36.22 -42.69
N THR B 1177 -38.73 -37.37 -43.04
CA THR B 1177 -40.17 -37.52 -43.08
C THR B 1177 -40.46 -38.16 -41.77
N GLY B 1178 -39.52 -38.94 -41.29
CA GLY B 1178 -39.72 -39.65 -40.04
C GLY B 1178 -39.05 -39.15 -38.80
N ALA B 1179 -38.39 -38.01 -38.88
CA ALA B 1179 -37.77 -37.43 -37.70
C ALA B 1179 -38.27 -36.03 -37.46
N THR B 1180 -39.30 -35.63 -38.17
CA THR B 1180 -39.90 -34.33 -37.93
C THR B 1180 -41.22 -34.59 -37.25
N ARG B 1181 -41.82 -35.75 -37.54
CA ARG B 1181 -43.08 -36.13 -36.94
C ARG B 1181 -42.86 -37.28 -35.99
N ILE B 1182 -42.60 -37.00 -34.72
CA ILE B 1182 -42.31 -38.05 -33.74
C ILE B 1182 -43.51 -38.93 -33.40
N SER B 1183 -43.55 -40.14 -33.92
CA SER B 1183 -44.63 -41.06 -33.65
C SER B 1183 -44.09 -42.46 -33.79
N ILE B 1184 -44.96 -43.44 -33.95
CA ILE B 1184 -44.52 -44.80 -34.13
C ILE B 1184 -44.26 -45.00 -35.61
N PHE B 1185 -45.08 -44.37 -36.44
CA PHE B 1185 -44.93 -44.51 -37.88
C PHE B 1185 -43.64 -43.87 -38.31
N GLY B 1186 -43.28 -42.77 -37.66
CA GLY B 1186 -42.03 -42.11 -37.97
C GLY B 1186 -40.80 -42.96 -37.74
N LEU B 1187 -40.79 -43.81 -36.73
CA LEU B 1187 -39.66 -44.70 -36.55
C LEU B 1187 -39.51 -45.64 -37.71
N GLY B 1188 -40.61 -46.09 -38.28
CA GLY B 1188 -40.51 -46.93 -39.45
C GLY B 1188 -39.73 -46.30 -40.60
N TYR B 1189 -39.91 -45.02 -40.85
CA TYR B 1189 -39.16 -44.33 -41.89
C TYR B 1189 -37.69 -44.29 -41.54
N LEU B 1190 -37.35 -43.91 -40.31
CA LEU B 1190 -35.96 -43.88 -39.90
C LEU B 1190 -35.31 -45.21 -40.19
N LEU B 1191 -35.97 -46.31 -39.87
CA LEU B 1191 -35.35 -47.61 -40.05
C LEU B 1191 -35.32 -48.08 -41.50
N ALA B 1192 -36.12 -47.50 -42.37
CA ALA B 1192 -36.03 -47.88 -43.77
C ALA B 1192 -34.90 -47.13 -44.43
N CYS B 1193 -34.62 -45.91 -43.97
CA CYS B 1193 -33.50 -45.17 -44.49
C CYS B 1193 -32.26 -45.96 -44.20
N PHE B 1194 -32.12 -46.48 -42.99
CA PHE B 1194 -30.91 -47.20 -42.60
C PHE B 1194 -30.69 -48.43 -43.48
N TYR B 1195 -31.75 -49.18 -43.76
CA TYR B 1195 -31.61 -50.34 -44.61
C TYR B 1195 -31.21 -49.96 -45.99
N LEU B 1196 -31.87 -48.97 -46.57
CA LEU B 1196 -31.59 -48.64 -47.96
C LEU B 1196 -30.31 -47.88 -48.16
N LEU B 1197 -29.66 -47.44 -47.10
CA LEU B 1197 -28.38 -46.79 -47.27
C LEU B 1197 -27.34 -47.87 -47.30
N LEU B 1198 -27.50 -48.89 -46.45
CA LEU B 1198 -26.54 -49.97 -46.37
C LEU B 1198 -26.56 -50.86 -47.60
N PHE B 1199 -27.73 -51.28 -48.01
CA PHE B 1199 -27.85 -52.17 -49.15
C PHE B 1199 -28.28 -51.36 -50.34
N GLY B 1200 -27.72 -50.18 -50.49
CA GLY B 1200 -28.12 -49.32 -51.57
C GLY B 1200 -27.31 -49.53 -52.81
N THR B 1201 -26.00 -49.68 -52.67
CA THR B 1201 -25.14 -49.84 -53.83
C THR B 1201 -25.56 -51.05 -54.63
N ALA B 1202 -25.88 -52.13 -53.93
CA ALA B 1202 -26.32 -53.33 -54.61
C ALA B 1202 -27.66 -53.15 -55.32
N LEU B 1203 -28.55 -52.35 -54.74
CA LEU B 1203 -29.82 -52.10 -55.38
C LEU B 1203 -29.66 -51.31 -56.66
N LEU B 1204 -28.80 -50.29 -56.66
CA LEU B 1204 -28.66 -49.45 -57.84
C LEU B 1204 -28.03 -50.23 -58.97
N GLN B 1205 -27.71 -51.50 -58.74
CA GLN B 1205 -27.04 -52.31 -59.76
C GLN B 1205 -27.87 -53.47 -60.23
N ARG B 1206 -28.72 -54.00 -59.36
CA ARG B 1206 -29.52 -55.17 -59.72
C ARG B 1206 -30.40 -54.97 -60.93
N ASP B 1207 -30.83 -56.05 -61.56
CA ASP B 1207 -31.71 -55.94 -62.70
C ASP B 1207 -33.03 -55.31 -62.29
N THR B 1208 -33.76 -54.76 -63.27
CA THR B 1208 -35.02 -54.07 -62.99
C THR B 1208 -35.90 -54.78 -61.99
N ARG B 1209 -36.16 -56.07 -62.17
CA ARG B 1209 -37.08 -56.76 -61.27
C ARG B 1209 -36.84 -56.46 -59.79
N ALA B 1210 -35.68 -56.79 -59.26
CA ALA B 1210 -35.47 -56.59 -57.82
C ALA B 1210 -35.54 -55.14 -57.41
N ARG B 1211 -34.95 -54.27 -58.20
CA ARG B 1211 -35.00 -52.84 -57.92
C ARG B 1211 -36.45 -52.45 -57.73
N LEU B 1212 -37.29 -52.80 -58.69
CA LEU B 1212 -38.69 -52.45 -58.62
C LEU B 1212 -39.38 -53.07 -57.44
N VAL B 1213 -39.16 -54.35 -57.14
CA VAL B 1213 -39.78 -54.90 -55.94
C VAL B 1213 -39.42 -54.09 -54.70
N LEU B 1214 -38.15 -53.78 -54.52
CA LEU B 1214 -37.76 -52.96 -53.38
C LEU B 1214 -38.45 -51.60 -53.36
N TRP B 1215 -38.48 -50.89 -54.48
CA TRP B 1215 -39.10 -49.56 -54.45
C TRP B 1215 -40.60 -49.60 -54.35
N ASP B 1216 -41.23 -50.74 -54.64
CA ASP B 1216 -42.66 -50.88 -54.51
C ASP B 1216 -43.02 -51.26 -53.10
N CYS B 1217 -42.08 -51.87 -52.40
CA CYS B 1217 -42.36 -52.13 -51.00
C CYS B 1217 -42.27 -50.88 -50.13
N LEU B 1218 -41.49 -49.85 -50.49
CA LEU B 1218 -41.49 -48.61 -49.68
C LEU B 1218 -42.75 -47.76 -49.95
N ILE B 1219 -43.16 -47.71 -51.22
CA ILE B 1219 -44.37 -46.99 -51.57
C ILE B 1219 -45.55 -47.55 -50.75
N LEU B 1220 -45.61 -48.86 -50.54
CA LEU B 1220 -46.67 -49.44 -49.72
C LEU B 1220 -46.62 -48.92 -48.31
N TYR B 1221 -45.51 -49.02 -47.61
CA TYR B 1221 -45.44 -48.40 -46.29
C TYR B 1221 -45.95 -46.97 -46.32
N ASN B 1222 -45.52 -46.14 -47.27
CA ASN B 1222 -46.08 -44.78 -47.28
C ASN B 1222 -47.61 -44.73 -47.43
N VAL B 1223 -48.17 -45.35 -48.46
CA VAL B 1223 -49.62 -45.35 -48.56
C VAL B 1223 -50.28 -45.86 -47.29
N THR B 1224 -49.73 -46.85 -46.62
CA THR B 1224 -50.40 -47.40 -45.44
C THR B 1224 -50.34 -46.42 -44.30
N VAL B 1225 -49.20 -45.79 -44.04
CA VAL B 1225 -49.21 -44.76 -43.02
C VAL B 1225 -50.31 -43.75 -43.40
N ILE B 1226 -50.38 -43.33 -44.65
CA ILE B 1226 -51.37 -42.30 -45.03
C ILE B 1226 -52.84 -42.75 -44.84
N ILE B 1227 -53.15 -44.02 -45.07
CA ILE B 1227 -54.51 -44.52 -44.88
C ILE B 1227 -54.81 -44.71 -43.40
N SER B 1228 -53.83 -45.09 -42.61
CA SER B 1228 -54.08 -45.33 -41.21
C SER B 1228 -54.11 -44.06 -40.39
N LYS B 1229 -53.20 -43.12 -40.64
CA LYS B 1229 -53.28 -41.91 -39.88
C LYS B 1229 -54.70 -41.38 -39.97
N ASN B 1230 -55.42 -41.73 -41.02
CA ASN B 1230 -56.82 -41.32 -41.13
C ASN B 1230 -57.77 -42.19 -40.28
N MET B 1231 -57.85 -43.49 -40.57
CA MET B 1231 -58.70 -44.38 -39.78
C MET B 1231 -58.57 -44.14 -38.28
N LEU B 1232 -57.44 -43.63 -37.84
CA LEU B 1232 -57.28 -43.32 -36.43
C LEU B 1232 -57.22 -41.83 -36.21
N SER B 1233 -58.12 -41.08 -36.83
CA SER B 1233 -58.18 -39.65 -36.61
C SER B 1233 -59.07 -38.97 -37.63
N ALA B 1283 -49.66 -33.04 -36.07
CA ALA B 1283 -49.07 -34.16 -36.77
C ALA B 1283 -50.00 -34.65 -37.85
N GLY B 1284 -49.55 -34.64 -39.11
CA GLY B 1284 -50.43 -35.02 -40.20
C GLY B 1284 -49.89 -35.74 -41.42
N ILE B 1285 -50.35 -35.37 -42.60
CA ILE B 1285 -49.97 -36.07 -43.79
C ILE B 1285 -48.98 -35.31 -44.68
N ILE B 1286 -48.73 -34.02 -44.41
CA ILE B 1286 -47.84 -33.24 -45.28
C ILE B 1286 -46.51 -33.88 -45.54
N TRP B 1287 -45.78 -34.29 -44.51
CA TRP B 1287 -44.45 -34.82 -44.74
C TRP B 1287 -44.50 -36.20 -45.37
N ASP B 1288 -45.59 -36.93 -45.22
CA ASP B 1288 -45.70 -38.21 -45.92
C ASP B 1288 -46.16 -37.98 -47.33
N SER B 1289 -46.50 -36.76 -47.71
CA SER B 1289 -46.85 -36.51 -49.08
C SER B 1289 -45.69 -35.97 -49.86
N VAL B 1290 -44.74 -35.29 -49.23
CA VAL B 1290 -43.54 -34.90 -49.93
C VAL B 1290 -42.87 -36.21 -50.27
N CYS B 1291 -42.83 -37.13 -49.32
CA CYS B 1291 -42.21 -38.42 -49.56
C CYS B 1291 -42.92 -39.20 -50.64
N PHE B 1292 -44.23 -39.22 -50.70
CA PHE B 1292 -44.88 -40.04 -51.72
C PHE B 1292 -44.53 -39.51 -53.08
N PHE B 1293 -44.31 -38.22 -53.21
CA PHE B 1293 -43.89 -37.69 -54.50
C PHE B 1293 -42.54 -38.25 -54.85
N PHE B 1294 -41.52 -37.98 -54.05
CA PHE B 1294 -40.17 -38.42 -54.40
C PHE B 1294 -40.09 -39.88 -54.76
N LEU B 1295 -40.77 -40.74 -54.03
CA LEU B 1295 -40.64 -42.15 -54.30
C LEU B 1295 -41.34 -42.51 -55.59
N LEU B 1296 -42.35 -41.77 -56.00
CA LEU B 1296 -42.97 -42.07 -57.26
C LEU B 1296 -42.15 -41.51 -58.40
N LEU B 1297 -41.31 -40.52 -58.14
CA LEU B 1297 -40.44 -39.99 -59.18
C LEU B 1297 -39.29 -40.97 -59.41
N GLN B 1298 -38.75 -41.58 -58.36
CA GLN B 1298 -37.63 -42.49 -58.53
C GLN B 1298 -38.09 -43.78 -59.11
N ARG B 1299 -39.35 -44.13 -59.03
CA ARG B 1299 -39.76 -45.34 -59.69
C ARG B 1299 -39.68 -45.10 -61.18
N ARG B 1300 -39.86 -43.86 -61.61
CA ARG B 1300 -39.72 -43.55 -63.03
C ARG B 1300 -38.27 -43.47 -63.49
N VAL B 1301 -37.37 -42.92 -62.70
CA VAL B 1301 -35.94 -42.94 -63.07
C VAL B 1301 -35.47 -44.38 -63.20
N PHE B 1302 -35.83 -45.27 -62.27
CA PHE B 1302 -35.43 -46.68 -62.28
C PHE B 1302 -36.14 -47.51 -63.31
N LEU B 1303 -36.91 -46.89 -64.20
CA LEU B 1303 -37.57 -47.64 -65.25
C LEU B 1303 -37.38 -46.92 -66.56
N SER B 1304 -36.33 -46.13 -66.66
CA SER B 1304 -36.13 -45.37 -67.87
C SER B 1304 -35.19 -46.07 -68.79
N HIS B 1305 -34.73 -45.37 -69.81
CA HIS B 1305 -33.76 -45.95 -70.72
C HIS B 1305 -32.50 -45.17 -70.53
N TYR B 1306 -32.59 -44.06 -69.82
CA TYR B 1306 -31.43 -43.27 -69.54
C TYR B 1306 -30.75 -43.80 -68.29
N TYR B 1307 -31.42 -44.68 -67.55
CA TYR B 1307 -30.82 -45.26 -66.37
C TYR B 1307 -30.03 -46.44 -66.80
N LEU B 1308 -30.40 -47.08 -67.88
CA LEU B 1308 -29.60 -48.18 -68.37
C LEU B 1308 -28.13 -47.77 -68.46
N HIS B 1309 -27.87 -46.55 -68.90
CA HIS B 1309 -26.50 -46.07 -69.00
C HIS B 1309 -25.81 -45.88 -67.65
N VAL B 1310 -26.53 -45.49 -66.61
CA VAL B 1310 -25.92 -45.34 -65.32
C VAL B 1310 -25.76 -46.68 -64.65
N ARG B 1311 -26.59 -47.64 -65.00
CA ARG B 1311 -26.39 -48.97 -64.44
C ARG B 1311 -25.08 -49.47 -64.97
N ALA B 1312 -24.80 -49.24 -66.25
CA ALA B 1312 -23.56 -49.70 -66.87
C ALA B 1312 -22.36 -49.18 -66.12
N ASP B 1313 -22.30 -47.87 -65.92
CA ASP B 1313 -21.18 -47.29 -65.22
C ASP B 1313 -20.98 -47.92 -63.86
N LEU B 1314 -22.05 -48.05 -63.10
CA LEU B 1314 -21.93 -48.61 -61.76
C LEU B 1314 -21.48 -50.06 -61.77
N GLN B 1315 -21.93 -50.84 -62.75
CA GLN B 1315 -21.51 -52.21 -62.85
C GLN B 1315 -20.03 -52.30 -63.16
N ALA B 1316 -19.56 -51.44 -64.06
CA ALA B 1316 -18.16 -51.43 -64.43
C ALA B 1316 -17.25 -51.13 -63.26
N THR B 1317 -17.65 -50.23 -62.38
CA THR B 1317 -16.78 -49.86 -61.28
C THR B 1317 -16.53 -51.02 -60.36
N ALA B 1318 -17.50 -51.91 -60.21
CA ALA B 1318 -17.31 -53.08 -59.37
C ALA B 1318 -16.30 -54.04 -59.97
N LEU B 1319 -16.20 -54.09 -61.29
CA LEU B 1319 -15.23 -54.96 -61.93
C LEU B 1319 -13.84 -54.35 -61.84
N LEU B 1320 -13.71 -53.07 -62.14
CA LEU B 1320 -12.42 -52.40 -62.11
C LEU B 1320 -11.95 -52.02 -60.71
N ALA B 1321 -12.54 -52.60 -59.68
CA ALA B 1321 -12.12 -52.30 -58.32
C ALA B 1321 -10.74 -52.83 -58.07
N SER B 1322 -10.44 -54.02 -58.58
CA SER B 1322 -9.14 -54.64 -58.35
C SER B 1322 -8.04 -53.78 -58.92
N ARG B 1323 -8.25 -53.25 -60.11
CA ARG B 1323 -7.27 -52.37 -60.69
C ARG B 1323 -7.07 -51.20 -59.75
N GLY B 1324 -8.15 -50.58 -59.31
CA GLY B 1324 -8.04 -49.50 -58.37
C GLY B 1324 -7.12 -49.80 -57.20
N PHE B 1325 -7.28 -50.96 -56.59
CA PHE B 1325 -6.47 -51.32 -55.43
C PHE B 1325 -5.02 -51.35 -55.83
N ALA B 1326 -4.72 -51.97 -56.96
CA ALA B 1326 -3.36 -52.03 -57.45
C ALA B 1326 -2.78 -50.63 -57.65
N LEU B 1327 -3.49 -49.78 -58.39
CA LEU B 1327 -3.01 -48.42 -58.56
C LEU B 1327 -2.65 -47.78 -57.21
N TYR B 1328 -3.57 -47.81 -56.26
CA TYR B 1328 -3.32 -47.22 -54.95
C TYR B 1328 -2.11 -47.84 -54.28
N ASN B 1329 -2.06 -49.16 -54.20
CA ASN B 1329 -0.96 -49.82 -53.50
C ASN B 1329 0.37 -49.55 -54.14
N ALA B 1330 0.41 -49.46 -55.47
CA ALA B 1330 1.64 -49.13 -56.14
C ALA B 1330 2.10 -47.76 -55.72
N ALA B 1331 1.18 -46.80 -55.73
CA ALA B 1331 1.53 -45.44 -55.32
C ALA B 1331 2.08 -45.42 -53.90
N ASN B 1332 1.47 -46.19 -53.00
CA ASN B 1332 1.94 -46.23 -51.64
C ASN B 1332 3.35 -46.75 -51.56
N LEU B 1333 3.62 -47.87 -52.24
CA LEU B 1333 4.94 -48.46 -52.20
C LEU B 1333 6.00 -47.55 -52.80
N LYS B 1334 5.63 -46.81 -53.84
CA LYS B 1334 6.58 -45.89 -54.43
C LYS B 1334 6.99 -44.82 -53.43
N SER B 1335 6.03 -44.23 -52.75
CA SER B 1335 6.34 -43.19 -51.78
C SER B 1335 7.15 -43.75 -50.63
N ILE B 1336 6.84 -44.98 -50.22
CA ILE B 1336 7.61 -45.62 -49.15
C ILE B 1336 9.08 -45.65 -49.56
N ASP B 1337 9.35 -46.11 -50.78
CA ASP B 1337 10.73 -46.22 -51.22
C ASP B 1337 11.43 -44.88 -51.27
N PHE B 1338 10.75 -43.84 -51.72
CA PHE B 1338 11.41 -42.55 -51.83
C PHE B 1338 11.80 -42.05 -50.45
N HIS B 1339 10.91 -42.21 -49.49
CA HIS B 1339 11.21 -41.76 -48.14
C HIS B 1339 12.33 -42.57 -47.56
N ARG B 1340 12.29 -43.88 -47.76
CA ARG B 1340 13.33 -44.75 -47.23
C ARG B 1340 14.69 -44.36 -47.79
N ARG B 1341 14.75 -44.06 -49.08
CA ARG B 1341 16.00 -43.62 -49.68
C ARG B 1341 16.55 -42.41 -48.97
N ILE B 1342 15.71 -41.40 -48.79
CA ILE B 1342 16.15 -40.16 -48.13
C ILE B 1342 16.74 -40.41 -46.75
N GLU B 1343 16.13 -41.28 -45.98
CA GLU B 1343 16.64 -41.58 -44.66
C GLU B 1343 18.00 -42.26 -44.71
N GLU B 1344 18.19 -43.18 -45.65
CA GLU B 1344 19.48 -43.83 -45.78
C GLU B 1344 20.57 -42.86 -46.22
N LYS B 1345 20.22 -41.89 -47.05
CA LYS B 1345 21.19 -40.88 -47.43
C LYS B 1345 21.67 -40.13 -46.20
N SER B 1346 20.75 -39.75 -45.32
CA SER B 1346 21.12 -39.04 -44.12
C SER B 1346 22.05 -39.86 -43.29
N LEU B 1347 21.80 -41.16 -43.18
CA LEU B 1347 22.64 -41.96 -42.31
C LEU B 1347 24.01 -42.14 -42.90
N ALA B 1348 24.12 -42.10 -44.22
CA ALA B 1348 25.43 -42.18 -44.82
C ALA B 1348 26.20 -40.92 -44.52
N GLN B 1349 25.55 -39.77 -44.69
CA GLN B 1349 26.22 -38.52 -44.41
C GLN B 1349 26.69 -38.45 -42.97
N LEU B 1350 25.84 -38.89 -42.04
CA LEU B 1350 26.21 -38.82 -40.64
C LEU B 1350 27.46 -39.60 -40.41
N LYS B 1351 27.54 -40.80 -40.98
CA LYS B 1351 28.69 -41.64 -40.77
C LYS B 1351 29.94 -41.08 -41.45
N ARG B 1352 29.79 -40.44 -42.59
CA ARG B 1352 30.94 -39.83 -43.23
C ARG B 1352 31.48 -38.72 -42.38
N GLN B 1353 30.59 -37.88 -41.86
CA GLN B 1353 31.04 -36.76 -41.05
C GLN B 1353 31.78 -37.25 -39.84
N MET B 1354 31.32 -38.34 -39.22
CA MET B 1354 31.99 -38.77 -38.03
C MET B 1354 33.36 -39.34 -38.34
N GLU B 1355 33.58 -39.83 -39.55
CA GLU B 1355 34.92 -40.29 -39.87
C GLU B 1355 35.86 -39.12 -39.98
N ARG B 1356 35.41 -38.00 -40.52
CA ARG B 1356 36.25 -36.82 -40.57
C ARG B 1356 36.67 -36.39 -39.17
N ILE B 1357 35.73 -36.33 -38.24
CA ILE B 1357 36.03 -35.93 -36.88
C ILE B 1357 37.10 -36.85 -36.34
N ARG B 1358 36.88 -38.15 -36.40
CA ARG B 1358 37.84 -39.09 -35.81
C ARG B 1358 39.21 -39.05 -36.47
N ALA B 1359 39.28 -38.70 -37.74
CA ALA B 1359 40.57 -38.57 -38.40
C ALA B 1359 41.38 -37.45 -37.80
N LYS B 1360 40.78 -36.27 -37.65
CA LYS B 1360 41.48 -35.14 -37.08
C LYS B 1360 41.96 -35.45 -35.69
N GLN B 1361 41.13 -36.11 -34.89
CA GLN B 1361 41.53 -36.37 -33.52
C GLN B 1361 42.74 -37.27 -33.47
N GLU B 1362 42.83 -38.21 -34.39
CA GLU B 1362 43.99 -39.10 -34.42
C GLU B 1362 45.25 -38.39 -34.87
N LYS B 1363 45.13 -37.48 -35.83
CA LYS B 1363 46.29 -36.72 -36.26
C LYS B 1363 46.86 -35.95 -35.09
N HIS B 1364 45.98 -35.35 -34.29
CA HIS B 1364 46.44 -34.57 -33.16
C HIS B 1364 46.95 -35.45 -32.03
N ARG B 1365 46.48 -36.69 -31.97
CA ARG B 1365 46.98 -37.60 -30.95
C ARG B 1365 48.39 -37.95 -31.31
N GLN B 1366 48.65 -38.18 -32.59
CA GLN B 1366 50.00 -38.48 -33.03
C GLN B 1366 50.89 -37.26 -32.91
N GLY B 1367 50.33 -36.07 -33.08
CA GLY B 1367 51.10 -34.86 -32.91
C GLY B 1367 51.58 -34.75 -31.47
N ARG B 1368 50.70 -35.02 -30.52
CA ARG B 1368 51.09 -35.00 -29.12
C ARG B 1368 52.12 -36.08 -28.84
N VAL B 1369 52.00 -37.23 -29.49
CA VAL B 1369 52.99 -38.30 -29.32
C VAL B 1369 54.36 -37.82 -29.78
N ASP B 1370 54.43 -37.20 -30.96
CA ASP B 1370 55.71 -36.69 -31.45
C ASP B 1370 56.20 -35.53 -30.60
N ASP B 1408 41.26 -39.80 -17.48
CA ASP B 1408 40.39 -39.08 -16.56
C ASP B 1408 39.63 -37.99 -17.28
N HIS B 1409 38.35 -37.80 -16.96
CA HIS B 1409 37.54 -36.81 -17.63
C HIS B 1409 38.10 -35.43 -17.51
N ALA B 1410 38.49 -35.02 -16.33
CA ALA B 1410 38.93 -33.65 -16.15
C ALA B 1410 40.34 -33.37 -16.59
N THR B 1411 41.00 -34.32 -17.21
CA THR B 1411 42.31 -34.06 -17.75
C THR B 1411 42.18 -34.10 -19.24
N VAL B 1412 40.97 -34.32 -19.75
CA VAL B 1412 40.73 -34.31 -21.18
C VAL B 1412 40.04 -33.00 -21.47
N ILE B 1413 39.13 -32.60 -20.59
CA ILE B 1413 38.45 -31.33 -20.75
C ILE B 1413 39.47 -30.21 -20.66
N HIS B 1414 40.40 -30.31 -19.73
CA HIS B 1414 41.41 -29.26 -19.53
C HIS B 1414 42.73 -29.58 -20.17
N SER B 1415 42.73 -29.89 -21.46
CA SER B 1415 43.98 -30.14 -22.15
C SER B 1415 43.94 -29.77 -23.61
N GLY B 1416 43.81 -28.49 -23.91
CA GLY B 1416 43.84 -28.06 -25.27
C GLY B 1416 45.12 -27.29 -25.42
N ASP B 1417 45.66 -27.22 -26.62
CA ASP B 1417 46.84 -26.40 -26.81
C ASP B 1417 46.71 -25.62 -28.07
N TYR B 1418 47.79 -25.03 -28.53
CA TYR B 1418 47.70 -24.17 -29.69
C TYR B 1418 47.90 -24.94 -30.94
N PHE B 1419 48.14 -26.23 -30.84
CA PHE B 1419 48.43 -27.03 -32.02
C PHE B 1419 47.18 -27.53 -32.70
N LEU B 1420 46.08 -27.63 -31.96
CA LEU B 1420 44.85 -28.07 -32.54
C LEU B 1420 44.34 -27.00 -33.45
N PHE B 1421 44.48 -25.74 -33.05
CA PHE B 1421 43.94 -24.64 -33.83
C PHE B 1421 44.92 -24.26 -34.88
N GLU B 1422 45.61 -25.24 -35.44
CA GLU B 1422 46.65 -24.96 -36.42
C GLU B 1422 46.09 -24.74 -37.81
N SER B 1423 46.56 -25.52 -38.77
CA SER B 1423 46.11 -25.34 -40.14
C SER B 1423 44.64 -25.70 -40.28
N PHE B 1513 -15.27 -2.81 -59.02
CA PHE B 1513 -13.97 -3.45 -59.19
C PHE B 1513 -13.81 -4.57 -58.19
N LEU B 1514 -14.36 -4.40 -57.00
CA LEU B 1514 -14.18 -5.40 -55.95
C LEU B 1514 -14.68 -6.78 -56.34
N TRP B 1515 -15.76 -6.84 -57.11
CA TRP B 1515 -16.27 -8.12 -57.59
C TRP B 1515 -15.21 -8.82 -58.42
N MET B 1516 -14.59 -8.09 -59.35
CA MET B 1516 -13.57 -8.68 -60.21
C MET B 1516 -12.32 -9.01 -59.42
N LEU B 1517 -12.01 -8.19 -58.42
CA LEU B 1517 -10.86 -8.48 -57.58
C LEU B 1517 -11.10 -9.77 -56.81
N GLY B 1518 -12.32 -9.93 -56.30
CA GLY B 1518 -12.67 -11.14 -55.58
C GLY B 1518 -12.60 -12.35 -56.49
N GLN B 1519 -12.98 -12.19 -57.75
CA GLN B 1519 -12.91 -13.29 -58.69
C GLN B 1519 -11.48 -13.76 -58.89
N ALA B 1520 -10.53 -12.84 -58.89
CA ALA B 1520 -9.13 -13.23 -59.02
C ALA B 1520 -8.70 -14.12 -57.86
N LEU B 1521 -9.10 -13.75 -56.64
CA LEU B 1521 -8.77 -14.56 -55.47
C LEU B 1521 -9.45 -15.93 -55.51
N VAL B 1522 -10.64 -15.98 -56.10
CA VAL B 1522 -11.35 -17.24 -56.22
C VAL B 1522 -10.50 -18.17 -57.08
N ASP B 1523 -9.97 -17.63 -58.17
CA ASP B 1523 -9.13 -18.45 -59.04
C ASP B 1523 -7.88 -18.93 -58.32
N GLU B 1524 -7.30 -18.09 -57.47
CA GLU B 1524 -6.14 -18.52 -56.69
C GLU B 1524 -6.48 -19.71 -55.81
N LEU B 1525 -7.61 -19.63 -55.11
CA LEU B 1525 -8.05 -20.74 -54.27
C LEU B 1525 -8.25 -21.98 -55.10
N THR B 1526 -8.94 -21.84 -56.22
CA THR B 1526 -9.19 -22.98 -57.10
C THR B 1526 -7.89 -23.65 -57.49
N ARG B 1527 -6.87 -22.86 -57.81
CA ARG B 1527 -5.57 -23.41 -58.18
C ARG B 1527 -4.98 -24.23 -57.04
N TRP B 1528 -5.02 -23.69 -55.83
CA TRP B 1528 -4.50 -24.42 -54.67
C TRP B 1528 -5.24 -25.74 -54.47
N LEU B 1529 -6.56 -25.70 -54.55
CA LEU B 1529 -7.36 -26.90 -54.36
C LEU B 1529 -7.04 -27.93 -55.41
N GLN B 1530 -6.80 -27.49 -56.63
CA GLN B 1530 -6.48 -28.42 -57.70
C GLN B 1530 -5.16 -29.10 -57.44
N GLU B 1531 -4.23 -28.40 -56.82
CA GLU B 1531 -2.95 -29.00 -56.48
C GLU B 1531 -3.09 -29.93 -55.31
N PHE B 1532 -4.02 -29.64 -54.41
CA PHE B 1532 -4.25 -30.50 -53.27
C PHE B 1532 -4.90 -31.82 -53.65
N THR B 1533 -5.55 -31.86 -54.81
CA THR B 1533 -6.21 -33.07 -55.25
C THR B 1533 -5.53 -33.69 -56.44
N ARG B 1534 -4.33 -33.23 -56.76
CA ARG B 1534 -3.67 -33.71 -57.98
C ARG B 1534 -3.51 -35.21 -58.09
N HIS B 1535 -2.92 -35.84 -57.09
CA HIS B 1535 -2.69 -37.27 -57.15
C HIS B 1535 -3.98 -38.03 -57.37
N HIS B 1536 -5.01 -37.67 -56.62
CA HIS B 1536 -6.30 -38.33 -56.78
C HIS B 1536 -6.79 -38.18 -58.20
N GLY B 1537 -6.68 -36.97 -58.74
CA GLY B 1537 -7.11 -36.73 -60.11
C GLY B 1537 -6.50 -37.68 -61.11
N THR B 1538 -5.19 -37.90 -61.01
CA THR B 1538 -4.53 -38.77 -61.95
C THR B 1538 -5.06 -40.18 -61.84
N MET B 1539 -5.19 -40.69 -60.63
CA MET B 1539 -5.67 -42.05 -60.43
C MET B 1539 -7.03 -42.20 -61.04
N SER B 1540 -7.88 -41.21 -60.82
CA SER B 1540 -9.22 -41.24 -61.36
C SER B 1540 -9.22 -41.32 -62.88
N ASP B 1541 -8.44 -40.48 -63.55
CA ASP B 1541 -8.42 -40.45 -65.00
C ASP B 1541 -7.99 -41.75 -65.62
N VAL B 1542 -7.04 -42.44 -65.01
CA VAL B 1542 -6.63 -43.73 -65.52
C VAL B 1542 -7.84 -44.64 -65.48
N LEU B 1543 -8.55 -44.64 -64.36
CA LEU B 1543 -9.69 -45.54 -64.22
C LEU B 1543 -10.91 -45.14 -65.04
N ARG B 1544 -11.05 -43.87 -65.35
CA ARG B 1544 -12.18 -43.41 -66.15
C ARG B 1544 -12.02 -43.89 -67.57
N ALA B 1545 -10.81 -43.74 -68.11
CA ALA B 1545 -10.55 -44.17 -69.46
C ALA B 1545 -10.76 -45.67 -69.57
N GLU B 1546 -10.29 -46.41 -68.58
CA GLU B 1546 -10.49 -47.84 -68.58
C GLU B 1546 -11.96 -48.19 -68.56
N ARG B 1547 -12.73 -47.44 -67.78
CA ARG B 1547 -14.16 -47.72 -67.68
C ARG B 1547 -14.89 -47.44 -68.98
N TYR B 1548 -14.46 -46.42 -69.71
CA TYR B 1548 -15.09 -46.10 -70.97
C TYR B 1548 -15.12 -47.32 -71.84
N LEU B 1549 -13.98 -47.94 -72.02
CA LEU B 1549 -13.93 -49.10 -72.90
C LEU B 1549 -14.65 -50.26 -72.28
N LEU B 1550 -14.53 -50.43 -70.98
CA LEU B 1550 -15.13 -51.57 -70.32
C LEU B 1550 -16.62 -51.59 -70.60
N THR B 1551 -17.28 -50.45 -70.41
CA THR B 1551 -18.71 -50.37 -70.61
C THR B 1551 -19.12 -50.66 -72.04
N GLN B 1552 -18.33 -50.26 -73.02
CA GLN B 1552 -18.64 -50.57 -74.40
C GLN B 1552 -18.85 -52.07 -74.58
N GLU B 1553 -17.91 -52.87 -74.10
CA GLU B 1553 -18.03 -54.31 -74.26
C GLU B 1553 -19.24 -54.85 -73.52
N LEU B 1554 -19.48 -54.35 -72.32
CA LEU B 1554 -20.65 -54.78 -71.58
C LEU B 1554 -21.92 -54.47 -72.36
N LEU B 1555 -22.01 -53.27 -72.92
CA LEU B 1555 -23.19 -52.87 -73.67
C LEU B 1555 -23.37 -53.69 -74.93
N GLN B 1556 -22.26 -54.11 -75.54
CA GLN B 1556 -22.36 -54.97 -76.71
C GLN B 1556 -23.04 -56.26 -76.30
N GLY B 1557 -22.66 -56.78 -75.13
CA GLY B 1557 -23.21 -58.03 -74.68
C GLY B 1557 -22.10 -59.05 -74.67
N GLY B 1558 -20.88 -58.57 -74.89
CA GLY B 1558 -19.74 -59.47 -74.90
C GLY B 1558 -18.99 -59.46 -73.59
N GLU B 1559 -17.88 -60.19 -73.54
CA GLU B 1559 -17.11 -60.30 -72.30
C GLU B 1559 -16.07 -59.20 -72.18
N VAL B 1560 -15.73 -58.84 -70.95
CA VAL B 1560 -14.71 -57.85 -70.73
C VAL B 1560 -13.38 -58.57 -70.50
N HIS B 1561 -12.55 -58.63 -71.52
CA HIS B 1561 -11.27 -59.33 -71.40
C HIS B 1561 -10.14 -58.38 -71.03
N ARG B 1562 -8.93 -58.91 -70.97
CA ARG B 1562 -7.77 -58.07 -70.67
C ARG B 1562 -7.42 -57.27 -71.89
N GLY B 1563 -7.71 -57.79 -73.07
CA GLY B 1563 -7.43 -57.10 -74.31
C GLY B 1563 -8.11 -55.75 -74.40
N VAL B 1564 -9.28 -55.63 -73.77
CA VAL B 1564 -9.97 -54.35 -73.75
C VAL B 1564 -9.05 -53.30 -73.15
N LEU B 1565 -8.49 -53.59 -71.99
CA LEU B 1565 -7.60 -52.65 -71.33
C LEU B 1565 -6.30 -52.48 -72.09
N ASP B 1566 -5.88 -53.53 -72.79
CA ASP B 1566 -4.61 -53.47 -73.52
C ASP B 1566 -4.66 -52.51 -74.69
N GLN B 1567 -5.85 -52.28 -75.23
CA GLN B 1567 -6.00 -51.33 -76.33
C GLN B 1567 -5.51 -49.95 -75.91
N LEU B 1568 -5.80 -49.57 -74.67
CA LEU B 1568 -5.38 -48.28 -74.17
C LEU B 1568 -3.86 -48.11 -74.29
N ALA B 1645 0.17 -44.78 -61.82
CA ALA B 1645 -0.92 -43.93 -62.24
C ALA B 1645 -0.44 -42.92 -63.26
N SER B 1646 0.48 -42.06 -62.83
CA SER B 1646 1.03 -41.07 -63.74
C SER B 1646 1.70 -41.74 -64.90
N GLU B 1647 2.47 -42.78 -64.61
CA GLU B 1647 3.15 -43.53 -65.65
C GLU B 1647 2.16 -44.08 -66.65
N LEU B 1648 1.08 -44.71 -66.18
CA LEU B 1648 0.12 -45.32 -67.08
C LEU B 1648 -0.57 -44.33 -67.99
N LEU B 1649 -0.70 -43.10 -67.54
CA LEU B 1649 -1.28 -42.09 -68.39
C LEU B 1649 -0.39 -41.87 -69.60
N LEU B 1650 0.90 -41.70 -69.36
CA LEU B 1650 1.84 -41.50 -70.45
C LEU B 1650 1.91 -42.68 -71.39
N ASP B 1651 2.00 -43.89 -70.84
CA ASP B 1651 2.12 -45.09 -71.66
C ASP B 1651 0.93 -45.24 -72.58
N ARG B 1652 -0.27 -45.11 -72.05
CA ARG B 1652 -1.47 -45.21 -72.87
C ARG B 1652 -1.43 -44.12 -73.94
N ARG B 1653 -1.70 -44.52 -75.18
CA ARG B 1653 -1.72 -43.54 -76.26
C ARG B 1653 -3.01 -43.59 -77.05
N LEU B 1654 -3.93 -44.46 -76.67
CA LEU B 1654 -5.22 -44.51 -77.34
C LEU B 1654 -6.07 -43.32 -76.92
N ARG B 1655 -5.94 -42.21 -77.63
CA ARG B 1655 -6.66 -41.01 -77.28
C ARG B 1655 -8.15 -41.15 -77.54
N ILE B 1656 -8.97 -41.04 -76.49
CA ILE B 1656 -10.40 -41.23 -76.63
C ILE B 1656 -11.11 -39.93 -76.99
N PRO B 1657 -12.25 -40.03 -77.67
CA PRO B 1657 -12.96 -38.83 -78.14
C PRO B 1657 -13.80 -38.13 -77.09
N GLU B 1658 -14.93 -38.73 -76.72
CA GLU B 1658 -15.84 -38.11 -75.76
C GLU B 1658 -15.16 -37.51 -74.56
N LEU B 1659 -14.30 -38.28 -73.91
CA LEU B 1659 -13.66 -37.80 -72.68
C LEU B 1659 -12.89 -36.49 -72.87
N GLU B 1660 -12.25 -36.32 -74.02
CA GLU B 1660 -11.49 -35.10 -74.28
C GLU B 1660 -12.39 -33.89 -74.47
N GLU B 1661 -13.48 -34.06 -75.19
CA GLU B 1661 -14.42 -32.96 -75.38
C GLU B 1661 -15.05 -32.58 -74.06
N ALA B 1662 -15.26 -33.57 -73.20
CA ALA B 1662 -15.85 -33.30 -71.90
C ALA B 1662 -14.93 -32.41 -71.08
N GLU B 1663 -13.64 -32.68 -71.17
CA GLU B 1663 -12.68 -31.87 -70.44
C GLU B 1663 -12.71 -30.43 -70.93
N LEU B 1664 -12.87 -30.22 -72.22
CA LEU B 1664 -12.96 -28.87 -72.75
C LEU B 1664 -14.16 -28.13 -72.20
N PHE B 1665 -15.31 -28.80 -72.13
CA PHE B 1665 -16.51 -28.19 -71.58
C PHE B 1665 -16.22 -27.76 -70.16
N ALA B 1666 -15.57 -28.62 -69.40
CA ALA B 1666 -15.24 -28.30 -68.02
C ALA B 1666 -14.35 -27.08 -67.91
N GLU B 1667 -13.32 -27.01 -68.75
CA GLU B 1667 -12.42 -25.86 -68.72
C GLU B 1667 -13.15 -24.61 -69.13
N GLY B 1668 -14.10 -24.75 -70.04
CA GLY B 1668 -14.86 -23.60 -70.51
C GLY B 1668 -16.12 -23.33 -69.72
N GLN B 1669 -16.11 -23.66 -68.44
CA GLN B 1669 -17.26 -23.35 -67.61
C GLN B 1669 -17.01 -22.05 -66.89
N GLY B 1670 -18.02 -21.55 -66.20
CA GLY B 1670 -17.86 -20.33 -65.43
C GLY B 1670 -16.98 -20.56 -64.23
N ARG B 1671 -16.41 -19.50 -63.67
CA ARG B 1671 -15.55 -19.63 -62.50
C ARG B 1671 -16.30 -20.22 -61.32
N ALA B 1672 -17.58 -19.85 -61.18
CA ALA B 1672 -18.38 -20.38 -60.10
C ALA B 1672 -18.49 -21.88 -60.18
N LEU B 1673 -18.91 -22.38 -61.34
CA LEU B 1673 -19.04 -23.82 -61.52
C LEU B 1673 -17.72 -24.51 -61.24
N ARG B 1674 -16.63 -23.91 -61.70
CA ARG B 1674 -15.33 -24.54 -61.52
C ARG B 1674 -14.88 -24.53 -60.08
N LEU B 1675 -15.18 -23.47 -59.34
CA LEU B 1675 -14.82 -23.43 -57.93
C LEU B 1675 -15.56 -24.50 -57.14
N LEU B 1676 -16.80 -24.76 -57.51
CA LEU B 1676 -17.58 -25.74 -56.78
C LEU B 1676 -17.08 -27.13 -57.13
N ARG B 1677 -16.61 -27.31 -58.36
CA ARG B 1677 -16.07 -28.59 -58.74
C ARG B 1677 -14.83 -28.82 -57.91
N ALA B 1678 -14.04 -27.78 -57.71
CA ALA B 1678 -12.83 -27.91 -56.93
C ALA B 1678 -13.12 -28.35 -55.52
N VAL B 1679 -14.16 -27.81 -54.91
CA VAL B 1679 -14.54 -28.21 -53.56
C VAL B 1679 -14.96 -29.68 -53.50
N TYR B 1680 -15.81 -30.12 -54.41
CA TYR B 1680 -16.19 -31.52 -54.43
C TYR B 1680 -14.97 -32.39 -54.58
N GLN B 1681 -14.03 -31.98 -55.41
CA GLN B 1681 -12.86 -32.81 -55.63
C GLN B 1681 -12.08 -32.97 -54.35
N CYS B 1682 -11.92 -31.90 -53.60
CA CYS B 1682 -11.19 -31.97 -52.35
C CYS B 1682 -11.84 -32.90 -51.35
N VAL B 1683 -13.15 -32.80 -51.18
CA VAL B 1683 -13.86 -33.68 -50.25
C VAL B 1683 -13.73 -35.12 -50.67
N ALA B 1684 -13.92 -35.40 -51.95
CA ALA B 1684 -13.87 -36.77 -52.42
C ALA B 1684 -12.46 -37.31 -52.44
N ALA B 1685 -11.47 -36.46 -52.28
CA ALA B 1685 -10.11 -36.94 -52.20
C ALA B 1685 -9.83 -37.31 -50.78
N HIS B 1686 -9.91 -36.34 -49.89
CA HIS B 1686 -9.67 -36.59 -48.48
C HIS B 1686 -10.96 -36.78 -47.75
N SER B 1687 -11.55 -37.96 -47.84
CA SER B 1687 -12.81 -38.22 -47.17
C SER B 1687 -12.61 -38.57 -45.73
N GLU B 1688 -11.46 -39.14 -45.40
CA GLU B 1688 -11.22 -39.56 -44.04
C GLU B 1688 -11.22 -38.38 -43.13
N LEU B 1689 -10.57 -37.30 -43.53
CA LEU B 1689 -10.48 -36.14 -42.67
C LEU B 1689 -11.83 -35.51 -42.46
N LEU B 1690 -12.76 -35.76 -43.35
CA LEU B 1690 -14.11 -35.24 -43.14
C LEU B 1690 -14.79 -36.06 -42.06
N CYS B 1691 -14.92 -37.36 -42.26
CA CYS B 1691 -15.52 -38.18 -41.23
C CYS B 1691 -15.01 -37.77 -39.87
N TYR B 1692 -13.71 -37.49 -39.75
CA TYR B 1692 -13.16 -37.19 -38.43
C TYR B 1692 -13.57 -35.82 -37.95
N PHE B 1693 -13.53 -34.83 -38.83
CA PHE B 1693 -13.88 -33.49 -38.43
C PHE B 1693 -15.29 -33.49 -37.88
N ILE B 1694 -16.20 -34.20 -38.54
CA ILE B 1694 -17.59 -34.19 -38.12
C ILE B 1694 -17.82 -34.95 -36.82
N ILE B 1695 -17.16 -36.08 -36.62
CA ILE B 1695 -17.29 -36.81 -35.36
C ILE B 1695 -16.89 -35.92 -34.20
N ILE B 1696 -15.81 -35.17 -34.34
CA ILE B 1696 -15.36 -34.29 -33.28
C ILE B 1696 -16.26 -33.07 -33.15
N LEU B 1697 -16.77 -32.53 -34.24
CA LEU B 1697 -17.69 -31.40 -34.16
C LEU B 1697 -19.01 -31.74 -33.47
N ASN B 1698 -19.46 -32.97 -33.59
CA ASN B 1698 -20.68 -33.37 -32.91
C ASN B 1698 -20.49 -33.24 -31.41
N HIS B 1699 -19.35 -33.68 -30.89
CA HIS B 1699 -19.11 -33.62 -29.46
C HIS B 1699 -18.93 -32.20 -28.95
N MET B 1700 -18.61 -31.29 -29.84
CA MET B 1700 -18.50 -29.90 -29.42
C MET B 1700 -19.88 -29.27 -29.31
N VAL B 1701 -20.81 -29.69 -30.14
CA VAL B 1701 -22.17 -29.17 -30.08
C VAL B 1701 -23.02 -29.89 -29.03
N THR B 1702 -23.25 -31.18 -29.23
CA THR B 1702 -24.08 -31.95 -28.30
C THR B 1702 -23.52 -32.05 -26.89
N ALA B 1703 -22.21 -32.22 -26.77
CA ALA B 1703 -21.57 -32.32 -25.47
C ALA B 1703 -22.25 -33.25 -24.50
N SER B 1704 -22.44 -34.50 -24.89
CA SER B 1704 -23.12 -35.45 -24.04
C SER B 1704 -22.16 -36.45 -23.49
N ALA B 1705 -22.63 -37.68 -23.32
CA ALA B 1705 -21.77 -38.75 -22.85
C ALA B 1705 -21.91 -39.87 -23.84
N GLY B 1706 -22.81 -39.70 -24.78
CA GLY B 1706 -22.97 -40.70 -25.82
C GLY B 1706 -22.02 -40.32 -26.92
N SER B 1707 -21.92 -39.02 -27.19
CA SER B 1707 -21.03 -38.56 -28.23
C SER B 1707 -19.60 -38.43 -27.75
N LEU B 1708 -19.20 -39.24 -26.79
CA LEU B 1708 -17.85 -39.20 -26.27
C LEU B 1708 -17.19 -40.45 -26.75
N VAL B 1709 -17.97 -41.49 -26.98
CA VAL B 1709 -17.38 -42.75 -27.35
C VAL B 1709 -16.64 -42.63 -28.65
N LEU B 1710 -17.28 -42.08 -29.66
CA LEU B 1710 -16.64 -42.00 -30.97
C LEU B 1710 -15.38 -41.12 -31.01
N PRO B 1711 -15.40 -39.92 -30.41
CA PRO B 1711 -14.12 -39.18 -30.42
C PRO B 1711 -12.98 -39.93 -29.74
N VAL B 1712 -13.21 -40.64 -28.66
CA VAL B 1712 -12.14 -41.41 -28.05
C VAL B 1712 -11.64 -42.45 -29.02
N LEU B 1713 -12.53 -43.20 -29.63
CA LEU B 1713 -12.12 -44.23 -30.56
C LEU B 1713 -11.42 -43.70 -31.81
N VAL B 1714 -11.72 -42.49 -32.24
CA VAL B 1714 -11.01 -41.92 -33.36
C VAL B 1714 -9.55 -41.82 -32.95
N PHE B 1715 -9.27 -41.19 -31.81
CA PHE B 1715 -7.89 -40.97 -31.40
C PHE B 1715 -7.12 -42.19 -30.93
N LEU B 1716 -7.79 -43.31 -30.67
CA LEU B 1716 -7.11 -44.48 -30.12
C LEU B 1716 -7.31 -45.81 -30.86
N TRP B 1717 -8.02 -45.81 -31.98
CA TRP B 1717 -8.20 -47.03 -32.75
C TRP B 1717 -8.02 -46.69 -34.21
N ALA B 1718 -8.48 -45.54 -34.63
CA ALA B 1718 -8.38 -45.21 -36.03
C ALA B 1718 -7.06 -44.62 -36.34
N MET B 1719 -6.72 -43.53 -35.69
CA MET B 1719 -5.50 -42.86 -36.01
C MET B 1719 -4.22 -43.60 -35.64
N LEU B 1720 -4.33 -44.66 -34.87
CA LEU B 1720 -3.15 -45.46 -34.51
C LEU B 1720 -3.13 -46.79 -35.24
N SER B 1721 -3.98 -46.95 -36.25
CA SER B 1721 -4.04 -48.21 -37.00
C SER B 1721 -2.99 -48.24 -38.08
N ILE B 1722 -2.25 -49.34 -38.19
CA ILE B 1722 -1.13 -49.41 -39.14
C ILE B 1722 -1.31 -48.96 -40.59
N PRO B 1723 -2.13 -49.67 -41.40
CA PRO B 1723 -2.26 -49.12 -42.76
C PRO B 1723 -3.39 -48.10 -42.79
N ARG B 1724 -4.63 -48.51 -42.99
CA ARG B 1724 -5.77 -47.59 -42.94
C ARG B 1724 -6.76 -48.16 -41.94
N PRO B 1725 -7.57 -47.30 -41.30
CA PRO B 1725 -8.59 -47.79 -40.38
C PRO B 1725 -9.41 -48.88 -41.03
N SER B 1726 -9.54 -50.03 -40.39
CA SER B 1726 -10.20 -51.18 -41.00
C SER B 1726 -11.70 -51.10 -41.15
N LYS B 1727 -12.28 -52.13 -41.76
CA LYS B 1727 -13.72 -52.18 -41.92
C LYS B 1727 -14.41 -52.05 -40.61
N ARG B 1728 -13.90 -52.73 -39.59
CA ARG B 1728 -14.54 -52.70 -38.30
C ARG B 1728 -14.65 -51.33 -37.68
N PHE B 1729 -13.69 -50.43 -37.92
CA PHE B 1729 -13.87 -49.08 -37.39
C PHE B 1729 -15.04 -48.44 -38.06
N TRP B 1730 -15.05 -48.44 -39.38
CA TRP B 1730 -16.10 -47.74 -40.06
C TRP B 1730 -17.46 -48.35 -39.74
N MET B 1731 -17.58 -49.66 -39.70
CA MET B 1731 -18.84 -50.27 -39.34
C MET B 1731 -19.27 -49.97 -37.91
N THR B 1732 -18.34 -49.88 -36.98
CA THR B 1732 -18.70 -49.51 -35.61
C THR B 1732 -19.28 -48.11 -35.61
N ALA B 1733 -18.64 -47.18 -36.31
CA ALA B 1733 -19.12 -45.83 -36.27
C ALA B 1733 -20.50 -45.70 -36.86
N ILE B 1734 -20.75 -46.40 -37.95
CA ILE B 1734 -22.07 -46.37 -38.56
C ILE B 1734 -23.10 -46.93 -37.58
N VAL B 1735 -22.85 -48.10 -37.00
CA VAL B 1735 -23.81 -48.70 -36.10
C VAL B 1735 -24.08 -47.85 -34.87
N PHE B 1736 -23.04 -47.35 -34.22
CA PHE B 1736 -23.24 -46.48 -33.08
C PHE B 1736 -24.05 -45.23 -33.40
N THR B 1737 -23.81 -44.57 -34.53
CA THR B 1737 -24.54 -43.35 -34.82
C THR B 1737 -25.98 -43.64 -35.13
N GLU B 1738 -26.26 -44.80 -35.69
CA GLU B 1738 -27.64 -45.17 -35.94
C GLU B 1738 -28.36 -45.41 -34.63
N ILE B 1739 -27.70 -46.08 -33.69
CA ILE B 1739 -28.31 -46.36 -32.40
C ILE B 1739 -28.65 -45.07 -31.71
N ALA B 1740 -27.72 -44.15 -31.61
CA ALA B 1740 -27.99 -42.92 -30.89
C ALA B 1740 -29.16 -42.18 -31.48
N VAL B 1741 -29.29 -42.20 -32.80
CA VAL B 1741 -30.44 -41.57 -33.43
C VAL B 1741 -31.74 -42.19 -32.90
N VAL B 1742 -31.86 -43.52 -32.96
CA VAL B 1742 -33.06 -44.20 -32.46
C VAL B 1742 -33.32 -43.92 -30.99
N VAL B 1743 -32.29 -44.06 -30.15
CA VAL B 1743 -32.46 -43.83 -28.72
C VAL B 1743 -32.96 -42.42 -28.39
N LYS B 1744 -32.36 -41.40 -28.98
CA LYS B 1744 -32.82 -40.06 -28.74
C LYS B 1744 -34.20 -39.81 -29.33
N TYR B 1745 -34.58 -40.57 -30.34
CA TYR B 1745 -35.91 -40.44 -30.92
C TYR B 1745 -36.95 -40.96 -29.96
N LEU B 1746 -36.65 -42.07 -29.29
CA LEU B 1746 -37.61 -42.66 -28.40
C LEU B 1746 -37.77 -41.92 -27.10
N PHE B 1747 -36.92 -40.93 -26.85
CA PHE B 1747 -37.11 -40.12 -25.65
C PHE B 1747 -37.77 -38.80 -26.00
N THR B 1779 -35.67 -32.26 -26.56
CA THR B 1779 -35.41 -30.95 -27.15
C THR B 1779 -35.84 -30.89 -28.61
N ASP B 1780 -35.67 -29.73 -29.22
CA ASP B 1780 -36.06 -29.56 -30.61
C ASP B 1780 -34.92 -29.88 -31.56
N GLY B 1781 -33.74 -29.32 -31.33
CA GLY B 1781 -32.60 -29.62 -32.17
C GLY B 1781 -31.87 -30.84 -31.65
N TYR B 1782 -32.28 -32.02 -32.08
CA TYR B 1782 -31.68 -33.24 -31.55
C TYR B 1782 -30.93 -34.11 -32.58
N ILE B 1783 -31.55 -34.38 -33.72
CA ILE B 1783 -30.95 -35.22 -34.73
C ILE B 1783 -30.71 -34.46 -36.00
N LYS B 1784 -29.85 -33.45 -35.97
CA LYS B 1784 -29.51 -32.74 -37.20
C LYS B 1784 -28.05 -33.01 -37.50
N TYR B 1785 -27.19 -32.88 -36.50
CA TYR B 1785 -25.78 -33.12 -36.70
C TYR B 1785 -25.53 -34.59 -36.90
N ASP B 1786 -26.37 -35.44 -36.35
CA ASP B 1786 -26.21 -36.86 -36.54
C ASP B 1786 -26.64 -37.31 -37.92
N LEU B 1787 -27.43 -36.50 -38.62
CA LEU B 1787 -27.78 -36.85 -39.99
C LEU B 1787 -26.57 -36.58 -40.82
N VAL B 1788 -25.91 -35.44 -40.64
CA VAL B 1788 -24.69 -35.20 -41.38
C VAL B 1788 -23.67 -36.31 -41.10
N GLN B 1789 -23.41 -36.62 -39.85
CA GLN B 1789 -22.48 -37.68 -39.53
C GLN B 1789 -22.76 -38.93 -40.31
N LEU B 1790 -23.95 -39.50 -40.17
CA LEU B 1790 -24.24 -40.77 -40.83
C LEU B 1790 -24.04 -40.71 -42.33
N MET B 1791 -24.33 -39.57 -42.94
CA MET B 1791 -24.20 -39.48 -44.39
C MET B 1791 -22.77 -39.29 -44.81
N ALA B 1792 -21.93 -38.77 -43.94
CA ALA B 1792 -20.52 -38.64 -44.27
C ALA B 1792 -19.85 -39.98 -44.18
N LEU B 1793 -20.26 -40.82 -43.24
CA LEU B 1793 -19.62 -42.11 -43.06
C LEU B 1793 -20.01 -43.05 -44.17
N PHE B 1794 -21.18 -42.84 -44.75
CA PHE B 1794 -21.58 -43.67 -45.87
C PHE B 1794 -20.97 -43.17 -47.15
N PHE B 1795 -20.49 -41.93 -47.19
CA PHE B 1795 -19.79 -41.43 -48.39
C PHE B 1795 -18.44 -42.11 -48.41
N HIS B 1796 -17.72 -42.06 -47.30
CA HIS B 1796 -16.44 -42.72 -47.23
C HIS B 1796 -16.57 -44.13 -47.75
N ARG B 1797 -17.52 -44.89 -47.23
CA ARG B 1797 -17.68 -46.27 -47.64
C ARG B 1797 -17.71 -46.41 -49.14
N SER B 1798 -18.44 -45.55 -49.83
CA SER B 1798 -18.53 -45.62 -51.28
C SER B 1798 -17.21 -45.37 -51.98
N GLN B 1799 -16.38 -44.46 -51.48
CA GLN B 1799 -15.05 -44.30 -52.08
C GLN B 1799 -14.18 -45.51 -51.78
N LEU B 1800 -14.18 -45.97 -50.53
CA LEU B 1800 -13.39 -47.13 -50.13
C LEU B 1800 -13.98 -48.40 -50.67
N LEU B 1801 -14.78 -48.31 -51.72
CA LEU B 1801 -15.35 -49.50 -52.33
C LEU B 1801 -15.24 -49.36 -53.83
N CYS B 1802 -14.95 -48.16 -54.28
CA CYS B 1802 -14.76 -47.94 -55.70
C CYS B 1802 -13.28 -48.10 -56.04
N TYR B 1803 -12.41 -48.02 -55.04
CA TYR B 1803 -10.99 -48.21 -55.26
C TYR B 1803 -10.51 -49.52 -54.66
N ARG B 1940 -6.12 -61.25 -26.75
CA ARG B 1940 -5.36 -61.65 -27.93
C ARG B 1940 -5.36 -60.62 -29.07
N PRO B 1941 -6.55 -60.19 -29.55
CA PRO B 1941 -6.45 -59.17 -30.61
C PRO B 1941 -5.81 -57.86 -30.13
N LEU B 1942 -6.02 -57.49 -28.87
CA LEU B 1942 -5.42 -56.28 -28.33
C LEU B 1942 -3.91 -56.37 -28.41
N ARG B 1943 -3.35 -57.48 -27.97
CA ARG B 1943 -1.92 -57.66 -28.02
C ARG B 1943 -1.42 -57.49 -29.43
N ARG B 1944 -2.07 -58.13 -30.38
CA ARG B 1944 -1.64 -58.04 -31.77
C ARG B 1944 -1.67 -56.60 -32.29
N PHE B 1945 -2.77 -55.89 -32.04
CA PHE B 1945 -2.85 -54.49 -32.46
C PHE B 1945 -1.65 -53.72 -31.95
N PHE B 1946 -1.43 -53.75 -30.64
CA PHE B 1946 -0.35 -52.98 -30.09
C PHE B 1946 0.98 -53.36 -30.71
N HIS B 1947 1.27 -54.65 -30.80
CA HIS B 1947 2.50 -55.04 -31.44
C HIS B 1947 2.69 -54.28 -32.74
N ASP B 1948 1.68 -54.29 -33.59
CA ASP B 1948 1.87 -53.64 -34.88
C ASP B 1948 2.41 -52.23 -34.72
N ILE B 1949 1.66 -51.36 -34.06
CA ILE B 1949 2.09 -49.96 -33.91
C ILE B 1949 3.50 -49.84 -33.39
N LEU B 1950 3.92 -50.73 -32.49
CA LEU B 1950 5.24 -50.61 -31.90
C LEU B 1950 6.34 -51.23 -32.74
N HIS B 1951 6.04 -52.30 -33.46
CA HIS B 1951 7.05 -52.97 -34.27
C HIS B 1951 6.51 -53.33 -35.63
N THR B 1952 6.43 -52.35 -36.53
CA THR B 1952 5.98 -52.62 -37.89
C THR B 1952 7.15 -52.50 -38.83
N LYS B 1953 6.88 -52.23 -40.11
CA LYS B 1953 7.96 -52.09 -41.08
C LYS B 1953 7.62 -51.00 -42.07
N TYR B 1954 6.43 -50.44 -41.94
CA TYR B 1954 6.00 -49.38 -42.85
C TYR B 1954 6.09 -48.06 -42.13
N ARG B 1955 7.28 -47.72 -41.65
CA ARG B 1955 7.42 -46.51 -40.87
C ARG B 1955 8.34 -45.48 -41.47
N ALA B 1956 7.85 -44.67 -42.39
CA ALA B 1956 8.68 -43.59 -42.91
C ALA B 1956 8.75 -42.59 -41.78
N ALA B 1957 9.93 -42.28 -41.29
CA ALA B 1957 10.03 -41.43 -40.12
C ALA B 1957 9.96 -39.93 -40.32
N THR B 1958 9.29 -39.24 -39.41
CA THR B 1958 9.14 -37.79 -39.51
C THR B 1958 9.26 -37.17 -38.14
N ASP B 1959 9.47 -35.85 -38.09
CA ASP B 1959 9.58 -35.15 -36.83
C ASP B 1959 8.55 -34.08 -36.75
N VAL B 1960 7.50 -34.30 -35.97
CA VAL B 1960 6.48 -33.30 -35.81
C VAL B 1960 6.46 -32.77 -34.38
N TYR B 1961 7.62 -32.56 -33.77
CA TYR B 1961 7.60 -31.96 -32.43
C TYR B 1961 7.40 -30.47 -32.55
N ALA B 1962 8.17 -29.81 -33.38
CA ALA B 1962 7.94 -28.41 -33.55
C ALA B 1962 6.47 -28.09 -33.43
N LEU B 1963 5.64 -28.64 -34.31
CA LEU B 1963 4.21 -28.31 -34.31
C LEU B 1963 3.39 -28.84 -33.13
N MET B 1964 3.61 -30.07 -32.70
CA MET B 1964 2.91 -30.55 -31.54
C MET B 1964 3.06 -29.51 -30.46
N PHE B 1965 4.18 -28.84 -30.43
CA PHE B 1965 4.43 -27.86 -29.38
C PHE B 1965 3.68 -26.56 -29.62
N LEU B 1966 3.67 -26.07 -30.84
CA LEU B 1966 2.91 -24.87 -31.13
C LEU B 1966 1.46 -25.01 -30.71
N ALA B 1967 0.84 -26.16 -30.92
CA ALA B 1967 -0.54 -26.34 -30.47
C ALA B 1967 -0.60 -26.18 -28.98
N ASP B 1968 0.34 -26.76 -28.26
CA ASP B 1968 0.37 -26.57 -26.82
C ASP B 1968 0.56 -25.13 -26.39
N VAL B 1969 1.37 -24.35 -27.11
CA VAL B 1969 1.52 -22.95 -26.78
C VAL B 1969 0.18 -22.27 -26.95
N VAL B 1970 -0.45 -22.43 -28.11
CA VAL B 1970 -1.72 -21.78 -28.37
C VAL B 1970 -2.72 -22.11 -27.27
N ASP B 1971 -2.79 -23.38 -26.88
CA ASP B 1971 -3.67 -23.74 -25.78
C ASP B 1971 -3.35 -22.90 -24.56
N PHE B 1972 -2.12 -22.98 -24.07
CA PHE B 1972 -1.70 -22.17 -22.94
C PHE B 1972 -2.31 -20.79 -23.03
N ILE B 1973 -2.08 -20.10 -24.14
CA ILE B 1973 -2.60 -18.74 -24.28
C ILE B 1973 -4.10 -18.65 -24.06
N ILE B 1974 -4.89 -19.50 -24.71
CA ILE B 1974 -6.34 -19.51 -24.49
C ILE B 1974 -6.69 -19.60 -23.01
N ILE B 1975 -6.20 -20.62 -22.31
CA ILE B 1975 -6.44 -20.73 -20.87
C ILE B 1975 -6.15 -19.41 -20.16
N ILE B 1976 -4.98 -18.85 -20.38
CA ILE B 1976 -4.59 -17.62 -19.69
C ILE B 1976 -5.45 -16.44 -20.10
N PHE B 1977 -5.47 -16.10 -21.38
CA PHE B 1977 -6.20 -14.92 -21.82
C PHE B 1977 -7.66 -15.00 -21.44
N GLY B 1978 -8.30 -16.08 -21.82
CA GLY B 1978 -9.68 -16.26 -21.44
C GLY B 1978 -9.77 -16.99 -20.11
N PHE B 1979 -9.39 -16.33 -19.04
CA PHE B 1979 -9.49 -16.94 -17.72
C PHE B 1979 -10.92 -16.92 -17.23
N TRP B 1980 -11.75 -16.06 -17.83
CA TRP B 1980 -13.14 -15.94 -17.42
C TRP B 1980 -13.94 -17.21 -17.74
N PRO B 2001 -9.21 -18.05 -9.56
CA PRO B 2001 -10.09 -19.18 -9.87
C PRO B 2001 -9.38 -20.51 -9.92
N GLU B 2002 -9.78 -21.44 -9.05
CA GLU B 2002 -9.11 -22.74 -8.99
C GLU B 2002 -9.10 -23.51 -10.30
N ALA B 2003 -10.21 -23.48 -11.03
CA ALA B 2003 -10.27 -24.17 -12.32
C ALA B 2003 -9.13 -23.77 -13.24
N PHE B 2004 -9.03 -22.48 -13.53
CA PHE B 2004 -7.97 -21.98 -14.39
C PHE B 2004 -6.62 -22.36 -13.82
N LEU B 2005 -6.43 -22.17 -12.53
CA LEU B 2005 -5.13 -22.45 -11.92
C LEU B 2005 -4.71 -23.88 -12.15
N VAL B 2006 -5.59 -24.83 -11.85
CA VAL B 2006 -5.23 -26.22 -12.00
C VAL B 2006 -4.96 -26.55 -13.46
N MET B 2007 -5.81 -26.06 -14.35
CA MET B 2007 -5.62 -26.36 -15.76
C MET B 2007 -4.30 -25.82 -16.29
N LEU B 2008 -3.87 -24.66 -15.82
CA LEU B 2008 -2.63 -24.08 -16.28
C LEU B 2008 -1.50 -24.98 -15.91
N LEU B 2009 -1.48 -25.44 -14.66
CA LEU B 2009 -0.45 -26.37 -14.25
C LEU B 2009 -0.47 -27.64 -15.07
N ILE B 2010 -1.66 -28.16 -15.38
CA ILE B 2010 -1.76 -29.36 -16.17
C ILE B 2010 -1.09 -29.16 -17.51
N GLN B 2011 -1.43 -28.09 -18.22
CA GLN B 2011 -0.86 -27.88 -19.55
C GLN B 2011 0.65 -27.78 -19.45
N PHE B 2012 1.16 -27.04 -18.48
CA PHE B 2012 2.60 -26.95 -18.31
C PHE B 2012 3.21 -28.32 -18.11
N SER B 2013 2.63 -29.14 -17.25
CA SER B 2013 3.21 -30.43 -16.98
C SER B 2013 3.18 -31.38 -18.16
N THR B 2014 2.17 -31.29 -19.02
CA THR B 2014 2.17 -32.14 -20.20
C THR B 2014 3.30 -31.77 -21.13
N MET B 2015 3.58 -30.48 -21.26
CA MET B 2015 4.66 -30.05 -22.13
C MET B 2015 6.01 -30.58 -21.70
N VAL B 2016 6.26 -30.60 -20.40
CA VAL B 2016 7.51 -31.14 -19.89
C VAL B 2016 7.65 -32.63 -20.21
N VAL B 2017 6.62 -33.41 -19.98
CA VAL B 2017 6.68 -34.84 -20.27
C VAL B 2017 6.89 -35.06 -21.76
N ASP B 2018 6.25 -34.25 -22.59
CA ASP B 2018 6.42 -34.39 -24.03
C ASP B 2018 7.87 -34.23 -24.45
N ARG B 2019 8.55 -33.21 -23.94
CA ARG B 2019 9.95 -33.02 -24.28
C ARG B 2019 10.75 -34.23 -23.90
N ALA B 2020 10.45 -34.83 -22.76
CA ALA B 2020 11.24 -35.97 -22.31
C ALA B 2020 11.17 -37.13 -23.25
N LEU B 2021 9.97 -37.45 -23.72
CA LEU B 2021 9.80 -38.56 -24.64
C LEU B 2021 10.37 -38.27 -26.02
N TYR B 2022 10.52 -37.01 -26.37
CA TYR B 2022 11.13 -36.66 -27.64
C TYR B 2022 12.60 -36.91 -27.54
N LEU B 2023 13.25 -36.33 -26.53
CA LEU B 2023 14.70 -36.44 -26.41
C LEU B 2023 15.17 -37.85 -26.10
N ARG B 2024 14.32 -38.67 -25.48
CA ARG B 2024 14.70 -40.03 -25.16
C ARG B 2024 14.20 -40.99 -26.22
N LYS B 2025 13.51 -40.48 -27.24
CA LYS B 2025 13.01 -41.30 -28.35
C LYS B 2025 12.32 -42.59 -27.99
N THR B 2026 11.17 -42.50 -27.33
CA THR B 2026 10.42 -43.67 -26.96
C THR B 2026 9.06 -43.64 -27.63
N VAL B 2027 8.72 -44.67 -28.40
CA VAL B 2027 7.41 -44.73 -29.03
C VAL B 2027 6.42 -45.37 -28.10
N LEU B 2028 6.88 -46.29 -27.28
CA LEU B 2028 6.00 -46.92 -26.31
C LEU B 2028 5.56 -45.92 -25.28
N GLY B 2029 6.44 -45.03 -24.88
CA GLY B 2029 6.08 -44.02 -23.92
C GLY B 2029 5.09 -43.03 -24.48
N LYS B 2030 5.24 -42.67 -25.75
CA LYS B 2030 4.32 -41.76 -26.37
C LYS B 2030 2.95 -42.42 -26.51
N LEU B 2031 2.91 -43.71 -26.81
CA LEU B 2031 1.64 -44.41 -26.89
C LEU B 2031 0.92 -44.33 -25.56
N ALA B 2032 1.60 -44.65 -24.48
CA ALA B 2032 0.99 -44.58 -23.17
C ALA B 2032 0.55 -43.18 -22.78
N PHE B 2033 1.34 -42.16 -23.08
CA PHE B 2033 0.95 -40.79 -22.80
C PHE B 2033 -0.30 -40.41 -23.58
N GLN B 2034 -0.40 -40.83 -24.83
CA GLN B 2034 -1.60 -40.56 -25.61
C GLN B 2034 -2.80 -41.21 -24.96
N VAL B 2035 -2.74 -42.51 -24.70
CA VAL B 2035 -3.89 -43.21 -24.13
C VAL B 2035 -4.36 -42.49 -22.87
N ALA B 2036 -3.45 -42.26 -21.95
CA ALA B 2036 -3.82 -41.56 -20.73
C ALA B 2036 -4.46 -40.23 -20.99
N LEU B 2037 -3.77 -39.36 -21.71
CA LEU B 2037 -4.29 -38.02 -21.92
C LEU B 2037 -5.64 -37.97 -22.64
N VAL B 2038 -5.85 -38.83 -23.63
CA VAL B 2038 -7.09 -38.80 -24.38
C VAL B 2038 -8.21 -39.06 -23.40
N LEU B 2039 -8.11 -40.15 -22.66
CA LEU B 2039 -9.16 -40.50 -21.71
C LEU B 2039 -9.35 -39.43 -20.67
N ALA B 2040 -8.27 -38.94 -20.10
CA ALA B 2040 -8.38 -37.96 -19.03
C ALA B 2040 -9.05 -36.66 -19.44
N ILE B 2041 -8.67 -36.11 -20.58
CA ILE B 2041 -9.23 -34.83 -20.99
C ILE B 2041 -10.68 -35.03 -21.37
N HIS B 2042 -10.98 -36.13 -22.03
CA HIS B 2042 -12.34 -36.39 -22.46
C HIS B 2042 -13.27 -36.64 -21.27
N LEU B 2043 -12.72 -36.97 -20.11
CA LEU B 2043 -13.55 -37.15 -18.93
C LEU B 2043 -13.61 -35.86 -18.15
N TRP B 2044 -12.46 -35.27 -17.86
CA TRP B 2044 -12.44 -34.06 -17.04
C TRP B 2044 -13.22 -32.92 -17.64
N MET B 2045 -13.09 -32.70 -18.93
CA MET B 2045 -13.75 -31.56 -19.53
C MET B 2045 -15.20 -31.83 -19.87
N PHE B 2046 -15.66 -33.05 -19.68
CA PHE B 2046 -17.02 -33.37 -20.07
C PHE B 2046 -17.86 -33.95 -18.96
N PHE B 2047 -17.30 -34.03 -17.76
CA PHE B 2047 -18.06 -34.51 -16.62
C PHE B 2047 -17.74 -33.63 -15.43
N ILE B 2048 -16.49 -33.63 -15.00
CA ILE B 2048 -16.08 -32.84 -13.86
C ILE B 2048 -16.23 -31.35 -14.05
N LEU B 2049 -15.39 -30.76 -14.88
CA LEU B 2049 -15.45 -29.33 -15.12
C LEU B 2049 -16.85 -28.75 -15.36
N PRO B 2050 -17.64 -29.33 -16.30
CA PRO B 2050 -18.96 -28.71 -16.43
C PRO B 2050 -19.94 -29.33 -15.44
N ASN B 2060 -19.79 -21.77 -23.84
CA ASN B 2060 -18.42 -21.53 -23.46
C ASN B 2060 -17.52 -21.62 -24.68
N VAL B 2061 -17.27 -20.50 -25.34
CA VAL B 2061 -16.44 -20.49 -26.52
C VAL B 2061 -14.99 -20.81 -26.20
N VAL B 2062 -14.52 -20.35 -25.05
CA VAL B 2062 -13.15 -20.63 -24.66
C VAL B 2062 -12.94 -22.14 -24.55
N ALA B 2063 -13.77 -22.84 -23.80
CA ALA B 2063 -13.52 -24.26 -23.64
C ALA B 2063 -13.82 -25.02 -24.90
N GLN B 2064 -14.62 -24.44 -25.79
CA GLN B 2064 -14.87 -25.09 -27.06
C GLN B 2064 -13.63 -25.05 -27.90
N LEU B 2065 -12.91 -23.93 -27.89
CA LEU B 2065 -11.65 -23.88 -28.60
C LEU B 2065 -10.66 -24.80 -27.91
N TRP B 2066 -10.29 -24.50 -26.68
CA TRP B 2066 -9.30 -25.34 -26.05
C TRP B 2066 -9.47 -26.73 -26.59
N TYR B 2067 -10.69 -27.19 -26.75
CA TYR B 2067 -10.86 -28.57 -27.17
C TYR B 2067 -10.42 -28.78 -28.61
N PHE B 2068 -10.83 -27.91 -29.53
CA PHE B 2068 -10.39 -28.05 -30.89
C PHE B 2068 -8.88 -28.06 -31.02
N VAL B 2069 -8.20 -27.18 -30.30
CA VAL B 2069 -6.75 -27.12 -30.42
C VAL B 2069 -6.10 -28.32 -29.77
N LYS B 2070 -6.68 -28.87 -28.71
CA LYS B 2070 -6.13 -30.09 -28.13
C LYS B 2070 -6.42 -31.29 -29.00
N CYS B 2071 -7.46 -31.23 -29.83
CA CYS B 2071 -7.72 -32.31 -30.76
C CYS B 2071 -6.68 -32.34 -31.84
N ILE B 2072 -6.22 -31.17 -32.26
CA ILE B 2072 -5.14 -31.13 -33.24
C ILE B 2072 -3.86 -31.70 -32.64
N TYR B 2073 -3.62 -31.49 -31.35
CA TYR B 2073 -2.45 -32.08 -30.72
C TYR B 2073 -2.54 -33.59 -30.72
N PHE B 2074 -3.71 -34.15 -30.44
CA PHE B 2074 -3.82 -35.60 -30.37
C PHE B 2074 -3.69 -36.23 -31.72
N ALA B 2075 -4.02 -35.50 -32.77
CA ALA B 2075 -3.87 -36.00 -34.11
C ALA B 2075 -2.42 -36.04 -34.54
N LEU B 2076 -1.70 -34.95 -34.30
CA LEU B 2076 -0.30 -34.88 -34.67
C LEU B 2076 0.52 -35.86 -33.87
N SER B 2077 0.15 -36.07 -32.61
CA SER B 2077 0.86 -37.03 -31.80
C SER B 2077 0.73 -38.40 -32.38
N ALA B 2078 -0.46 -38.78 -32.80
CA ALA B 2078 -0.69 -40.10 -33.37
C ALA B 2078 0.07 -40.33 -34.63
N TYR B 2079 0.30 -39.28 -35.40
CA TYR B 2079 1.11 -39.41 -36.60
C TYR B 2079 2.51 -39.83 -36.19
N GLN B 2080 3.07 -39.22 -35.15
CA GLN B 2080 4.40 -39.59 -34.68
C GLN B 2080 4.50 -41.01 -34.12
N ILE B 2081 3.50 -41.49 -33.39
CA ILE B 2081 3.51 -42.86 -32.90
C ILE B 2081 3.38 -43.88 -34.02
N ARG B 2082 2.79 -43.46 -35.13
CA ARG B 2082 2.64 -44.36 -36.26
C ARG B 2082 3.81 -44.29 -37.20
N CYS B 2083 4.51 -43.16 -37.23
CA CYS B 2083 5.59 -42.99 -38.18
C CYS B 2083 6.97 -43.26 -37.60
N GLY B 2084 7.15 -43.03 -36.31
CA GLY B 2084 8.44 -43.30 -35.68
C GLY B 2084 9.33 -42.08 -35.66
N TYR B 2085 10.26 -42.03 -34.71
CA TYR B 2085 11.15 -40.89 -34.59
C TYR B 2085 12.31 -41.06 -35.55
N PRO B 2086 12.89 -39.96 -36.03
CA PRO B 2086 14.01 -40.05 -36.96
C PRO B 2086 15.34 -40.40 -36.29
N THR B 2087 16.46 -40.04 -36.91
CA THR B 2087 17.77 -40.29 -36.31
C THR B 2087 18.34 -39.05 -35.67
N ARG B 2088 18.27 -37.95 -36.38
CA ARG B 2088 18.77 -36.69 -35.86
C ARG B 2088 17.67 -35.83 -35.27
N ILE B 2089 17.51 -35.89 -33.96
CA ILE B 2089 16.49 -35.10 -33.31
C ILE B 2089 17.07 -33.88 -32.59
N LEU B 2090 18.39 -33.74 -32.55
CA LEU B 2090 19.02 -32.65 -31.80
C LEU B 2090 19.40 -31.48 -32.67
N GLY B 2091 18.84 -30.31 -32.38
CA GLY B 2091 19.17 -29.11 -33.15
C GLY B 2091 18.03 -28.13 -33.19
N ASN B 2092 18.26 -26.87 -32.85
CA ASN B 2092 17.18 -25.89 -32.79
C ASN B 2092 16.39 -25.78 -34.07
N PHE B 2093 15.18 -25.25 -33.95
CA PHE B 2093 14.32 -25.18 -35.09
C PHE B 2093 14.54 -23.91 -35.87
N LEU B 2094 14.91 -22.83 -35.19
CA LEU B 2094 15.02 -21.58 -35.91
C LEU B 2094 16.42 -21.36 -36.40
N THR B 2095 17.35 -22.21 -36.01
CA THR B 2095 18.74 -22.02 -36.39
C THR B 2095 19.15 -22.90 -37.55
N LYS B 2096 18.31 -23.00 -38.56
CA LYS B 2096 18.62 -23.85 -39.68
C LYS B 2096 18.89 -23.02 -40.89
N LYS B 2097 18.20 -21.90 -40.99
CA LYS B 2097 18.44 -21.01 -42.09
C LYS B 2097 18.86 -19.69 -41.54
N TYR B 2098 19.78 -19.01 -42.21
CA TYR B 2098 20.31 -17.77 -41.69
C TYR B 2098 19.76 -16.57 -42.41
N ASN B 2099 18.49 -16.26 -42.20
CA ASN B 2099 17.89 -15.15 -42.92
C ASN B 2099 17.64 -13.97 -42.01
N HIS B 2100 16.44 -13.40 -42.12
CA HIS B 2100 16.11 -12.27 -41.28
C HIS B 2100 14.93 -12.65 -40.44
N LEU B 2101 14.05 -13.48 -40.98
CA LEU B 2101 12.94 -13.96 -40.19
C LEU B 2101 13.49 -14.74 -39.04
N ASN B 2102 14.41 -15.65 -39.33
CA ASN B 2102 14.97 -16.48 -38.30
C ASN B 2102 15.59 -15.67 -37.19
N LEU B 2103 16.30 -14.61 -37.52
CA LEU B 2103 16.95 -13.80 -36.51
C LEU B 2103 15.90 -13.23 -35.60
N PHE B 2104 14.84 -12.68 -36.16
CA PHE B 2104 13.86 -12.02 -35.32
C PHE B 2104 13.03 -12.97 -34.48
N LEU B 2105 12.83 -14.19 -34.95
CA LEU B 2105 12.12 -15.15 -34.13
C LEU B 2105 13.02 -15.69 -33.04
N PHE B 2106 14.30 -15.91 -33.34
CA PHE B 2106 15.23 -16.37 -32.33
C PHE B 2106 15.28 -15.37 -31.23
N GLN B 2107 15.51 -14.12 -31.57
CA GLN B 2107 15.64 -13.09 -30.56
C GLN B 2107 14.38 -12.94 -29.75
N GLY B 2108 13.23 -13.10 -30.39
CA GLY B 2108 11.97 -13.02 -29.67
C GLY B 2108 11.76 -14.15 -28.68
N PHE B 2109 12.17 -15.36 -29.04
CA PHE B 2109 12.02 -16.49 -28.15
C PHE B 2109 12.90 -16.30 -26.93
N ARG B 2110 14.03 -15.62 -27.09
CA ARG B 2110 14.89 -15.37 -25.96
C ARG B 2110 14.27 -14.39 -24.97
N LEU B 2111 13.39 -13.51 -25.46
CA LEU B 2111 12.77 -12.51 -24.59
C LEU B 2111 11.68 -13.02 -23.66
N VAL B 2112 10.94 -14.05 -24.05
CA VAL B 2112 9.93 -14.64 -23.19
C VAL B 2112 10.60 -15.09 -21.91
N PRO B 2113 10.13 -14.60 -20.76
CA PRO B 2113 10.85 -14.94 -19.53
C PRO B 2113 10.89 -16.41 -19.12
N PHE B 2114 12.08 -17.01 -19.08
CA PHE B 2114 12.21 -18.39 -18.60
C PHE B 2114 12.34 -19.47 -19.64
N LEU B 2115 11.94 -19.21 -20.87
CA LEU B 2115 11.97 -20.24 -21.89
C LEU B 2115 13.37 -20.73 -22.17
N VAL B 2116 14.29 -19.83 -22.44
CA VAL B 2116 15.66 -20.21 -22.74
C VAL B 2116 16.26 -21.07 -21.64
N GLU B 2117 15.98 -20.72 -20.40
CA GLU B 2117 16.54 -21.44 -19.26
C GLU B 2117 16.03 -22.82 -19.20
N LEU B 2118 14.72 -22.94 -19.19
CA LEU B 2118 14.09 -24.24 -19.01
C LEU B 2118 14.45 -25.20 -20.11
N ARG B 2119 14.57 -24.71 -21.33
CA ARG B 2119 14.99 -25.57 -22.41
C ARG B 2119 16.33 -26.16 -22.06
N ALA B 2120 17.28 -25.34 -21.68
CA ALA B 2120 18.62 -25.83 -21.42
C ALA B 2120 18.70 -26.92 -20.37
N VAL B 2121 18.09 -26.69 -19.22
CA VAL B 2121 18.15 -27.66 -18.15
C VAL B 2121 17.44 -28.93 -18.57
N MET B 2122 16.28 -28.81 -19.21
CA MET B 2122 15.53 -29.98 -19.61
C MET B 2122 16.33 -30.84 -20.57
N ASP B 2123 16.99 -30.21 -21.52
CA ASP B 2123 17.73 -30.97 -22.48
C ASP B 2123 18.92 -31.64 -21.81
N TRP B 2124 19.40 -31.09 -20.73
CA TRP B 2124 20.56 -31.67 -20.10
C TRP B 2124 20.14 -32.93 -19.43
N VAL B 2125 19.09 -32.86 -18.63
CA VAL B 2125 18.67 -34.02 -17.87
C VAL B 2125 18.43 -35.22 -18.76
N TRP B 2126 17.78 -35.04 -19.91
CA TRP B 2126 17.44 -36.16 -20.77
C TRP B 2126 18.44 -36.59 -21.86
N THR B 2127 19.32 -35.71 -22.33
CA THR B 2127 20.32 -36.12 -23.30
C THR B 2127 21.54 -36.67 -22.57
N ASP B 2128 22.23 -37.62 -23.16
CA ASP B 2128 23.39 -38.23 -22.52
C ASP B 2128 24.63 -37.45 -22.79
N THR B 2129 25.24 -36.86 -21.76
CA THR B 2129 26.38 -36.02 -21.96
C THR B 2129 27.41 -36.31 -20.91
N THR B 2130 28.66 -35.95 -21.16
CA THR B 2130 29.72 -36.16 -20.18
C THR B 2130 29.96 -34.89 -19.42
N LEU B 2131 29.39 -33.78 -19.86
CA LEU B 2131 29.64 -32.49 -19.23
C LEU B 2131 28.66 -32.21 -18.12
N SER B 2132 28.94 -31.22 -17.28
CA SER B 2132 28.08 -30.89 -16.15
C SER B 2132 26.98 -29.97 -16.57
N LEU B 2133 26.56 -29.07 -15.69
CA LEU B 2133 25.56 -28.11 -16.11
C LEU B 2133 26.23 -26.81 -16.41
N SER B 2134 27.27 -26.48 -15.66
CA SER B 2134 27.99 -25.27 -15.96
C SER B 2134 28.53 -25.35 -17.36
N SER B 2135 29.11 -26.48 -17.73
CA SER B 2135 29.69 -26.61 -19.04
C SER B 2135 28.68 -26.79 -20.13
N TRP B 2136 27.55 -27.39 -19.85
CA TRP B 2136 26.52 -27.51 -20.85
C TRP B 2136 26.10 -26.13 -21.18
N MET B 2137 25.83 -25.30 -20.19
CA MET B 2137 25.30 -23.98 -20.47
C MET B 2137 26.29 -23.02 -21.07
N CYS B 2138 27.56 -23.34 -21.08
CA CYS B 2138 28.52 -22.48 -21.71
C CYS B 2138 28.64 -22.86 -23.17
N VAL B 2139 28.33 -24.10 -23.54
CA VAL B 2139 28.32 -24.48 -24.95
C VAL B 2139 27.07 -23.93 -25.60
N GLU B 2140 25.98 -23.88 -24.88
CA GLU B 2140 24.76 -23.34 -25.43
C GLU B 2140 24.79 -21.83 -25.60
N ASP B 2141 25.59 -21.12 -24.82
CA ASP B 2141 25.70 -19.69 -25.00
C ASP B 2141 26.60 -19.33 -26.15
N ILE B 2142 27.71 -20.03 -26.31
CA ILE B 2142 28.56 -19.78 -27.44
C ILE B 2142 27.74 -19.96 -28.70
N TYR B 2143 26.90 -20.97 -28.78
CA TYR B 2143 26.13 -21.22 -30.00
C TYR B 2143 25.10 -20.17 -30.30
N ALA B 2144 24.41 -19.68 -29.29
CA ALA B 2144 23.46 -18.63 -29.51
C ALA B 2144 24.09 -17.39 -30.08
N ASN B 2145 25.23 -16.98 -29.56
CA ASN B 2145 25.86 -15.76 -30.03
C ASN B 2145 26.57 -15.92 -31.36
N ILE B 2146 27.07 -17.10 -31.68
CA ILE B 2146 27.69 -17.31 -32.96
C ILE B 2146 26.60 -17.35 -34.02
N PHE B 2147 25.40 -17.78 -33.68
CA PHE B 2147 24.31 -17.75 -34.63
C PHE B 2147 23.97 -16.32 -34.95
N ILE B 2148 23.78 -15.48 -33.95
CA ILE B 2148 23.36 -14.11 -34.21
C ILE B 2148 24.38 -13.37 -35.06
N ILE B 2149 25.66 -13.57 -34.83
CA ILE B 2149 26.66 -12.94 -35.66
C ILE B 2149 26.55 -13.49 -37.08
N LYS B 2150 26.30 -14.78 -37.24
CA LYS B 2150 26.24 -15.36 -38.58
C LYS B 2150 25.10 -14.77 -39.37
N CYS B 2151 23.94 -14.62 -38.75
CA CYS B 2151 22.83 -14.00 -39.43
C CYS B 2151 23.14 -12.60 -39.92
N SER B 2152 23.76 -11.78 -39.09
CA SER B 2152 24.11 -10.43 -39.48
C SER B 2152 25.17 -10.37 -40.56
N ARG B 2153 26.09 -11.31 -40.58
CA ARG B 2153 27.10 -11.34 -41.61
C ARG B 2153 26.47 -11.65 -42.93
N GLU B 2154 25.48 -12.55 -42.94
CA GLU B 2154 24.78 -12.85 -44.17
C GLU B 2154 24.04 -11.63 -44.72
N THR B 2155 23.24 -10.97 -43.90
CA THR B 2155 22.46 -9.86 -44.43
C THR B 2155 23.36 -8.83 -45.07
N GLU B 2156 24.58 -8.65 -44.57
CA GLU B 2156 25.45 -7.63 -45.10
C GLU B 2156 26.24 -8.10 -46.27
N LYS B 2157 25.93 -9.27 -46.79
CA LYS B 2157 26.59 -9.73 -48.00
C LYS B 2157 25.54 -9.70 -49.08
N LYS B 2158 24.29 -9.88 -48.69
CA LYS B 2158 23.21 -9.85 -49.64
C LYS B 2158 22.87 -8.42 -49.98
N TYR B 2159 22.95 -7.54 -49.00
CA TYR B 2159 22.62 -6.14 -49.23
C TYR B 2159 23.78 -5.25 -48.85
N PRO B 2160 24.81 -5.18 -49.69
CA PRO B 2160 25.99 -4.42 -49.29
C PRO B 2160 25.79 -2.93 -49.25
N GLN B 2161 26.68 -2.21 -48.59
CA GLN B 2161 26.60 -0.76 -48.54
C GLN B 2161 27.93 -0.19 -49.01
N PRO B 2162 27.90 0.84 -49.86
CA PRO B 2162 29.14 1.39 -50.41
C PRO B 2162 30.08 1.95 -49.37
N LYS B 2163 31.38 1.99 -49.68
CA LYS B 2163 32.35 2.46 -48.69
C LYS B 2163 32.36 3.97 -48.59
N GLY B 2164 32.01 4.49 -47.43
CA GLY B 2164 32.01 5.92 -47.21
C GLY B 2164 30.67 6.54 -47.49
N GLN B 2165 29.61 5.81 -47.22
CA GLN B 2165 28.28 6.30 -47.51
C GLN B 2165 27.57 6.55 -46.20
N LYS B 2166 27.11 7.77 -46.00
CA LYS B 2166 26.43 8.11 -44.76
C LYS B 2166 25.18 7.32 -44.54
N LYS B 2167 24.91 6.98 -43.29
CA LYS B 2167 23.69 6.26 -42.97
C LYS B 2167 22.53 7.17 -43.32
N LYS B 2168 21.52 6.65 -44.00
CA LYS B 2168 20.41 7.49 -44.45
C LYS B 2168 19.64 8.13 -43.33
N LYS B 2169 19.21 9.37 -43.53
CA LYS B 2169 18.51 10.11 -42.48
C LYS B 2169 17.28 9.43 -41.92
N ILE B 2170 16.52 8.74 -42.76
CA ILE B 2170 15.33 8.06 -42.29
C ILE B 2170 15.64 7.05 -41.20
N VAL B 2171 16.62 6.18 -41.42
CA VAL B 2171 17.00 5.19 -40.42
C VAL B 2171 17.34 5.86 -39.12
N LYS B 2172 18.16 6.90 -39.20
CA LYS B 2172 18.57 7.61 -38.01
C LYS B 2172 17.38 8.17 -37.28
N TYR B 2173 16.55 8.94 -37.97
CA TYR B 2173 15.43 9.60 -37.30
C TYR B 2173 14.42 8.62 -36.74
N GLY B 2174 14.33 7.45 -37.33
CA GLY B 2174 13.42 6.45 -36.82
C GLY B 2174 13.91 5.85 -35.54
N MET B 2175 15.08 5.21 -35.58
CA MET B 2175 15.63 4.56 -34.39
C MET B 2175 15.82 5.55 -33.28
N GLY B 2176 16.58 6.60 -33.56
CA GLY B 2176 16.82 7.61 -32.56
C GLY B 2176 15.55 8.18 -32.01
N GLY B 2177 14.62 8.54 -32.89
CA GLY B 2177 13.38 9.12 -32.45
C GLY B 2177 12.67 8.31 -31.40
N LEU B 2178 12.51 7.02 -31.65
CA LEU B 2178 11.84 6.16 -30.69
C LEU B 2178 12.52 6.19 -29.34
N ILE B 2179 13.84 6.06 -29.33
CA ILE B 2179 14.57 6.02 -28.07
C ILE B 2179 14.32 7.29 -27.28
N ILE B 2180 14.48 8.44 -27.92
CA ILE B 2180 14.27 9.70 -27.23
C ILE B 2180 12.88 9.75 -26.64
N LEU B 2181 11.87 9.38 -27.44
CA LEU B 2181 10.49 9.39 -26.96
C LEU B 2181 10.31 8.51 -25.72
N PHE B 2182 10.89 7.31 -25.73
CA PHE B 2182 10.77 6.43 -24.59
C PHE B 2182 11.26 7.09 -23.32
N LEU B 2183 12.37 7.82 -23.42
CA LEU B 2183 12.92 8.48 -22.25
C LEU B 2183 12.01 9.55 -21.70
N ILE B 2184 11.39 10.33 -22.57
CA ILE B 2184 10.44 11.32 -22.09
C ILE B 2184 9.24 10.64 -21.44
N ALA B 2185 8.82 9.52 -22.01
CA ALA B 2185 7.67 8.82 -21.46
C ALA B 2185 8.00 7.98 -20.24
N ILE B 2186 9.24 8.02 -19.78
CA ILE B 2186 9.59 7.33 -18.55
C ILE B 2186 9.85 8.37 -17.49
N ILE B 2187 9.72 9.63 -17.86
CA ILE B 2187 9.89 10.70 -16.89
C ILE B 2187 8.61 11.50 -16.74
N TRP B 2188 8.16 12.14 -17.81
CA TRP B 2188 6.99 13.01 -17.73
C TRP B 2188 5.67 12.25 -17.66
N PHE B 2189 5.47 11.28 -18.54
CA PHE B 2189 4.16 10.59 -18.56
C PHE B 2189 3.66 10.01 -17.24
N PRO B 2190 4.53 9.32 -16.46
CA PRO B 2190 4.01 8.87 -15.16
C PRO B 2190 3.40 10.02 -14.36
N LEU B 2191 4.12 11.11 -14.20
CA LEU B 2191 3.59 12.27 -13.49
C LEU B 2191 2.27 12.72 -14.08
N LEU B 2192 2.21 12.86 -15.39
CA LEU B 2192 1.00 13.30 -16.04
C LEU B 2192 -0.21 12.44 -15.66
N PHE B 2193 -0.05 11.11 -15.70
CA PHE B 2193 -1.17 10.22 -15.40
C PHE B 2193 -1.64 10.37 -13.97
N MET B 2194 -0.71 10.52 -13.03
CA MET B 2194 -1.09 10.72 -11.65
C MET B 2194 -1.87 12.01 -11.48
N SER B 2195 -1.43 13.07 -12.17
CA SER B 2195 -2.15 14.34 -12.11
C SER B 2195 -3.49 14.29 -12.81
N LEU B 2196 -3.65 13.40 -13.78
CA LEU B 2196 -4.93 13.25 -14.44
C LEU B 2196 -5.91 12.66 -13.45
N VAL B 2197 -5.45 11.70 -12.66
CA VAL B 2197 -6.31 11.08 -11.65
C VAL B 2197 -6.85 12.16 -10.72
N ARG B 2198 -6.01 13.14 -10.41
CA ARG B 2198 -6.42 14.19 -9.47
C ARG B 2198 -7.49 15.15 -9.97
N SER B 2199 -7.86 15.06 -11.24
CA SER B 2199 -8.92 15.91 -11.78
C SER B 2199 -10.28 15.27 -11.56
N VAL B 2200 -10.82 15.38 -10.35
CA VAL B 2200 -12.12 14.80 -10.04
C VAL B 2200 -13.03 15.83 -9.38
N VAL B 2201 -14.17 15.37 -8.83
CA VAL B 2201 -15.12 16.30 -8.21
C VAL B 2201 -15.49 15.92 -6.77
N GLY B 2202 -16.27 16.80 -6.12
CA GLY B 2202 -16.82 16.56 -4.80
C GLY B 2202 -18.33 16.49 -4.84
N VAL B 2203 -18.95 15.87 -3.85
CA VAL B 2203 -20.40 15.69 -3.87
C VAL B 2203 -21.14 16.56 -2.86
N VAL B 2204 -22.23 17.21 -3.30
CA VAL B 2204 -23.03 18.04 -2.39
C VAL B 2204 -23.80 17.14 -1.42
N ASN B 2205 -23.28 16.95 -0.21
CA ASN B 2205 -23.98 16.19 0.83
C ASN B 2205 -24.81 17.15 1.70
N GLN B 2206 -25.97 17.52 1.17
CA GLN B 2206 -27.00 18.27 1.91
C GLN B 2206 -27.52 17.40 3.09
N PRO B 2207 -27.79 18.00 4.26
CA PRO B 2207 -28.44 17.26 5.35
C PRO B 2207 -29.81 16.72 4.91
N ILE B 2208 -30.13 15.51 5.38
CA ILE B 2208 -31.45 14.86 5.25
C ILE B 2208 -32.38 15.36 6.35
N ASP B 2209 -31.85 15.51 7.56
CA ASP B 2209 -32.55 15.99 8.75
C ASP B 2209 -31.68 17.03 9.48
N VAL B 2210 -32.31 18.11 9.89
CA VAL B 2210 -31.75 19.16 10.72
C VAL B 2210 -32.51 19.17 12.04
N THR B 2211 -31.96 18.43 13.02
CA THR B 2211 -32.57 18.30 14.35
C THR B 2211 -32.04 19.39 15.27
N VAL B 2212 -32.96 20.16 15.85
CA VAL B 2212 -32.67 21.31 16.71
C VAL B 2212 -33.39 21.15 18.04
N THR B 2213 -32.66 21.35 19.15
CA THR B 2213 -33.23 21.28 20.50
C THR B 2213 -32.85 22.49 21.34
N LEU B 2214 -33.80 23.01 22.11
CA LEU B 2214 -33.56 24.03 23.12
C LEU B 2214 -33.78 23.42 24.50
N LYS B 2215 -32.72 23.25 25.27
CA LYS B 2215 -32.73 22.62 26.58
C LYS B 2215 -32.36 23.62 27.67
N LEU B 2216 -33.21 23.76 28.69
CA LEU B 2216 -32.87 24.54 29.89
C LEU B 2216 -32.24 23.62 30.95
N GLY B 2217 -30.95 23.82 31.21
CA GLY B 2217 -30.17 23.11 32.23
C GLY B 2217 -30.25 21.58 32.10
N GLY B 2218 -30.52 20.92 33.22
CA GLY B 2218 -30.71 19.47 33.29
C GLY B 2218 -32.03 18.97 32.67
N TYR B 2219 -33.06 19.82 32.60
CA TYR B 2219 -34.46 19.47 32.34
C TYR B 2219 -34.74 18.97 30.92
N GLU B 2220 -35.90 18.34 30.71
CA GLU B 2220 -36.33 17.92 29.37
C GLU B 2220 -36.31 19.11 28.39
N PRO B 2221 -35.88 18.94 27.12
CA PRO B 2221 -35.86 20.03 26.16
C PRO B 2221 -37.21 20.72 26.06
N LEU B 2222 -37.19 22.05 26.09
CA LEU B 2222 -38.38 22.89 25.97
C LEU B 2222 -38.96 22.74 24.55
N PHE B 2223 -38.07 22.76 23.57
CA PHE B 2223 -38.38 22.66 22.15
C PHE B 2223 -37.50 21.60 21.50
N THR B 2224 -38.12 20.77 20.66
CA THR B 2224 -37.44 19.85 19.73
C THR B 2224 -38.13 19.89 18.38
N MET B 2225 -37.37 20.09 17.31
CA MET B 2225 -37.89 20.02 15.93
C MET B 2225 -36.86 19.37 15.01
N SER B 2226 -37.33 18.58 14.05
CA SER B 2226 -36.57 17.87 13.02
C SER B 2226 -37.00 18.39 11.66
N ALA B 2227 -36.26 19.36 11.11
CA ALA B 2227 -36.55 19.89 9.79
C ALA B 2227 -35.97 18.92 8.75
N GLN B 2228 -36.86 18.13 8.15
CA GLN B 2228 -36.43 17.13 7.17
C GLN B 2228 -36.41 17.64 5.75
N GLN B 2229 -36.18 16.76 4.80
CA GLN B 2229 -36.07 17.15 3.38
C GLN B 2229 -36.91 18.32 2.80
N PRO B 2230 -38.25 18.34 3.01
CA PRO B 2230 -38.94 19.51 2.45
C PRO B 2230 -38.56 20.82 3.14
N SER B 2231 -38.60 20.87 4.47
CA SER B 2231 -38.23 22.06 5.21
C SER B 2231 -36.81 22.45 4.85
N ILE B 2232 -36.00 21.48 4.47
CA ILE B 2232 -34.63 21.79 4.04
C ILE B 2232 -34.66 22.25 2.57
N ILE B 2233 -34.49 23.55 2.35
CA ILE B 2233 -34.59 24.19 1.03
C ILE B 2233 -33.20 24.66 0.59
N PRO B 2234 -32.63 24.15 -0.53
CA PRO B 2234 -31.36 24.66 -1.07
C PRO B 2234 -31.50 26.10 -1.56
N PHE B 2235 -30.43 26.89 -1.48
CA PHE B 2235 -30.44 28.27 -1.92
C PHE B 2235 -30.70 28.36 -3.43
N THR B 2236 -31.70 29.16 -3.81
CA THR B 2236 -31.85 29.60 -5.20
C THR B 2236 -30.73 30.57 -5.56
N ALA B 2237 -30.45 30.76 -6.85
CA ALA B 2237 -29.52 31.81 -7.29
C ALA B 2237 -29.93 33.21 -6.77
N GLN B 2238 -31.23 33.47 -6.64
CA GLN B 2238 -31.77 34.69 -6.04
C GLN B 2238 -31.45 34.79 -4.55
N ALA B 2239 -31.67 33.74 -3.76
CA ALA B 2239 -31.30 33.71 -2.33
C ALA B 2239 -29.78 33.85 -2.12
N TYR B 2240 -28.96 33.33 -3.05
CA TYR B 2240 -27.51 33.50 -3.03
C TYR B 2240 -27.10 34.94 -3.36
N GLU B 2241 -27.72 35.58 -4.36
CA GLU B 2241 -27.56 37.01 -4.64
C GLU B 2241 -28.04 37.89 -3.48
N GLU B 2242 -29.13 37.53 -2.80
CA GLU B 2242 -29.65 38.26 -1.64
C GLU B 2242 -28.73 38.16 -0.43
N LEU B 2243 -28.19 36.97 -0.14
CA LEU B 2243 -27.16 36.78 0.88
C LEU B 2243 -25.87 37.54 0.54
N SER B 2244 -25.47 37.52 -0.73
CA SER B 2244 -24.32 38.28 -1.22
C SER B 2244 -24.54 39.79 -1.02
N ARG B 2245 -25.71 40.32 -1.40
CA ARG B 2245 -26.09 41.73 -1.18
C ARG B 2245 -26.21 42.08 0.31
N GLN B 2246 -26.60 41.14 1.17
CA GLN B 2246 -26.64 41.36 2.62
C GLN B 2246 -25.22 41.52 3.21
N PHE B 2247 -24.23 40.82 2.66
CA PHE B 2247 -22.87 40.77 3.21
C PHE B 2247 -21.79 41.49 2.39
N ASP B 2248 -22.15 42.11 1.27
CA ASP B 2248 -21.31 42.99 0.45
C ASP B 2248 -20.46 44.00 1.27
N PRO B 2249 -20.95 44.57 2.39
CA PRO B 2249 -20.13 45.44 3.26
C PRO B 2249 -19.02 44.73 4.07
N GLN B 2250 -19.14 43.41 4.31
CA GLN B 2250 -18.14 42.62 5.04
C GLN B 2250 -17.28 41.80 4.04
N PRO B 2251 -16.04 42.23 3.73
CA PRO B 2251 -15.21 41.50 2.76
C PRO B 2251 -14.85 40.07 3.22
N LEU B 2252 -14.74 39.84 4.53
CA LEU B 2252 -14.54 38.49 5.10
C LEU B 2252 -15.77 37.59 4.93
N ALA B 2253 -16.97 38.16 5.02
CA ALA B 2253 -18.21 37.43 4.78
C ALA B 2253 -18.35 37.06 3.30
N MET B 2254 -18.08 38.01 2.39
CA MET B 2254 -18.07 37.73 0.95
C MET B 2254 -17.02 36.70 0.55
N GLN B 2255 -15.81 36.77 1.12
CA GLN B 2255 -14.78 35.73 0.95
C GLN B 2255 -15.27 34.36 1.42
N PHE B 2256 -16.05 34.28 2.50
CA PHE B 2256 -16.63 33.01 2.96
C PHE B 2256 -17.77 32.53 2.05
N ILE B 2257 -18.76 33.38 1.73
CA ILE B 2257 -19.90 33.05 0.86
C ILE B 2257 -19.41 32.53 -0.50
N SER B 2258 -18.40 33.18 -1.08
CA SER B 2258 -17.81 32.80 -2.38
C SER B 2258 -17.13 31.42 -2.41
N GLN B 2259 -16.92 30.76 -1.27
CA GLN B 2259 -16.40 29.39 -1.19
C GLN B 2259 -17.48 28.32 -1.39
N TYR B 2260 -18.76 28.69 -1.30
CA TYR B 2260 -19.91 27.79 -1.37
C TYR B 2260 -20.77 28.09 -2.60
N SER B 2261 -21.31 27.04 -3.22
CA SER B 2261 -22.29 27.12 -4.31
C SER B 2261 -23.71 27.31 -3.74
N PRO B 2262 -24.69 27.79 -4.51
CA PRO B 2262 -26.10 27.83 -4.06
C PRO B 2262 -26.66 26.46 -3.63
N GLU B 2263 -26.15 25.36 -4.20
CA GLU B 2263 -26.53 23.99 -3.80
C GLU B 2263 -25.93 23.54 -2.46
N ASP B 2264 -24.80 24.12 -2.05
CA ASP B 2264 -24.09 23.79 -0.80
C ASP B 2264 -24.70 24.50 0.41
N ILE B 2265 -25.35 25.64 0.16
CA ILE B 2265 -26.04 26.41 1.19
C ILE B 2265 -27.51 25.98 1.21
N VAL B 2266 -27.98 25.47 2.35
CA VAL B 2266 -29.40 25.12 2.55
C VAL B 2266 -30.01 25.96 3.66
N THR B 2267 -31.25 26.41 3.47
CA THR B 2267 -32.07 26.95 4.55
C THR B 2267 -32.88 25.81 5.15
N ALA B 2268 -32.59 25.43 6.38
CA ALA B 2268 -33.52 24.63 7.18
C ALA B 2268 -34.59 25.55 7.74
N GLN B 2269 -35.82 25.45 7.21
CA GLN B 2269 -37.00 26.09 7.77
C GLN B 2269 -37.49 25.29 8.97
N ILE B 2270 -36.92 25.58 10.13
CA ILE B 2270 -37.28 24.91 11.38
C ILE B 2270 -38.61 25.49 11.86
N GLU B 2271 -39.65 24.67 11.95
CA GLU B 2271 -40.94 25.09 12.52
C GLU B 2271 -40.79 25.51 13.99
N GLY B 2272 -41.32 26.69 14.33
CA GLY B 2272 -41.19 27.32 15.64
C GLY B 2272 -42.06 26.70 16.74
N SER B 2273 -43.05 25.87 16.40
CA SER B 2273 -43.76 25.05 17.40
C SER B 2273 -42.99 23.77 17.67
N SER B 2274 -42.76 23.41 18.94
CA SER B 2274 -42.10 22.14 19.28
C SER B 2274 -42.85 20.94 18.68
N GLY B 2275 -42.16 20.10 17.92
CA GLY B 2275 -42.71 18.87 17.34
C GLY B 2275 -43.01 17.78 18.37
N ALA B 2276 -42.61 17.98 19.63
CA ALA B 2276 -42.99 17.17 20.76
C ALA B 2276 -43.66 18.00 21.86
N LEU B 2277 -44.69 17.42 22.48
CA LEU B 2277 -45.23 17.86 23.77
C LEU B 2277 -44.12 17.84 24.83
N TRP B 2278 -44.13 18.84 25.71
CA TRP B 2278 -43.16 18.97 26.79
C TRP B 2278 -43.54 18.01 27.94
N ARG B 2279 -43.10 16.80 27.91
CA ARG B 2279 -43.60 15.87 28.92
C ARG B 2279 -43.34 16.23 30.35
N ILE B 2280 -42.43 17.06 30.70
CA ILE B 2280 -41.70 17.29 31.94
C ILE B 2280 -42.52 16.81 33.16
N SER B 2281 -41.87 16.05 34.04
CA SER B 2281 -42.56 15.59 35.25
C SER B 2281 -43.00 16.79 36.10
N PRO B 2282 -44.19 16.76 36.75
CA PRO B 2282 -44.61 17.82 37.66
C PRO B 2282 -43.57 18.21 38.73
N PRO B 2283 -42.82 17.29 39.38
CA PRO B 2283 -41.74 17.70 40.29
C PRO B 2283 -40.55 18.33 39.54
N SER B 2284 -40.17 17.86 38.35
CA SER B 2284 -39.14 18.51 37.52
C SER B 2284 -39.54 19.93 37.11
N ARG B 2285 -40.80 20.16 36.73
CA ARG B 2285 -41.34 21.49 36.42
C ARG B 2285 -41.36 22.40 37.65
N ALA B 2286 -41.76 21.87 38.81
CA ALA B 2286 -41.71 22.62 40.06
C ALA B 2286 -40.26 22.96 40.46
N GLN B 2287 -39.31 22.06 40.22
CA GLN B 2287 -37.88 22.30 40.46
C GLN B 2287 -37.33 23.36 39.50
N MET B 2288 -37.61 23.26 38.20
CA MET B 2288 -37.27 24.26 37.18
C MET B 2288 -37.84 25.63 37.53
N LYS B 2289 -39.10 25.72 37.96
CA LYS B 2289 -39.71 26.97 38.43
C LYS B 2289 -38.97 27.53 39.66
N ARG B 2290 -38.63 26.69 40.65
CA ARG B 2290 -37.82 27.12 41.81
C ARG B 2290 -36.42 27.57 41.41
N GLU B 2291 -35.78 26.90 40.46
CA GLU B 2291 -34.42 27.23 40.01
C GLU B 2291 -34.40 28.53 39.20
N LEU B 2292 -35.42 28.77 38.37
CA LEU B 2292 -35.59 30.03 37.66
C LEU B 2292 -35.82 31.22 38.61
N TYR B 2293 -36.75 31.11 39.58
CA TYR B 2293 -37.03 32.19 40.53
C TYR B 2293 -35.98 32.36 41.64
N ASN B 2294 -35.55 31.26 42.27
CA ASN B 2294 -34.77 31.28 43.52
C ASN B 2294 -33.35 30.68 43.37
N GLY B 2295 -33.00 30.14 42.19
CA GLY B 2295 -31.69 29.54 41.97
C GLY B 2295 -30.58 30.61 41.92
N THR B 2296 -29.55 30.42 42.74
CA THR B 2296 -28.37 31.31 42.80
C THR B 2296 -27.31 30.97 41.75
N ALA B 2297 -27.28 29.72 41.26
CA ALA B 2297 -26.42 29.29 40.16
C ALA B 2297 -26.98 29.70 38.80
N ASP B 2298 -26.12 29.94 37.83
CA ASP B 2298 -26.50 30.19 36.43
C ASP B 2298 -27.19 28.97 35.83
N ILE B 2299 -28.37 29.15 35.24
CA ILE B 2299 -29.09 28.07 34.57
C ILE B 2299 -28.76 28.12 33.06
N THR B 2300 -28.11 27.07 32.57
CA THR B 2300 -27.56 27.03 31.21
C THR B 2300 -28.64 26.74 30.18
N LEU B 2301 -28.98 27.72 29.34
CA LEU B 2301 -29.84 27.51 28.19
C LEU B 2301 -29.00 27.02 27.01
N ARG B 2302 -29.14 25.74 26.67
CA ARG B 2302 -28.38 25.07 25.62
C ARG B 2302 -29.23 24.93 24.36
N PHE B 2303 -28.82 25.61 23.29
CA PHE B 2303 -29.36 25.42 21.94
C PHE B 2303 -28.44 24.48 21.18
N THR B 2304 -28.94 23.34 20.71
CA THR B 2304 -28.15 22.35 19.96
C THR B 2304 -28.71 22.15 18.57
N TRP B 2305 -27.84 21.96 17.59
CA TRP B 2305 -28.21 21.54 16.24
C TRP B 2305 -27.40 20.31 15.85
N ASN B 2306 -28.02 19.40 15.12
CA ASN B 2306 -27.44 18.15 14.66
C ASN B 2306 -27.96 17.84 13.26
N PHE B 2307 -27.03 17.71 12.32
CA PHE B 2307 -27.29 17.55 10.89
C PHE B 2307 -26.99 16.09 10.50
N GLN B 2308 -28.03 15.34 10.13
CA GLN B 2308 -27.87 14.00 9.56
C GLN B 2308 -27.59 14.12 8.06
N ARG B 2309 -26.56 13.45 7.55
CA ARG B 2309 -26.16 13.42 6.13
C ARG B 2309 -26.34 12.04 5.51
N ASP B 2310 -26.40 12.02 4.19
CA ASP B 2310 -26.52 10.78 3.42
C ASP B 2310 -25.15 10.13 3.23
N LEU B 2311 -24.85 9.04 3.96
CA LEU B 2311 -23.61 8.29 3.77
C LEU B 2311 -23.49 7.70 2.35
N ALA B 2312 -24.59 7.47 1.63
CA ALA B 2312 -24.55 7.00 0.24
C ALA B 2312 -24.10 8.09 -0.75
N LYS B 2313 -24.14 9.37 -0.36
CA LYS B 2313 -23.51 10.48 -1.12
C LYS B 2313 -22.03 10.67 -0.79
N GLY B 2314 -21.51 9.97 0.22
CA GLY B 2314 -20.11 9.98 0.64
C GLY B 2314 -19.82 10.81 1.89
N GLY B 2315 -18.56 10.78 2.33
CA GLY B 2315 -18.14 11.22 3.66
C GLY B 2315 -18.16 10.07 4.67
N THR B 2316 -17.46 10.25 5.79
CA THR B 2316 -17.29 9.23 6.85
C THR B 2316 -18.09 9.53 8.11
N VAL B 2317 -18.82 10.65 8.14
CA VAL B 2317 -19.52 11.16 9.33
C VAL B 2317 -20.98 11.44 8.97
N GLU B 2318 -21.88 10.60 9.49
CA GLU B 2318 -23.34 10.75 9.28
C GLU B 2318 -23.90 11.97 10.03
N TYR B 2319 -23.40 12.26 11.23
CA TYR B 2319 -23.92 13.31 12.11
C TYR B 2319 -22.87 14.40 12.37
N ALA B 2320 -23.17 15.63 11.95
CA ALA B 2320 -22.41 16.82 12.35
C ALA B 2320 -23.25 17.65 13.33
N ASN B 2321 -22.76 17.87 14.55
CA ASN B 2321 -23.48 18.57 15.62
C ASN B 2321 -22.62 19.60 16.35
N GLU B 2322 -23.27 20.56 17.00
CA GLU B 2322 -22.64 21.48 17.93
C GLU B 2322 -23.70 22.09 18.89
N LYS B 2323 -23.25 22.83 19.90
CA LYS B 2323 -24.10 23.47 20.93
C LYS B 2323 -23.69 24.92 21.22
N HIS B 2324 -24.67 25.82 21.28
CA HIS B 2324 -24.54 27.10 21.97
C HIS B 2324 -25.06 26.98 23.41
N MET B 2325 -24.49 27.75 24.35
CA MET B 2325 -24.83 27.70 25.77
C MET B 2325 -24.82 29.09 26.40
N LEU B 2326 -26.01 29.68 26.61
CA LEU B 2326 -26.16 30.93 27.34
C LEU B 2326 -26.36 30.69 28.84
N ALA B 2327 -25.57 31.34 29.68
CA ALA B 2327 -25.75 31.38 31.12
C ALA B 2327 -26.86 32.39 31.49
N LEU B 2328 -28.06 31.91 31.85
CA LEU B 2328 -29.12 32.80 32.32
C LEU B 2328 -28.85 33.19 33.78
N ALA B 2329 -28.14 34.32 33.95
CA ALA B 2329 -27.72 34.84 35.24
C ALA B 2329 -28.86 34.94 36.28
N PRO B 2330 -28.61 34.67 37.57
CA PRO B 2330 -29.60 34.85 38.62
C PRO B 2330 -30.16 36.28 38.61
N ASN B 2331 -31.47 36.42 38.87
CA ASN B 2331 -32.19 37.70 38.79
C ASN B 2331 -32.24 38.41 37.41
N SER B 2332 -31.68 37.84 36.33
CA SER B 2332 -31.82 38.43 34.99
C SER B 2332 -33.28 38.51 34.51
N THR B 2333 -33.58 39.48 33.65
CA THR B 2333 -34.92 39.71 33.08
C THR B 2333 -35.44 38.47 32.35
N ALA B 2334 -34.62 37.89 31.47
CA ALA B 2334 -34.93 36.66 30.76
C ALA B 2334 -35.23 35.48 31.71
N ARG B 2335 -34.42 35.29 32.76
CA ARG B 2335 -34.65 34.22 33.74
C ARG B 2335 -35.98 34.39 34.48
N ARG B 2336 -36.33 35.62 34.90
CA ARG B 2336 -37.62 35.92 35.55
C ARG B 2336 -38.81 35.78 34.60
N GLN B 2337 -38.70 36.23 33.35
CA GLN B 2337 -39.77 36.11 32.34
C GLN B 2337 -40.01 34.65 31.92
N LEU B 2338 -38.97 33.83 31.83
CA LEU B 2338 -39.11 32.38 31.60
C LEU B 2338 -39.70 31.69 32.85
N ALA B 2339 -39.46 32.24 34.05
CA ALA B 2339 -40.13 31.80 35.29
C ALA B 2339 -41.64 32.15 35.32
N SER B 2340 -42.04 33.33 34.85
CA SER B 2340 -43.46 33.73 34.79
C SER B 2340 -44.24 32.98 33.72
N LEU B 2341 -43.62 32.64 32.58
CA LEU B 2341 -44.21 31.74 31.58
C LEU B 2341 -44.67 30.41 32.19
N LEU B 2342 -43.90 29.83 33.13
CA LEU B 2342 -44.28 28.59 33.82
C LEU B 2342 -45.52 28.70 34.72
N GLU B 2343 -45.93 29.92 35.09
CA GLU B 2343 -47.15 30.16 35.85
C GLU B 2343 -48.41 30.10 34.98
N GLY B 2344 -48.27 30.33 33.67
CA GLY B 2344 -49.38 30.30 32.73
C GLY B 2344 -50.42 31.40 32.97
N THR B 2345 -50.03 32.49 33.64
CA THR B 2345 -50.84 33.68 33.94
C THR B 2345 -50.57 34.85 32.99
N SER B 2346 -49.58 34.72 32.10
CA SER B 2346 -49.10 35.78 31.21
C SER B 2346 -49.03 35.35 29.75
N ASP B 2347 -49.71 36.08 28.86
CA ASP B 2347 -49.51 36.01 27.41
C ASP B 2347 -48.15 36.62 26.95
N GLN B 2348 -47.25 36.91 27.89
CA GLN B 2348 -45.97 37.55 27.65
C GLN B 2348 -44.93 36.54 27.21
N SER B 2349 -44.35 36.76 26.03
CA SER B 2349 -43.16 36.05 25.57
C SER B 2349 -41.88 36.54 26.27
N VAL B 2350 -40.97 35.63 26.63
CA VAL B 2350 -39.60 36.01 27.01
C VAL B 2350 -38.75 36.17 25.74
N VAL B 2351 -37.97 37.26 25.66
CA VAL B 2351 -36.95 37.40 24.61
C VAL B 2351 -35.59 37.07 25.20
N ILE B 2352 -34.91 36.09 24.62
CA ILE B 2352 -33.55 35.71 24.98
C ILE B 2352 -32.63 36.14 23.84
N PRO B 2353 -31.82 37.19 24.03
CA PRO B 2353 -30.89 37.67 23.00
C PRO B 2353 -29.81 36.62 22.73
N ASN B 2354 -29.10 36.74 21.61
CA ASN B 2354 -27.83 36.05 21.37
C ASN B 2354 -27.90 34.51 21.35
N LEU B 2355 -29.06 33.92 21.01
CA LEU B 2355 -29.31 32.47 21.16
C LEU B 2355 -29.26 31.68 19.84
N PHE B 2356 -29.72 32.24 18.73
CA PHE B 2356 -29.87 31.54 17.45
C PHE B 2356 -28.78 31.95 16.45
N PRO B 2357 -27.71 31.15 16.24
CA PRO B 2357 -26.79 31.36 15.14
C PRO B 2357 -27.52 31.11 13.80
N LYS B 2358 -27.76 32.17 13.02
CA LYS B 2358 -28.42 32.06 11.72
C LYS B 2358 -27.53 31.34 10.68
N TYR B 2359 -26.21 31.48 10.80
CA TYR B 2359 -25.26 31.02 9.78
C TYR B 2359 -24.33 29.96 10.36
N ILE B 2360 -24.46 28.70 9.93
CA ILE B 2360 -23.74 27.55 10.50
C ILE B 2360 -23.00 26.79 9.40
N ARG B 2361 -21.74 26.45 9.62
CA ARG B 2361 -21.00 25.54 8.74
C ARG B 2361 -21.24 24.10 9.20
N ALA B 2362 -21.59 23.24 8.24
CA ALA B 2362 -21.60 21.80 8.41
C ALA B 2362 -20.38 21.22 7.67
N PRO B 2363 -19.22 21.05 8.33
CA PRO B 2363 -18.02 20.52 7.69
C PRO B 2363 -18.05 18.99 7.56
N ASN B 2364 -17.11 18.41 6.81
CA ASN B 2364 -16.97 16.95 6.66
C ASN B 2364 -16.64 16.20 7.98
N GLY B 2365 -16.26 16.92 9.04
CA GLY B 2365 -16.09 16.40 10.39
C GLY B 2365 -17.39 16.43 11.22
N PRO B 2366 -17.33 16.00 12.51
CA PRO B 2366 -18.51 15.94 13.38
C PRO B 2366 -18.93 17.29 14.01
N GLU B 2367 -18.12 18.35 13.90
CA GLU B 2367 -18.32 19.62 14.63
C GLU B 2367 -18.98 20.72 13.76
N ALA B 2368 -20.28 20.98 13.98
CA ALA B 2368 -21.07 21.91 13.18
C ALA B 2368 -20.94 23.39 13.62
N ASN B 2369 -19.76 23.98 13.42
CA ASN B 2369 -19.42 25.31 13.94
C ASN B 2369 -20.21 26.49 13.30
N PRO B 2370 -20.67 27.49 14.07
CA PRO B 2370 -21.21 28.75 13.54
C PRO B 2370 -20.19 29.53 12.69
N VAL B 2371 -20.67 30.27 11.68
CA VAL B 2371 -19.80 30.95 10.71
C VAL B 2371 -19.28 32.28 11.25
N LYS B 2372 -18.11 32.26 11.87
CA LYS B 2372 -17.40 33.44 12.39
C LYS B 2372 -17.13 34.54 11.34
N GLN B 2373 -17.16 34.22 10.04
CA GLN B 2373 -17.02 35.20 8.96
C GLN B 2373 -18.31 35.98 8.67
N LEU B 2374 -19.48 35.38 8.95
CA LEU B 2374 -20.81 35.99 8.79
C LEU B 2374 -21.36 36.53 10.11
N GLN B 2375 -20.82 36.03 11.23
CA GLN B 2375 -21.14 36.42 12.59
C GLN B 2375 -19.82 36.79 13.32
N PRO B 2376 -19.12 37.86 12.89
CA PRO B 2376 -17.80 38.26 13.40
C PRO B 2376 -17.75 38.65 14.88
N ASN B 2377 -18.87 39.05 15.48
CA ASN B 2377 -18.99 39.31 16.91
C ASN B 2377 -19.43 38.05 17.70
N GLU B 2378 -19.38 36.89 17.05
CA GLU B 2378 -19.81 35.58 17.55
C GLU B 2378 -21.19 35.65 18.21
N GLU B 2379 -21.27 35.51 19.54
CA GLU B 2379 -22.54 35.52 20.29
C GLU B 2379 -23.38 36.79 20.06
N ALA B 2380 -22.76 37.96 19.85
CA ALA B 2380 -23.47 39.22 19.67
C ALA B 2380 -24.15 39.37 18.31
N ASP B 2381 -23.79 38.53 17.32
CA ASP B 2381 -24.45 38.46 16.01
C ASP B 2381 -25.48 37.32 15.93
N TYR B 2382 -25.69 36.58 17.02
CA TYR B 2382 -26.72 35.53 17.09
C TYR B 2382 -28.09 36.17 17.33
N LEU B 2383 -29.11 35.70 16.63
CA LEU B 2383 -30.43 36.29 16.70
C LEU B 2383 -31.08 36.04 18.06
N GLY B 2384 -31.77 37.05 18.57
CA GLY B 2384 -32.63 36.90 19.74
C GLY B 2384 -33.82 35.99 19.43
N VAL B 2385 -34.15 35.09 20.35
CA VAL B 2385 -35.27 34.17 20.25
C VAL B 2385 -36.35 34.59 21.24
N ARG B 2386 -37.55 34.83 20.73
CA ARG B 2386 -38.76 35.01 21.50
C ARG B 2386 -39.33 33.63 21.83
N ILE B 2387 -39.43 33.28 23.10
CA ILE B 2387 -39.97 32.01 23.58
C ILE B 2387 -41.34 32.25 24.22
N GLN B 2388 -42.29 31.36 23.93
CA GLN B 2388 -43.64 31.32 24.49
C GLN B 2388 -43.93 29.90 25.02
N LEU B 2389 -44.77 29.79 26.05
CA LEU B 2389 -45.35 28.52 26.48
C LEU B 2389 -46.80 28.45 25.98
N ARG B 2390 -47.11 27.49 25.10
CA ARG B 2390 -48.48 27.19 24.70
C ARG B 2390 -49.04 26.14 25.64
N ARG B 2391 -50.26 26.37 26.14
CA ARG B 2391 -50.83 25.48 27.15
C ARG B 2391 -52.25 25.09 26.87
N GLU B 2392 -52.46 24.19 25.91
CA GLU B 2392 -53.81 23.70 25.67
C GLU B 2392 -54.29 23.05 26.94
N GLN B 2393 -55.46 23.46 27.41
CA GLN B 2393 -56.02 22.85 28.61
C GLN B 2393 -57.27 22.08 28.23
N GLY B 2394 -58.13 22.70 27.44
CA GLY B 2394 -59.39 22.07 27.11
C GLY B 2394 -60.42 22.59 28.09
N ALA B 2395 -60.17 23.78 28.65
CA ALA B 2395 -61.08 24.40 29.63
C ALA B 2395 -61.63 23.45 30.69
N GLY B 2396 -60.77 22.84 31.49
CA GLY B 2396 -61.22 21.92 32.52
C GLY B 2396 -60.09 21.12 33.13
N ALA B 2397 -60.09 20.99 34.45
CA ALA B 2397 -59.03 20.23 35.17
C ALA B 2397 -57.62 20.75 34.99
N THR B 2398 -56.64 19.87 35.21
CA THR B 2398 -55.24 20.28 35.11
C THR B 2398 -54.58 19.54 33.94
N GLY B 2399 -55.40 18.94 33.09
CA GLY B 2399 -54.87 18.27 31.91
C GLY B 2399 -54.22 19.32 31.05
N PHE B 2400 -52.90 19.41 31.10
CA PHE B 2400 -52.24 20.48 30.39
C PHE B 2400 -51.36 20.03 29.24
N LEU B 2401 -51.88 20.13 28.02
CA LEU B 2401 -51.07 19.81 26.87
C LEU B 2401 -50.16 21.01 26.74
N GLU B 2402 -48.94 20.87 27.21
CA GLU B 2402 -48.01 22.00 27.18
C GLU B 2402 -46.88 21.74 26.17
N TRP B 2403 -46.53 22.77 25.41
CA TRP B 2403 -45.40 22.77 24.49
C TRP B 2403 -44.85 24.18 24.33
N TRP B 2404 -43.58 24.29 23.99
CA TRP B 2404 -42.95 25.59 23.77
C TRP B 2404 -43.01 25.98 22.30
N VAL B 2405 -43.17 27.27 22.07
CA VAL B 2405 -43.04 27.91 20.77
C VAL B 2405 -41.85 28.86 20.84
N ILE B 2406 -41.03 28.84 19.80
CA ILE B 2406 -39.93 29.76 19.59
C ILE B 2406 -40.17 30.54 18.29
N GLU B 2407 -39.88 31.83 18.32
CA GLU B 2407 -39.96 32.75 17.18
C GLU B 2407 -38.66 33.57 17.15
N LEU B 2408 -38.25 34.10 16.01
CA LEU B 2408 -37.15 35.08 15.98
C LEU B 2408 -37.65 36.45 16.45
N GLN B 2409 -36.84 37.16 17.24
CA GLN B 2409 -37.16 38.48 17.80
C GLN B 2409 -37.60 39.48 16.71
N GLU B 2410 -36.97 39.40 15.53
CA GLU B 2410 -37.21 40.28 14.38
C GLU B 2410 -38.06 39.64 13.27
N CYS B 2411 -38.84 38.58 13.56
CA CYS B 2411 -39.70 37.98 12.54
C CYS B 2411 -40.72 39.00 11.98
N ARG B 2412 -40.89 39.02 10.65
CA ARG B 2412 -41.80 39.93 9.92
C ARG B 2412 -42.78 39.17 9.04
N THR B 2413 -42.24 38.21 8.29
CA THR B 2413 -42.95 37.17 7.56
C THR B 2413 -42.61 35.83 8.19
N ASP B 2414 -43.53 34.88 8.13
CA ASP B 2414 -43.34 33.49 8.57
C ASP B 2414 -42.73 33.35 9.97
N CYS B 2415 -43.28 34.06 10.98
CA CYS B 2415 -42.85 33.96 12.39
C CYS B 2415 -42.87 32.53 12.95
N ASN B 2416 -43.64 31.62 12.33
CA ASN B 2416 -43.67 30.19 12.64
C ASN B 2416 -42.45 29.42 12.09
N LEU B 2417 -41.50 30.06 11.39
CA LEU B 2417 -40.31 29.44 10.81
C LEU B 2417 -39.04 30.15 11.29
N LEU B 2418 -38.03 29.37 11.65
CA LEU B 2418 -36.70 29.84 12.01
C LEU B 2418 -35.71 29.42 10.90
N PRO B 2419 -35.42 30.29 9.91
CA PRO B 2419 -34.51 29.98 8.82
C PRO B 2419 -33.06 29.89 9.31
N MET B 2420 -32.58 28.66 9.48
CA MET B 2420 -31.17 28.35 9.75
C MET B 2420 -30.44 28.12 8.43
N VAL B 2421 -29.44 28.94 8.12
CA VAL B 2421 -28.65 28.89 6.89
C VAL B 2421 -27.40 28.04 7.13
N ILE B 2422 -27.36 26.87 6.50
CA ILE B 2422 -26.34 25.84 6.70
C ILE B 2422 -25.46 25.75 5.46
N PHE B 2423 -24.16 25.97 5.64
CA PHE B 2423 -23.13 25.84 4.61
C PHE B 2423 -22.53 24.43 4.71
N SER B 2424 -22.98 23.49 3.88
CA SER B 2424 -22.48 22.12 3.89
C SER B 2424 -21.20 22.00 3.04
N ASP B 2425 -20.12 21.52 3.64
CA ASP B 2425 -18.91 21.18 2.87
C ASP B 2425 -19.18 20.01 1.91
N LYS B 2426 -18.52 20.02 0.74
CA LYS B 2426 -18.61 18.92 -0.23
C LYS B 2426 -17.79 17.70 0.23
N VAL B 2427 -18.34 16.50 0.11
CA VAL B 2427 -17.60 15.31 0.48
C VAL B 2427 -16.80 14.79 -0.72
N SER B 2428 -15.82 13.93 -0.50
CA SER B 2428 -14.99 13.47 -1.62
C SER B 2428 -14.66 11.98 -1.62
N PRO B 2429 -15.18 11.25 -2.62
CA PRO B 2429 -14.85 9.82 -2.75
C PRO B 2429 -14.09 9.47 -4.03
N PRO B 2430 -12.76 9.37 -3.95
CA PRO B 2430 -11.94 9.02 -5.12
C PRO B 2430 -11.97 7.54 -5.46
N SER B 2431 -11.67 7.19 -6.71
CA SER B 2431 -11.66 5.79 -7.12
C SER B 2431 -10.25 5.26 -7.25
N LEU B 2432 -9.34 6.09 -7.76
CA LEU B 2432 -7.95 5.67 -7.90
C LEU B 2432 -7.08 6.40 -6.89
N GLY B 2433 -7.55 6.50 -5.64
CA GLY B 2433 -6.81 7.22 -4.63
C GLY B 2433 -5.63 6.50 -4.03
N PHE B 2434 -5.19 5.41 -4.65
CA PHE B 2434 -4.02 4.69 -4.16
C PHE B 2434 -2.77 5.44 -4.55
N LEU B 2435 -2.87 6.26 -5.59
CA LEU B 2435 -1.74 7.07 -6.02
C LEU B 2435 -1.74 8.43 -5.33
N ALA B 2436 -1.74 8.43 -4.01
CA ALA B 2436 -1.77 9.68 -3.25
C ALA B 2436 -0.71 9.67 -2.17
N GLY B 2437 -0.31 10.85 -1.71
CA GLY B 2437 0.68 10.93 -0.65
C GLY B 2437 2.06 11.33 -1.12
N TYR B 2438 2.89 11.82 -0.21
CA TYR B 2438 4.25 12.18 -0.58
C TYR B 2438 5.10 10.93 -0.65
N GLY B 2439 4.56 9.82 -0.17
CA GLY B 2439 5.27 8.56 -0.30
C GLY B 2439 5.20 8.15 -1.75
N ILE B 2440 4.11 8.51 -2.44
CA ILE B 2440 4.00 8.20 -3.86
C ILE B 2440 4.94 9.08 -4.67
N MET B 2441 5.23 10.28 -4.19
CA MET B 2441 6.19 11.12 -4.88
C MET B 2441 7.57 10.51 -4.76
N GLY B 2442 7.92 10.08 -3.55
CA GLY B 2442 9.21 9.45 -3.34
C GLY B 2442 9.33 8.16 -4.14
N LEU B 2443 8.24 7.42 -4.26
CA LEU B 2443 8.26 6.19 -5.01
C LEU B 2443 8.62 6.48 -6.45
N TYR B 2444 7.98 7.47 -7.05
CA TYR B 2444 8.27 7.82 -8.43
C TYR B 2444 9.76 8.06 -8.62
N VAL B 2445 10.35 8.90 -7.78
CA VAL B 2445 11.76 9.21 -7.92
C VAL B 2445 12.58 7.93 -7.92
N SER B 2446 12.35 7.07 -6.95
CA SER B 2446 13.08 5.81 -6.88
C SER B 2446 12.93 4.97 -8.15
N ILE B 2447 11.74 4.90 -8.73
CA ILE B 2447 11.57 4.17 -9.97
C ILE B 2447 12.51 4.72 -11.05
N VAL B 2448 12.49 6.02 -11.27
CA VAL B 2448 13.39 6.62 -12.25
C VAL B 2448 14.83 6.18 -12.05
N LEU B 2449 15.34 6.30 -10.84
CA LEU B 2449 16.70 5.88 -10.56
C LEU B 2449 16.98 4.46 -11.02
N VAL B 2450 16.15 3.52 -10.62
CA VAL B 2450 16.35 2.13 -11.02
C VAL B 2450 16.36 1.95 -12.53
N ILE B 2451 15.35 2.47 -13.22
CA ILE B 2451 15.32 2.37 -14.66
C ILE B 2451 16.54 3.03 -15.26
N GLY B 2452 16.98 4.14 -14.70
CA GLY B 2452 18.16 4.81 -15.18
C GLY B 2452 19.39 3.93 -15.20
N LYS B 2453 19.61 3.17 -14.13
CA LYS B 2453 20.74 2.27 -14.04
C LYS B 2453 20.61 1.14 -15.05
N PHE B 2454 19.39 0.71 -15.32
CA PHE B 2454 19.17 -0.35 -16.30
C PHE B 2454 19.55 0.14 -17.69
N VAL B 2455 19.14 1.34 -18.06
CA VAL B 2455 19.47 1.88 -19.37
C VAL B 2455 20.98 2.09 -19.48
N ARG B 2456 21.62 2.50 -18.39
CA ARG B 2456 23.07 2.68 -18.41
C ARG B 2456 23.73 1.40 -18.80
N GLY B 2457 23.20 0.27 -18.36
CA GLY B 2457 23.74 -1.00 -18.75
C GLY B 2457 24.05 -1.12 -20.23
N PHE B 2458 23.14 -0.69 -21.09
CA PHE B 2458 23.34 -0.84 -22.51
C PHE B 2458 24.35 0.13 -23.08
N PHE B 2459 24.56 1.26 -22.41
CA PHE B 2459 25.44 2.27 -22.95
C PHE B 2459 26.78 2.37 -22.23
N SER B 2460 27.00 1.58 -21.19
CA SER B 2460 28.23 1.73 -20.42
C SER B 2460 29.37 0.88 -20.88
N GLU B 2461 29.50 -0.32 -20.34
CA GLU B 2461 30.64 -1.15 -20.70
C GLU B 2461 30.34 -2.03 -21.87
N ILE B 2462 30.34 -1.45 -23.06
CA ILE B 2462 30.07 -2.20 -24.26
C ILE B 2462 31.37 -2.32 -24.97
N SER B 2463 32.44 -1.87 -24.34
CA SER B 2463 33.74 -1.94 -24.95
C SER B 2463 34.47 -3.11 -24.39
N HIS B 2464 33.90 -3.76 -23.39
CA HIS B 2464 34.57 -4.86 -22.75
C HIS B 2464 34.28 -6.14 -23.46
N SER B 2465 33.22 -6.17 -24.26
CA SER B 2465 32.86 -7.34 -25.02
C SER B 2465 32.94 -7.01 -26.47
N ILE B 2466 34.13 -6.71 -26.97
CA ILE B 2466 34.30 -6.37 -28.37
C ILE B 2466 35.08 -7.54 -28.87
N MET B 2467 35.72 -8.25 -27.96
CA MET B 2467 36.54 -9.35 -28.37
C MET B 2467 35.70 -10.52 -28.69
N PHE B 2468 34.50 -10.57 -28.14
CA PHE B 2468 33.64 -11.71 -28.32
C PHE B 2468 32.40 -11.38 -29.11
N GLU B 2469 32.35 -10.21 -29.72
CA GLU B 2469 31.16 -9.81 -30.44
C GLU B 2469 31.42 -9.10 -31.75
N GLU B 2470 32.66 -8.95 -32.13
CA GLU B 2470 32.99 -8.30 -33.38
C GLU B 2470 33.78 -9.20 -34.26
N LEU B 2471 33.48 -10.48 -34.22
CA LEU B 2471 34.22 -11.44 -35.00
C LEU B 2471 33.93 -11.38 -36.49
N PRO B 2472 34.97 -11.25 -37.31
CA PRO B 2472 34.80 -11.15 -38.76
C PRO B 2472 34.12 -12.30 -39.48
N CYS B 2473 34.59 -13.53 -39.37
CA CYS B 2473 33.96 -14.69 -39.99
C CYS B 2473 33.68 -15.79 -38.99
N VAL B 2474 32.44 -15.95 -38.57
CA VAL B 2474 32.11 -16.91 -37.56
C VAL B 2474 31.68 -18.25 -38.11
N ASP B 2475 32.44 -18.81 -39.02
CA ASP B 2475 32.02 -20.04 -39.67
C ASP B 2475 32.74 -21.24 -39.15
N ARG B 2476 33.99 -21.08 -38.77
CA ARG B 2476 34.76 -22.20 -38.31
C ARG B 2476 34.34 -22.54 -36.91
N ILE B 2477 33.80 -21.59 -36.17
CA ILE B 2477 33.30 -21.87 -34.83
C ILE B 2477 31.95 -22.55 -34.90
N LEU B 2478 31.19 -22.27 -35.95
CA LEU B 2478 29.89 -22.91 -36.12
C LEU B 2478 30.06 -24.36 -36.46
N LYS B 2479 31.16 -24.72 -37.10
CA LYS B 2479 31.39 -26.11 -37.36
C LYS B 2479 31.75 -26.87 -36.09
N LEU B 2480 32.53 -26.29 -35.19
CA LEU B 2480 32.83 -26.96 -33.93
C LEU B 2480 31.59 -27.09 -33.10
N CYS B 2481 30.70 -26.11 -33.12
CA CYS B 2481 29.56 -26.18 -32.25
C CYS B 2481 28.58 -27.21 -32.77
N GLN B 2482 28.51 -27.37 -34.09
CA GLN B 2482 27.63 -28.37 -34.66
C GLN B 2482 28.21 -29.77 -34.66
N ASP B 2483 29.49 -29.91 -34.41
CA ASP B 2483 30.09 -31.23 -34.32
C ASP B 2483 30.00 -31.77 -32.91
N ILE B 2484 29.82 -30.89 -31.95
CA ILE B 2484 29.64 -31.35 -30.59
C ILE B 2484 28.26 -31.97 -30.63
N PHE B 2485 27.34 -31.37 -31.37
CA PHE B 2485 25.97 -31.88 -31.36
C PHE B 2485 25.83 -33.21 -32.10
N LEU B 2486 26.50 -33.39 -33.22
CA LEU B 2486 26.47 -34.68 -33.92
C LEU B 2486 26.99 -35.80 -33.04
N VAL B 2487 28.04 -35.55 -32.28
CA VAL B 2487 28.62 -36.58 -31.46
C VAL B 2487 27.63 -36.96 -30.36
N ARG B 2488 26.89 -36.00 -29.81
CA ARG B 2488 25.90 -36.30 -28.79
C ARG B 2488 24.80 -37.19 -29.33
N GLU B 2489 24.48 -37.08 -30.62
CA GLU B 2489 23.44 -37.89 -31.24
C GLU B 2489 23.85 -39.33 -31.36
N THR B 2490 25.00 -39.57 -31.97
CA THR B 2490 25.49 -40.93 -32.18
C THR B 2490 26.15 -41.51 -30.97
N ARG B 2491 26.00 -40.87 -29.83
CA ARG B 2491 26.61 -41.32 -28.59
C ARG B 2491 28.04 -41.81 -28.69
N GLU B 2492 28.96 -40.93 -29.10
CA GLU B 2492 30.37 -41.28 -29.11
C GLU B 2492 30.93 -40.33 -28.12
N LEU B 2493 30.48 -40.40 -26.87
CA LEU B 2493 30.87 -39.42 -25.87
C LEU B 2493 32.33 -39.12 -25.54
N GLU B 2494 33.27 -39.88 -26.09
CA GLU B 2494 34.67 -39.55 -25.86
C GLU B 2494 35.07 -38.35 -26.69
N LEU B 2495 34.43 -38.14 -27.82
CA LEU B 2495 34.77 -37.02 -28.67
C LEU B 2495 33.99 -35.80 -28.26
N GLU B 2496 33.03 -35.92 -27.37
CA GLU B 2496 32.35 -34.73 -26.89
C GLU B 2496 33.33 -34.04 -25.98
N GLU B 2497 34.08 -34.78 -25.19
CA GLU B 2497 35.08 -34.18 -24.32
C GLU B 2497 36.21 -33.55 -25.08
N GLU B 2498 36.69 -34.18 -26.14
CA GLU B 2498 37.82 -33.61 -26.82
C GLU B 2498 37.45 -32.40 -27.66
N LEU B 2499 36.20 -32.30 -28.10
CA LEU B 2499 35.78 -31.13 -28.85
C LEU B 2499 35.34 -30.02 -27.92
N TYR B 2500 35.09 -30.32 -26.65
CA TYR B 2500 34.78 -29.26 -25.71
C TYR B 2500 36.09 -28.60 -25.36
N ALA B 2501 37.17 -29.34 -25.34
CA ALA B 2501 38.45 -28.74 -25.06
C ALA B 2501 38.91 -27.77 -26.13
N LYS B 2502 38.54 -27.96 -27.38
CA LYS B 2502 38.92 -26.99 -28.36
C LYS B 2502 38.10 -25.73 -28.21
N LEU B 2503 36.83 -25.83 -27.89
CA LEU B 2503 36.00 -24.65 -27.80
C LEU B 2503 36.39 -23.82 -26.60
N ILE B 2504 36.79 -24.47 -25.53
CA ILE B 2504 37.21 -23.75 -24.34
C ILE B 2504 38.59 -23.13 -24.49
N PHE B 2505 39.43 -23.60 -25.40
CA PHE B 2505 40.73 -22.97 -25.53
C PHE B 2505 40.76 -22.03 -26.66
N LEU B 2506 39.60 -21.63 -27.17
CA LEU B 2506 39.56 -20.62 -28.20
C LEU B 2506 39.10 -19.45 -27.44
N TYR B 2507 38.25 -19.68 -26.46
CA TYR B 2507 37.70 -18.58 -25.69
C TYR B 2507 38.57 -18.25 -24.52
N ARG B 2508 39.75 -18.85 -24.43
CA ARG B 2508 40.69 -18.59 -23.35
C ARG B 2508 41.95 -18.02 -23.89
N SER B 2509 42.01 -17.75 -25.18
CA SER B 2509 43.17 -17.16 -25.79
C SER B 2509 42.69 -16.21 -26.80
N PRO B 2510 42.59 -14.93 -26.46
CA PRO B 2510 42.08 -13.92 -27.38
C PRO B 2510 42.75 -13.85 -28.73
N GLU B 2511 44.00 -14.30 -28.86
CA GLU B 2511 44.75 -14.25 -30.11
C GLU B 2511 44.63 -15.46 -31.01
N THR B 2512 44.01 -16.53 -30.56
CA THR B 2512 43.75 -17.67 -31.42
C THR B 2512 42.36 -17.55 -31.91
N MET B 2513 41.64 -16.53 -31.47
CA MET B 2513 40.33 -16.30 -32.02
C MET B 2513 40.53 -15.31 -33.13
N ILE B 2514 41.61 -14.54 -33.15
CA ILE B 2514 41.85 -13.66 -34.29
C ILE B 2514 42.53 -14.41 -35.40
N LYS B 2515 42.79 -15.69 -35.23
CA LYS B 2515 43.33 -16.48 -36.32
C LYS B 2515 42.22 -17.35 -36.87
N TRP B 2516 41.40 -17.90 -35.99
CA TRP B 2516 40.32 -18.76 -36.40
C TRP B 2516 39.19 -17.96 -37.03
N THR B 2517 38.95 -16.76 -36.56
CA THR B 2517 37.91 -15.92 -37.14
C THR B 2517 38.43 -14.86 -38.07
N ARG B 2518 39.17 -15.22 -39.08
CA ARG B 2518 39.59 -14.22 -40.06
C ARG B 2518 38.98 -14.54 -41.37
N GLU B 2519 38.75 -13.53 -42.19
CA GLU B 2519 38.09 -13.72 -43.47
C GLU B 2519 39.03 -14.36 -44.43
N LYS B 2520 38.80 -15.63 -44.75
CA LYS B 2520 39.70 -16.34 -45.64
C LYS B 2520 39.39 -16.05 -47.08
N GLU B 2521 39.97 -14.98 -47.60
CA GLU B 2521 39.73 -14.61 -49.00
C GLU B 2521 41.01 -14.75 -49.80
N GLU C 570 -3.81 -89.80 59.31
CA GLU C 570 -3.50 -89.30 60.65
C GLU C 570 -2.81 -87.96 60.56
N LEU C 571 -2.64 -87.44 59.36
CA LEU C 571 -2.02 -86.14 59.18
C LEU C 571 -2.86 -85.08 59.86
N VAL C 572 -4.15 -85.08 59.57
CA VAL C 572 -5.04 -84.09 60.16
C VAL C 572 -5.28 -84.37 61.62
N LYS C 573 -5.17 -85.63 62.03
CA LYS C 573 -5.29 -85.94 63.44
C LYS C 573 -4.13 -85.32 64.18
N GLY C 574 -2.94 -85.33 63.58
CA GLY C 574 -1.77 -84.71 64.19
C GLY C 574 -1.87 -83.20 64.12
N VAL C 575 -2.53 -82.68 63.10
CA VAL C 575 -2.73 -81.24 63.01
C VAL C 575 -3.60 -80.86 64.19
N TYR C 576 -4.61 -81.68 64.46
CA TYR C 576 -5.50 -81.41 65.58
C TYR C 576 -4.84 -81.76 66.90
N ALA C 577 -3.75 -82.52 66.85
CA ALA C 577 -2.99 -82.83 68.05
C ALA C 577 -1.88 -81.83 68.24
N LYS C 578 -2.09 -80.59 67.82
CA LYS C 578 -1.10 -79.54 68.04
C LYS C 578 -1.71 -78.17 67.83
N TYR C 579 -2.52 -78.01 66.80
CA TYR C 579 -3.07 -76.70 66.48
C TYR C 579 -4.60 -76.66 66.47
N TRP C 580 -5.23 -77.08 67.56
CA TRP C 580 -6.68 -77.12 67.59
C TRP C 580 -7.22 -77.17 69.01
N ILE C 581 -6.33 -77.26 69.99
CA ILE C 581 -6.74 -77.23 71.38
C ILE C 581 -7.24 -75.83 71.64
N TYR C 582 -6.69 -74.87 70.89
CA TYR C 582 -7.05 -73.48 71.06
C TYR C 582 -8.43 -73.17 70.54
N VAL C 583 -9.01 -74.06 69.75
CA VAL C 583 -10.38 -73.87 69.30
C VAL C 583 -11.26 -74.01 70.52
N CYS C 584 -10.99 -75.01 71.36
CA CYS C 584 -11.77 -75.16 72.60
C CYS C 584 -11.65 -73.92 73.47
N ALA C 585 -10.45 -73.37 73.56
CA ALA C 585 -10.24 -72.19 74.39
C ALA C 585 -11.00 -70.98 73.84
N GLY C 586 -10.97 -70.80 72.52
CA GLY C 586 -11.67 -69.69 71.91
C GLY C 586 -13.16 -69.84 72.14
N MET C 587 -13.66 -71.06 72.06
CA MET C 587 -15.07 -71.31 72.26
C MET C 587 -15.50 -71.00 73.69
N PHE C 588 -14.61 -71.23 74.65
CA PHE C 588 -14.91 -70.90 76.04
C PHE C 588 -15.33 -69.45 76.08
N ILE C 589 -14.52 -68.58 75.50
CA ILE C 589 -14.84 -67.16 75.48
C ILE C 589 -16.17 -66.89 74.81
N VAL C 590 -16.42 -67.50 73.65
CA VAL C 590 -17.67 -67.28 72.93
C VAL C 590 -18.88 -67.51 73.84
N VAL C 591 -18.90 -68.64 74.55
CA VAL C 591 -19.98 -68.91 75.48
C VAL C 591 -20.11 -67.80 76.50
N SER C 592 -19.02 -67.47 77.17
CA SER C 592 -19.04 -66.43 78.19
C SER C 592 -19.53 -65.08 77.69
N PHE C 593 -19.33 -64.80 76.40
CA PHE C 593 -19.73 -63.53 75.84
C PHE C 593 -20.85 -63.70 74.85
N ALA C 594 -21.87 -64.46 75.22
CA ALA C 594 -23.03 -64.65 74.36
C ALA C 594 -24.21 -63.82 74.84
N GLY C 595 -24.16 -62.52 74.60
CA GLY C 595 -25.24 -61.65 75.03
C GLY C 595 -25.10 -61.25 76.47
N ARG C 596 -26.22 -60.93 77.12
CA ARG C 596 -26.21 -60.51 78.52
C ARG C 596 -25.53 -61.56 79.35
N LEU C 597 -24.37 -61.20 79.91
CA LEU C 597 -23.64 -62.15 80.72
C LEU C 597 -24.15 -62.14 82.13
N VAL C 598 -24.77 -63.23 82.55
CA VAL C 598 -25.21 -63.31 83.92
C VAL C 598 -24.15 -64.11 84.64
N VAL C 599 -24.32 -64.33 85.93
CA VAL C 599 -23.30 -65.03 86.71
C VAL C 599 -22.72 -66.26 86.04
N TYR C 600 -23.57 -67.13 85.51
CA TYR C 600 -23.05 -68.37 84.94
C TYR C 600 -22.10 -68.16 83.77
N LYS C 601 -22.39 -67.19 82.92
CA LYS C 601 -21.52 -66.89 81.79
C LYS C 601 -20.22 -66.28 82.29
N ILE C 602 -20.28 -65.51 83.36
CA ILE C 602 -19.07 -64.96 83.94
C ILE C 602 -18.21 -66.07 84.57
N VAL C 603 -18.85 -67.08 85.15
CA VAL C 603 -18.09 -68.21 85.70
C VAL C 603 -17.48 -68.99 84.55
N TYR C 604 -18.17 -69.02 83.41
CA TYR C 604 -17.59 -69.68 82.24
C TYR C 604 -16.27 -69.01 81.91
N MET C 605 -16.26 -67.68 81.95
CA MET C 605 -15.03 -66.95 81.68
C MET C 605 -13.98 -67.35 82.69
N PHE C 606 -14.32 -67.35 83.97
CA PHE C 606 -13.36 -67.72 85.02
C PHE C 606 -12.70 -69.08 84.75
N LEU C 607 -13.47 -70.03 84.22
CA LEU C 607 -12.91 -71.33 83.90
C LEU C 607 -11.92 -71.23 82.76
N PHE C 608 -12.24 -70.47 81.71
CA PHE C 608 -11.27 -70.26 80.63
C PHE C 608 -10.02 -69.68 81.21
N LEU C 609 -10.16 -68.63 82.01
CA LEU C 609 -9.01 -68.00 82.61
C LEU C 609 -8.19 -68.99 83.41
N LEU C 610 -8.83 -69.80 84.25
CA LEU C 610 -8.10 -70.74 85.10
C LEU C 610 -7.19 -71.63 84.30
N CYS C 611 -7.68 -72.12 83.17
CA CYS C 611 -6.87 -72.97 82.31
C CYS C 611 -5.62 -72.26 81.87
N LEU C 612 -5.77 -71.10 81.23
CA LEU C 612 -4.62 -70.37 80.73
C LEU C 612 -3.67 -69.89 81.82
N THR C 613 -4.19 -69.57 83.00
CA THR C 613 -3.32 -69.15 84.08
C THR C 613 -2.42 -70.27 84.58
N LEU C 614 -2.97 -71.46 84.78
CA LEU C 614 -2.15 -72.58 85.23
C LEU C 614 -1.09 -72.94 84.20
N PHE C 615 -1.37 -72.74 82.92
CA PHE C 615 -0.40 -73.00 81.88
C PHE C 615 0.89 -72.27 82.20
N GLN C 616 0.77 -71.00 82.56
CA GLN C 616 1.96 -70.23 82.92
C GLN C 616 2.54 -70.70 84.23
N VAL C 617 1.76 -70.63 85.31
CA VAL C 617 2.29 -70.97 86.62
C VAL C 617 2.98 -72.34 86.72
N TYR C 618 2.26 -73.40 86.40
CA TYR C 618 2.82 -74.74 86.53
C TYR C 618 2.56 -75.53 85.26
N TYR C 619 3.51 -75.53 84.33
CA TYR C 619 3.28 -76.20 83.05
C TYR C 619 2.99 -77.68 83.22
N SER C 620 3.76 -78.35 84.07
CA SER C 620 3.56 -79.77 84.30
C SER C 620 2.14 -80.05 84.76
N LEU C 621 1.69 -79.32 85.78
CA LEU C 621 0.35 -79.53 86.30
C LEU C 621 -0.72 -79.16 85.28
N TRP C 622 -0.49 -78.15 84.45
CA TRP C 622 -1.45 -77.80 83.42
C TRP C 622 -1.63 -78.98 82.51
N ARG C 623 -0.53 -79.54 82.05
CA ARG C 623 -0.60 -80.72 81.20
C ARG C 623 -1.32 -81.87 81.89
N LYS C 624 -1.12 -82.01 83.19
CA LYS C 624 -1.77 -83.08 83.93
C LYS C 624 -3.29 -82.97 83.96
N LEU C 625 -3.82 -81.75 84.01
CA LEU C 625 -5.28 -81.56 84.07
C LEU C 625 -5.98 -81.58 82.71
N LEU C 626 -5.41 -80.93 81.69
CA LEU C 626 -5.97 -80.88 80.33
C LEU C 626 -7.35 -81.48 79.96
N LYS C 627 -7.38 -82.73 79.52
CA LYS C 627 -8.64 -83.34 79.06
C LYS C 627 -9.66 -83.62 80.15
N ALA C 628 -9.22 -84.08 81.30
CA ALA C 628 -10.14 -84.26 82.42
C ALA C 628 -10.76 -82.91 82.70
N PHE C 629 -9.95 -81.86 82.60
CA PHE C 629 -10.46 -80.53 82.84
C PHE C 629 -11.48 -80.09 81.79
N TRP C 630 -11.22 -80.37 80.51
CA TRP C 630 -12.22 -80.05 79.49
C TRP C 630 -13.49 -80.87 79.67
N TRP C 631 -13.39 -82.06 80.26
CA TRP C 631 -14.58 -82.88 80.53
C TRP C 631 -15.38 -82.30 81.68
N LEU C 632 -14.67 -81.76 82.67
CA LEU C 632 -15.37 -81.08 83.76
C LEU C 632 -16.03 -79.86 83.14
N VAL C 633 -15.44 -79.34 82.08
CA VAL C 633 -16.02 -78.19 81.40
C VAL C 633 -17.29 -78.58 80.70
N VAL C 634 -17.27 -79.72 80.02
CA VAL C 634 -18.47 -80.20 79.38
C VAL C 634 -19.53 -80.36 80.47
N ALA C 635 -19.12 -80.80 81.65
CA ALA C 635 -20.07 -80.91 82.75
C ALA C 635 -20.79 -79.59 83.05
N TYR C 636 -20.13 -78.46 82.81
CA TYR C 636 -20.76 -77.16 83.01
C TYR C 636 -21.77 -76.86 81.92
N THR C 637 -21.35 -76.99 80.67
CA THR C 637 -22.25 -76.68 79.55
C THR C 637 -23.53 -77.48 79.63
N MET C 638 -23.44 -78.76 79.99
CA MET C 638 -24.62 -79.61 80.13
C MET C 638 -25.68 -78.99 81.00
N LEU C 639 -25.35 -78.78 82.27
CA LEU C 639 -26.33 -78.25 83.21
C LEU C 639 -27.01 -77.01 82.68
N VAL C 640 -26.21 -76.10 82.14
CA VAL C 640 -26.76 -74.87 81.58
C VAL C 640 -27.84 -75.13 80.56
N LEU C 641 -27.49 -75.81 79.47
CA LEU C 641 -28.47 -76.02 78.41
C LEU C 641 -29.71 -76.76 78.89
N ILE C 642 -29.52 -77.76 79.74
CA ILE C 642 -30.66 -78.52 80.26
C ILE C 642 -31.66 -77.60 80.94
N ALA C 643 -31.19 -76.79 81.89
CA ALA C 643 -32.10 -75.92 82.63
C ALA C 643 -32.65 -74.80 81.75
N VAL C 644 -31.76 -74.06 81.09
CA VAL C 644 -32.19 -72.94 80.27
C VAL C 644 -32.60 -73.43 78.89
N SER C 678 -34.65 -69.29 68.63
CA SER C 678 -35.35 -68.86 69.82
C SER C 678 -34.37 -68.31 70.83
N GLU C 679 -34.82 -67.39 71.68
CA GLU C 679 -33.95 -66.79 72.70
C GLU C 679 -33.37 -67.84 73.63
N LEU C 680 -34.24 -68.60 74.29
CA LEU C 680 -33.77 -69.60 75.23
C LEU C 680 -32.97 -70.68 74.54
N PHE C 681 -33.36 -71.01 73.31
CA PHE C 681 -32.68 -72.07 72.57
C PHE C 681 -31.32 -71.63 72.05
N SER C 682 -31.11 -70.33 71.89
CA SER C 682 -29.82 -69.83 71.46
C SER C 682 -28.87 -69.92 72.63
N SER C 683 -29.40 -69.86 73.84
CA SER C 683 -28.57 -70.01 75.03
C SER C 683 -28.35 -71.50 75.35
N ILE C 684 -28.81 -72.37 74.47
CA ILE C 684 -28.62 -73.81 74.65
C ILE C 684 -27.70 -74.18 73.49
N LEU C 685 -27.93 -73.56 72.35
CA LEU C 685 -27.13 -73.84 71.16
C LEU C 685 -25.65 -73.66 71.38
N VAL C 686 -25.26 -72.47 71.84
CA VAL C 686 -23.85 -72.19 72.05
C VAL C 686 -23.14 -73.14 73.03
N PRO C 687 -23.73 -73.40 74.22
CA PRO C 687 -23.06 -74.39 75.06
C PRO C 687 -22.92 -75.75 74.38
N GLY C 688 -23.91 -76.15 73.59
CA GLY C 688 -23.81 -77.39 72.86
C GLY C 688 -22.63 -77.37 71.90
N PHE C 689 -22.48 -76.29 71.15
CA PHE C 689 -21.39 -76.18 70.20
C PHE C 689 -20.08 -76.33 70.92
N PHE C 690 -19.96 -75.68 72.07
CA PHE C 690 -18.74 -75.75 72.85
C PHE C 690 -18.37 -77.17 73.22
N LEU C 691 -19.32 -77.91 73.78
CA LEU C 691 -19.02 -79.26 74.22
C LEU C 691 -18.65 -80.17 73.06
N LEU C 692 -19.23 -79.92 71.88
CA LEU C 692 -18.92 -80.73 70.71
C LEU C 692 -17.44 -80.62 70.36
N ALA C 693 -16.92 -79.41 70.32
CA ALA C 693 -15.52 -79.22 69.97
C ALA C 693 -14.64 -79.93 70.97
N CYS C 694 -14.96 -79.80 72.25
CA CYS C 694 -14.18 -80.46 73.29
C CYS C 694 -14.10 -81.94 73.01
N ILE C 695 -15.25 -82.60 72.81
CA ILE C 695 -15.28 -84.03 72.56
C ILE C 695 -14.22 -84.51 71.58
N LEU C 696 -14.13 -83.84 70.44
CA LEU C 696 -13.15 -84.26 69.43
C LEU C 696 -11.74 -84.28 69.98
N GLN C 697 -11.26 -83.19 70.58
CA GLN C 697 -9.94 -83.23 71.22
C GLN C 697 -9.97 -84.21 72.37
N LEU C 698 -10.83 -83.98 73.35
CA LEU C 698 -10.96 -84.85 74.54
C LEU C 698 -10.45 -86.26 74.44
N HIS C 699 -11.03 -87.04 73.53
CA HIS C 699 -10.63 -88.43 73.47
C HIS C 699 -9.81 -88.78 72.25
N TYR C 700 -9.96 -88.04 71.17
CA TYR C 700 -9.27 -88.43 69.93
C TYR C 700 -7.93 -87.75 69.65
N PHE C 701 -7.75 -86.52 70.11
CA PHE C 701 -6.51 -85.80 69.83
C PHE C 701 -5.78 -85.37 71.09
N HIS C 702 -6.40 -85.53 72.25
CA HIS C 702 -5.78 -85.05 73.48
C HIS C 702 -4.50 -85.80 73.82
N ARG C 703 -4.50 -87.11 73.64
CA ARG C 703 -3.33 -87.91 73.97
C ARG C 703 -2.18 -87.70 72.98
N PRO C 704 -2.47 -87.68 71.66
CA PRO C 704 -1.34 -87.36 70.78
C PRO C 704 -0.87 -85.92 70.95
N PHE C 705 -1.67 -85.05 71.56
CA PHE C 705 -1.22 -83.69 71.83
C PHE C 705 -0.32 -83.75 73.04
N MET C 706 -0.68 -84.57 74.03
CA MET C 706 0.17 -84.73 75.18
C MET C 706 1.47 -85.36 74.71
N GLN C 707 1.47 -85.84 73.47
CA GLN C 707 2.68 -86.43 72.91
C GLN C 707 3.43 -85.40 72.07
N LEU C 708 2.72 -84.40 71.56
CA LEU C 708 3.39 -83.35 70.81
C LEU C 708 4.05 -82.39 71.79
N THR C 709 3.48 -82.29 72.98
CA THR C 709 4.07 -81.43 74.00
C THR C 709 5.08 -82.17 74.85
N ASP C 710 5.27 -83.46 74.58
CA ASP C 710 6.22 -84.23 75.34
C ASP C 710 7.64 -83.96 74.88
N MET C 711 8.32 -83.01 75.50
CA MET C 711 9.70 -82.74 75.16
C MET C 711 10.58 -83.61 76.01
N GLU C 712 10.02 -84.16 77.08
CA GLU C 712 10.77 -85.04 77.94
C GLU C 712 10.45 -86.49 77.61
N LEU C 789 5.90 -80.14 43.58
CA LEU C 789 6.84 -81.22 43.79
C LEU C 789 8.27 -80.70 43.83
N GLU C 790 8.82 -80.40 42.66
CA GLU C 790 10.20 -79.92 42.57
C GLU C 790 10.39 -78.67 43.41
N LEU C 791 9.69 -77.60 43.05
CA LEU C 791 9.82 -76.34 43.78
C LEU C 791 9.18 -76.42 45.16
N ALA C 792 8.30 -77.38 45.39
CA ALA C 792 7.70 -77.54 46.71
C ALA C 792 8.75 -77.93 47.72
N ALA C 793 9.67 -78.83 47.35
CA ALA C 793 10.75 -79.20 48.24
C ALA C 793 11.66 -78.01 48.50
N GLY C 794 11.96 -77.25 47.45
CA GLY C 794 12.76 -76.05 47.63
C GLY C 794 12.07 -75.08 48.55
N PHE C 795 10.78 -74.85 48.33
CA PHE C 795 10.02 -73.94 49.17
C PHE C 795 10.03 -74.43 50.61
N SER C 796 9.83 -75.73 50.81
CA SER C 796 9.81 -76.28 52.16
C SER C 796 11.11 -75.96 52.87
N ASP C 797 12.24 -76.09 52.18
CA ASP C 797 13.53 -75.77 52.79
C ASP C 797 13.66 -74.29 53.09
N VAL C 798 13.27 -73.44 52.14
CA VAL C 798 13.30 -72.01 52.38
C VAL C 798 12.46 -71.67 53.59
N LEU C 799 11.22 -72.13 53.61
CA LEU C 799 10.32 -71.86 54.72
C LEU C 799 10.90 -72.39 56.03
N SER C 800 11.56 -73.54 55.98
CA SER C 800 12.17 -74.09 57.18
C SER C 800 13.22 -73.14 57.76
N ARG C 801 14.09 -72.61 56.90
CA ARG C 801 15.10 -71.66 57.36
C ARG C 801 14.45 -70.48 58.06
N VAL C 802 13.45 -69.90 57.41
CA VAL C 802 12.75 -68.77 58.00
C VAL C 802 12.23 -69.11 59.38
N GLN C 803 11.45 -70.18 59.48
CA GLN C 803 10.87 -70.56 60.75
C GLN C 803 11.87 -70.65 61.88
N VAL C 804 12.97 -71.38 61.66
CA VAL C 804 13.97 -71.53 62.70
C VAL C 804 14.52 -70.17 63.14
N PHE C 805 14.88 -69.33 62.19
CA PHE C 805 15.43 -68.02 62.52
C PHE C 805 14.45 -67.19 63.33
N LEU C 806 13.20 -67.13 62.89
CA LEU C 806 12.23 -66.29 63.57
C LEU C 806 11.98 -66.76 64.99
N ARG C 807 12.07 -68.05 65.22
CA ARG C 807 11.93 -68.54 66.58
C ARG C 807 13.05 -67.97 67.45
N ARG C 808 14.29 -68.03 66.98
CA ARG C 808 15.39 -67.54 67.79
C ARG C 808 15.14 -66.10 68.18
N LEU C 809 14.80 -65.24 67.21
CA LEU C 809 14.60 -63.82 67.50
C LEU C 809 13.52 -63.61 68.54
N LEU C 810 12.37 -64.25 68.36
CA LEU C 810 11.26 -64.09 69.29
C LEU C 810 11.47 -64.74 70.63
N GLU C 811 12.59 -65.44 70.79
CA GLU C 811 12.88 -66.04 72.07
C GLU C 811 13.48 -64.97 72.96
N LEU C 812 14.30 -64.11 72.38
CA LEU C 812 14.96 -63.07 73.17
C LEU C 812 14.28 -61.71 73.14
N HIS C 813 13.53 -61.42 72.09
CA HIS C 813 12.89 -60.12 71.97
C HIS C 813 11.40 -60.20 72.22
N VAL C 814 11.00 -60.71 73.38
CA VAL C 814 9.58 -60.84 73.68
C VAL C 814 9.23 -60.22 75.01
N PHE C 815 10.18 -60.12 75.93
CA PHE C 815 9.88 -59.42 77.18
C PHE C 815 9.65 -57.99 76.80
N LYS C 816 10.28 -57.53 75.71
CA LYS C 816 10.06 -56.18 75.22
C LYS C 816 8.59 -55.93 74.89
N LEU C 817 8.02 -56.70 73.96
CA LEU C 817 6.64 -56.48 73.56
C LEU C 817 5.63 -56.73 74.66
N VAL C 818 5.91 -57.64 75.58
CA VAL C 818 5.01 -57.82 76.70
C VAL C 818 5.05 -56.55 77.50
N ALA C 819 6.22 -56.13 77.94
CA ALA C 819 6.32 -54.95 78.78
C ALA C 819 5.75 -53.71 78.13
N LEU C 820 6.01 -53.50 76.85
CA LEU C 820 5.42 -52.37 76.16
C LEU C 820 3.90 -52.38 76.09
N TYR C 821 3.27 -53.50 75.74
CA TYR C 821 1.83 -53.53 75.73
C TYR C 821 1.21 -53.34 77.11
N THR C 822 1.69 -54.01 78.16
CA THR C 822 1.08 -53.74 79.45
C THR C 822 1.27 -52.32 79.91
N VAL C 823 2.25 -51.61 79.37
CA VAL C 823 2.37 -50.21 79.71
C VAL C 823 1.40 -49.36 78.89
N TRP C 824 1.29 -49.56 77.58
CA TRP C 824 0.30 -48.83 76.79
C TRP C 824 -1.12 -48.98 77.29
N VAL C 825 -1.51 -50.16 77.76
CA VAL C 825 -2.84 -50.35 78.33
C VAL C 825 -2.99 -49.55 79.61
N ALA C 826 -2.05 -49.66 80.54
CA ALA C 826 -2.19 -48.96 81.80
C ALA C 826 -1.78 -47.54 81.73
N LEU C 827 -1.47 -47.03 80.54
CA LEU C 827 -1.19 -45.61 80.43
C LEU C 827 -2.44 -44.97 79.84
N LYS C 828 -3.31 -45.77 79.22
CA LYS C 828 -4.56 -45.22 78.74
C LYS C 828 -5.61 -45.27 79.84
N GLU C 829 -5.77 -46.41 80.48
CA GLU C 829 -6.81 -46.55 81.50
C GLU C 829 -6.33 -46.28 82.90
N VAL C 830 -5.82 -45.08 83.15
CA VAL C 830 -5.26 -44.76 84.44
C VAL C 830 -6.14 -45.10 85.63
N SER C 831 -5.65 -45.94 86.53
CA SER C 831 -6.44 -46.34 87.68
C SER C 831 -5.59 -46.75 88.84
N VAL C 832 -6.17 -47.47 89.80
CA VAL C 832 -5.37 -48.00 90.91
C VAL C 832 -5.49 -49.51 90.94
N MET C 833 -5.78 -50.11 89.81
CA MET C 833 -5.81 -51.56 89.74
C MET C 833 -5.06 -51.96 88.48
N ASN C 834 -4.68 -50.99 87.67
CA ASN C 834 -3.85 -51.28 86.52
C ASN C 834 -2.52 -50.64 86.85
N LEU C 835 -2.45 -49.94 87.98
CA LEU C 835 -1.21 -49.31 88.41
C LEU C 835 -0.22 -50.36 88.81
N LEU C 836 -0.66 -51.35 89.56
CA LEU C 836 0.22 -52.45 89.91
C LEU C 836 0.91 -53.08 88.69
N LEU C 837 0.23 -53.19 87.55
CA LEU C 837 0.87 -53.69 86.34
C LEU C 837 2.01 -52.80 85.88
N VAL C 838 1.87 -51.48 85.95
CA VAL C 838 3.00 -50.61 85.61
C VAL C 838 4.15 -50.93 86.55
N VAL C 839 3.92 -50.85 87.86
CA VAL C 839 4.96 -51.24 88.82
C VAL C 839 5.69 -52.53 88.43
N LEU C 840 4.97 -53.60 88.11
CA LEU C 840 5.59 -54.86 87.74
C LEU C 840 6.48 -54.73 86.54
N TRP C 841 5.96 -54.35 85.39
CA TRP C 841 6.87 -54.16 84.27
C TRP C 841 7.59 -52.83 84.20
N ALA C 842 8.10 -52.33 85.33
CA ALA C 842 8.90 -51.11 85.31
C ALA C 842 9.82 -51.16 86.48
N PHE C 843 9.83 -52.28 87.18
CA PHE C 843 10.78 -52.45 88.24
C PHE C 843 11.35 -53.81 87.99
N ALA C 844 10.94 -54.43 86.89
CA ALA C 844 11.51 -55.71 86.53
C ALA C 844 12.27 -55.54 85.24
N LEU C 845 12.14 -54.38 84.61
CA LEU C 845 12.95 -54.13 83.43
C LEU C 845 14.33 -53.63 83.85
N PRO C 846 14.42 -52.71 84.82
CA PRO C 846 15.77 -52.37 85.26
C PRO C 846 16.48 -53.55 85.88
N TYR C 847 15.94 -54.13 86.93
CA TYR C 847 16.54 -55.31 87.56
C TYR C 847 16.00 -56.54 86.86
N PRO C 848 16.80 -57.17 85.99
CA PRO C 848 16.26 -58.25 85.18
C PRO C 848 16.33 -59.64 85.76
N ARG C 849 16.31 -59.78 87.07
CA ARG C 849 16.27 -61.11 87.66
C ARG C 849 14.82 -61.38 88.02
N PHE C 850 14.01 -60.34 88.09
CA PHE C 850 12.63 -60.48 88.45
C PHE C 850 11.78 -60.90 87.29
N ARG C 851 12.29 -60.86 86.06
CA ARG C 851 11.48 -61.18 84.87
C ARG C 851 10.54 -62.39 84.97
N PRO C 852 11.01 -63.53 85.50
CA PRO C 852 10.03 -64.62 85.68
C PRO C 852 8.87 -64.27 86.62
N MET C 853 9.16 -63.77 87.81
CA MET C 853 8.10 -63.40 88.73
C MET C 853 7.25 -62.25 88.22
N ALA C 854 7.80 -61.37 87.39
CA ALA C 854 6.99 -60.32 86.81
C ALA C 854 5.91 -60.97 86.02
N SER C 855 6.31 -61.83 85.08
CA SER C 855 5.34 -62.52 84.25
C SER C 855 4.28 -63.20 85.10
N CYS C 856 4.69 -63.96 86.10
CA CYS C 856 3.73 -64.69 86.93
C CYS C 856 2.70 -63.80 87.56
N LEU C 857 3.14 -62.78 88.28
CA LEU C 857 2.19 -61.94 88.98
C LEU C 857 1.33 -61.13 88.03
N SER C 858 1.86 -60.73 86.88
CA SER C 858 1.04 -60.03 85.90
C SER C 858 -0.11 -60.91 85.49
N THR C 859 0.14 -62.18 85.17
CA THR C 859 -0.95 -63.03 84.68
C THR C 859 -2.10 -63.15 85.67
N VAL C 860 -1.81 -63.46 86.93
CA VAL C 860 -2.85 -63.52 87.93
C VAL C 860 -3.58 -62.20 88.03
N TRP C 861 -2.84 -61.10 88.16
CA TRP C 861 -3.47 -59.80 88.34
C TRP C 861 -4.27 -59.33 87.14
N THR C 862 -3.79 -59.54 85.93
CA THR C 862 -4.59 -59.18 84.77
C THR C 862 -5.91 -59.91 84.82
N CYS C 863 -5.90 -61.17 85.25
CA CYS C 863 -7.15 -61.93 85.40
C CYS C 863 -8.03 -61.42 86.52
N VAL C 864 -7.45 -60.92 87.61
CA VAL C 864 -8.28 -60.33 88.66
C VAL C 864 -8.98 -59.13 88.06
N ILE C 865 -8.25 -58.28 87.35
CA ILE C 865 -8.86 -57.16 86.68
C ILE C 865 -10.01 -57.62 85.79
N ILE C 866 -9.76 -58.59 84.91
CA ILE C 866 -10.79 -59.05 83.98
C ILE C 866 -12.05 -59.50 84.72
N VAL C 867 -11.88 -60.33 85.75
CA VAL C 867 -13.02 -60.82 86.51
C VAL C 867 -13.83 -59.72 87.18
N CYS C 868 -13.17 -58.82 87.90
CA CYS C 868 -13.86 -57.72 88.58
C CYS C 868 -14.64 -56.84 87.60
N LYS C 869 -13.99 -56.44 86.51
CA LYS C 869 -14.64 -55.59 85.53
C LYS C 869 -15.82 -56.28 84.89
N MET C 870 -15.80 -57.61 84.80
CA MET C 870 -16.96 -58.31 84.26
C MET C 870 -18.08 -58.37 85.30
N LEU C 871 -17.73 -58.64 86.55
CA LEU C 871 -18.74 -58.66 87.60
C LEU C 871 -19.17 -57.24 87.90
N TYR C 872 -19.02 -56.36 86.93
CA TYR C 872 -19.51 -54.99 87.10
C TYR C 872 -20.44 -54.71 85.96
N GLN C 873 -20.59 -55.68 85.07
CA GLN C 873 -21.53 -55.52 83.98
C GLN C 873 -22.79 -56.26 84.35
N LEU C 874 -23.03 -56.44 85.64
CA LEU C 874 -24.22 -57.17 86.09
C LEU C 874 -25.40 -56.24 86.32
N LYS C 875 -26.56 -56.80 86.63
CA LYS C 875 -27.77 -55.99 86.81
C LYS C 875 -27.90 -55.43 88.21
N VAL C 876 -27.24 -56.05 89.18
CA VAL C 876 -27.30 -55.57 90.56
C VAL C 876 -26.13 -54.64 90.82
N VAL C 877 -25.25 -54.50 89.83
CA VAL C 877 -24.10 -53.63 89.97
C VAL C 877 -24.32 -52.36 89.18
N ASN C 878 -25.02 -51.39 89.75
CA ASN C 878 -25.35 -50.17 89.04
C ASN C 878 -25.16 -48.95 89.92
N PRO C 879 -24.98 -47.76 89.32
CA PRO C 879 -24.90 -46.54 90.12
C PRO C 879 -26.12 -46.38 91.02
N ASN C 915 -14.70 -46.04 89.61
CA ASN C 915 -13.98 -45.72 88.39
C ASN C 915 -12.50 -45.43 88.66
N TRP C 916 -12.20 -44.78 89.79
CA TRP C 916 -10.81 -44.51 90.16
C TRP C 916 -10.15 -45.84 90.28
N PHE C 917 -10.79 -46.78 90.96
CA PHE C 917 -10.23 -48.10 91.11
C PHE C 917 -10.32 -48.99 89.89
N GLY C 918 -10.57 -48.42 88.71
CA GLY C 918 -10.56 -49.21 87.49
C GLY C 918 -11.91 -49.74 87.07
N VAL C 919 -12.55 -50.52 87.92
CA VAL C 919 -13.86 -51.09 87.62
C VAL C 919 -14.90 -50.07 87.15
N ARG C 920 -15.38 -50.19 85.91
CA ARG C 920 -16.46 -49.30 85.45
C ARG C 920 -17.42 -50.06 84.57
N LYS C 921 -18.49 -49.40 84.14
CA LYS C 921 -19.51 -50.08 83.32
C LYS C 921 -19.44 -49.67 81.86
N GLY C 922 -19.68 -50.63 80.97
CA GLY C 922 -19.59 -50.38 79.53
C GLY C 922 -20.36 -51.44 78.80
N PHE C 923 -21.15 -51.05 77.81
CA PHE C 923 -22.03 -52.02 77.13
C PHE C 923 -21.49 -52.90 76.00
N PRO C 924 -20.47 -52.45 75.26
CA PRO C 924 -19.79 -53.56 74.58
C PRO C 924 -18.95 -54.34 75.58
N ASN C 925 -19.46 -55.43 76.11
CA ASN C 925 -18.74 -56.17 77.14
C ASN C 925 -17.43 -56.72 76.61
N LEU C 926 -17.40 -57.13 75.34
CA LEU C 926 -16.14 -57.59 74.76
C LEU C 926 -15.21 -56.41 74.59
N GLY C 927 -15.66 -55.37 73.90
CA GLY C 927 -14.82 -54.21 73.68
C GLY C 927 -14.26 -53.64 74.98
N TYR C 928 -15.04 -53.76 76.05
CA TYR C 928 -14.60 -53.20 77.32
C TYR C 928 -13.46 -54.02 77.90
N ILE C 929 -13.66 -55.33 77.98
CA ILE C 929 -12.63 -56.20 78.53
C ILE C 929 -11.81 -56.85 77.44
N GLN C 930 -11.55 -56.10 76.37
CA GLN C 930 -10.74 -56.62 75.29
C GLN C 930 -9.30 -56.27 75.55
N ASN C 931 -9.05 -55.02 75.95
CA ASN C 931 -7.71 -54.58 76.25
C ASN C 931 -6.98 -55.52 77.19
N HIS C 932 -7.51 -55.69 78.40
CA HIS C 932 -6.85 -56.52 79.37
C HIS C 932 -6.81 -57.99 78.97
N LEU C 933 -7.67 -58.39 78.04
CA LEU C 933 -7.62 -59.76 77.55
C LEU C 933 -6.42 -59.95 76.63
N GLN C 934 -6.17 -58.98 75.76
CA GLN C 934 -5.01 -59.09 74.90
C GLN C 934 -3.70 -59.15 75.71
N VAL C 935 -3.64 -58.48 76.87
CA VAL C 935 -2.45 -58.57 77.73
C VAL C 935 -2.28 -60.01 78.18
N LEU C 936 -3.35 -60.62 78.70
CA LEU C 936 -3.27 -62.01 79.12
C LEU C 936 -2.75 -62.80 77.94
N LEU C 937 -3.24 -62.48 76.75
CA LEU C 937 -2.79 -63.17 75.55
C LEU C 937 -1.29 -63.03 75.32
N LEU C 938 -0.79 -61.81 75.21
CA LEU C 938 0.64 -61.61 75.05
C LEU C 938 1.38 -62.47 76.06
N LEU C 939 1.11 -62.28 77.34
CA LEU C 939 1.83 -63.03 78.36
C LEU C 939 1.88 -64.52 78.04
N VAL C 940 0.73 -65.13 77.75
CA VAL C 940 0.69 -66.57 77.49
C VAL C 940 1.41 -66.94 76.20
N PHE C 941 1.23 -66.16 75.14
CA PHE C 941 1.94 -66.42 73.90
C PHE C 941 3.44 -66.44 74.10
N GLU C 942 3.95 -65.56 74.94
CA GLU C 942 5.37 -65.55 75.24
C GLU C 942 5.81 -66.89 75.77
N ALA C 943 5.09 -67.41 76.76
CA ALA C 943 5.44 -68.72 77.31
C ALA C 943 5.39 -69.83 76.27
N ILE C 944 4.41 -69.80 75.38
CA ILE C 944 4.37 -70.78 74.30
C ILE C 944 5.67 -70.74 73.52
N VAL C 945 6.10 -69.55 73.09
CA VAL C 945 7.32 -69.43 72.28
C VAL C 945 8.55 -69.94 73.03
N TYR C 946 8.64 -69.65 74.31
CA TYR C 946 9.74 -70.15 75.09
C TYR C 946 9.79 -71.67 75.04
N ARG C 947 8.68 -72.32 75.37
CA ARG C 947 8.66 -73.77 75.39
C ARG C 947 8.73 -74.44 74.02
N ARG C 948 8.22 -73.79 72.98
CA ARG C 948 8.27 -74.34 71.64
C ARG C 948 9.70 -74.36 71.18
N GLN C 949 10.42 -73.28 71.45
CA GLN C 949 11.81 -73.23 71.06
C GLN C 949 12.59 -74.20 71.91
N GLU C 950 12.23 -74.35 73.17
CA GLU C 950 12.88 -75.33 74.02
C GLU C 950 12.72 -76.69 73.38
N HIS C 951 11.50 -77.06 73.02
CA HIS C 951 11.23 -78.35 72.37
C HIS C 951 12.07 -78.57 71.14
N TYR C 952 12.12 -77.57 70.26
CA TYR C 952 12.87 -77.69 69.02
C TYR C 952 14.28 -78.21 69.30
N ARG C 953 15.03 -77.49 70.13
CA ARG C 953 16.40 -77.89 70.36
C ARG C 953 16.52 -79.08 71.30
N ARG C 954 15.56 -79.26 72.20
CA ARG C 954 15.57 -80.42 73.09
C ARG C 954 15.52 -81.68 72.26
N GLN C 955 14.65 -81.70 71.26
CA GLN C 955 14.56 -82.85 70.39
C GLN C 955 15.71 -82.82 69.40
N HIS C 956 15.58 -82.02 68.35
CA HIS C 956 16.63 -81.93 67.35
C HIS C 956 17.93 -81.48 68.01
N GLY C 970 28.83 -64.25 61.74
CA GLY C 970 28.44 -63.15 62.60
C GLY C 970 29.39 -62.89 63.74
N THR C 971 30.68 -63.10 63.50
CA THR C 971 31.65 -62.82 64.53
C THR C 971 32.48 -61.63 64.13
N ARG C 972 33.40 -61.20 64.98
CA ARG C 972 34.27 -60.09 64.66
C ARG C 972 35.00 -60.37 63.37
N GLN C 973 35.54 -61.56 63.23
CA GLN C 973 36.30 -61.93 62.04
C GLN C 973 35.48 -61.78 60.78
N GLN C 974 34.21 -62.17 60.85
CA GLN C 974 33.36 -62.08 59.69
C GLN C 974 33.20 -60.66 59.17
N LEU C 975 33.28 -59.69 60.06
CA LEU C 975 33.13 -58.29 59.65
C LEU C 975 34.13 -57.94 58.57
N ASP C 976 35.36 -58.38 58.72
CA ASP C 976 36.39 -58.03 57.76
C ASP C 976 36.57 -59.05 56.64
N GLN C 977 35.47 -59.51 56.08
CA GLN C 977 35.55 -60.48 54.99
C GLN C 977 34.70 -60.02 53.83
N ASP C 978 33.40 -60.31 53.90
CA ASP C 978 32.51 -59.88 52.84
C ASP C 978 31.42 -58.98 53.38
N LEU C 979 30.61 -58.41 52.48
CA LEU C 979 29.54 -57.53 52.90
C LEU C 979 28.56 -58.28 53.77
N LEU C 980 28.20 -59.50 53.37
CA LEU C 980 27.28 -60.29 54.16
C LEU C 980 27.87 -60.61 55.51
N GLY C 981 29.18 -60.77 55.58
CA GLY C 981 29.83 -61.02 56.85
C GLY C 981 29.56 -59.90 57.81
N CYS C 982 29.73 -58.66 57.33
CA CYS C 982 29.49 -57.50 58.18
C CYS C 982 28.02 -57.38 58.55
N LEU C 983 27.14 -57.63 57.59
CA LEU C 983 25.71 -57.56 57.87
C LEU C 983 25.39 -58.43 59.05
N LYS C 984 25.88 -59.66 59.02
CA LYS C 984 25.61 -60.57 60.10
C LYS C 984 26.13 -60.06 61.44
N TYR C 985 27.33 -59.47 61.46
CA TYR C 985 27.90 -59.02 62.71
C TYR C 985 26.98 -58.04 63.37
N PHE C 986 26.34 -57.18 62.58
CA PHE C 986 25.49 -56.14 63.16
C PHE C 986 24.12 -56.61 63.58
N ILE C 987 23.55 -57.59 62.89
CA ILE C 987 22.28 -58.14 63.31
C ILE C 987 22.51 -58.85 64.63
N ASN C 988 23.68 -59.47 64.78
CA ASN C 988 24.01 -60.09 66.04
C ASN C 988 24.22 -59.01 67.09
N PHE C 989 25.14 -58.10 66.83
CA PHE C 989 25.46 -57.07 67.81
C PHE C 989 25.39 -55.67 67.25
N PHE C 990 24.39 -54.90 67.66
CA PHE C 990 24.26 -53.52 67.22
C PHE C 990 24.09 -52.77 68.49
N PHE C 991 23.23 -53.27 69.35
CA PHE C 991 23.05 -52.63 70.64
C PHE C 991 24.17 -53.04 71.55
N TYR C 992 25.01 -53.96 71.12
CA TYR C 992 26.14 -54.25 71.96
C TYR C 992 27.07 -53.06 71.87
N LYS C 993 27.36 -52.61 70.65
CA LYS C 993 28.29 -51.53 70.47
C LYS C 993 27.67 -50.16 70.53
N PHE C 994 26.77 -49.85 69.62
CA PHE C 994 26.12 -48.54 69.59
C PHE C 994 24.97 -48.44 70.57
N GLY C 995 25.27 -48.46 71.86
CA GLY C 995 24.24 -48.46 72.86
C GLY C 995 24.22 -47.22 73.68
N LEU C 996 25.36 -46.72 74.11
CA LEU C 996 25.33 -45.47 74.84
C LEU C 996 24.80 -44.39 73.92
N GLU C 997 25.08 -44.49 72.65
CA GLU C 997 24.58 -43.52 71.71
C GLU C 997 23.08 -43.56 71.55
N ILE C 998 22.45 -44.73 71.67
CA ILE C 998 21.01 -44.82 71.46
C ILE C 998 20.22 -44.50 72.71
N CYS C 999 20.83 -44.58 73.87
CA CYS C 999 20.12 -44.16 75.06
C CYS C 999 20.14 -42.66 75.15
N PHE C 1000 21.07 -42.02 74.47
CA PHE C 1000 21.15 -40.58 74.49
C PHE C 1000 20.24 -40.04 73.42
N LEU C 1001 20.06 -40.76 72.34
CA LEU C 1001 19.11 -40.29 71.35
C LEU C 1001 17.67 -40.62 71.73
N MET C 1002 17.46 -41.34 72.81
CA MET C 1002 16.10 -41.56 73.28
C MET C 1002 15.78 -40.46 74.26
N ALA C 1003 16.74 -39.99 75.04
CA ALA C 1003 16.45 -38.88 75.92
C ALA C 1003 16.14 -37.63 75.14
N VAL C 1004 16.78 -37.43 73.99
CA VAL C 1004 16.42 -36.28 73.17
C VAL C 1004 14.98 -36.38 72.70
N ASN C 1005 14.47 -37.58 72.42
CA ASN C 1005 13.05 -37.73 72.06
C ASN C 1005 12.07 -37.35 73.17
N VAL C 1006 12.33 -37.73 74.42
CA VAL C 1006 11.45 -37.32 75.49
C VAL C 1006 11.33 -35.81 75.48
N ILE C 1007 12.45 -35.09 75.53
CA ILE C 1007 12.46 -33.61 75.55
C ILE C 1007 12.27 -33.05 74.17
N GLY C 1008 11.25 -33.51 73.48
CA GLY C 1008 11.00 -33.02 72.15
C GLY C 1008 9.58 -33.38 71.81
N GLN C 1009 9.01 -34.29 72.57
CA GLN C 1009 7.64 -34.68 72.35
C GLN C 1009 6.79 -34.32 73.53
N ARG C 1010 7.43 -33.98 74.64
CA ARG C 1010 6.69 -33.64 75.83
C ARG C 1010 6.81 -32.16 76.13
N MET C 1011 8.02 -31.63 76.16
CA MET C 1011 8.25 -30.19 76.41
C MET C 1011 7.59 -29.53 77.62
N ASN C 1012 7.41 -30.27 78.71
CA ASN C 1012 6.83 -29.70 79.90
C ASN C 1012 7.90 -29.27 80.87
N PHE C 1013 7.71 -29.55 82.15
CA PHE C 1013 8.67 -29.12 83.15
C PHE C 1013 9.26 -30.34 83.81
N LEU C 1014 8.53 -31.43 83.82
CA LEU C 1014 9.10 -32.62 84.37
C LEU C 1014 10.04 -33.29 83.36
N VAL C 1015 10.10 -32.77 82.14
CA VAL C 1015 10.98 -33.31 81.10
C VAL C 1015 12.32 -32.61 81.18
N THR C 1016 12.44 -31.56 81.97
CA THR C 1016 13.70 -30.86 82.10
C THR C 1016 14.69 -31.58 82.99
N LEU C 1017 14.24 -32.51 83.81
CA LEU C 1017 15.20 -33.27 84.60
C LEU C 1017 15.82 -34.36 83.76
N HIS C 1018 15.15 -34.76 82.69
CA HIS C 1018 15.77 -35.73 81.78
C HIS C 1018 16.85 -34.97 81.07
N GLY C 1019 16.61 -33.69 80.80
CA GLY C 1019 17.65 -32.89 80.22
C GLY C 1019 18.88 -32.81 81.08
N CYS C 1020 18.74 -32.59 82.37
CA CYS C 1020 19.91 -32.43 83.22
C CYS C 1020 20.67 -33.70 83.43
N TRP C 1021 20.01 -34.84 83.25
CA TRP C 1021 20.72 -36.09 83.36
C TRP C 1021 21.58 -36.30 82.14
N LEU C 1022 21.07 -35.96 80.96
CA LEU C 1022 21.85 -36.09 79.75
C LEU C 1022 23.11 -35.28 79.89
N VAL C 1023 23.03 -34.06 80.40
CA VAL C 1023 24.20 -33.20 80.47
C VAL C 1023 25.00 -33.34 81.73
N ALA C 1024 24.94 -34.50 82.36
CA ALA C 1024 25.76 -34.76 83.53
C ALA C 1024 26.24 -36.15 83.36
N ILE C 1025 25.81 -36.81 82.29
CA ILE C 1025 26.29 -38.14 82.00
C ILE C 1025 27.21 -37.94 80.81
N LEU C 1026 26.79 -37.13 79.86
CA LEU C 1026 27.60 -36.87 78.71
C LEU C 1026 28.89 -36.23 79.15
N THR C 1027 28.86 -35.35 80.16
CA THR C 1027 30.07 -34.63 80.56
C THR C 1027 31.18 -35.51 81.10
N ARG C 1028 30.87 -36.63 81.72
CA ARG C 1028 31.93 -37.53 82.13
C ARG C 1028 32.19 -38.24 80.83
N ARG C 1029 33.18 -37.80 80.05
CA ARG C 1029 33.38 -38.36 78.72
C ARG C 1029 33.89 -39.79 78.57
N HIS C 1030 34.22 -40.47 79.65
CA HIS C 1030 34.79 -41.79 79.54
C HIS C 1030 33.74 -42.87 79.70
N ARG C 1031 33.74 -43.87 78.82
CA ARG C 1031 32.76 -44.94 78.90
C ARG C 1031 32.80 -45.60 80.27
N GLN C 1032 33.98 -45.76 80.84
CA GLN C 1032 34.10 -46.37 82.15
C GLN C 1032 33.46 -45.54 83.25
N ALA C 1033 33.67 -44.24 83.24
CA ALA C 1033 33.01 -43.41 84.25
C ALA C 1033 31.49 -43.42 84.09
N ILE C 1034 31.00 -43.48 82.86
CA ILE C 1034 29.56 -43.48 82.61
C ILE C 1034 29.01 -44.76 83.17
N ALA C 1035 29.77 -45.84 83.10
CA ALA C 1035 29.31 -47.12 83.62
C ALA C 1035 29.19 -47.19 85.12
N ARG C 1036 29.59 -46.14 85.83
CA ARG C 1036 29.40 -46.11 87.26
C ARG C 1036 28.18 -45.25 87.63
N LEU C 1037 27.69 -44.44 86.69
CA LEU C 1037 26.50 -43.63 86.92
C LEU C 1037 25.27 -44.29 86.36
N TRP C 1038 25.44 -45.27 85.49
CA TRP C 1038 24.29 -46.00 84.99
C TRP C 1038 23.46 -46.63 86.09
N PRO C 1039 24.07 -47.12 87.20
CA PRO C 1039 23.18 -47.59 88.26
C PRO C 1039 22.12 -46.60 88.71
N ASN C 1040 22.47 -45.33 88.80
CA ASN C 1040 21.53 -44.33 89.19
C ASN C 1040 20.63 -43.82 88.07
N TYR C 1041 21.14 -43.72 86.85
CA TYR C 1041 20.29 -43.32 85.74
C TYR C 1041 19.13 -44.26 85.67
N CYS C 1042 19.37 -45.56 85.79
CA CYS C 1042 18.30 -46.53 85.66
C CYS C 1042 17.32 -46.50 86.82
N LEU C 1043 17.79 -46.30 88.04
CA LEU C 1043 16.85 -46.18 89.13
C LEU C 1043 15.99 -44.93 88.96
N PHE C 1044 16.59 -43.79 88.67
CA PHE C 1044 15.81 -42.58 88.43
C PHE C 1044 14.74 -42.79 87.38
N LEU C 1045 15.09 -43.29 86.19
CA LEU C 1045 14.08 -43.40 85.16
C LEU C 1045 12.91 -44.29 85.53
N ALA C 1046 13.11 -45.24 86.43
CA ALA C 1046 12.02 -46.08 86.89
C ALA C 1046 11.15 -45.44 87.98
N LEU C 1047 11.76 -44.67 88.88
CA LEU C 1047 10.98 -43.98 89.90
C LEU C 1047 10.30 -42.75 89.34
N PHE C 1048 10.74 -42.27 88.19
CA PHE C 1048 10.07 -41.16 87.57
C PHE C 1048 8.84 -41.60 86.78
N LEU C 1049 8.88 -42.74 86.12
CA LEU C 1049 7.67 -43.21 85.45
C LEU C 1049 6.62 -43.48 86.48
N LEU C 1050 6.95 -44.10 87.59
CA LEU C 1050 5.88 -44.36 88.54
C LEU C 1050 5.34 -43.08 89.13
N TYR C 1051 6.19 -42.16 89.51
CA TYR C 1051 5.70 -40.95 90.14
C TYR C 1051 4.90 -40.11 89.17
N GLN C 1052 5.28 -40.07 87.91
CA GLN C 1052 4.51 -39.33 86.95
C GLN C 1052 3.18 -40.00 86.66
N TYR C 1053 3.06 -41.29 86.87
CA TYR C 1053 1.76 -41.94 86.71
C TYR C 1053 0.96 -41.97 87.99
N LEU C 1054 1.54 -41.54 89.11
CA LEU C 1054 0.77 -41.43 90.33
C LEU C 1054 0.17 -40.07 90.21
N LEU C 1055 0.88 -39.16 89.55
CA LEU C 1055 0.36 -37.83 89.33
C LEU C 1055 -0.45 -37.79 88.05
N CYS C 1056 -0.91 -38.93 87.57
CA CYS C 1056 -1.79 -38.93 86.41
C CYS C 1056 -3.01 -39.68 86.83
N LEU C 1057 -3.00 -40.20 88.04
CA LEU C 1057 -4.18 -40.88 88.55
C LEU C 1057 -4.73 -39.95 89.58
N GLY C 1058 -3.84 -39.19 90.22
CA GLY C 1058 -4.28 -38.24 91.24
C GLY C 1058 -3.56 -38.45 92.56
N SER C 1096 -0.95 -38.46 79.69
CA SER C 1096 -0.62 -39.76 80.26
C SER C 1096 -0.50 -40.74 79.14
N THR C 1097 -0.24 -40.25 77.95
CA THR C 1097 0.02 -41.15 76.83
C THR C 1097 1.22 -40.54 76.16
N ASN C 1098 2.02 -39.81 76.93
CA ASN C 1098 3.24 -39.24 76.41
C ASN C 1098 4.26 -39.72 77.39
N LEU C 1099 3.81 -40.36 78.45
CA LEU C 1099 4.73 -40.95 79.40
C LEU C 1099 5.29 -42.23 78.82
N ILE C 1100 4.86 -42.63 77.62
CA ILE C 1100 5.44 -43.80 76.97
C ILE C 1100 6.83 -43.51 76.46
N SER C 1101 7.23 -42.25 76.38
CA SER C 1101 8.61 -41.95 75.99
C SER C 1101 9.52 -42.11 77.17
N ASP C 1102 9.00 -42.02 78.38
CA ASP C 1102 9.83 -42.30 79.55
C ASP C 1102 9.94 -43.80 79.73
N PHE C 1103 9.11 -44.58 79.05
CA PHE C 1103 9.28 -46.01 79.11
C PHE C 1103 10.25 -46.39 78.05
N LEU C 1104 9.98 -46.05 76.80
CA LEU C 1104 10.91 -46.51 75.79
C LEU C 1104 12.32 -46.30 76.26
N LEU C 1105 12.56 -45.33 77.15
CA LEU C 1105 13.93 -45.02 77.61
C LEU C 1105 14.34 -45.78 78.85
N LEU C 1106 13.40 -46.28 79.64
CA LEU C 1106 13.80 -47.11 80.76
C LEU C 1106 14.10 -48.42 80.17
N LEU C 1107 13.54 -48.75 79.02
CA LEU C 1107 13.91 -50.00 78.36
C LEU C 1107 15.32 -49.86 77.80
N CYS C 1108 15.55 -48.90 76.91
CA CYS C 1108 16.86 -48.78 76.31
C CYS C 1108 17.94 -48.74 77.35
N ALA C 1109 17.73 -48.03 78.45
CA ALA C 1109 18.81 -47.91 79.42
C ALA C 1109 18.97 -49.10 80.30
N SER C 1110 17.95 -49.90 80.49
CA SER C 1110 18.14 -51.10 81.27
C SER C 1110 18.92 -52.08 80.45
N GLN C 1111 18.76 -52.02 79.13
CA GLN C 1111 19.53 -52.90 78.26
C GLN C 1111 21.01 -52.50 78.14
N GLN C 1112 21.34 -51.23 78.29
CA GLN C 1112 22.75 -50.82 78.27
C GLN C 1112 23.39 -51.08 79.60
N TRP C 1113 22.61 -51.34 80.63
CA TRP C 1113 23.22 -51.69 81.88
C TRP C 1113 23.63 -53.11 81.76
N GLN C 1114 22.99 -53.83 80.86
CA GLN C 1114 23.38 -55.22 80.63
C GLN C 1114 24.68 -55.31 79.84
N VAL C 1115 24.84 -54.50 78.79
CA VAL C 1115 26.09 -54.51 78.06
C VAL C 1115 27.19 -54.10 78.99
N PHE C 1116 26.94 -53.14 79.88
CA PHE C 1116 27.97 -52.63 80.81
C PHE C 1116 28.45 -53.66 81.82
N SER C 1117 27.78 -54.79 81.92
CA SER C 1117 28.25 -55.84 82.80
C SER C 1117 28.43 -57.15 82.05
N ALA C 1118 28.46 -57.09 80.73
CA ALA C 1118 28.70 -58.29 79.93
C ALA C 1118 29.90 -58.12 79.03
N GLU C 1119 30.35 -56.90 78.83
CA GLU C 1119 31.56 -56.68 78.08
C GLU C 1119 32.67 -57.05 79.03
N ARG C 1120 32.39 -56.98 80.32
CA ARG C 1120 33.37 -57.34 81.35
C ARG C 1120 33.62 -58.84 81.39
N THR C 1121 32.75 -59.64 80.79
CA THR C 1121 32.96 -61.07 80.75
C THR C 1121 33.81 -61.45 79.54
N TYR C 1154 34.17 -55.02 47.85
CA TYR C 1154 33.28 -53.87 47.88
C TYR C 1154 33.04 -53.40 49.30
N LEU C 1155 33.34 -54.23 50.28
CA LEU C 1155 33.20 -53.80 51.66
C LEU C 1155 34.31 -52.82 51.93
N ASP C 1156 35.41 -52.97 51.22
CA ASP C 1156 36.52 -52.04 51.38
C ASP C 1156 36.14 -50.67 50.88
N MET C 1157 35.31 -50.59 49.85
CA MET C 1157 34.84 -49.29 49.38
C MET C 1157 34.02 -48.59 50.45
N LEU C 1158 33.09 -49.31 51.06
CA LEU C 1158 32.25 -48.72 52.09
C LEU C 1158 33.06 -48.19 53.26
N LYS C 1159 34.09 -48.91 53.67
CA LYS C 1159 34.84 -48.48 54.83
C LYS C 1159 35.58 -47.18 54.57
N VAL C 1160 35.95 -46.90 53.33
CA VAL C 1160 36.57 -45.61 53.04
C VAL C 1160 35.53 -44.50 53.08
N ALA C 1161 34.37 -44.72 52.50
CA ALA C 1161 33.31 -43.72 52.55
C ALA C 1161 32.58 -43.62 53.87
N VAL C 1162 33.13 -44.15 54.95
CA VAL C 1162 32.53 -44.00 56.26
C VAL C 1162 33.64 -43.48 57.15
N PHE C 1163 34.87 -43.90 56.90
CA PHE C 1163 35.96 -43.49 57.78
C PHE C 1163 36.80 -42.38 57.21
N ARG C 1164 36.39 -41.81 56.07
CA ARG C 1164 37.12 -40.73 55.47
C ARG C 1164 36.24 -39.60 54.97
N TYR C 1165 35.31 -39.90 54.08
CA TYR C 1165 34.39 -38.89 53.60
C TYR C 1165 33.09 -38.84 54.36
N LEU C 1166 33.14 -38.86 55.68
CA LEU C 1166 31.94 -38.70 56.46
C LEU C 1166 32.09 -37.45 57.25
N PHE C 1167 33.29 -37.11 57.68
CA PHE C 1167 33.49 -35.86 58.37
C PHE C 1167 32.95 -34.78 57.51
N TRP C 1168 33.13 -34.88 56.21
CA TRP C 1168 32.64 -33.87 55.31
C TRP C 1168 31.13 -33.82 55.17
N LEU C 1169 30.43 -34.93 55.36
CA LEU C 1169 28.97 -34.91 55.34
C LEU C 1169 28.41 -34.40 56.64
N VAL C 1170 29.05 -34.66 57.76
CA VAL C 1170 28.59 -34.11 59.01
C VAL C 1170 28.59 -32.61 58.86
N LEU C 1171 29.61 -32.04 58.25
CA LEU C 1171 29.70 -30.60 58.10
C LEU C 1171 28.61 -29.98 57.21
N VAL C 1172 28.08 -30.71 56.25
CA VAL C 1172 26.97 -30.18 55.48
C VAL C 1172 25.72 -30.22 56.34
N VAL C 1173 25.46 -31.31 57.06
CA VAL C 1173 24.33 -31.35 57.98
C VAL C 1173 24.37 -30.21 59.01
N VAL C 1174 25.52 -29.87 59.58
CA VAL C 1174 25.58 -28.73 60.48
C VAL C 1174 25.07 -27.45 59.82
N PHE C 1175 25.37 -27.23 58.55
CA PHE C 1175 24.83 -26.08 57.85
C PHE C 1175 23.34 -26.19 57.73
N VAL C 1176 22.82 -27.30 57.23
CA VAL C 1176 21.38 -27.43 57.02
C VAL C 1176 20.60 -27.70 58.31
N THR C 1177 21.22 -27.59 59.47
CA THR C 1177 20.50 -27.75 60.72
C THR C 1177 20.25 -26.33 61.11
N GLY C 1178 21.15 -25.45 60.72
CA GLY C 1178 21.02 -24.06 61.11
C GLY C 1178 20.55 -23.07 60.06
N ALA C 1179 20.16 -23.54 58.89
CA ALA C 1179 19.63 -22.66 57.87
C ALA C 1179 18.27 -23.09 57.43
N THR C 1180 17.67 -24.03 58.14
CA THR C 1180 16.31 -24.44 57.84
C THR C 1180 15.45 -23.87 58.95
N ARG C 1181 16.04 -23.72 60.13
CA ARG C 1181 15.31 -23.17 61.27
C ARG C 1181 15.86 -21.81 61.60
N ILE C 1182 15.29 -20.76 61.03
CA ILE C 1182 15.80 -19.40 61.25
C ILE C 1182 15.58 -18.86 62.65
N SER C 1183 16.62 -18.82 63.46
CA SER C 1183 16.52 -18.32 64.81
C SER C 1183 17.87 -17.79 65.21
N ILE C 1184 18.11 -17.63 66.50
CA ILE C 1184 19.40 -17.16 66.95
C ILE C 1184 20.29 -18.38 67.09
N PHE C 1185 19.73 -19.49 67.53
CA PHE C 1185 20.49 -20.70 67.71
C PHE C 1185 20.97 -21.19 66.38
N GLY C 1186 20.15 -21.04 65.37
CA GLY C 1186 20.54 -21.44 64.03
C GLY C 1186 21.76 -20.73 63.50
N LEU C 1187 21.95 -19.46 63.82
CA LEU C 1187 23.16 -18.78 63.38
C LEU C 1187 24.38 -19.40 63.99
N GLY C 1188 24.29 -19.86 65.22
CA GLY C 1188 25.41 -20.55 65.82
C GLY C 1188 25.90 -21.74 65.01
N TYR C 1189 25.00 -22.54 64.47
CA TYR C 1189 25.39 -23.66 63.63
C TYR C 1189 26.07 -23.19 62.37
N LEU C 1190 25.50 -22.20 61.69
CA LEU C 1190 26.12 -21.68 60.49
C LEU C 1190 27.55 -21.29 60.78
N LEU C 1191 27.80 -20.62 61.88
CA LEU C 1191 29.15 -20.17 62.15
C LEU C 1191 30.09 -21.25 62.64
N ALA C 1192 29.58 -22.38 63.09
CA ALA C 1192 30.47 -23.47 63.46
C ALA C 1192 30.87 -24.24 62.23
N CYS C 1193 30.00 -24.31 61.23
CA CYS C 1193 30.34 -24.95 59.99
C CYS C 1193 31.49 -24.20 59.39
N PHE C 1194 31.45 -22.88 59.40
CA PHE C 1194 32.51 -22.08 58.78
C PHE C 1194 33.85 -22.31 59.44
N TYR C 1195 33.88 -22.39 60.77
CA TYR C 1195 35.11 -22.64 61.46
C TYR C 1195 35.64 -24.00 61.14
N LEU C 1196 34.81 -25.01 61.20
CA LEU C 1196 35.30 -26.36 61.01
C LEU C 1196 35.61 -26.72 59.57
N LEU C 1197 35.25 -25.86 58.63
CA LEU C 1197 35.61 -26.13 57.26
C LEU C 1197 36.98 -25.57 57.05
N LEU C 1198 37.25 -24.41 57.62
CA LEU C 1198 38.55 -23.75 57.47
C LEU C 1198 39.65 -24.48 58.18
N PHE C 1199 39.44 -24.82 59.44
CA PHE C 1199 40.45 -25.49 60.22
C PHE C 1199 40.13 -26.94 60.30
N GLY C 1200 39.68 -27.52 59.19
CA GLY C 1200 39.29 -28.89 59.19
C GLY C 1200 40.42 -29.81 58.87
N THR C 1201 41.23 -29.46 57.88
CA THR C 1201 42.32 -30.34 57.46
C THR C 1201 43.25 -30.59 58.63
N ALA C 1202 43.54 -29.55 59.39
CA ALA C 1202 44.40 -29.70 60.54
C ALA C 1202 43.78 -30.58 61.62
N LEU C 1203 42.46 -30.52 61.78
CA LEU C 1203 41.81 -31.34 62.77
C LEU C 1203 41.87 -32.81 62.38
N LEU C 1204 41.67 -33.13 61.12
CA LEU C 1204 41.64 -34.52 60.70
C LEU C 1204 43.02 -35.14 60.83
N GLN C 1205 44.00 -34.36 61.27
CA GLN C 1205 45.37 -34.86 61.35
C GLN C 1205 45.90 -34.87 62.77
N ARG C 1206 45.41 -33.99 63.62
CA ARG C 1206 45.92 -33.90 64.99
C ARG C 1206 45.75 -35.19 65.77
N ASP C 1207 46.52 -35.34 66.84
CA ASP C 1207 46.40 -36.53 67.67
C ASP C 1207 45.02 -36.59 68.29
N THR C 1208 44.58 -37.76 68.74
CA THR C 1208 43.23 -37.91 69.28
C THR C 1208 42.85 -36.90 70.34
N ARG C 1209 43.63 -36.74 71.40
CA ARG C 1209 43.33 -35.71 72.39
C ARG C 1209 42.68 -34.46 71.78
N ALA C 1210 43.38 -33.74 70.93
CA ALA C 1210 42.82 -32.49 70.40
C ALA C 1210 41.59 -32.70 69.53
N ARG C 1211 41.64 -33.68 68.64
CA ARG C 1211 40.50 -33.98 67.79
C ARG C 1211 39.30 -34.20 68.69
N LEU C 1212 39.48 -35.00 69.73
CA LEU C 1212 38.36 -35.32 70.60
C LEU C 1212 37.88 -34.10 71.32
N VAL C 1213 38.76 -33.27 71.87
CA VAL C 1213 38.32 -32.04 72.49
C VAL C 1213 37.47 -31.21 71.55
N LEU C 1214 37.91 -31.05 70.30
CA LEU C 1214 37.14 -30.21 69.39
C LEU C 1214 35.82 -30.80 68.97
N TRP C 1215 35.71 -32.13 68.90
CA TRP C 1215 34.39 -32.70 68.60
C TRP C 1215 33.48 -32.73 69.83
N ASP C 1216 34.06 -32.69 71.03
CA ASP C 1216 33.25 -32.77 72.23
C ASP C 1216 32.69 -31.41 72.61
N CYS C 1217 33.15 -30.37 71.94
CA CYS C 1217 32.55 -29.08 72.20
C CYS C 1217 31.39 -28.82 71.26
N LEU C 1218 31.41 -29.30 70.02
CA LEU C 1218 30.23 -29.11 69.16
C LEU C 1218 29.01 -29.86 69.74
N ILE C 1219 29.25 -31.05 70.28
CA ILE C 1219 28.18 -31.82 70.90
C ILE C 1219 27.55 -31.02 72.04
N LEU C 1220 28.34 -30.29 72.82
CA LEU C 1220 27.79 -29.46 73.87
C LEU C 1220 26.89 -28.40 73.33
N TYR C 1221 27.31 -27.64 72.33
CA TYR C 1221 26.39 -26.68 71.72
C TYR C 1221 25.09 -27.38 71.33
N ASN C 1222 25.15 -28.52 70.63
CA ASN C 1222 23.87 -29.16 70.31
C ASN C 1222 23.02 -29.47 71.55
N VAL C 1223 23.55 -30.16 72.54
CA VAL C 1223 22.73 -30.48 73.68
C VAL C 1223 22.19 -29.22 74.36
N THR C 1224 22.95 -28.13 74.40
CA THR C 1224 22.44 -26.92 75.01
C THR C 1224 21.31 -26.31 74.21
N VAL C 1225 21.44 -26.20 72.90
CA VAL C 1225 20.29 -25.73 72.14
C VAL C 1225 19.11 -26.63 72.50
N ILE C 1226 19.27 -27.95 72.52
CA ILE C 1226 18.12 -28.84 72.78
C ILE C 1226 17.49 -28.65 74.17
N ILE C 1227 18.29 -28.41 75.19
CA ILE C 1227 17.76 -28.19 76.54
C ILE C 1227 17.11 -26.82 76.64
N SER C 1228 17.64 -25.83 75.95
CA SER C 1228 17.09 -24.49 76.08
C SER C 1228 15.85 -24.28 75.23
N LYS C 1229 15.83 -24.78 74.00
CA LYS C 1229 14.61 -24.62 73.24
C LYS C 1229 13.46 -25.10 74.10
N ASN C 1230 13.72 -25.98 75.05
CA ASN C 1230 12.65 -26.42 75.96
C ASN C 1230 12.36 -25.41 77.08
N MET C 1231 13.34 -25.13 77.94
CA MET C 1231 13.15 -24.15 79.00
C MET C 1231 12.44 -22.89 78.53
N LEU C 1232 12.55 -22.57 77.25
CA LEU C 1232 11.86 -21.41 76.71
C LEU C 1232 10.76 -21.84 75.77
N SER C 1233 9.97 -22.83 76.17
CA SER C 1233 8.83 -23.24 75.36
C SER C 1233 8.25 -24.55 75.85
N ALA C 1283 8.95 -24.50 64.63
CA ALA C 1283 10.37 -24.59 64.92
C ALA C 1283 10.61 -25.47 66.12
N GLY C 1284 11.39 -26.54 65.96
CA GLY C 1284 11.59 -27.47 67.05
C GLY C 1284 12.91 -28.19 67.23
N ILE C 1285 12.86 -29.46 67.58
CA ILE C 1285 14.06 -30.20 67.87
C ILE C 1285 14.47 -31.20 66.78
N ILE C 1286 13.61 -31.46 65.80
CA ILE C 1286 13.93 -32.48 64.78
C ILE C 1286 15.26 -32.27 64.11
N TRP C 1287 15.56 -31.07 63.60
CA TRP C 1287 16.80 -30.89 62.88
C TRP C 1287 17.99 -30.88 63.81
N ASP C 1288 17.81 -30.58 65.08
CA ASP C 1288 18.93 -30.68 66.01
C ASP C 1288 19.08 -32.10 66.48
N SER C 1289 18.18 -32.99 66.11
CA SER C 1289 18.36 -34.39 66.47
C SER C 1289 18.98 -35.16 65.35
N VAL C 1290 18.79 -34.76 64.10
CA VAL C 1290 19.51 -35.41 63.03
C VAL C 1290 20.96 -35.08 63.29
N CYS C 1291 21.24 -33.84 63.64
CA CYS C 1291 22.60 -33.43 63.92
C CYS C 1291 23.18 -34.15 65.11
N PHE C 1292 22.45 -34.37 66.18
CA PHE C 1292 23.07 -35.00 67.33
C PHE C 1292 23.46 -36.42 66.98
N PHE C 1293 22.73 -37.05 66.07
CA PHE C 1293 23.14 -38.37 65.64
C PHE C 1293 24.46 -38.29 64.93
N PHE C 1294 24.54 -37.56 63.83
CA PHE C 1294 25.78 -37.52 63.06
C PHE C 1294 27.00 -37.21 63.89
N LEU C 1295 26.90 -36.28 64.81
CA LEU C 1295 28.08 -35.92 65.56
C LEU C 1295 28.45 -37.00 66.54
N LEU C 1296 27.51 -37.82 66.98
CA LEU C 1296 27.88 -38.89 67.87
C LEU C 1296 28.43 -40.05 67.07
N LEU C 1297 28.11 -40.13 65.78
CA LEU C 1297 28.68 -41.18 64.94
C LEU C 1297 30.13 -40.83 64.62
N GLN C 1298 30.45 -39.57 64.37
CA GLN C 1298 31.80 -39.20 64.02
C GLN C 1298 32.68 -39.23 65.22
N ARG C 1299 32.15 -39.18 66.42
CA ARG C 1299 33.03 -39.30 67.56
C ARG C 1299 33.52 -40.73 67.59
N ARG C 1300 32.73 -41.67 67.09
CA ARG C 1300 33.18 -43.04 67.03
C ARG C 1300 34.15 -43.32 65.90
N VAL C 1301 33.97 -42.72 64.73
CA VAL C 1301 34.97 -42.88 63.65
C VAL C 1301 36.31 -42.33 64.13
N PHE C 1302 36.34 -41.16 64.78
CA PHE C 1302 37.57 -40.53 65.27
C PHE C 1302 38.15 -41.19 66.49
N LEU C 1303 37.64 -42.33 66.89
CA LEU C 1303 38.21 -43.04 68.01
C LEU C 1303 38.35 -44.50 67.66
N SER C 1304 38.45 -44.79 66.38
CA SER C 1304 38.52 -46.18 65.97
C SER C 1304 39.94 -46.59 65.76
N HIS C 1305 40.14 -47.75 65.15
CA HIS C 1305 41.49 -48.20 64.86
C HIS C 1305 41.60 -48.21 63.37
N TYR C 1306 40.48 -48.06 62.70
CA TYR C 1306 40.49 -47.99 61.26
C TYR C 1306 40.74 -46.56 60.83
N TYR C 1307 40.66 -45.61 61.74
CA TYR C 1307 40.94 -44.23 61.41
C TYR C 1307 42.40 -44.02 61.52
N LEU C 1308 43.08 -44.77 62.36
CA LEU C 1308 44.51 -44.63 62.42
C LEU C 1308 45.13 -44.72 61.03
N HIS C 1309 44.60 -45.59 60.19
CA HIS C 1309 45.10 -45.72 58.83
C HIS C 1309 44.83 -44.50 57.95
N VAL C 1310 43.70 -43.82 58.13
CA VAL C 1310 43.42 -42.65 57.35
C VAL C 1310 44.18 -41.47 57.89
N ARG C 1311 44.52 -41.46 59.17
CA ARG C 1311 45.33 -40.39 59.67
C ARG C 1311 46.67 -40.49 59.00
N ALA C 1312 47.19 -41.70 58.85
CA ALA C 1312 48.49 -41.90 58.21
C ALA C 1312 48.52 -41.31 56.83
N ASP C 1313 47.56 -41.67 56.00
CA ASP C 1313 47.52 -41.15 54.65
C ASP C 1313 47.51 -39.65 54.64
N LEU C 1314 46.67 -39.03 55.45
CA LEU C 1314 46.58 -37.58 55.46
C LEU C 1314 47.87 -36.93 55.93
N GLN C 1315 48.55 -37.53 56.89
CA GLN C 1315 49.81 -36.99 57.37
C GLN C 1315 50.85 -37.05 56.27
N ALA C 1316 50.89 -38.16 55.55
CA ALA C 1316 51.86 -38.32 54.48
C ALA C 1316 51.70 -37.29 53.39
N THR C 1317 50.47 -36.93 53.05
CA THR C 1317 50.27 -36.00 51.96
C THR C 1317 50.86 -34.64 52.28
N ALA C 1318 50.85 -34.25 53.54
CA ALA C 1318 51.44 -32.98 53.93
C ALA C 1318 52.95 -32.98 53.77
N LEU C 1319 53.58 -34.14 53.93
CA LEU C 1319 55.02 -34.23 53.76
C LEU C 1319 55.37 -34.23 52.28
N LEU C 1320 54.66 -35.03 51.49
CA LEU C 1320 54.93 -35.12 50.06
C LEU C 1320 54.37 -33.97 49.23
N ALA C 1321 54.01 -32.87 49.87
CA ALA C 1321 53.48 -31.72 49.15
C ALA C 1321 54.56 -31.11 48.30
N SER C 1322 55.78 -31.03 48.83
CA SER C 1322 56.88 -30.40 48.10
C SER C 1322 57.15 -31.14 46.82
N ARG C 1323 57.15 -32.46 46.87
CA ARG C 1323 57.34 -33.24 45.67
C ARG C 1323 56.25 -32.86 44.68
N GLY C 1324 55.01 -32.86 45.14
CA GLY C 1324 53.92 -32.45 44.26
C GLY C 1324 54.19 -31.17 43.52
N PHE C 1325 54.66 -30.14 44.21
CA PHE C 1325 54.92 -28.85 43.59
C PHE C 1325 55.95 -29.02 42.50
N ALA C 1326 57.02 -29.75 42.81
CA ALA C 1326 58.05 -29.99 41.82
C ALA C 1326 57.49 -30.69 40.59
N LEU C 1327 56.78 -31.79 40.78
CA LEU C 1327 56.18 -32.47 39.64
C LEU C 1327 55.39 -31.48 38.77
N TYR C 1328 54.49 -30.72 39.38
CA TYR C 1328 53.68 -29.77 38.62
C TYR C 1328 54.55 -28.76 37.90
N ASN C 1329 55.47 -28.12 38.61
CA ASN C 1329 56.28 -27.08 37.99
C ASN C 1329 57.14 -27.60 36.87
N ALA C 1330 57.65 -28.83 37.01
CA ALA C 1330 58.40 -29.42 35.94
C ALA C 1330 57.54 -29.56 34.71
N ALA C 1331 56.34 -30.09 34.90
CA ALA C 1331 55.43 -30.26 33.77
C ALA C 1331 55.14 -28.92 33.09
N ASN C 1332 54.95 -27.87 33.87
CA ASN C 1332 54.70 -26.56 33.29
C ASN C 1332 55.86 -26.11 32.46
N LEU C 1333 57.07 -26.20 32.99
CA LEU C 1333 58.24 -25.76 32.27
C LEU C 1333 58.47 -26.56 30.99
N LYS C 1334 58.17 -27.84 31.03
CA LYS C 1334 58.32 -28.66 29.84
C LYS C 1334 57.40 -28.16 28.73
N SER C 1335 56.14 -27.91 29.05
CA SER C 1335 55.20 -27.44 28.04
C SER C 1335 55.60 -26.07 27.53
N ILE C 1336 56.11 -25.22 28.43
CA ILE C 1336 56.57 -23.91 28.01
C ILE C 1336 57.61 -24.08 26.91
N ASP C 1337 58.59 -24.94 27.15
CA ASP C 1337 59.65 -25.13 26.17
C ASP C 1337 59.15 -25.65 24.85
N PHE C 1338 58.20 -26.57 24.87
CA PHE C 1338 57.74 -27.14 23.62
C PHE C 1338 57.05 -26.06 22.81
N HIS C 1339 56.24 -25.24 23.45
CA HIS C 1339 55.54 -24.19 22.74
C HIS C 1339 56.53 -23.18 22.20
N ARG C 1340 57.51 -22.81 23.02
CA ARG C 1340 58.50 -21.84 22.59
C ARG C 1340 59.26 -22.35 21.38
N ARG C 1341 59.61 -23.62 21.37
CA ARG C 1341 60.28 -24.19 20.21
C ARG C 1341 59.46 -24.00 18.96
N ILE C 1342 58.18 -24.37 19.01
CA ILE C 1342 57.31 -24.25 17.85
C ILE C 1342 57.26 -22.83 17.29
N GLU C 1343 57.20 -21.84 18.16
CA GLU C 1343 57.16 -20.47 17.72
C GLU C 1343 58.45 -20.07 17.02
N GLU C 1344 59.59 -20.48 17.55
CA GLU C 1344 60.86 -20.18 16.90
C GLU C 1344 60.99 -20.84 15.54
N LYS C 1345 60.44 -22.04 15.39
CA LYS C 1345 60.46 -22.69 14.09
C LYS C 1345 59.71 -21.85 13.09
N SER C 1346 58.55 -21.34 13.47
CA SER C 1346 57.77 -20.51 12.56
C SER C 1346 58.56 -19.29 12.16
N LEU C 1347 59.27 -18.68 13.08
CA LEU C 1347 59.97 -17.46 12.74
C LEU C 1347 61.14 -17.74 11.84
N ALA C 1348 61.71 -18.93 11.93
CA ALA C 1348 62.78 -19.28 11.02
C ALA C 1348 62.22 -19.44 9.63
N GLN C 1349 61.11 -20.15 9.52
CA GLN C 1349 60.51 -20.35 8.22
C GLN C 1349 60.15 -19.04 7.58
N LEU C 1350 59.58 -18.12 8.36
CA LEU C 1350 59.17 -16.85 7.80
C LEU C 1350 60.35 -16.16 7.21
N LYS C 1351 61.47 -16.16 7.92
CA LYS C 1351 62.64 -15.47 7.45
C LYS C 1351 63.26 -16.16 6.23
N ARG C 1352 63.20 -17.48 6.17
CA ARG C 1352 63.70 -18.17 5.00
C ARG C 1352 62.88 -17.80 3.79
N GLN C 1353 61.56 -17.80 3.93
CA GLN C 1353 60.71 -17.49 2.81
C GLN C 1353 61.00 -16.11 2.30
N MET C 1354 61.23 -15.16 3.18
CA MET C 1354 61.43 -13.82 2.71
C MET C 1354 62.76 -13.69 1.98
N GLU C 1355 63.73 -14.53 2.29
CA GLU C 1355 64.96 -14.47 1.53
C GLU C 1355 64.74 -14.94 0.12
N ARG C 1356 63.92 -15.96 -0.08
CA ARG C 1356 63.60 -16.41 -1.42
C ARG C 1356 62.96 -15.28 -2.23
N ILE C 1357 62.00 -14.58 -1.66
CA ILE C 1357 61.33 -13.49 -2.34
C ILE C 1357 62.38 -12.47 -2.76
N ARG C 1358 63.19 -12.01 -1.83
CA ARG C 1358 64.16 -10.98 -2.16
C ARG C 1358 65.21 -11.41 -3.18
N ALA C 1359 65.52 -12.69 -3.23
CA ALA C 1359 66.45 -13.18 -4.23
C ALA C 1359 65.89 -13.02 -5.63
N LYS C 1360 64.66 -13.46 -5.83
CA LYS C 1360 64.04 -13.34 -7.14
C LYS C 1360 63.97 -11.89 -7.57
N GLN C 1361 63.61 -11.00 -6.66
CA GLN C 1361 63.47 -9.62 -7.05
C GLN C 1361 64.79 -9.04 -7.52
N GLU C 1362 65.88 -9.45 -6.90
CA GLU C 1362 67.19 -8.97 -7.32
C GLU C 1362 67.61 -9.51 -8.66
N LYS C 1363 67.30 -10.77 -8.93
CA LYS C 1363 67.62 -11.34 -10.23
C LYS C 1363 66.93 -10.54 -11.32
N HIS C 1364 65.67 -10.19 -11.08
CA HIS C 1364 64.92 -9.45 -12.09
C HIS C 1364 65.38 -8.01 -12.17
N ARG C 1365 65.95 -7.48 -11.09
CA ARG C 1365 66.46 -6.12 -11.13
C ARG C 1365 67.68 -6.12 -12.00
N GLN C 1366 68.51 -7.14 -11.88
CA GLN C 1366 69.70 -7.24 -12.72
C GLN C 1366 69.31 -7.54 -14.15
N GLY C 1367 68.22 -8.26 -14.35
CA GLY C 1367 67.75 -8.53 -15.70
C GLY C 1367 67.36 -7.22 -16.38
N ARG C 1368 66.65 -6.36 -15.67
CA ARG C 1368 66.29 -5.07 -16.21
C ARG C 1368 67.53 -4.23 -16.47
N VAL C 1369 68.53 -4.35 -15.61
CA VAL C 1369 69.79 -3.62 -15.82
C VAL C 1369 70.45 -4.07 -17.12
N ASP C 1370 70.54 -5.37 -17.34
CA ASP C 1370 71.13 -5.88 -18.57
C ASP C 1370 70.25 -5.54 -19.77
N ASP C 1408 59.15 6.21 -7.44
CA ASP C 1408 57.75 6.62 -7.30
C ASP C 1408 56.84 5.42 -7.21
N HIS C 1409 55.83 5.48 -6.34
CA HIS C 1409 54.94 4.35 -6.15
C HIS C 1409 54.25 3.93 -7.40
N ALA C 1410 53.70 4.88 -8.15
CA ALA C 1410 52.92 4.51 -9.32
C ALA C 1410 53.73 4.17 -10.55
N THR C 1411 55.05 4.10 -10.42
CA THR C 1411 55.84 3.66 -11.54
C THR C 1411 56.41 2.33 -11.17
N VAL C 1412 56.07 1.82 -9.99
CA VAL C 1412 56.51 0.50 -9.58
C VAL C 1412 55.30 -0.40 -9.72
N ILE C 1413 54.13 0.10 -9.38
CA ILE C 1413 52.91 -0.66 -9.53
C ILE C 1413 52.68 -0.93 -11.00
N HIS C 1414 52.91 0.07 -11.85
CA HIS C 1414 52.68 -0.08 -13.29
C HIS C 1414 53.94 -0.35 -14.06
N SER C 1415 54.69 -1.38 -13.69
CA SER C 1415 55.88 -1.74 -14.43
C SER C 1415 56.19 -3.22 -14.36
N GLY C 1416 55.34 -4.04 -14.95
CA GLY C 1416 55.62 -5.45 -15.00
C GLY C 1416 55.89 -5.74 -16.44
N ASP C 1417 56.65 -6.78 -16.73
CA ASP C 1417 56.83 -7.14 -18.12
C ASP C 1417 56.73 -8.63 -18.26
N TYR C 1418 57.13 -9.17 -19.39
CA TYR C 1418 56.95 -10.58 -19.62
C TYR C 1418 58.14 -11.34 -19.15
N PHE C 1419 59.13 -10.67 -18.62
CA PHE C 1419 60.35 -11.36 -18.20
C PHE C 1419 60.25 -11.91 -16.79
N LEU C 1420 59.37 -11.35 -15.98
CA LEU C 1420 59.20 -11.84 -14.64
C LEU C 1420 58.51 -13.17 -14.70
N PHE C 1421 57.56 -13.33 -15.60
CA PHE C 1421 56.79 -14.56 -15.67
C PHE C 1421 57.52 -15.54 -16.50
N GLU C 1422 58.85 -15.54 -16.41
CA GLU C 1422 59.65 -16.42 -17.24
C GLU C 1422 59.74 -17.82 -16.71
N SER C 1423 60.96 -18.29 -16.48
CA SER C 1423 61.13 -19.66 -15.99
C SER C 1423 60.58 -19.82 -14.59
N PHE C 1513 17.25 -53.68 23.36
CA PHE C 1513 18.53 -53.40 22.71
C PHE C 1513 19.01 -52.00 23.07
N LEU C 1514 18.07 -51.07 23.22
CA LEU C 1514 18.45 -49.68 23.49
C LEU C 1514 19.28 -49.51 24.74
N TRP C 1515 19.01 -50.31 25.76
CA TRP C 1515 19.80 -50.26 26.98
C TRP C 1515 21.25 -50.59 26.67
N MET C 1516 21.49 -51.66 25.91
CA MET C 1516 22.85 -52.05 25.56
C MET C 1516 23.48 -51.05 24.62
N LEU C 1517 22.68 -50.46 23.74
CA LEU C 1517 23.21 -49.43 22.84
C LEU C 1517 23.66 -48.25 23.67
N GLY C 1518 22.85 -47.86 24.65
CA GLY C 1518 23.19 -46.75 25.51
C GLY C 1518 24.46 -47.03 26.29
N GLN C 1519 24.64 -48.29 26.70
CA GLN C 1519 25.83 -48.66 27.44
C GLN C 1519 27.09 -48.47 26.60
N ALA C 1520 26.99 -48.74 25.30
CA ALA C 1520 28.13 -48.51 24.41
C ALA C 1520 28.53 -47.04 24.40
N LEU C 1521 27.55 -46.15 24.32
CA LEU C 1521 27.83 -44.72 24.33
C LEU C 1521 28.40 -44.26 25.65
N VAL C 1522 27.99 -44.91 26.74
CA VAL C 1522 28.51 -44.57 28.05
C VAL C 1522 30.00 -44.85 28.05
N ASP C 1523 30.38 -45.99 27.48
CA ASP C 1523 31.80 -46.33 27.42
C ASP C 1523 32.57 -45.33 26.57
N GLU C 1524 31.98 -44.84 25.49
CA GLU C 1524 32.63 -43.82 24.68
C GLU C 1524 32.90 -42.57 25.49
N LEU C 1525 31.90 -42.11 26.25
CA LEU C 1525 32.08 -40.93 27.09
C LEU C 1525 33.18 -41.18 28.10
N THR C 1526 33.14 -42.34 28.77
CA THR C 1526 34.14 -42.67 29.76
C THR C 1526 35.54 -42.58 29.16
N ARG C 1527 35.71 -43.09 27.94
CA ARG C 1527 37.00 -43.00 27.27
C ARG C 1527 37.46 -41.57 27.08
N TRP C 1528 36.56 -40.72 26.61
CA TRP C 1528 36.90 -39.31 26.44
C TRP C 1528 37.30 -38.66 27.74
N LEU C 1529 36.54 -38.91 28.80
CA LEU C 1529 36.84 -38.32 30.09
C LEU C 1529 38.18 -38.80 30.61
N GLN C 1530 38.51 -40.05 30.35
CA GLN C 1530 39.79 -40.58 30.81
C GLN C 1530 40.93 -39.90 30.10
N GLU C 1531 40.73 -39.52 28.84
CA GLU C 1531 41.76 -38.81 28.11
C GLU C 1531 41.85 -37.37 28.57
N PHE C 1532 40.73 -36.81 29.00
CA PHE C 1532 40.73 -35.44 29.49
C PHE C 1532 41.44 -35.31 30.83
N THR C 1533 41.55 -36.41 31.57
CA THR C 1533 42.20 -36.38 32.87
C THR C 1533 43.52 -37.11 32.86
N ARG C 1534 44.03 -37.44 31.69
CA ARG C 1534 45.25 -38.25 31.63
C ARG C 1534 46.44 -37.70 32.38
N HIS C 1535 46.81 -36.45 32.12
CA HIS C 1535 47.99 -35.87 32.76
C HIS C 1535 47.85 -35.90 34.27
N HIS C 1536 46.69 -35.51 34.77
CA HIS C 1536 46.46 -35.54 36.20
C HIS C 1536 46.65 -36.94 36.74
N GLY C 1537 46.09 -37.93 36.05
CA GLY C 1537 46.23 -39.31 36.47
C GLY C 1537 47.66 -39.72 36.69
N THR C 1538 48.54 -39.39 35.74
CA THR C 1538 49.92 -39.78 35.87
C THR C 1538 50.56 -39.16 37.09
N MET C 1539 50.34 -37.86 37.29
CA MET C 1539 50.94 -37.17 38.42
C MET C 1539 50.49 -37.81 39.70
N SER C 1540 49.21 -38.13 39.77
CA SER C 1540 48.68 -38.78 40.96
C SER C 1540 49.36 -40.11 41.24
N ASP C 1541 49.49 -40.97 40.23
CA ASP C 1541 50.08 -42.29 40.44
C ASP C 1541 51.49 -42.25 40.95
N VAL C 1542 52.28 -41.29 40.47
CA VAL C 1542 53.64 -41.14 40.98
C VAL C 1542 53.56 -40.87 42.47
N LEU C 1543 52.68 -39.96 42.86
CA LEU C 1543 52.59 -39.59 44.27
C LEU C 1543 51.93 -40.64 45.15
N ARG C 1544 51.08 -41.47 44.57
CA ARG C 1544 50.43 -42.53 45.35
C ARG C 1544 51.44 -43.58 45.72
N ALA C 1545 52.26 -43.98 44.76
CA ALA C 1545 53.28 -44.98 45.02
C ALA C 1545 54.24 -44.47 46.06
N GLU C 1546 54.63 -43.21 45.95
CA GLU C 1546 55.53 -42.63 46.94
C GLU C 1546 54.90 -42.64 48.30
N ARG C 1547 53.61 -42.35 48.38
CA ARG C 1547 52.92 -42.32 49.65
C ARG C 1547 52.82 -43.69 50.29
N TYR C 1548 52.67 -44.72 49.48
CA TYR C 1548 52.59 -46.08 50.00
C TYR C 1548 53.79 -46.35 50.87
N LEU C 1549 54.97 -46.10 50.34
CA LEU C 1549 56.16 -46.40 51.10
C LEU C 1549 56.31 -45.44 52.25
N LEU C 1550 55.95 -44.17 52.03
CA LEU C 1550 56.14 -43.18 53.08
C LEU C 1550 55.39 -43.60 54.33
N THR C 1551 54.14 -44.01 54.17
CA THR C 1551 53.33 -44.39 55.31
C THR C 1551 53.87 -45.60 56.03
N GLN C 1552 54.45 -46.55 55.32
CA GLN C 1552 55.07 -47.69 55.98
C GLN C 1552 56.06 -47.25 57.02
N GLU C 1553 56.97 -46.37 56.66
CA GLU C 1553 57.98 -45.91 57.61
C GLU C 1553 57.35 -45.17 58.77
N LEU C 1554 56.37 -44.33 58.49
CA LEU C 1554 55.68 -43.63 59.55
C LEU C 1554 55.04 -44.62 60.52
N LEU C 1555 54.38 -45.64 59.99
CA LEU C 1555 53.72 -46.63 60.83
C LEU C 1555 54.70 -47.43 61.65
N GLN C 1556 55.90 -47.66 61.10
CA GLN C 1556 56.92 -48.37 61.86
C GLN C 1556 57.26 -47.53 63.07
N GLY C 1557 57.36 -46.22 62.88
CA GLY C 1557 57.73 -45.35 63.98
C GLY C 1557 59.09 -44.79 63.67
N GLY C 1558 59.57 -45.03 62.45
CA GLY C 1558 60.86 -44.52 62.04
C GLY C 1558 60.76 -43.25 61.23
N GLU C 1559 61.89 -42.76 60.75
CA GLU C 1559 61.90 -41.52 59.99
C GLU C 1559 61.70 -41.75 58.51
N VAL C 1560 61.14 -40.74 57.84
CA VAL C 1560 60.95 -40.84 56.41
C VAL C 1560 62.14 -40.16 55.73
N HIS C 1561 63.09 -40.95 55.25
CA HIS C 1561 64.28 -40.39 54.61
C HIS C 1561 64.12 -40.33 53.10
N ARG C 1562 65.17 -39.89 52.42
CA ARG C 1562 65.13 -39.85 50.96
C ARG C 1562 65.27 -41.24 50.40
N GLY C 1563 65.96 -42.11 51.14
CA GLY C 1563 66.14 -43.48 50.71
C GLY C 1563 64.84 -44.22 50.50
N VAL C 1564 63.81 -43.85 51.27
CA VAL C 1564 62.50 -44.44 51.08
C VAL C 1564 62.06 -44.25 49.65
N LEU C 1565 62.11 -43.01 49.17
CA LEU C 1565 61.70 -42.71 47.81
C LEU C 1565 62.66 -43.30 46.79
N ASP C 1566 63.92 -43.44 47.17
CA ASP C 1566 64.92 -43.96 46.24
C ASP C 1566 64.70 -45.42 45.92
N GLN C 1567 64.07 -46.16 46.83
CA GLN C 1567 63.76 -47.56 46.57
C GLN C 1567 62.91 -47.71 45.32
N LEU C 1568 61.96 -46.79 45.14
CA LEU C 1568 61.10 -46.83 43.98
C LEU C 1568 61.92 -46.83 42.68
N ALA C 1645 56.83 -36.54 35.53
CA ALA C 1645 55.77 -37.42 35.98
C ALA C 1645 55.75 -38.69 35.18
N SER C 1646 55.52 -38.57 33.88
CA SER C 1646 55.51 -39.74 33.01
C SER C 1646 56.86 -40.40 33.05
N GLU C 1647 57.91 -39.60 32.98
CA GLU C 1647 59.26 -40.14 33.03
C GLU C 1647 59.48 -40.94 34.31
N LEU C 1648 59.09 -40.38 35.45
CA LEU C 1648 59.34 -41.04 36.73
C LEU C 1648 58.61 -42.36 36.86
N LEU C 1649 57.49 -42.49 36.18
CA LEU C 1649 56.79 -43.76 36.21
C LEU C 1649 57.64 -44.83 35.55
N LEU C 1650 58.18 -44.52 34.39
CA LEU C 1650 59.03 -45.48 33.68
C LEU C 1650 60.29 -45.81 34.47
N ASP C 1651 60.97 -44.79 35.00
CA ASP C 1651 62.21 -45.00 35.73
C ASP C 1651 62.01 -45.91 36.92
N ARG C 1652 60.99 -45.64 37.72
CA ARG C 1652 60.70 -46.48 38.86
C ARG C 1652 60.40 -47.89 38.39
N ARG C 1653 61.02 -48.88 39.02
CA ARG C 1653 60.77 -50.26 38.65
C ARG C 1653 60.38 -51.11 39.84
N LEU C 1654 60.30 -50.51 41.03
CA LEU C 1654 59.85 -51.25 42.20
C LEU C 1654 58.35 -51.48 42.13
N ARG C 1655 57.94 -52.58 41.50
CA ARG C 1655 56.53 -52.86 41.33
C ARG C 1655 55.87 -53.21 42.65
N ILE C 1656 54.89 -52.40 43.07
CA ILE C 1656 54.24 -52.64 44.35
C ILE C 1656 53.07 -53.60 44.24
N PRO C 1657 52.75 -54.31 45.33
CA PRO C 1657 51.68 -55.32 45.27
C PRO C 1657 50.27 -54.78 45.38
N GLU C 1658 49.88 -54.33 46.57
CA GLU C 1658 48.52 -53.85 46.79
C GLU C 1658 48.01 -52.94 45.71
N LEU C 1659 48.77 -51.92 45.35
CA LEU C 1659 48.31 -50.94 44.37
C LEU C 1659 47.92 -51.57 43.02
N GLU C 1660 48.64 -52.60 42.60
CA GLU C 1660 48.34 -53.26 41.33
C GLU C 1660 47.05 -54.04 41.38
N GLU C 1661 46.82 -54.76 42.48
CA GLU C 1661 45.59 -55.51 42.63
C GLU C 1661 44.41 -54.56 42.71
N ALA C 1662 44.62 -53.40 43.30
CA ALA C 1662 43.56 -52.42 43.41
C ALA C 1662 43.14 -51.95 42.04
N GLU C 1663 44.11 -51.75 41.17
CA GLU C 1663 43.81 -51.32 39.81
C GLU C 1663 42.98 -52.37 39.08
N LEU C 1664 43.27 -53.64 39.30
CA LEU C 1664 42.49 -54.70 38.68
C LEU C 1664 41.05 -54.67 39.14
N PHE C 1665 40.82 -54.46 40.44
CA PHE C 1665 39.47 -54.36 40.96
C PHE C 1665 38.74 -53.24 40.25
N ALA C 1666 39.42 -52.11 40.10
CA ALA C 1666 38.82 -50.97 39.43
C ALA C 1666 38.44 -51.29 37.99
N GLU C 1667 39.33 -51.94 37.25
CA GLU C 1667 39.05 -52.29 35.87
C GLU C 1667 37.91 -53.28 35.80
N GLY C 1668 37.82 -54.15 36.80
CA GLY C 1668 36.77 -55.15 36.82
C GLY C 1668 35.53 -54.71 37.55
N GLN C 1669 35.23 -53.41 37.52
CA GLN C 1669 34.01 -52.93 38.13
C GLN C 1669 32.94 -52.81 37.07
N GLY C 1670 31.71 -52.53 37.48
CA GLY C 1670 30.65 -52.34 36.53
C GLY C 1670 30.83 -51.05 35.77
N ARG C 1671 30.19 -50.93 34.61
CA ARG C 1671 30.31 -49.72 33.81
C ARG C 1671 29.79 -48.51 34.56
N ALA C 1672 28.74 -48.69 35.35
CA ALA C 1672 28.19 -47.59 36.12
C ALA C 1672 29.22 -47.05 37.09
N LEU C 1673 29.79 -47.92 37.90
CA LEU C 1673 30.79 -47.49 38.86
C LEU C 1673 31.94 -46.79 38.15
N ARG C 1674 32.35 -47.31 37.01
CA ARG C 1674 33.47 -46.74 36.30
C ARG C 1674 33.14 -45.39 35.69
N LEU C 1675 31.92 -45.22 35.22
CA LEU C 1675 31.52 -43.93 34.67
C LEU C 1675 31.52 -42.86 35.75
N LEU C 1676 31.11 -43.22 36.95
CA LEU C 1676 31.06 -42.25 38.03
C LEU C 1676 32.47 -41.92 38.48
N ARG C 1677 33.37 -42.89 38.40
CA ARG C 1677 34.74 -42.61 38.77
C ARG C 1677 35.29 -41.63 37.78
N ALA C 1678 34.93 -41.79 36.51
CA ALA C 1678 35.41 -40.88 35.48
C ALA C 1678 34.97 -39.46 35.75
N VAL C 1679 33.73 -39.28 36.17
CA VAL C 1679 33.24 -37.94 36.48
C VAL C 1679 34.00 -37.32 37.65
N TYR C 1680 34.19 -38.05 38.74
CA TYR C 1680 34.95 -37.52 39.85
C TYR C 1680 36.34 -37.13 39.39
N GLN C 1681 36.94 -37.94 38.54
CA GLN C 1681 38.30 -37.66 38.11
C GLN C 1681 38.34 -36.34 37.38
N CYS C 1682 37.36 -36.10 36.51
CA CYS C 1682 37.34 -34.86 35.76
C CYS C 1682 37.20 -33.64 36.66
N VAL C 1683 36.30 -33.69 37.63
CA VAL C 1683 36.11 -32.58 38.54
C VAL C 1683 37.37 -32.33 39.35
N ALA C 1684 37.98 -33.38 39.87
CA ALA C 1684 39.16 -33.21 40.68
C ALA C 1684 40.37 -32.83 39.87
N ALA C 1685 40.29 -32.92 38.56
CA ALA C 1685 41.39 -32.48 37.73
C ALA C 1685 41.23 -31.02 37.48
N HIS C 1686 40.13 -30.63 36.86
CA HIS C 1686 39.88 -29.24 36.57
C HIS C 1686 38.95 -28.66 37.60
N SER C 1687 39.47 -28.32 38.77
CA SER C 1687 38.65 -27.77 39.83
C SER C 1687 38.42 -26.30 39.63
N GLU C 1688 39.36 -25.61 38.98
CA GLU C 1688 39.23 -24.18 38.81
C GLU C 1688 38.03 -23.87 37.99
N LEU C 1689 37.82 -24.60 36.91
CA LEU C 1689 36.70 -24.31 36.03
C LEU C 1689 35.39 -24.56 36.72
N LEU C 1690 35.39 -25.36 37.76
CA LEU C 1690 34.15 -25.56 38.50
C LEU C 1690 33.88 -24.33 39.35
N CYS C 1691 34.80 -23.97 40.23
CA CYS C 1691 34.60 -22.78 41.02
C CYS C 1691 34.06 -21.67 40.16
N TYR C 1692 34.56 -21.51 38.93
CA TYR C 1692 34.14 -20.40 38.10
C TYR C 1692 32.74 -20.59 37.57
N PHE C 1693 32.43 -21.79 37.11
CA PHE C 1693 31.12 -22.04 36.56
C PHE C 1693 30.08 -21.73 37.61
N ILE C 1694 30.31 -22.13 38.84
CA ILE C 1694 29.31 -21.92 39.88
C ILE C 1694 29.18 -20.47 40.30
N ILE C 1695 30.28 -19.72 40.39
CA ILE C 1695 30.20 -18.30 40.70
C ILE C 1695 29.33 -17.58 39.69
N ILE C 1696 29.50 -17.90 38.41
CA ILE C 1696 28.71 -17.27 37.38
C ILE C 1696 27.27 -17.77 37.38
N LEU C 1697 27.05 -19.04 37.65
CA LEU C 1697 25.68 -19.56 37.72
C LEU C 1697 24.87 -18.95 38.87
N ASN C 1698 25.52 -18.60 39.96
CA ASN C 1698 24.80 -17.97 41.06
C ASN C 1698 24.21 -16.66 40.60
N HIS C 1699 24.97 -15.86 39.84
CA HIS C 1699 24.48 -14.57 39.38
C HIS C 1699 23.39 -14.70 38.35
N MET C 1700 23.29 -15.85 37.70
CA MET C 1700 22.21 -16.04 36.75
C MET C 1700 20.92 -16.37 37.48
N VAL C 1701 21.02 -17.05 38.61
CA VAL C 1701 19.83 -17.39 39.38
C VAL C 1701 19.41 -16.25 40.31
N THR C 1702 20.26 -15.91 41.27
CA THR C 1702 19.94 -14.85 42.23
C THR C 1702 19.76 -13.48 41.61
N ALA C 1703 20.59 -13.13 40.64
CA ALA C 1703 20.50 -11.84 39.97
C ALA C 1703 20.36 -10.66 40.90
N SER C 1704 21.28 -10.51 41.83
CA SER C 1704 21.20 -9.43 42.78
C SER C 1704 22.24 -8.39 42.51
N ALA C 1705 22.75 -7.78 43.56
CA ALA C 1705 23.81 -6.81 43.40
C ALA C 1705 24.93 -7.23 44.32
N GLY C 1706 24.66 -8.26 45.10
CA GLY C 1706 25.70 -8.78 45.97
C GLY C 1706 26.44 -9.81 45.16
N SER C 1707 25.70 -10.60 44.38
CA SER C 1707 26.32 -11.62 43.56
C SER C 1707 26.86 -11.06 42.26
N LEU C 1708 27.28 -9.81 42.26
CA LEU C 1708 27.82 -9.20 41.07
C LEU C 1708 29.28 -9.02 41.33
N VAL C 1709 29.65 -8.88 42.59
CA VAL C 1709 31.03 -8.61 42.90
C VAL C 1709 31.91 -9.74 42.45
N LEU C 1710 31.56 -10.96 42.82
CA LEU C 1710 32.42 -12.07 42.46
C LEU C 1710 32.55 -12.33 40.95
N PRO C 1711 31.46 -12.31 40.18
CA PRO C 1711 31.69 -12.47 38.73
C PRO C 1711 32.59 -11.41 38.12
N VAL C 1712 32.52 -10.17 38.55
CA VAL C 1712 33.43 -9.16 38.04
C VAL C 1712 34.86 -9.53 38.39
N LEU C 1713 35.11 -9.87 39.64
CA LEU C 1713 36.45 -10.22 40.05
C LEU C 1713 37.00 -11.47 39.39
N VAL C 1714 36.15 -12.42 39.00
CA VAL C 1714 36.63 -13.58 38.28
C VAL C 1714 37.24 -13.08 36.99
N PHE C 1715 36.50 -12.28 36.22
CA PHE C 1715 36.98 -11.83 34.91
C PHE C 1715 38.10 -10.79 34.92
N LEU C 1716 38.38 -10.17 36.05
CA LEU C 1716 39.37 -9.10 36.10
C LEU C 1716 40.49 -9.23 37.14
N TRP C 1717 40.53 -10.32 37.89
CA TRP C 1717 41.60 -10.52 38.87
C TRP C 1717 42.07 -11.95 38.77
N ALA C 1718 41.16 -12.87 38.52
CA ALA C 1718 41.56 -14.25 38.49
C ALA C 1718 42.05 -14.62 37.14
N MET C 1719 41.22 -14.45 36.14
CA MET C 1719 41.59 -14.88 34.82
C MET C 1719 42.70 -14.08 34.16
N LEU C 1720 43.07 -12.95 34.74
CA LEU C 1720 44.15 -12.14 34.19
C LEU C 1720 45.41 -12.22 35.02
N SER C 1721 45.46 -13.17 35.95
CA SER C 1721 46.64 -13.29 36.82
C SER C 1721 47.70 -14.16 36.19
N ILE C 1722 48.96 -13.77 36.31
CA ILE C 1722 50.04 -14.48 35.61
C ILE C 1722 50.21 -16.00 35.77
N PRO C 1723 50.60 -16.49 36.96
CA PRO C 1723 50.71 -17.96 37.01
C PRO C 1723 49.34 -18.58 37.32
N ARG C 1724 48.93 -18.63 38.57
CA ARG C 1724 47.61 -19.13 38.94
C ARG C 1724 46.98 -18.09 39.83
N PRO C 1725 45.65 -18.03 39.91
CA PRO C 1725 45.03 -17.10 40.86
C PRO C 1725 45.58 -17.31 42.24
N SER C 1726 46.05 -16.27 42.89
CA SER C 1726 46.72 -16.42 44.18
C SER C 1726 45.85 -16.77 45.36
N LYS C 1727 46.48 -16.95 46.51
CA LYS C 1727 45.75 -17.25 47.72
C LYS C 1727 44.71 -16.21 47.99
N ARG C 1728 45.07 -14.96 47.81
CA ARG C 1728 44.15 -13.89 48.11
C ARG C 1728 42.87 -13.92 47.30
N PHE C 1729 42.90 -14.40 46.06
CA PHE C 1729 41.63 -14.50 45.34
C PHE C 1729 40.77 -15.53 46.02
N TRP C 1730 41.31 -16.72 46.24
CA TRP C 1730 40.48 -17.75 46.79
C TRP C 1730 39.98 -17.38 48.18
N MET C 1731 40.82 -16.79 49.01
CA MET C 1731 40.35 -16.38 50.32
C MET C 1731 39.31 -15.28 50.27
N THR C 1732 39.41 -14.35 49.32
CA THR C 1732 38.38 -13.33 49.18
C THR C 1732 37.07 -13.99 48.84
N ALA C 1733 37.07 -14.92 47.90
CA ALA C 1733 35.82 -15.53 47.49
C ALA C 1733 35.18 -16.28 48.63
N ILE C 1734 35.96 -17.01 49.42
CA ILE C 1734 35.42 -17.72 50.55
C ILE C 1734 34.81 -16.74 51.54
N VAL C 1735 35.54 -15.69 51.92
CA VAL C 1735 35.03 -14.74 52.90
C VAL C 1735 33.78 -14.02 52.41
N PHE C 1736 33.77 -13.53 51.19
CA PHE C 1736 32.57 -12.90 50.67
C PHE C 1736 31.35 -13.82 50.66
N THR C 1737 31.49 -15.08 50.27
CA THR C 1737 30.33 -15.94 50.20
C THR C 1737 29.82 -16.27 51.57
N GLU C 1738 30.70 -16.32 52.56
CA GLU C 1738 30.26 -16.55 53.91
C GLU C 1738 29.46 -15.36 54.41
N ILE C 1739 29.93 -14.16 54.11
CA ILE C 1739 29.25 -12.96 54.56
C ILE C 1739 27.86 -12.93 53.98
N ALA C 1740 27.72 -13.11 52.69
CA ALA C 1740 26.40 -13.01 52.09
C ALA C 1740 25.45 -14.00 52.70
N VAL C 1741 25.92 -15.20 53.03
CA VAL C 1741 25.07 -16.18 53.69
C VAL C 1741 24.53 -15.59 55.00
N VAL C 1742 25.41 -15.09 55.87
CA VAL C 1742 24.98 -14.51 57.14
C VAL C 1742 24.04 -13.33 56.95
N VAL C 1743 24.38 -12.40 56.07
CA VAL C 1743 23.54 -11.23 55.84
C VAL C 1743 22.13 -11.60 55.38
N LYS C 1744 22.01 -12.49 54.41
CA LYS C 1744 20.70 -12.89 53.97
C LYS C 1744 19.96 -13.68 55.03
N TYR C 1745 20.69 -14.33 55.94
CA TYR C 1745 20.05 -15.06 57.02
C TYR C 1745 19.42 -14.11 58.00
N LEU C 1746 20.09 -13.01 58.28
CA LEU C 1746 19.59 -12.06 59.26
C LEU C 1746 18.44 -11.23 58.74
N PHE C 1747 18.14 -11.32 57.46
CA PHE C 1747 16.97 -10.61 56.95
C PHE C 1747 15.80 -11.57 56.78
N THR C 1779 12.76 -14.98 51.47
CA THR C 1779 12.15 -15.95 50.58
C THR C 1779 12.39 -17.39 51.03
N ASP C 1780 11.95 -18.35 50.22
CA ASP C 1780 12.13 -19.75 50.56
C ASP C 1780 13.07 -20.43 49.58
N GLY C 1781 14.11 -19.71 49.17
CA GLY C 1781 15.11 -20.28 48.27
C GLY C 1781 16.22 -19.28 48.34
N TYR C 1782 16.77 -19.08 49.54
CA TYR C 1782 17.78 -18.04 49.72
C TYR C 1782 19.24 -18.52 49.79
N ILE C 1783 19.50 -19.62 50.49
CA ILE C 1783 20.86 -20.08 50.66
C ILE C 1783 20.98 -21.52 50.24
N LYS C 1784 20.76 -21.81 48.96
CA LYS C 1784 20.96 -23.17 48.47
C LYS C 1784 22.14 -23.15 47.51
N TYR C 1785 22.13 -22.20 46.58
CA TYR C 1785 23.21 -22.10 45.62
C TYR C 1785 24.47 -21.64 46.29
N ASP C 1786 24.34 -20.87 47.36
CA ASP C 1786 25.51 -20.43 48.09
C ASP C 1786 26.14 -21.54 48.91
N LEU C 1787 25.40 -22.60 49.19
CA LEU C 1787 26.00 -23.73 49.89
C LEU C 1787 26.87 -24.45 48.90
N VAL C 1788 26.37 -24.69 47.69
CA VAL C 1788 27.22 -25.29 46.69
C VAL C 1788 28.48 -24.45 46.47
N GLN C 1789 28.34 -23.15 46.23
CA GLN C 1789 29.49 -22.30 46.04
C GLN C 1789 30.52 -22.52 47.11
N LEU C 1790 30.17 -22.30 48.37
CA LEU C 1790 31.16 -22.39 49.44
C LEU C 1790 31.85 -23.74 49.49
N MET C 1791 31.14 -24.81 49.16
CA MET C 1791 31.73 -26.13 49.24
C MET C 1791 32.62 -26.41 48.05
N ALA C 1792 32.39 -25.74 46.94
CA ALA C 1792 33.25 -25.92 45.79
C ALA C 1792 34.55 -25.19 46.00
N LEU C 1793 34.51 -24.04 46.66
CA LEU C 1793 35.71 -23.26 46.87
C LEU C 1793 36.60 -23.91 47.90
N PHE C 1794 36.01 -24.66 48.81
CA PHE C 1794 36.81 -25.36 49.78
C PHE C 1794 37.34 -26.66 49.21
N PHE C 1795 36.77 -27.15 48.12
CA PHE C 1795 37.33 -28.34 47.47
C PHE C 1795 38.59 -27.92 46.77
N HIS C 1796 38.52 -26.85 45.99
CA HIS C 1796 39.71 -26.36 45.33
C HIS C 1796 40.83 -26.24 46.33
N ARG C 1797 40.60 -25.57 47.45
CA ARG C 1797 41.64 -25.37 48.44
C ARG C 1797 42.34 -26.66 48.78
N SER C 1798 41.58 -27.73 48.97
CA SER C 1798 42.18 -29.02 49.32
C SER C 1798 43.06 -29.59 48.24
N GLN C 1799 42.70 -29.42 46.96
CA GLN C 1799 43.61 -29.87 45.90
C GLN C 1799 44.84 -28.98 45.84
N LEU C 1800 44.65 -27.66 45.91
CA LEU C 1800 45.77 -26.73 45.88
C LEU C 1800 46.53 -26.74 47.17
N LEU C 1801 46.43 -27.82 47.93
CA LEU C 1801 47.18 -27.94 49.18
C LEU C 1801 47.77 -29.31 49.24
N CYS C 1802 47.28 -30.20 48.39
CA CYS C 1802 47.82 -31.55 48.34
C CYS C 1802 48.93 -31.60 47.30
N TYR C 1803 48.97 -30.63 46.40
CA TYR C 1803 50.02 -30.58 45.40
C TYR C 1803 50.97 -29.43 45.67
N ARG C 1940 50.32 1.14 44.40
CA ARG C 1940 51.53 0.34 44.21
C ARG C 1940 51.28 -1.13 43.80
N PRO C 1941 50.47 -1.87 44.58
CA PRO C 1941 50.25 -3.24 44.09
C PRO C 1941 49.51 -3.29 42.75
N LEU C 1942 48.61 -2.35 42.50
CA LEU C 1942 47.89 -2.30 41.23
C LEU C 1942 48.87 -2.16 40.09
N ARG C 1943 49.79 -1.22 40.20
CA ARG C 1943 50.77 -1.01 39.16
C ARG C 1943 51.52 -2.29 38.89
N ARG C 1944 51.98 -2.95 39.94
CA ARG C 1944 52.74 -4.18 39.76
C ARG C 1944 51.93 -5.26 39.05
N PHE C 1945 50.69 -5.46 39.47
CA PHE C 1945 49.83 -6.44 38.81
C PHE C 1945 49.78 -6.17 37.32
N PHE C 1946 49.40 -4.95 36.95
CA PHE C 1946 49.26 -4.65 35.55
C PHE C 1946 50.56 -4.89 34.80
N HIS C 1947 51.66 -4.40 35.32
CA HIS C 1947 52.92 -4.64 34.66
C HIS C 1947 53.03 -6.11 34.29
N ASP C 1948 52.80 -6.99 35.24
CA ASP C 1948 52.98 -8.41 34.93
C ASP C 1948 52.25 -8.79 33.65
N ILE C 1949 50.92 -8.66 33.64
CA ILE C 1949 50.13 -9.06 32.47
C ILE C 1949 50.65 -8.49 31.18
N LEU C 1950 51.17 -7.26 31.23
CA LEU C 1950 51.61 -6.61 29.99
C LEU C 1950 53.04 -6.96 29.60
N HIS C 1951 53.91 -7.18 30.57
CA HIS C 1951 55.29 -7.50 30.28
C HIS C 1951 55.79 -8.64 31.14
N THR C 1952 55.43 -9.86 30.78
CA THR C 1952 55.90 -11.03 31.52
C THR C 1952 56.90 -11.78 30.67
N LYS C 1953 57.07 -13.07 30.93
CA LYS C 1953 58.00 -13.88 30.13
C LYS C 1953 57.43 -15.27 29.94
N TYR C 1954 56.29 -15.54 30.55
CA TYR C 1954 55.68 -16.85 30.43
C TYR C 1954 54.51 -16.75 29.49
N ARG C 1955 54.77 -16.32 28.26
CA ARG C 1955 53.69 -16.11 27.34
C ARG C 1955 53.75 -16.97 26.10
N ALA C 1956 53.27 -18.21 26.18
CA ALA C 1956 53.21 -19.03 24.98
C ALA C 1956 52.09 -18.42 24.16
N ALA C 1957 52.35 -17.97 22.95
CA ALA C 1957 51.34 -17.26 22.20
C ALA C 1957 50.33 -18.09 21.43
N THR C 1958 49.08 -17.65 21.42
CA THR C 1958 48.02 -18.36 20.73
C THR C 1958 47.09 -17.39 20.05
N ASP C 1959 46.28 -17.87 19.12
CA ASP C 1959 45.33 -17.02 18.42
C ASP C 1959 43.94 -17.54 18.63
N VAL C 1960 43.16 -16.87 19.47
CA VAL C 1960 41.80 -17.28 19.69
C VAL C 1960 40.84 -16.22 19.17
N TYR C 1961 41.11 -15.61 18.01
CA TYR C 1961 40.13 -14.67 17.48
C TYR C 1961 39.02 -15.43 16.80
N ALA C 1962 39.35 -16.36 15.94
CA ALA C 1962 38.30 -17.13 15.33
C ALA C 1962 37.17 -17.34 16.32
N LEU C 1963 37.44 -17.99 17.44
CA LEU C 1963 36.36 -18.31 18.39
C LEU C 1963 35.77 -17.13 19.17
N MET C 1964 36.58 -16.20 19.63
CA MET C 1964 36.04 -15.04 20.29
C MET C 1964 34.95 -14.49 19.40
N PHE C 1965 35.12 -14.60 18.09
CA PHE C 1965 34.16 -14.06 17.17
C PHE C 1965 32.91 -14.90 17.07
N LEU C 1966 33.06 -16.21 16.99
CA LEU C 1966 31.89 -17.07 16.96
C LEU C 1966 30.97 -16.82 18.13
N ALA C 1967 31.50 -16.59 19.33
CA ALA C 1967 30.64 -16.28 20.46
C ALA C 1967 29.88 -15.02 20.18
N ASP C 1968 30.54 -14.01 19.64
CA ASP C 1968 29.84 -12.79 19.28
C ASP C 1968 28.76 -12.99 18.22
N VAL C 1969 28.98 -13.87 17.26
CA VAL C 1969 27.95 -14.15 16.28
C VAL C 1969 26.76 -14.76 16.98
N VAL C 1970 26.98 -15.81 17.76
CA VAL C 1970 25.89 -16.47 18.46
C VAL C 1970 25.09 -15.46 19.28
N ASP C 1971 25.76 -14.59 19.99
CA ASP C 1971 25.07 -13.55 20.72
C ASP C 1971 24.17 -12.77 19.80
N PHE C 1972 24.74 -12.15 18.77
CA PHE C 1972 23.95 -11.42 17.79
C PHE C 1972 22.67 -12.17 17.50
N ILE C 1973 22.76 -13.43 17.10
CA ILE C 1973 21.57 -14.20 16.75
C ILE C 1973 20.54 -14.22 17.87
N ILE C 1974 20.94 -14.53 19.10
CA ILE C 1974 20.02 -14.51 20.23
C ILE C 1974 19.26 -13.19 20.33
N ILE C 1975 19.98 -12.07 20.40
CA ILE C 1975 19.32 -10.76 20.43
C ILE C 1975 18.27 -10.65 19.33
N ILE C 1976 18.66 -10.93 18.10
CA ILE C 1976 17.74 -10.79 16.97
C ILE C 1976 16.58 -11.77 17.05
N PHE C 1977 16.85 -13.06 17.07
CA PHE C 1977 15.77 -14.04 17.05
C PHE C 1977 14.83 -13.83 18.20
N GLY C 1978 15.36 -13.81 19.40
CA GLY C 1978 14.54 -13.55 20.56
C GLY C 1978 14.45 -12.07 20.84
N PHE C 1979 13.77 -11.33 19.97
CA PHE C 1979 13.60 -9.90 20.20
C PHE C 1979 12.54 -9.65 21.25
N TRP C 1980 11.70 -10.65 21.51
CA TRP C 1980 10.64 -10.51 22.51
C TRP C 1980 11.19 -10.36 23.92
N PRO C 2001 11.20 -2.08 19.30
CA PRO C 2001 11.60 -1.99 20.71
C PRO C 2001 12.97 -1.38 20.91
N GLU C 2002 13.03 -0.25 21.62
CA GLU C 2002 14.30 0.43 21.82
C GLU C 2002 15.38 -0.43 22.46
N ALA C 2003 15.02 -1.23 23.46
CA ALA C 2003 16.00 -2.10 24.11
C ALA C 2003 16.75 -2.95 23.10
N PHE C 2004 16.03 -3.75 22.34
CA PHE C 2004 16.66 -4.60 21.34
C PHE C 2004 17.47 -3.77 20.38
N LEU C 2005 16.92 -2.66 19.90
CA LEU C 2005 17.63 -1.83 18.94
C LEU C 2005 18.96 -1.37 19.45
N VAL C 2006 18.99 -0.83 20.65
CA VAL C 2006 20.24 -0.32 21.19
C VAL C 2006 21.23 -1.47 21.40
N MET C 2007 20.76 -2.57 21.94
CA MET C 2007 21.65 -3.69 22.18
C MET C 2007 22.26 -4.23 20.90
N LEU C 2008 21.51 -4.25 19.81
CA LEU C 2008 22.01 -4.76 18.56
C LEU C 2008 23.15 -3.89 18.10
N LEU C 2009 22.98 -2.59 18.16
CA LEU C 2009 24.06 -1.70 17.80
C LEU C 2009 25.28 -1.90 18.68
N ILE C 2010 25.06 -2.09 19.97
CA ILE C 2010 26.17 -2.31 20.88
C ILE C 2010 26.98 -3.52 20.43
N GLN C 2011 26.32 -4.65 20.22
CA GLN C 2011 27.05 -5.85 19.84
C GLN C 2011 27.83 -5.63 18.56
N PHE C 2012 27.20 -5.02 17.57
CA PHE C 2012 27.91 -4.72 16.34
C PHE C 2012 29.15 -3.88 16.60
N SER C 2013 29.03 -2.84 17.40
CA SER C 2013 30.17 -1.98 17.63
C SER C 2013 31.30 -2.64 18.40
N THR C 2014 30.99 -3.58 19.29
CA THR C 2014 32.07 -4.28 19.97
C THR C 2014 32.85 -5.13 18.99
N MET C 2015 32.17 -5.75 18.06
CA MET C 2015 32.85 -6.59 17.08
C MET C 2015 33.83 -5.80 16.23
N VAL C 2016 33.46 -4.60 15.83
CA VAL C 2016 34.37 -3.77 15.06
C VAL C 2016 35.62 -3.41 15.85
N VAL C 2017 35.47 -2.99 17.09
CA VAL C 2017 36.62 -2.65 17.91
C VAL C 2017 37.52 -3.87 18.11
N ASP C 2018 36.92 -5.03 18.29
CA ASP C 2018 37.69 -6.24 18.46
C ASP C 2018 38.61 -6.51 17.28
N ARG C 2019 38.09 -6.40 16.07
CA ARG C 2019 38.90 -6.61 14.88
C ARG C 2019 40.06 -5.66 14.88
N ALA C 2020 39.85 -4.42 15.28
CA ALA C 2020 40.91 -3.44 15.23
C ALA C 2020 42.07 -3.80 16.11
N LEU C 2021 41.79 -4.23 17.32
CA LEU C 2021 42.85 -4.61 18.24
C LEU C 2021 43.54 -5.90 17.85
N TYR C 2022 42.89 -6.73 17.06
CA TYR C 2022 43.52 -7.95 16.58
C TYR C 2022 44.51 -7.57 15.51
N LEU C 2023 44.07 -6.83 14.50
CA LEU C 2023 44.95 -6.49 13.38
C LEU C 2023 46.08 -5.56 13.76
N ARG C 2024 45.90 -4.76 14.81
CA ARG C 2024 46.95 -3.85 15.25
C ARG C 2024 47.77 -4.47 16.36
N LYS C 2025 47.42 -5.68 16.78
CA LYS C 2025 48.16 -6.39 17.83
C LYS C 2025 48.51 -5.61 19.08
N THR C 2026 47.51 -5.19 19.84
CA THR C 2026 47.74 -4.46 21.06
C THR C 2026 47.20 -5.25 22.24
N VAL C 2027 48.04 -5.53 23.23
CA VAL C 2027 47.58 -6.24 24.42
C VAL C 2027 47.06 -5.26 25.43
N LEU C 2028 47.64 -4.07 25.46
CA LEU C 2028 47.17 -3.04 26.38
C LEU C 2028 45.79 -2.59 25.99
N GLY C 2029 45.52 -2.50 24.71
CA GLY C 2029 44.20 -2.12 24.25
C GLY C 2029 43.17 -3.15 24.57
N LYS C 2030 43.52 -4.43 24.45
CA LYS C 2030 42.59 -5.49 24.76
C LYS C 2030 42.32 -5.50 26.25
N LEU C 2031 43.31 -5.22 27.08
CA LEU C 2031 43.10 -5.16 28.52
C LEU C 2031 42.08 -4.09 28.83
N ALA C 2032 42.27 -2.90 28.31
CA ALA C 2032 41.31 -1.82 28.53
C ALA C 2032 39.92 -2.12 28.03
N PHE C 2033 39.80 -2.73 26.86
CA PHE C 2033 38.49 -3.10 26.34
C PHE C 2033 37.81 -4.11 27.25
N GLN C 2034 38.57 -5.07 27.77
CA GLN C 2034 37.99 -6.03 28.70
C GLN C 2034 37.48 -5.33 29.93
N VAL C 2035 38.32 -4.53 30.59
CA VAL C 2035 37.90 -3.86 31.82
C VAL C 2035 36.61 -3.11 31.59
N ALA C 2036 36.60 -2.26 30.57
CA ALA C 2036 35.40 -1.50 30.27
C ALA C 2036 34.20 -2.38 30.06
N LEU C 2037 34.29 -3.30 29.13
CA LEU C 2037 33.13 -4.12 28.81
C LEU C 2037 32.60 -4.96 29.98
N VAL C 2038 33.49 -5.51 30.81
CA VAL C 2038 33.05 -6.35 31.91
C VAL C 2038 32.18 -5.50 32.80
N LEU C 2039 32.70 -4.35 33.22
CA LEU C 2039 31.93 -3.49 34.11
C LEU C 2039 30.65 -3.03 33.47
N ALA C 2040 30.70 -2.59 32.24
CA ALA C 2040 29.51 -2.07 31.59
C ALA C 2040 28.38 -3.05 31.44
N ILE C 2041 28.68 -4.27 31.00
CA ILE C 2041 27.63 -5.25 30.79
C ILE C 2041 27.07 -5.68 32.12
N HIS C 2042 27.95 -5.84 33.11
CA HIS C 2042 27.50 -6.28 34.42
C HIS C 2042 26.66 -5.23 35.12
N LEU C 2043 26.73 -3.98 34.69
CA LEU C 2043 25.88 -2.95 35.26
C LEU C 2043 24.63 -2.81 34.44
N TRP C 2044 24.76 -2.65 33.13
CA TRP C 2044 23.59 -2.43 32.28
C TRP C 2044 22.59 -3.53 32.36
N MET C 2045 23.03 -4.78 32.34
CA MET C 2045 22.10 -5.88 32.31
C MET C 2045 21.58 -6.25 33.67
N PHE C 2046 22.08 -5.60 34.72
CA PHE C 2046 21.68 -6.00 36.06
C PHE C 2046 21.15 -4.86 36.89
N PHE C 2047 21.03 -3.68 36.29
CA PHE C 2047 20.46 -2.53 36.99
C PHE C 2047 19.54 -1.80 36.03
N ILE C 2048 20.10 -1.27 34.97
CA ILE C 2048 19.31 -0.51 34.00
C ILE C 2048 18.26 -1.35 33.29
N LEU C 2049 18.67 -2.23 32.42
CA LEU C 2049 17.73 -3.07 31.68
C LEU C 2049 16.62 -3.70 32.51
N PRO C 2050 16.94 -4.39 33.62
CA PRO C 2050 15.79 -4.93 34.35
C PRO C 2050 15.24 -3.91 35.33
N ASN C 2060 13.48 -14.62 32.21
CA ASN C 2060 13.96 -14.21 30.91
C ASN C 2060 15.04 -15.15 30.45
N VAL C 2061 14.67 -16.20 29.71
CA VAL C 2061 15.64 -17.16 29.23
C VAL C 2061 16.57 -16.56 28.19
N VAL C 2062 16.05 -15.67 27.37
CA VAL C 2062 16.89 -15.03 26.37
C VAL C 2062 18.03 -14.27 27.05
N ALA C 2063 17.73 -13.40 27.99
CA ALA C 2063 18.80 -12.62 28.59
C ALA C 2063 19.68 -13.47 29.47
N GLN C 2064 19.17 -14.60 29.93
CA GLN C 2064 20.00 -15.51 30.71
C GLN C 2064 21.04 -16.12 29.81
N LEU C 2065 20.67 -16.50 28.59
CA LEU C 2065 21.66 -17.01 27.66
C LEU C 2065 22.60 -15.88 27.28
N TRP C 2066 22.10 -14.85 26.63
CA TRP C 2066 23.00 -13.81 26.20
C TRP C 2066 24.10 -13.74 27.23
N TYR C 2067 23.78 -13.83 28.50
CA TYR C 2067 24.82 -13.65 29.50
C TYR C 2067 25.81 -14.80 29.49
N PHE C 2068 25.35 -16.04 29.47
CA PHE C 2068 26.26 -17.15 29.42
C PHE C 2068 27.20 -17.07 28.23
N VAL C 2069 26.69 -16.71 27.06
CA VAL C 2069 27.53 -16.67 25.88
C VAL C 2069 28.49 -15.50 25.95
N LYS C 2070 28.11 -14.40 26.56
CA LYS C 2070 29.04 -13.28 26.73
C LYS C 2070 30.07 -13.60 27.79
N CYS C 2071 29.76 -14.49 28.72
CA CYS C 2071 30.74 -14.89 29.70
C CYS C 2071 31.82 -15.72 29.05
N ILE C 2072 31.45 -16.55 28.09
CA ILE C 2072 32.44 -17.30 27.35
C ILE C 2072 33.34 -16.38 26.56
N TYR C 2073 32.81 -15.27 26.04
CA TYR C 2073 33.64 -14.31 25.33
C TYR C 2073 34.65 -13.69 26.27
N PHE C 2074 34.25 -13.35 27.49
CA PHE C 2074 35.16 -12.68 28.39
C PHE C 2074 36.24 -13.61 28.86
N ALA C 2075 35.96 -14.91 28.88
CA ALA C 2075 36.96 -15.88 29.27
C ALA C 2075 38.00 -16.06 28.20
N LEU C 2076 37.56 -16.21 26.96
CA LEU C 2076 38.48 -16.41 25.85
C LEU C 2076 39.32 -15.17 25.62
N SER C 2077 38.74 -14.00 25.84
CA SER C 2077 39.48 -12.78 25.69
C SER C 2077 40.61 -12.73 26.67
N ALA C 2078 40.36 -13.11 27.92
CA ALA C 2078 41.38 -13.09 28.95
C ALA C 2078 42.50 -14.03 28.67
N TYR C 2079 42.21 -15.14 28.01
CA TYR C 2079 43.27 -16.05 27.63
C TYR C 2079 44.21 -15.34 26.67
N GLN C 2080 43.69 -14.59 25.72
CA GLN C 2080 44.53 -13.85 24.78
C GLN C 2080 45.35 -12.73 25.43
N ILE C 2081 44.81 -12.00 26.40
CA ILE C 2081 45.58 -10.97 27.10
C ILE C 2081 46.67 -11.58 27.96
N ARG C 2082 46.49 -12.82 28.37
CA ARG C 2082 47.49 -13.48 29.19
C ARG C 2082 48.51 -14.20 28.36
N CYS C 2083 48.15 -14.62 27.16
CA CYS C 2083 49.05 -15.41 26.35
C CYS C 2083 49.80 -14.61 25.30
N GLY C 2084 49.22 -13.52 24.82
CA GLY C 2084 49.90 -12.69 23.84
C GLY C 2084 49.55 -13.08 22.42
N TYR C 2085 49.68 -12.13 21.49
CA TYR C 2085 49.34 -12.39 20.10
C TYR C 2085 50.54 -13.04 19.43
N PRO C 2086 50.30 -13.87 18.41
CA PRO C 2086 51.40 -14.53 17.70
C PRO C 2086 52.15 -13.62 16.73
N THR C 2087 52.79 -14.19 15.72
CA THR C 2087 53.50 -13.37 14.73
C THR C 2087 52.70 -13.26 13.45
N ARG C 2088 52.17 -14.38 12.98
CA ARG C 2088 51.37 -14.37 11.78
C ARG C 2088 49.89 -14.34 12.07
N ILE C 2089 49.29 -13.16 12.03
CA ILE C 2089 47.87 -13.04 12.27
C ILE C 2089 47.07 -12.84 10.99
N LEU C 2090 47.73 -12.69 9.85
CA LEU C 2090 47.02 -12.41 8.61
C LEU C 2090 46.78 -13.65 7.76
N GLY C 2091 45.52 -13.96 7.50
CA GLY C 2091 45.19 -15.11 6.67
C GLY C 2091 43.85 -15.70 7.04
N ASN C 2092 42.97 -15.91 6.07
CA ASN C 2092 41.63 -16.40 6.37
C ASN C 2092 41.60 -17.68 7.14
N PHE C 2093 40.49 -17.94 7.80
CA PHE C 2093 40.38 -19.10 8.63
C PHE C 2093 39.94 -20.30 7.84
N LEU C 2094 39.13 -20.10 6.80
CA LEU C 2094 38.62 -21.26 6.12
C LEU C 2094 39.47 -21.63 4.94
N THR C 2095 40.46 -20.80 4.63
CA THR C 2095 41.29 -21.06 3.47
C THR C 2095 42.62 -21.67 3.83
N LYS C 2096 42.62 -22.65 4.72
CA LYS C 2096 43.86 -23.25 5.14
C LYS C 2096 43.92 -24.66 4.64
N LYS C 2097 42.77 -25.30 4.56
CA LYS C 2097 42.75 -26.64 4.04
C LYS C 2097 41.84 -26.65 2.86
N TYR C 2098 42.18 -27.42 1.84
CA TYR C 2098 41.40 -27.42 0.62
C TYR C 2098 40.54 -28.64 0.47
N ASN C 2099 39.49 -28.75 1.28
CA ASN C 2099 38.66 -29.93 1.24
C ASN C 2099 37.32 -29.65 0.62
N HIS C 2100 36.26 -30.12 1.27
CA HIS C 2100 34.93 -29.89 0.76
C HIS C 2100 34.17 -29.12 1.78
N LEU C 2101 34.45 -29.36 3.05
CA LEU C 2101 33.81 -28.59 4.09
C LEU C 2101 34.21 -27.16 3.92
N ASN C 2102 35.51 -26.93 3.74
CA ASN C 2102 36.00 -25.57 3.62
C ASN C 2102 35.33 -24.85 2.47
N LEU C 2103 35.14 -25.50 1.34
CA LEU C 2103 34.54 -24.85 0.20
C LEU C 2103 33.15 -24.41 0.56
N PHE C 2104 32.38 -25.28 1.19
CA PHE C 2104 31.00 -24.92 1.46
C PHE C 2104 30.83 -23.87 2.53
N LEU C 2105 31.76 -23.80 3.47
CA LEU C 2105 31.68 -22.75 4.46
C LEU C 2105 32.14 -21.43 3.88
N PHE C 2106 33.16 -21.45 3.03
CA PHE C 2106 33.62 -20.24 2.38
C PHE C 2106 32.49 -19.66 1.58
N GLN C 2107 31.89 -20.47 0.73
CA GLN C 2107 30.83 -19.97 -0.13
C GLN C 2107 29.66 -19.47 0.67
N GLY C 2108 29.36 -20.13 1.80
CA GLY C 2108 28.28 -19.66 2.65
C GLY C 2108 28.54 -18.33 3.30
N PHE C 2109 29.77 -18.09 3.73
CA PHE C 2109 30.12 -16.82 4.35
C PHE C 2109 29.99 -15.70 3.34
N ARG C 2110 30.24 -15.98 2.07
CA ARG C 2110 30.10 -14.97 1.05
C ARG C 2110 28.65 -14.58 0.83
N LEU C 2111 27.73 -15.49 1.11
CA LEU C 2111 26.30 -15.22 0.89
C LEU C 2111 25.64 -14.30 1.90
N VAL C 2112 26.09 -14.32 3.16
CA VAL C 2112 25.56 -13.40 4.16
C VAL C 2112 25.74 -11.99 3.68
N PRO C 2113 24.66 -11.21 3.59
CA PRO C 2113 24.81 -9.88 3.01
C PRO C 2113 25.70 -8.89 3.75
N PHE C 2114 26.79 -8.45 3.15
CA PHE C 2114 27.64 -7.42 3.75
C PHE C 2114 28.90 -7.88 4.44
N LEU C 2115 28.99 -9.15 4.81
CA LEU C 2115 30.15 -9.63 5.54
C LEU C 2115 31.42 -9.49 4.75
N VAL C 2116 31.44 -10.01 3.53
CA VAL C 2116 32.63 -9.94 2.70
C VAL C 2116 33.13 -8.53 2.54
N GLU C 2117 32.22 -7.58 2.35
CA GLU C 2117 32.58 -6.20 2.14
C GLU C 2117 33.23 -5.62 3.33
N LEU C 2118 32.55 -5.72 4.45
CA LEU C 2118 33.01 -5.09 5.67
C LEU C 2118 34.34 -5.62 6.11
N ARG C 2119 34.57 -6.91 5.92
CA ARG C 2119 35.86 -7.46 6.26
C ARG C 2119 36.91 -6.74 5.47
N ALA C 2120 36.74 -6.63 4.17
CA ALA C 2120 37.76 -6.02 3.33
C ALA C 2120 38.13 -4.60 3.72
N VAL C 2121 37.14 -3.75 3.91
CA VAL C 2121 37.43 -2.37 4.24
C VAL C 2121 38.07 -2.30 5.61
N MET C 2122 37.57 -3.06 6.58
CA MET C 2122 38.12 -3.01 7.91
C MET C 2122 39.58 -3.42 7.92
N ASP C 2123 39.91 -4.45 7.18
CA ASP C 2123 41.28 -4.90 7.18
C ASP C 2123 42.16 -3.88 6.51
N TRP C 2124 41.61 -3.07 5.62
CA TRP C 2124 42.44 -2.13 4.93
C TRP C 2124 42.80 -1.04 5.87
N VAL C 2125 41.81 -0.48 6.55
CA VAL C 2125 42.06 0.64 7.43
C VAL C 2125 43.14 0.32 8.45
N TRP C 2126 43.09 -0.87 9.05
CA TRP C 2126 44.04 -1.21 10.11
C TRP C 2126 45.37 -1.88 9.73
N THR C 2127 45.46 -2.57 8.60
CA THR C 2127 46.73 -3.14 8.18
C THR C 2127 47.52 -2.12 7.40
N ASP C 2128 48.84 -2.14 7.50
CA ASP C 2128 49.68 -1.17 6.81
C ASP C 2128 49.97 -1.59 5.40
N THR C 2129 49.49 -0.85 4.43
CA THR C 2129 49.65 -1.24 3.05
C THR C 2129 50.02 -0.05 2.21
N THR C 2130 50.60 -0.26 1.05
CA THR C 2130 50.96 0.82 0.16
C THR C 2130 49.91 1.01 -0.89
N LEU C 2131 48.97 0.07 -1.00
CA LEU C 2131 47.96 0.13 -2.04
C LEU C 2131 46.73 0.88 -1.59
N SER C 2132 45.86 1.26 -2.52
CA SER C 2132 44.67 2.02 -2.20
C SER C 2132 43.54 1.12 -1.78
N LEU C 2133 42.31 1.47 -2.09
CA LEU C 2133 41.23 0.56 -1.78
C LEU C 2133 40.83 -0.17 -3.02
N SER C 2134 40.90 0.49 -4.16
CA SER C 2134 40.60 -0.20 -5.39
C SER C 2134 41.54 -1.36 -5.55
N SER C 2135 42.81 -1.14 -5.30
CA SER C 2135 43.78 -2.20 -5.49
C SER C 2135 43.77 -3.23 -4.39
N TRP C 2136 43.42 -2.85 -3.18
CA TRP C 2136 43.31 -3.83 -2.14
C TRP C 2136 42.23 -4.76 -2.54
N MET C 2137 41.09 -4.26 -2.96
CA MET C 2137 39.97 -5.13 -3.24
C MET C 2137 40.11 -5.95 -4.49
N CYS C 2138 41.09 -5.67 -5.33
CA CYS C 2138 41.30 -6.49 -6.49
C CYS C 2138 42.24 -7.62 -6.13
N VAL C 2139 43.07 -7.47 -5.11
CA VAL C 2139 43.92 -8.57 -4.65
C VAL C 2139 43.07 -9.55 -3.87
N GLU C 2140 42.10 -9.04 -3.13
CA GLU C 2140 41.23 -9.92 -2.38
C GLU C 2140 40.26 -10.71 -3.24
N ASP C 2141 39.92 -10.21 -4.42
CA ASP C 2141 39.05 -10.96 -5.30
C ASP C 2141 39.79 -12.04 -6.04
N ILE C 2142 40.99 -11.75 -6.52
CA ILE C 2142 41.78 -12.76 -7.15
C ILE C 2142 41.95 -13.92 -6.19
N TYR C 2143 42.20 -13.66 -4.91
CA TYR C 2143 42.42 -14.75 -3.95
C TYR C 2143 41.21 -15.59 -3.69
N ALA C 2144 40.05 -14.97 -3.58
CA ALA C 2144 38.84 -15.74 -3.38
C ALA C 2144 38.58 -16.69 -4.52
N ASN C 2145 38.75 -16.26 -5.75
CA ASN C 2145 38.45 -17.12 -6.87
C ASN C 2145 39.52 -18.15 -7.14
N ILE C 2146 40.77 -17.88 -6.81
CA ILE C 2146 41.81 -18.87 -6.98
C ILE C 2146 41.64 -19.94 -5.91
N PHE C 2147 41.09 -19.60 -4.76
CA PHE C 2147 40.83 -20.60 -3.75
C PHE C 2147 39.76 -21.54 -4.24
N ILE C 2148 38.65 -21.02 -4.73
CA ILE C 2148 37.55 -21.88 -5.14
C ILE C 2148 37.97 -22.83 -6.25
N ILE C 2149 38.78 -22.38 -7.19
CA ILE C 2149 39.25 -23.28 -8.23
C ILE C 2149 40.15 -24.32 -7.59
N LYS C 2150 40.98 -23.95 -6.63
CA LYS C 2150 41.90 -24.92 -6.03
C LYS C 2150 41.14 -26.01 -5.33
N CYS C 2151 40.11 -25.67 -4.59
CA CYS C 2151 39.30 -26.67 -3.94
C CYS C 2151 38.70 -27.67 -4.91
N SER C 2152 38.15 -27.20 -6.02
CA SER C 2152 37.57 -28.08 -7.01
C SER C 2152 38.59 -28.93 -7.73
N ARG C 2153 39.79 -28.44 -7.91
CA ARG C 2153 40.82 -29.23 -8.56
C ARG C 2153 41.22 -30.37 -7.64
N GLU C 2154 41.27 -30.11 -6.34
CA GLU C 2154 41.58 -31.17 -5.41
C GLU C 2154 40.52 -32.27 -5.42
N THR C 2155 39.25 -31.92 -5.29
CA THR C 2155 38.23 -32.96 -5.22
C THR C 2155 38.29 -33.86 -6.43
N GLU C 2156 38.68 -33.33 -7.58
CA GLU C 2156 38.69 -34.14 -8.79
C GLU C 2156 39.96 -34.90 -8.98
N LYS C 2157 40.82 -34.91 -7.96
CA LYS C 2157 42.02 -35.71 -8.03
C LYS C 2157 41.83 -36.82 -7.03
N LYS C 2158 41.05 -36.55 -6.00
CA LYS C 2158 40.80 -37.56 -4.99
C LYS C 2158 39.74 -38.51 -5.48
N TYR C 2159 38.77 -37.99 -6.20
CA TYR C 2159 37.68 -38.82 -6.71
C TYR C 2159 37.59 -38.71 -8.21
N PRO C 2160 38.49 -39.37 -8.94
CA PRO C 2160 38.48 -39.19 -10.39
C PRO C 2160 37.30 -39.82 -11.09
N GLN C 2161 37.04 -39.41 -12.34
CA GLN C 2161 35.96 -39.99 -13.11
C GLN C 2161 36.52 -40.49 -14.43
N PRO C 2162 36.14 -41.69 -14.85
CA PRO C 2162 36.70 -42.27 -16.08
C PRO C 2162 36.43 -41.46 -17.32
N LYS C 2163 37.28 -41.59 -18.34
CA LYS C 2163 37.12 -40.80 -19.55
C LYS C 2163 36.02 -41.33 -20.43
N GLY C 2164 34.98 -40.55 -20.65
CA GLY C 2164 33.89 -40.96 -21.50
C GLY C 2164 32.79 -41.64 -20.74
N GLN C 2165 32.57 -41.21 -19.51
CA GLN C 2165 31.57 -41.84 -18.68
C GLN C 2165 30.45 -40.87 -18.46
N LYS C 2166 29.23 -41.26 -18.82
CA LYS C 2166 28.09 -40.37 -18.68
C LYS C 2166 27.83 -39.99 -17.24
N LYS C 2167 27.39 -38.76 -17.04
CA LYS C 2167 27.06 -38.33 -15.70
C LYS C 2167 25.89 -39.15 -15.24
N LYS C 2168 25.94 -39.67 -14.01
CA LYS C 2168 24.88 -40.57 -13.53
C LYS C 2168 23.53 -39.92 -13.47
N LYS C 2169 22.49 -40.69 -13.81
CA LYS C 2169 21.14 -40.14 -13.83
C LYS C 2169 20.66 -39.51 -12.55
N ILE C 2170 21.05 -40.05 -11.41
CA ILE C 2170 20.63 -39.50 -10.13
C ILE C 2170 21.07 -38.05 -9.98
N VAL C 2171 22.35 -37.76 -10.24
CA VAL C 2171 22.85 -36.40 -10.13
C VAL C 2171 22.05 -35.47 -10.99
N LYS C 2172 21.84 -35.88 -12.24
CA LYS C 2172 21.09 -35.06 -13.16
C LYS C 2172 19.71 -34.79 -12.65
N TYR C 2173 18.96 -35.83 -12.31
CA TYR C 2173 17.57 -35.65 -11.90
C TYR C 2173 17.44 -34.86 -10.62
N GLY C 2174 18.45 -34.90 -9.78
CA GLY C 2174 18.41 -34.14 -8.55
C GLY C 2174 18.60 -32.67 -8.82
N MET C 2175 19.74 -32.30 -9.37
CA MET C 2175 20.03 -30.89 -9.63
C MET C 2175 18.98 -30.29 -10.54
N GLY C 2176 18.81 -30.89 -11.70
CA GLY C 2176 17.83 -30.39 -12.64
C GLY C 2176 16.47 -30.29 -12.03
N GLY C 2177 16.03 -31.34 -11.36
CA GLY C 2177 14.72 -31.35 -10.76
C GLY C 2177 14.44 -30.15 -9.90
N LEU C 2178 15.36 -29.84 -8.99
CA LEU C 2178 15.18 -28.70 -8.11
C LEU C 2178 15.00 -27.42 -8.89
N ILE C 2179 15.85 -27.19 -9.88
CA ILE C 2179 15.79 -25.95 -10.63
C ILE C 2179 14.43 -25.82 -11.30
N ILE C 2180 13.99 -26.86 -11.98
CA ILE C 2180 12.70 -26.81 -12.65
C ILE C 2180 11.61 -26.46 -11.65
N LEU C 2181 11.60 -27.15 -10.51
CA LEU C 2181 10.60 -26.88 -9.48
C LEU C 2181 10.60 -25.43 -9.02
N PHE C 2182 11.78 -24.86 -8.81
CA PHE C 2182 11.87 -23.48 -8.38
C PHE C 2182 11.16 -22.56 -9.36
N LEU C 2183 11.34 -22.82 -10.65
CA LEU C 2183 10.73 -21.97 -11.66
C LEU C 2183 9.21 -22.04 -11.64
N ILE C 2184 8.66 -23.23 -11.45
CA ILE C 2184 7.22 -23.34 -11.33
C ILE C 2184 6.73 -22.62 -10.09
N ALA C 2185 7.49 -22.70 -9.02
CA ALA C 2185 7.09 -22.06 -7.77
C ALA C 2185 7.37 -20.57 -7.76
N ILE C 2186 7.88 -20.02 -8.85
CA ILE C 2186 8.07 -18.57 -8.92
C ILE C 2186 7.06 -18.03 -9.90
N ILE C 2187 6.25 -18.91 -10.47
CA ILE C 2187 5.20 -18.47 -11.37
C ILE C 2187 3.83 -18.83 -10.83
N TRP C 2188 3.56 -20.12 -10.66
CA TRP C 2188 2.24 -20.55 -10.23
C TRP C 2188 1.97 -20.34 -8.75
N PHE C 2189 2.88 -20.74 -7.89
CA PHE C 2189 2.61 -20.63 -6.44
C PHE C 2189 2.19 -19.25 -5.92
N PRO C 2190 2.86 -18.16 -6.35
CA PRO C 2190 2.33 -16.87 -5.88
C PRO C 2190 0.85 -16.71 -6.17
N LEU C 2191 0.43 -16.94 -7.41
CA LEU C 2191 -0.97 -16.85 -7.76
C LEU C 2191 -1.81 -17.74 -6.87
N LEU C 2192 -1.41 -18.98 -6.69
CA LEU C 2192 -2.16 -19.91 -5.86
C LEU C 2192 -2.42 -19.35 -4.47
N PHE C 2193 -1.38 -18.81 -3.82
CA PHE C 2193 -1.53 -18.28 -2.46
C PHE C 2193 -2.50 -17.13 -2.40
N MET C 2194 -2.45 -16.24 -3.38
CA MET C 2194 -3.38 -15.13 -3.42
C MET C 2194 -4.81 -15.62 -3.55
N SER C 2195 -5.01 -16.63 -4.40
CA SER C 2195 -6.34 -17.20 -4.57
C SER C 2195 -6.80 -17.96 -3.35
N LEU C 2196 -5.87 -18.48 -2.56
CA LEU C 2196 -6.25 -19.17 -1.34
C LEU C 2196 -6.81 -18.16 -0.37
N VAL C 2197 -6.20 -16.98 -0.32
CA VAL C 2197 -6.67 -15.92 0.58
C VAL C 2197 -8.12 -15.60 0.24
N ARG C 2198 -8.45 -15.64 -1.05
CA ARG C 2198 -9.81 -15.29 -1.48
C ARG C 2198 -10.90 -16.28 -1.09
N SER C 2199 -10.53 -17.42 -0.54
CA SER C 2199 -11.53 -18.39 -0.09
C SER C 2199 -11.97 -18.10 1.34
N VAL C 2200 -12.85 -17.13 1.51
CA VAL C 2200 -13.33 -16.76 2.85
C VAL C 2200 -14.86 -16.72 2.88
N VAL C 2201 -15.43 -16.17 3.95
CA VAL C 2201 -16.88 -16.12 4.10
C VAL C 2201 -17.43 -14.71 4.37
N GLY C 2202 -18.76 -14.60 4.39
CA GLY C 2202 -19.45 -13.37 4.76
C GLY C 2202 -20.27 -13.57 6.01
N VAL C 2203 -20.61 -12.50 6.72
CA VAL C 2203 -21.32 -12.62 7.98
C VAL C 2203 -22.78 -12.17 7.91
N VAL C 2204 -23.68 -12.96 8.48
CA VAL C 2204 -25.11 -12.60 8.50
C VAL C 2204 -25.32 -11.44 9.49
N ASN C 2205 -25.38 -10.21 8.98
CA ASN C 2205 -25.69 -9.05 9.80
C ASN C 2205 -27.20 -8.76 9.78
N GLN C 2206 -27.92 -9.55 10.59
CA GLN C 2206 -29.35 -9.32 10.86
C GLN C 2206 -29.53 -7.96 11.59
N PRO C 2207 -30.58 -7.20 11.28
CA PRO C 2207 -30.89 -5.99 12.04
C PRO C 2207 -31.14 -6.32 13.53
N ILE C 2208 -30.67 -5.43 14.40
CA ILE C 2208 -30.93 -5.44 15.85
C ILE C 2208 -32.27 -4.77 16.15
N ASP C 2209 -32.56 -3.68 15.44
CA ASP C 2209 -33.80 -2.90 15.53
C ASP C 2209 -34.31 -2.58 14.13
N VAL C 2210 -35.61 -2.75 13.94
CA VAL C 2210 -36.36 -2.38 12.74
C VAL C 2210 -37.35 -1.29 13.14
N THR C 2211 -36.91 -0.03 12.97
CA THR C 2211 -37.72 1.14 13.32
C THR C 2211 -38.56 1.58 12.12
N VAL C 2212 -39.87 1.66 12.32
CA VAL C 2212 -40.86 1.98 11.29
C VAL C 2212 -41.71 3.16 11.75
N THR C 2213 -41.88 4.15 10.87
CA THR C 2213 -42.72 5.33 11.14
C THR C 2213 -43.69 5.60 10.01
N LEU C 2214 -44.92 5.97 10.35
CA LEU C 2214 -45.91 6.48 9.41
C LEU C 2214 -46.19 7.94 9.71
N LYS C 2215 -45.75 8.84 8.84
CA LYS C 2215 -45.86 10.29 9.00
C LYS C 2215 -46.79 10.88 7.95
N LEU C 2216 -47.80 11.64 8.39
CA LEU C 2216 -48.64 12.42 7.49
C LEU C 2216 -48.07 13.84 7.32
N GLY C 2217 -47.55 14.15 6.14
CA GLY C 2217 -47.02 15.45 5.76
C GLY C 2217 -45.94 15.98 6.72
N GLY C 2218 -46.10 17.24 7.13
CA GLY C 2218 -45.22 17.88 8.11
C GLY C 2218 -45.38 17.38 9.55
N TYR C 2219 -46.56 16.83 9.90
CA TYR C 2219 -47.02 16.57 11.27
C TYR C 2219 -46.25 15.47 12.02
N GLU C 2220 -46.40 15.41 13.33
CA GLU C 2220 -45.80 14.33 14.14
C GLU C 2220 -46.23 12.95 13.60
N PRO C 2221 -45.34 11.94 13.55
CA PRO C 2221 -45.70 10.61 13.06
C PRO C 2221 -46.93 10.07 13.77
N LEU C 2222 -47.86 9.54 12.98
CA LEU C 2222 -49.09 8.92 13.48
C LEU C 2222 -48.74 7.65 14.26
N PHE C 2223 -47.84 6.87 13.69
CA PHE C 2223 -47.37 5.60 14.22
C PHE C 2223 -45.85 5.56 14.23
N THR C 2224 -45.28 5.09 15.35
CA THR C 2224 -43.85 4.73 15.47
C THR C 2224 -43.73 3.41 16.22
N MET C 2225 -42.99 2.46 15.67
CA MET C 2225 -42.68 1.19 16.34
C MET C 2225 -41.24 0.76 16.04
N SER C 2226 -40.57 0.18 17.03
CA SER C 2226 -39.21 -0.35 16.99
C SER C 2226 -39.27 -1.86 17.25
N ALA C 2227 -39.29 -2.66 16.20
CA ALA C 2227 -39.29 -4.11 16.33
C ALA C 2227 -37.85 -4.57 16.59
N GLN C 2228 -37.55 -4.85 17.86
CA GLN C 2228 -36.20 -5.26 18.25
C GLN C 2228 -35.98 -6.74 18.11
N GLN C 2229 -34.79 -7.21 18.48
CA GLN C 2229 -34.44 -8.63 18.33
C GLN C 2229 -35.49 -9.72 18.59
N PRO C 2230 -36.30 -9.62 19.67
CA PRO C 2230 -37.34 -10.65 19.79
C PRO C 2230 -38.31 -10.65 18.62
N SER C 2231 -38.93 -9.50 18.33
CA SER C 2231 -39.88 -9.39 17.23
C SER C 2231 -39.21 -9.73 15.91
N ILE C 2232 -37.91 -9.49 15.83
CA ILE C 2232 -37.14 -9.83 14.63
C ILE C 2232 -36.88 -11.35 14.63
N ILE C 2233 -37.61 -12.08 13.78
CA ILE C 2233 -37.57 -13.55 13.70
C ILE C 2233 -36.90 -13.98 12.39
N PRO C 2234 -35.75 -14.69 12.40
CA PRO C 2234 -35.15 -15.23 11.17
C PRO C 2234 -36.04 -16.31 10.54
N PHE C 2235 -36.00 -16.43 9.21
CA PHE C 2235 -36.79 -17.42 8.50
C PHE C 2235 -36.40 -18.85 8.90
N THR C 2236 -37.38 -19.64 9.30
CA THR C 2236 -37.20 -21.09 9.39
C THR C 2236 -37.08 -21.69 7.99
N ALA C 2237 -36.53 -22.90 7.87
CA ALA C 2237 -36.54 -23.62 6.59
C ALA C 2237 -37.97 -23.80 6.03
N GLN C 2238 -38.96 -23.94 6.91
CA GLN C 2238 -40.38 -24.00 6.54
C GLN C 2238 -40.88 -22.65 5.98
N ALA C 2239 -40.59 -21.53 6.64
CA ALA C 2239 -40.94 -20.20 6.13
C ALA C 2239 -40.24 -19.88 4.79
N TYR C 2240 -39.02 -20.39 4.59
CA TYR C 2240 -38.30 -20.27 3.32
C TYR C 2240 -38.93 -21.12 2.21
N GLU C 2241 -39.33 -22.36 2.51
CA GLU C 2241 -40.12 -23.20 1.61
C GLU C 2241 -41.50 -22.59 1.29
N GLU C 2242 -42.16 -21.97 2.26
CA GLU C 2242 -43.45 -21.30 2.08
C GLU C 2242 -43.34 -20.05 1.21
N LEU C 2243 -42.31 -19.23 1.41
CA LEU C 2243 -42.00 -18.10 0.53
C LEU C 2243 -41.63 -18.57 -0.89
N SER C 2244 -40.86 -19.65 -0.99
CA SER C 2244 -40.52 -20.27 -2.28
C SER C 2244 -41.79 -20.76 -2.99
N ARG C 2245 -42.69 -21.47 -2.30
CA ARG C 2245 -44.00 -21.90 -2.85
C ARG C 2245 -44.92 -20.74 -3.19
N GLN C 2246 -44.84 -19.61 -2.47
CA GLN C 2246 -45.61 -18.40 -2.80
C GLN C 2246 -45.14 -17.78 -4.13
N PHE C 2247 -43.85 -17.84 -4.43
CA PHE C 2247 -43.24 -17.16 -5.58
C PHE C 2247 -42.78 -18.07 -6.73
N ASP C 2248 -42.96 -19.38 -6.62
CA ASP C 2248 -42.75 -20.40 -7.66
C ASP C 2248 -43.30 -19.98 -9.06
N PRO C 2249 -44.45 -19.27 -9.18
CA PRO C 2249 -44.94 -18.76 -10.47
C PRO C 2249 -44.12 -17.59 -11.08
N GLN C 2250 -43.37 -16.84 -10.28
CA GLN C 2250 -42.52 -15.72 -10.74
C GLN C 2250 -41.04 -16.17 -10.80
N PRO C 2251 -40.49 -16.48 -11.99
CA PRO C 2251 -39.10 -16.94 -12.09
C PRO C 2251 -38.08 -15.88 -11.63
N LEU C 2252 -38.38 -14.59 -11.78
CA LEU C 2252 -37.55 -13.48 -11.27
C LEU C 2252 -37.57 -13.40 -9.73
N ALA C 2253 -38.71 -13.70 -9.10
CA ALA C 2253 -38.82 -13.78 -7.65
C ALA C 2253 -38.04 -14.96 -7.10
N MET C 2254 -38.16 -16.14 -7.70
CA MET C 2254 -37.38 -17.33 -7.32
C MET C 2254 -35.88 -17.12 -7.51
N GLN C 2255 -35.46 -16.48 -8.62
CA GLN C 2255 -34.06 -16.08 -8.81
C GLN C 2255 -33.58 -15.13 -7.71
N PHE C 2256 -34.41 -14.22 -7.21
CA PHE C 2256 -34.06 -13.35 -6.09
C PHE C 2256 -34.01 -14.10 -4.75
N ILE C 2257 -35.06 -14.87 -4.40
CA ILE C 2257 -35.13 -15.65 -3.15
C ILE C 2257 -33.93 -16.58 -3.03
N SER C 2258 -33.55 -17.26 -4.13
CA SER C 2258 -32.41 -18.19 -4.16
C SER C 2258 -31.03 -17.56 -3.91
N GLN C 2259 -30.92 -16.23 -3.88
CA GLN C 2259 -29.68 -15.51 -3.53
C GLN C 2259 -29.48 -15.37 -2.01
N TYR C 2260 -30.53 -15.60 -1.21
CA TYR C 2260 -30.53 -15.42 0.23
C TYR C 2260 -30.75 -16.76 0.95
N SER C 2261 -30.07 -16.94 2.09
CA SER C 2261 -30.25 -18.08 3.01
C SER C 2261 -31.45 -17.82 3.95
N PRO C 2262 -32.05 -18.84 4.58
CA PRO C 2262 -33.08 -18.62 5.62
C PRO C 2262 -32.61 -17.72 6.78
N GLU C 2263 -31.31 -17.69 7.09
CA GLU C 2263 -30.74 -16.82 8.12
C GLU C 2263 -30.62 -15.34 7.69
N ASP C 2264 -30.53 -15.08 6.38
CA ASP C 2264 -30.41 -13.74 5.79
C ASP C 2264 -31.76 -13.02 5.69
N ILE C 2265 -32.83 -13.81 5.59
CA ILE C 2265 -34.20 -13.30 5.54
C ILE C 2265 -34.76 -13.28 6.96
N VAL C 2266 -35.15 -12.09 7.45
CA VAL C 2266 -35.81 -11.94 8.76
C VAL C 2266 -37.22 -11.37 8.58
N THR C 2267 -38.17 -11.88 9.35
CA THR C 2267 -39.48 -11.25 9.53
C THR C 2267 -39.39 -10.34 10.74
N ALA C 2268 -39.46 -9.02 10.52
CA ALA C 2268 -39.77 -8.09 11.60
C ALA C 2268 -41.28 -8.11 11.84
N GLN C 2269 -41.70 -8.68 12.97
CA GLN C 2269 -43.07 -8.60 13.45
C GLN C 2269 -43.29 -7.25 14.12
N ILE C 2270 -43.63 -6.25 13.30
CA ILE C 2270 -43.89 -4.89 13.77
C ILE C 2270 -45.27 -4.87 14.43
N GLU C 2271 -45.34 -4.57 15.72
CA GLU C 2271 -46.61 -4.39 16.42
C GLU C 2271 -47.43 -3.24 15.82
N GLY C 2272 -48.70 -3.49 15.53
CA GLY C 2272 -49.60 -2.56 14.86
C GLY C 2272 -50.13 -1.43 15.73
N SER C 2273 -49.98 -1.50 17.05
CA SER C 2273 -50.23 -0.34 17.93
C SER C 2273 -48.99 0.54 18.00
N SER C 2274 -49.13 1.86 17.82
CA SER C 2274 -48.00 2.78 17.96
C SER C 2274 -47.36 2.66 19.35
N GLY C 2275 -46.04 2.42 19.41
CA GLY C 2275 -45.26 2.34 20.65
C GLY C 2275 -45.10 3.70 21.35
N ALA C 2276 -45.52 4.78 20.71
CA ALA C 2276 -45.64 6.11 21.30
C ALA C 2276 -47.07 6.66 21.18
N LEU C 2277 -47.51 7.33 22.25
CA LEU C 2277 -48.66 8.23 22.22
C LEU C 2277 -48.44 9.33 21.16
N TRP C 2278 -49.51 9.70 20.46
CA TRP C 2278 -49.47 10.73 19.44
C TRP C 2278 -49.50 12.12 20.10
N ARG C 2279 -48.38 12.68 20.44
CA ARG C 2279 -48.44 13.92 21.21
C ARG C 2279 -49.11 15.08 20.57
N ILE C 2280 -49.31 15.14 19.31
CA ILE C 2280 -49.56 16.25 18.40
C ILE C 2280 -50.19 17.45 19.14
N SER C 2281 -49.65 18.63 18.91
CA SER C 2281 -50.22 19.83 19.53
C SER C 2281 -51.67 20.04 19.06
N PRO C 2282 -52.61 20.49 19.93
CA PRO C 2282 -53.97 20.80 19.51
C PRO C 2282 -54.08 21.71 18.27
N PRO C 2283 -53.26 22.79 18.10
CA PRO C 2283 -53.28 23.56 16.85
C PRO C 2283 -52.73 22.77 15.65
N SER C 2284 -51.68 21.94 15.82
CA SER C 2284 -51.20 21.06 14.74
C SER C 2284 -52.27 20.05 14.31
N ARG C 2285 -53.00 19.44 15.26
CA ARG C 2285 -54.12 18.53 14.98
C ARG C 2285 -55.28 19.25 14.27
N ALA C 2286 -55.61 20.46 14.71
CA ALA C 2286 -56.62 21.29 14.04
C ALA C 2286 -56.18 21.68 12.62
N GLN C 2287 -54.89 21.96 12.40
CA GLN C 2287 -54.34 22.24 11.08
C GLN C 2287 -54.36 21.00 10.18
N MET C 2288 -53.92 19.84 10.69
CA MET C 2288 -54.00 18.56 9.99
C MET C 2288 -55.44 18.21 9.60
N LYS C 2289 -56.41 18.41 10.50
CA LYS C 2289 -57.83 18.23 10.20
C LYS C 2289 -58.30 19.18 9.09
N ARG C 2290 -57.92 20.47 9.14
CA ARG C 2290 -58.22 21.43 8.05
C ARG C 2290 -57.56 21.05 6.73
N GLU C 2291 -56.32 20.56 6.75
CA GLU C 2291 -55.58 20.19 5.55
C GLU C 2291 -56.14 18.91 4.92
N LEU C 2292 -56.57 17.94 5.73
CA LEU C 2292 -57.26 16.74 5.25
C LEU C 2292 -58.62 17.06 4.60
N TYR C 2293 -59.48 17.87 5.26
CA TYR C 2293 -60.79 18.23 4.71
C TYR C 2293 -60.75 19.28 3.59
N ASN C 2294 -59.99 20.36 3.78
CA ASN C 2294 -60.06 21.58 2.94
C ASN C 2294 -58.75 21.86 2.17
N GLY C 2295 -57.68 21.09 2.39
CA GLY C 2295 -56.41 21.30 1.71
C GLY C 2295 -56.49 20.94 0.22
N THR C 2296 -56.10 21.87 -0.64
CA THR C 2296 -56.05 21.70 -2.09
C THR C 2296 -54.76 21.04 -2.58
N ALA C 2297 -53.67 21.13 -1.82
CA ALA C 2297 -52.42 20.43 -2.08
C ALA C 2297 -52.47 18.96 -1.65
N ASP C 2298 -51.74 18.10 -2.33
CA ASP C 2298 -51.57 16.69 -1.93
C ASP C 2298 -50.86 16.59 -0.58
N ILE C 2299 -51.44 15.82 0.35
CA ILE C 2299 -50.83 15.60 1.66
C ILE C 2299 -50.05 14.27 1.61
N THR C 2300 -48.74 14.34 1.76
CA THR C 2300 -47.83 13.21 1.57
C THR C 2300 -47.83 12.27 2.77
N LEU C 2301 -48.37 11.07 2.62
CA LEU C 2301 -48.26 10.01 3.61
C LEU C 2301 -46.94 9.26 3.40
N ARG C 2302 -45.99 9.49 4.31
CA ARG C 2302 -44.64 8.91 4.25
C ARG C 2302 -44.52 7.74 5.22
N PHE C 2303 -44.32 6.54 4.67
CA PHE C 2303 -43.96 5.35 5.43
C PHE C 2303 -42.44 5.17 5.36
N THR C 2304 -41.74 5.17 6.49
CA THR C 2304 -40.28 5.01 6.55
C THR C 2304 -39.90 3.78 7.33
N TRP C 2305 -38.85 3.09 6.90
CA TRP C 2305 -38.23 2.01 7.65
C TRP C 2305 -36.73 2.28 7.77
N ASN C 2306 -36.15 1.92 8.92
CA ASN C 2306 -34.75 2.12 9.24
C ASN C 2306 -34.26 0.93 10.07
N PHE C 2307 -33.24 0.25 9.54
CA PHE C 2307 -32.69 -0.98 10.07
C PHE C 2307 -31.34 -0.69 10.73
N GLN C 2308 -31.26 -0.83 12.05
CA GLN C 2308 -30.00 -0.75 12.78
C GLN C 2308 -29.31 -2.12 12.74
N ARG C 2309 -28.02 -2.16 12.38
CA ARG C 2309 -27.19 -3.37 12.30
C ARG C 2309 -26.07 -3.37 13.33
N ASP C 2310 -25.55 -4.56 13.61
CA ASP C 2310 -24.44 -4.74 14.54
C ASP C 2310 -23.10 -4.47 13.85
N LEU C 2311 -22.47 -3.32 14.11
CA LEU C 2311 -21.14 -3.02 13.58
C LEU C 2311 -20.07 -4.03 14.05
N ALA C 2312 -20.25 -4.71 15.18
CA ALA C 2312 -19.33 -5.76 15.65
C ALA C 2312 -19.43 -7.05 14.81
N LYS C 2313 -20.51 -7.26 14.05
CA LYS C 2313 -20.61 -8.32 13.03
C LYS C 2313 -20.01 -7.92 11.67
N GLY C 2314 -19.63 -6.65 11.50
CA GLY C 2314 -19.00 -6.11 10.29
C GLY C 2314 -19.92 -5.31 9.39
N GLY C 2315 -19.34 -4.75 8.33
CA GLY C 2315 -19.96 -3.69 7.53
C GLY C 2315 -19.57 -2.29 8.03
N THR C 2316 -19.75 -1.27 7.19
CA THR C 2316 -19.37 0.12 7.47
C THR C 2316 -20.56 1.03 7.74
N VAL C 2317 -21.79 0.50 7.69
CA VAL C 2317 -23.04 1.26 7.75
C VAL C 2317 -23.94 0.64 8.82
N GLU C 2318 -24.10 1.34 9.95
CA GLU C 2318 -24.96 0.93 11.06
C GLU C 2318 -26.45 1.01 10.70
N TYR C 2319 -26.86 2.03 9.93
CA TYR C 2319 -28.26 2.31 9.59
C TYR C 2319 -28.52 2.21 8.09
N ALA C 2320 -29.38 1.27 7.69
CA ALA C 2320 -29.94 1.22 6.34
C ALA C 2320 -31.41 1.65 6.38
N ASN C 2321 -31.78 2.71 5.66
CA ASN C 2321 -33.12 3.29 5.67
C ASN C 2321 -33.64 3.62 4.27
N GLU C 2322 -34.96 3.70 4.14
CA GLU C 2322 -35.63 4.24 2.94
C GLU C 2322 -37.06 4.71 3.30
N LYS C 2323 -37.74 5.36 2.34
CA LYS C 2323 -39.10 5.90 2.50
C LYS C 2323 -39.99 5.61 1.29
N HIS C 2324 -41.22 5.16 1.54
CA HIS C 2324 -42.32 5.26 0.59
C HIS C 2324 -43.14 6.53 0.84
N MET C 2325 -43.73 7.11 -0.20
CA MET C 2325 -44.47 8.38 -0.13
C MET C 2325 -45.70 8.35 -1.04
N LEU C 2326 -46.89 8.15 -0.45
CA LEU C 2326 -48.16 8.25 -1.17
C LEU C 2326 -48.71 9.68 -1.10
N ALA C 2327 -49.06 10.25 -2.26
CA ALA C 2327 -49.78 11.51 -2.37
C ALA C 2327 -51.29 11.28 -2.12
N LEU C 2328 -51.80 11.65 -0.94
CA LEU C 2328 -53.24 11.58 -0.67
C LEU C 2328 -53.95 12.75 -1.35
N ALA C 2329 -54.40 12.51 -2.58
CA ALA C 2329 -55.05 13.50 -3.44
C ALA C 2329 -56.20 14.25 -2.74
N PRO C 2330 -56.40 15.55 -2.99
CA PRO C 2330 -57.53 16.30 -2.47
C PRO C 2330 -58.85 15.62 -2.84
N ASN C 2331 -59.83 15.64 -1.92
CA ASN C 2331 -61.12 14.93 -2.06
C ASN C 2331 -61.07 13.39 -2.21
N SER C 2332 -59.91 12.73 -2.15
CA SER C 2332 -59.85 11.25 -2.16
C SER C 2332 -60.56 10.61 -0.96
N THR C 2333 -61.07 9.39 -1.14
CA THR C 2333 -61.77 8.63 -0.10
C THR C 2333 -60.91 8.43 1.14
N ALA C 2334 -59.66 7.99 0.96
CA ALA C 2334 -58.69 7.82 2.04
C ALA C 2334 -58.43 9.13 2.79
N ARG C 2335 -58.26 10.26 2.09
CA ARG C 2335 -58.04 11.57 2.73
C ARG C 2335 -59.25 11.99 3.57
N ARG C 2336 -60.48 11.81 3.08
CA ARG C 2336 -61.71 12.11 3.84
C ARG C 2336 -61.92 11.16 5.03
N GLN C 2337 -61.65 9.87 4.89
CA GLN C 2337 -61.78 8.89 5.97
C GLN C 2337 -60.73 9.10 7.07
N LEU C 2338 -59.51 9.48 6.72
CA LEU C 2338 -58.49 9.88 7.70
C LEU C 2338 -58.85 11.22 8.37
N ALA C 2339 -59.59 12.10 7.68
CA ALA C 2339 -60.18 13.31 8.26
C ALA C 2339 -61.32 13.01 9.27
N SER C 2340 -62.19 12.04 8.99
CA SER C 2340 -63.28 11.63 9.91
C SER C 2340 -62.77 10.89 11.14
N LEU C 2341 -61.70 10.09 11.01
CA LEU C 2341 -61.00 9.51 12.16
C LEU C 2341 -60.58 10.56 13.20
N LEU C 2342 -60.12 11.74 12.77
CA LEU C 2342 -59.75 12.83 13.68
C LEU C 2342 -60.92 13.45 14.46
N GLU C 2343 -62.16 13.22 14.03
CA GLU C 2343 -63.36 13.65 14.75
C GLU C 2343 -63.70 12.74 15.93
N GLY C 2344 -63.24 11.48 15.90
CA GLY C 2344 -63.48 10.51 16.96
C GLY C 2344 -64.96 10.13 17.13
N THR C 2345 -65.77 10.32 16.08
CA THR C 2345 -67.20 9.99 15.99
C THR C 2345 -67.47 8.67 15.25
N SER C 2346 -66.43 8.05 14.69
CA SER C 2346 -66.53 6.86 13.83
C SER C 2346 -65.59 5.74 14.26
N ASP C 2347 -66.14 4.56 14.52
CA ASP C 2347 -65.38 3.30 14.63
C ASP C 2347 -64.82 2.79 13.28
N GLN C 2348 -64.89 3.64 12.24
CA GLN C 2348 -64.49 3.31 10.87
C GLN C 2348 -62.99 3.46 10.69
N SER C 2349 -62.32 2.38 10.29
CA SER C 2349 -60.94 2.42 9.82
C SER C 2349 -60.83 2.99 8.40
N VAL C 2350 -59.80 3.81 8.14
CA VAL C 2350 -59.42 4.15 6.76
C VAL C 2350 -58.53 3.06 6.17
N VAL C 2351 -58.79 2.63 4.95
CA VAL C 2351 -57.87 1.74 4.22
C VAL C 2351 -57.09 2.58 3.21
N ILE C 2352 -55.76 2.55 3.33
CA ILE C 2352 -54.85 3.21 2.39
C ILE C 2352 -54.15 2.10 1.60
N PRO C 2353 -54.50 1.93 0.31
CA PRO C 2353 -53.86 0.93 -0.55
C PRO C 2353 -52.38 1.27 -0.77
N ASN C 2354 -51.59 0.30 -1.23
CA ASN C 2354 -50.28 0.51 -1.82
C ASN C 2354 -49.22 1.15 -0.87
N LEU C 2355 -49.35 0.95 0.46
CA LEU C 2355 -48.54 1.67 1.46
C LEU C 2355 -47.42 0.83 2.09
N PHE C 2356 -47.63 -0.48 2.32
CA PHE C 2356 -46.69 -1.33 3.05
C PHE C 2356 -45.93 -2.28 2.10
N PRO C 2357 -44.67 -1.99 1.73
CA PRO C 2357 -43.82 -2.96 1.05
C PRO C 2357 -43.53 -4.14 1.99
N LYS C 2358 -44.10 -5.32 1.70
CA LYS C 2358 -43.86 -6.52 2.51
C LYS C 2358 -42.42 -7.03 2.37
N TYR C 2359 -41.79 -6.84 1.22
CA TYR C 2359 -40.50 -7.44 0.88
C TYR C 2359 -39.44 -6.35 0.65
N ILE C 2360 -38.46 -6.23 1.54
CA ILE C 2360 -37.47 -5.14 1.53
C ILE C 2360 -36.06 -5.71 1.56
N ARG C 2361 -35.17 -5.21 0.70
CA ARG C 2361 -33.74 -5.52 0.77
C ARG C 2361 -33.07 -4.55 1.72
N ALA C 2362 -32.27 -5.07 2.64
CA ALA C 2362 -31.34 -4.32 3.46
C ALA C 2362 -29.92 -4.59 2.93
N PRO C 2363 -29.38 -3.78 2.00
CA PRO C 2363 -28.05 -3.99 1.44
C PRO C 2363 -26.94 -3.46 2.36
N ASN C 2364 -25.69 -3.76 2.05
CA ASN C 2364 -24.52 -3.27 2.81
C ASN C 2364 -24.34 -1.73 2.76
N GLY C 2365 -25.06 -1.04 1.87
CA GLY C 2365 -25.15 0.42 1.82
C GLY C 2365 -26.27 1.00 2.72
N PRO C 2366 -26.46 2.33 2.71
CA PRO C 2366 -27.46 3.00 3.54
C PRO C 2366 -28.91 2.95 3.00
N GLU C 2367 -29.14 2.49 1.77
CA GLU C 2367 -30.44 2.59 1.08
C GLU C 2367 -31.24 1.26 1.12
N ALA C 2368 -32.27 1.19 1.97
CA ALA C 2368 -33.06 -0.02 2.21
C ALA C 2368 -34.20 -0.23 1.18
N ASN C 2369 -33.85 -0.52 -0.07
CA ASN C 2369 -34.79 -0.57 -1.20
C ASN C 2369 -35.81 -1.74 -1.13
N PRO C 2370 -37.10 -1.53 -1.46
CA PRO C 2370 -38.08 -2.61 -1.67
C PRO C 2370 -37.69 -3.57 -2.80
N VAL C 2371 -38.07 -4.84 -2.68
CA VAL C 2371 -37.64 -5.90 -3.61
C VAL C 2371 -38.49 -5.92 -4.88
N LYS C 2372 -38.04 -5.21 -5.90
CA LYS C 2372 -38.67 -5.15 -7.24
C LYS C 2372 -38.86 -6.53 -7.92
N GLN C 2373 -38.12 -7.56 -7.51
CA GLN C 2373 -38.28 -8.93 -8.00
C GLN C 2373 -39.46 -9.67 -7.37
N LEU C 2374 -39.84 -9.32 -6.13
CA LEU C 2374 -40.97 -9.88 -5.38
C LEU C 2374 -42.22 -9.00 -5.47
N GLN C 2375 -42.02 -7.72 -5.80
CA GLN C 2375 -43.03 -6.69 -5.98
C GLN C 2375 -42.82 -6.03 -7.37
N PRO C 2376 -42.98 -6.79 -8.48
CA PRO C 2376 -42.70 -6.34 -9.84
C PRO C 2376 -43.55 -5.16 -10.35
N ASN C 2377 -44.73 -4.93 -9.78
CA ASN C 2377 -45.57 -3.77 -10.06
C ASN C 2377 -45.27 -2.59 -9.12
N GLU C 2378 -44.16 -2.66 -8.38
CA GLU C 2378 -43.69 -1.72 -7.36
C GLU C 2378 -44.82 -1.32 -6.40
N GLU C 2379 -45.32 -0.09 -6.47
CA GLU C 2379 -46.37 0.43 -5.58
C GLU C 2379 -47.65 -0.42 -5.60
N ALA C 2380 -48.02 -1.02 -6.73
CA ALA C 2380 -49.25 -1.80 -6.85
C ALA C 2380 -49.19 -3.18 -6.17
N ASP C 2381 -47.99 -3.67 -5.83
CA ASP C 2381 -47.79 -4.89 -5.04
C ASP C 2381 -47.56 -4.60 -3.55
N TYR C 2382 -47.61 -3.33 -3.13
CA TYR C 2382 -47.51 -2.96 -1.71
C TYR C 2382 -48.85 -3.18 -1.03
N LEU C 2383 -48.83 -3.74 0.19
CA LEU C 2383 -50.05 -4.10 0.89
C LEU C 2383 -50.80 -2.84 1.34
N GLY C 2384 -52.13 -2.90 1.22
CA GLY C 2384 -53.00 -1.89 1.82
C GLY C 2384 -52.93 -1.93 3.34
N VAL C 2385 -52.88 -0.77 3.97
CA VAL C 2385 -52.84 -0.60 5.42
C VAL C 2385 -54.17 -0.02 5.88
N ARG C 2386 -54.83 -0.73 6.79
CA ARG C 2386 -55.98 -0.26 7.53
C ARG C 2386 -55.48 0.55 8.74
N ILE C 2387 -55.82 1.83 8.81
CA ILE C 2387 -55.43 2.73 9.90
C ILE C 2387 -56.66 3.04 10.76
N GLN C 2388 -56.48 3.03 12.07
CA GLN C 2388 -57.46 3.39 13.09
C GLN C 2388 -56.86 4.42 14.06
N LEU C 2389 -57.70 5.29 14.63
CA LEU C 2389 -57.32 6.15 15.75
C LEU C 2389 -57.91 5.55 17.04
N ARG C 2390 -57.06 5.12 17.97
CA ARG C 2390 -57.48 4.72 19.32
C ARG C 2390 -57.46 5.95 20.23
N ARG C 2391 -58.54 6.15 20.98
CA ARG C 2391 -58.67 7.37 21.79
C ARG C 2391 -59.09 7.10 23.21
N GLU C 2392 -58.20 6.59 24.04
CA GLU C 2392 -58.55 6.42 25.44
C GLU C 2392 -58.90 7.78 26.00
N GLN C 2393 -60.05 7.88 26.64
CA GLN C 2393 -60.44 9.14 27.23
C GLN C 2393 -60.48 8.98 28.74
N GLY C 2394 -61.09 7.91 29.20
CA GLY C 2394 -61.25 7.72 30.63
C GLY C 2394 -62.62 8.25 31.00
N ALA C 2395 -63.53 8.29 30.02
CA ALA C 2395 -64.90 8.79 30.24
C ALA C 2395 -64.99 10.06 31.07
N GLY C 2396 -64.39 11.15 30.58
CA GLY C 2396 -64.43 12.41 31.31
C GLY C 2396 -63.46 13.43 30.77
N ALA C 2397 -63.91 14.68 30.63
CA ALA C 2397 -63.06 15.77 30.10
C ALA C 2397 -62.52 15.58 28.69
N THR C 2398 -61.42 16.25 28.37
CA THR C 2398 -60.85 16.15 27.04
C THR C 2398 -59.48 15.50 27.12
N GLY C 2399 -59.18 14.89 28.26
CA GLY C 2399 -57.92 14.19 28.41
C GLY C 2399 -57.93 13.05 27.43
N PHE C 2400 -57.24 13.22 26.31
CA PHE C 2400 -57.31 12.20 25.28
C PHE C 2400 -56.01 11.48 25.02
N LEU C 2401 -55.88 10.28 25.56
CA LEU C 2401 -54.72 9.47 25.28
C LEU C 2401 -54.97 8.96 23.89
N GLU C 2402 -54.35 9.60 22.91
CA GLU C 2402 -54.58 9.20 21.52
C GLU C 2402 -53.33 8.55 20.92
N TRP C 2403 -53.54 7.48 20.17
CA TRP C 2403 -52.50 6.79 19.42
C TRP C 2403 -53.10 6.12 18.20
N TRP C 2404 -52.30 5.91 17.16
CA TRP C 2404 -52.76 5.25 15.95
C TRP C 2404 -52.46 3.76 16.02
N VAL C 2405 -53.36 2.98 15.44
CA VAL C 2405 -53.20 1.56 15.17
C VAL C 2405 -53.20 1.37 13.66
N ILE C 2406 -52.28 0.55 13.18
CA ILE C 2406 -52.20 0.10 11.80
C ILE C 2406 -52.35 -1.42 11.75
N GLU C 2407 -53.10 -1.91 10.78
CA GLU C 2407 -53.32 -3.33 10.49
C GLU C 2407 -53.13 -3.53 8.98
N LEU C 2408 -52.79 -4.74 8.53
CA LEU C 2408 -52.82 -5.05 7.10
C LEU C 2408 -54.27 -5.27 6.63
N GLN C 2409 -54.61 -4.75 5.45
CA GLN C 2409 -55.96 -4.85 4.86
C GLN C 2409 -56.47 -6.30 4.80
N GLU C 2410 -55.56 -7.26 4.55
CA GLU C 2410 -55.84 -8.69 4.41
C GLU C 2410 -55.43 -9.52 5.65
N CYS C 2411 -55.27 -8.91 6.83
CA CYS C 2411 -54.93 -9.68 8.03
C CYS C 2411 -56.02 -10.74 8.34
N ARG C 2412 -55.58 -11.96 8.69
CA ARG C 2412 -56.45 -13.11 9.01
C ARG C 2412 -56.13 -13.70 10.38
N THR C 2413 -54.83 -13.90 10.62
CA THR C 2413 -54.22 -14.20 11.90
C THR C 2413 -53.35 -13.03 12.29
N ASP C 2414 -53.19 -12.79 13.60
CA ASP C 2414 -52.29 -11.79 14.16
C ASP C 2414 -52.41 -10.39 13.53
N CYS C 2415 -53.64 -9.87 13.40
CA CYS C 2415 -53.89 -8.50 12.89
C CYS C 2415 -53.13 -7.39 13.64
N ASN C 2416 -52.69 -7.66 14.87
CA ASN C 2416 -51.84 -6.78 15.67
C ASN C 2416 -50.35 -6.80 15.22
N LEU C 2417 -49.97 -7.58 14.20
CA LEU C 2417 -48.59 -7.70 13.70
C LEU C 2417 -48.55 -7.41 12.20
N LEU C 2418 -47.55 -6.63 11.77
CA LEU C 2418 -47.26 -6.34 10.38
C LEU C 2418 -45.93 -7.04 10.01
N PRO C 2419 -45.97 -8.25 9.43
CA PRO C 2419 -44.77 -8.99 9.06
C PRO C 2419 -44.06 -8.34 7.87
N MET C 2420 -42.99 -7.60 8.16
CA MET C 2420 -42.07 -7.06 7.15
C MET C 2420 -40.93 -8.07 6.93
N VAL C 2421 -40.80 -8.55 5.70
CA VAL C 2421 -39.80 -9.55 5.28
C VAL C 2421 -38.57 -8.81 4.73
N ILE C 2422 -37.47 -8.89 5.48
CA ILE C 2422 -36.24 -8.14 5.22
C ILE C 2422 -35.15 -9.11 4.76
N PHE C 2423 -34.62 -8.89 3.56
CA PHE C 2423 -33.50 -9.62 2.97
C PHE C 2423 -32.20 -8.87 3.29
N SER C 2424 -31.47 -9.27 4.33
CA SER C 2424 -30.21 -8.62 4.71
C SER C 2424 -29.05 -9.17 3.88
N ASP C 2425 -28.31 -8.31 3.20
CA ASP C 2425 -27.06 -8.70 2.54
C ASP C 2425 -26.00 -9.10 3.59
N LYS C 2426 -25.15 -10.07 3.25
CA LYS C 2426 -24.02 -10.49 4.11
C LYS C 2426 -22.89 -9.46 4.07
N VAL C 2427 -22.32 -9.13 5.22
CA VAL C 2427 -21.20 -8.20 5.24
C VAL C 2427 -19.88 -8.96 5.10
N SER C 2428 -18.79 -8.28 4.77
CA SER C 2428 -17.53 -8.99 4.55
C SER C 2428 -16.29 -8.33 5.14
N PRO C 2429 -15.67 -8.97 6.14
CA PRO C 2429 -14.43 -8.44 6.72
C PRO C 2429 -13.21 -9.35 6.51
N PRO C 2430 -12.39 -9.07 5.49
CA PRO C 2430 -11.19 -9.88 5.22
C PRO C 2430 -10.03 -9.56 6.16
N SER C 2431 -9.10 -10.50 6.31
CA SER C 2431 -7.94 -10.28 7.18
C SER C 2431 -6.70 -10.00 6.37
N LEU C 2432 -6.54 -10.69 5.24
CA LEU C 2432 -5.38 -10.46 4.39
C LEU C 2432 -5.79 -9.76 3.12
N GLY C 2433 -6.65 -8.74 3.23
CA GLY C 2433 -7.14 -8.05 2.06
C GLY C 2433 -6.19 -7.05 1.43
N PHE C 2434 -4.92 -7.10 1.80
CA PHE C 2434 -3.93 -6.20 1.20
C PHE C 2434 -3.57 -6.72 -0.17
N LEU C 2435 -3.77 -8.02 -0.40
CA LEU C 2435 -3.50 -8.61 -1.70
C LEU C 2435 -4.74 -8.57 -2.59
N ALA C 2436 -5.28 -7.38 -2.80
CA ALA C 2436 -6.48 -7.23 -3.61
C ALA C 2436 -6.30 -6.12 -4.63
N GLY C 2437 -7.08 -6.16 -5.72
CA GLY C 2437 -7.00 -5.12 -6.72
C GLY C 2437 -6.28 -5.55 -7.98
N TYR C 2438 -6.52 -4.84 -9.08
CA TYR C 2438 -5.81 -5.15 -10.32
C TYR C 2438 -4.42 -4.58 -10.27
N GLY C 2439 -4.15 -3.75 -9.27
CA GLY C 2439 -2.80 -3.24 -9.10
C GLY C 2439 -1.96 -4.38 -8.57
N ILE C 2440 -2.56 -5.27 -7.80
CA ILE C 2440 -1.83 -6.45 -7.30
C ILE C 2440 -1.56 -7.43 -8.42
N MET C 2441 -2.43 -7.47 -9.43
CA MET C 2441 -2.18 -8.33 -10.58
C MET C 2441 -1.00 -7.79 -11.34
N GLY C 2442 -0.99 -6.48 -11.58
CA GLY C 2442 0.12 -5.87 -12.28
C GLY C 2442 1.41 -6.02 -11.52
N LEU C 2443 1.35 -5.95 -10.19
CA LEU C 2443 2.54 -6.10 -9.38
C LEU C 2443 3.13 -7.47 -9.60
N TYR C 2444 2.32 -8.51 -9.56
CA TYR C 2444 2.80 -9.87 -9.78
C TYR C 2444 3.58 -9.96 -11.07
N VAL C 2445 2.99 -9.49 -12.17
CA VAL C 2445 3.66 -9.56 -13.45
C VAL C 2445 5.03 -8.92 -13.38
N SER C 2446 5.10 -7.71 -12.86
CA SER C 2446 6.38 -7.03 -12.73
C SER C 2446 7.41 -7.83 -11.93
N ILE C 2447 6.99 -8.46 -10.84
CA ILE C 2447 7.92 -9.29 -10.08
C ILE C 2447 8.52 -10.38 -10.97
N VAL C 2448 7.69 -11.13 -11.67
CA VAL C 2448 8.20 -12.16 -12.57
C VAL C 2448 9.27 -11.61 -13.51
N LEU C 2449 8.98 -10.51 -14.19
CA LEU C 2449 9.96 -9.92 -15.08
C LEU C 2449 11.30 -9.69 -14.42
N VAL C 2450 11.32 -9.03 -13.27
CA VAL C 2450 12.57 -8.78 -12.58
C VAL C 2450 13.32 -10.07 -12.24
N ILE C 2451 12.65 -11.02 -11.61
CA ILE C 2451 13.29 -12.28 -11.29
C ILE C 2451 13.79 -12.95 -12.56
N GLY C 2452 13.04 -12.86 -13.64
CA GLY C 2452 13.45 -13.42 -14.90
C GLY C 2452 14.79 -12.93 -15.37
N LYS C 2453 15.01 -11.62 -15.29
CA LYS C 2453 16.27 -11.02 -15.70
C LYS C 2453 17.40 -11.46 -14.77
N PHE C 2454 17.10 -11.67 -13.50
CA PHE C 2454 18.11 -12.13 -12.57
C PHE C 2454 18.57 -13.55 -12.93
N VAL C 2455 17.63 -14.43 -13.24
CA VAL C 2455 17.99 -15.79 -13.60
C VAL C 2455 18.77 -15.80 -14.91
N ARG C 2456 18.41 -14.91 -15.83
CA ARG C 2456 19.14 -14.83 -17.09
C ARG C 2456 20.58 -14.55 -16.83
N GLY C 2457 20.87 -13.75 -15.83
CA GLY C 2457 22.25 -13.50 -15.46
C GLY C 2457 23.12 -14.72 -15.40
N PHE C 2458 22.64 -15.79 -14.79
CA PHE C 2458 23.44 -16.99 -14.64
C PHE C 2458 23.58 -17.78 -15.92
N PHE C 2459 22.64 -17.64 -16.83
CA PHE C 2459 22.66 -18.44 -18.04
C PHE C 2459 23.08 -17.67 -19.28
N SER C 2460 23.35 -16.38 -19.17
CA SER C 2460 23.64 -15.60 -20.36
C SER C 2460 25.09 -15.52 -20.71
N GLU C 2461 25.79 -14.51 -20.23
CA GLU C 2461 27.17 -14.34 -20.61
C GLU C 2461 28.10 -15.06 -19.67
N ILE C 2462 28.18 -16.37 -19.82
CA ILE C 2462 29.04 -17.16 -18.97
C ILE C 2462 30.18 -17.58 -19.83
N SER C 2463 30.23 -17.08 -21.04
CA SER C 2463 31.29 -17.44 -21.95
C SER C 2463 32.30 -16.35 -21.96
N HIS C 2464 32.01 -15.25 -21.29
CA HIS C 2464 32.91 -14.12 -21.30
C HIS C 2464 33.93 -14.26 -20.21
N SER C 2465 33.66 -15.10 -19.22
CA SER C 2465 34.58 -15.32 -18.14
C SER C 2465 34.99 -16.75 -18.15
N ILE C 2466 35.68 -17.19 -19.19
CA ILE C 2466 36.11 -18.56 -19.31
C ILE C 2466 37.60 -18.42 -19.18
N MET C 2467 38.09 -17.23 -19.44
CA MET C 2467 39.51 -17.04 -19.40
C MET C 2467 39.97 -16.93 -18.00
N PHE C 2468 39.08 -16.57 -17.10
CA PHE C 2468 39.45 -16.34 -15.72
C PHE C 2468 38.83 -17.34 -14.79
N GLU C 2469 38.22 -18.38 -15.32
CA GLU C 2469 37.54 -19.36 -14.48
C GLU C 2469 37.74 -20.80 -14.88
N GLU C 2470 38.51 -21.05 -15.91
CA GLU C 2470 38.76 -22.41 -16.34
C GLU C 2470 40.21 -22.71 -16.31
N LEU C 2471 40.91 -22.19 -15.35
CA LEU C 2471 42.35 -22.37 -15.27
C LEU C 2471 42.74 -23.78 -14.83
N PRO C 2472 43.59 -24.45 -15.61
CA PRO C 2472 44.01 -25.81 -15.30
C PRO C 2472 44.72 -26.06 -13.97
N CYS C 2473 45.81 -25.37 -13.66
CA CYS C 2473 46.51 -25.52 -12.39
C CYS C 2473 46.72 -24.19 -11.69
N VAL C 2474 45.92 -23.90 -10.68
CA VAL C 2474 46.00 -22.62 -10.01
C VAL C 2474 46.90 -22.61 -8.82
N ASP C 2475 48.12 -23.09 -8.96
CA ASP C 2475 49.00 -23.19 -7.81
C ASP C 2475 50.05 -22.15 -7.78
N ARG C 2476 50.51 -21.72 -8.93
CA ARG C 2476 51.55 -20.75 -8.98
C ARG C 2476 50.98 -19.38 -8.68
N ILE C 2477 49.69 -19.19 -8.91
CA ILE C 2477 49.05 -17.92 -8.56
C ILE C 2477 48.75 -17.88 -7.09
N LEU C 2478 48.55 -19.02 -6.46
CA LEU C 2478 48.31 -19.07 -5.02
C LEU C 2478 49.57 -18.74 -4.28
N LYS C 2479 50.72 -19.03 -4.85
CA LYS C 2479 51.94 -18.64 -4.18
C LYS C 2479 52.16 -17.14 -4.24
N LEU C 2480 51.84 -16.48 -5.35
CA LEU C 2480 51.97 -15.03 -5.41
C LEU C 2480 51.00 -14.38 -4.47
N CYS C 2481 49.80 -14.92 -4.31
CA CYS C 2481 48.83 -14.24 -3.50
C CYS C 2481 49.19 -14.41 -2.04
N GLN C 2482 49.79 -15.53 -1.68
CA GLN C 2482 50.22 -15.73 -0.31
C GLN C 2482 51.53 -15.07 0.03
N ASP C 2483 52.29 -14.63 -0.95
CA ASP C 2483 53.52 -13.91 -0.69
C ASP C 2483 53.27 -12.43 -0.54
N ILE C 2484 52.15 -11.95 -1.06
CA ILE C 2484 51.81 -10.56 -0.85
C ILE C 2484 51.45 -10.51 0.60
N PHE C 2485 50.80 -11.54 1.12
CA PHE C 2485 50.36 -11.49 2.51
C PHE C 2485 51.51 -11.60 3.50
N LEU C 2486 52.49 -12.45 3.25
CA LEU C 2486 53.66 -12.54 4.13
C LEU C 2486 54.39 -11.21 4.21
N VAL C 2487 54.52 -10.51 3.11
CA VAL C 2487 55.23 -9.26 3.10
C VAL C 2487 54.48 -8.23 3.93
N ARG C 2488 53.14 -8.24 3.88
CA ARG C 2488 52.36 -7.32 4.70
C ARG C 2488 52.57 -7.56 6.18
N GLU C 2489 52.82 -8.80 6.56
CA GLU C 2489 53.04 -9.14 7.98
C GLU C 2489 54.34 -8.60 8.49
N THR C 2490 55.43 -8.90 7.80
CA THR C 2490 56.75 -8.45 8.23
C THR C 2490 57.06 -7.03 7.84
N ARG C 2491 56.04 -6.30 7.40
CA ARG C 2491 56.22 -4.92 6.97
C ARG C 2491 57.43 -4.63 6.12
N GLU C 2492 57.52 -5.25 4.95
CA GLU C 2492 58.59 -4.95 4.02
C GLU C 2492 57.85 -4.39 2.86
N LEU C 2493 57.12 -3.30 3.07
CA LEU C 2493 56.25 -2.77 2.03
C LEU C 2493 56.76 -2.42 0.64
N GLU C 2494 58.07 -2.47 0.40
CA GLU C 2494 58.56 -2.24 -0.95
C GLU C 2494 58.29 -3.44 -1.83
N LEU C 2495 58.23 -4.63 -1.25
CA LEU C 2495 57.99 -5.81 -2.03
C LEU C 2495 56.51 -6.06 -2.17
N GLU C 2496 55.68 -5.32 -1.48
CA GLU C 2496 54.26 -5.48 -1.69
C GLU C 2496 53.96 -4.84 -3.03
N GLU C 2497 54.60 -3.71 -3.32
CA GLU C 2497 54.41 -3.07 -4.61
C GLU C 2497 54.93 -3.88 -5.76
N GLU C 2498 56.09 -4.50 -5.61
CA GLU C 2498 56.63 -5.23 -6.74
C GLU C 2498 55.91 -6.53 -7.00
N LEU C 2499 55.29 -7.11 -5.98
CA LEU C 2499 54.53 -8.34 -6.19
C LEU C 2499 53.12 -8.03 -6.64
N TYR C 2500 52.65 -6.80 -6.47
CA TYR C 2500 51.35 -6.44 -6.98
C TYR C 2500 51.50 -6.24 -8.46
N ALA C 2501 52.65 -5.78 -8.90
CA ALA C 2501 52.86 -5.63 -10.32
C ALA C 2501 52.89 -6.93 -11.08
N LYS C 2502 53.32 -8.02 -10.46
CA LYS C 2502 53.26 -9.27 -11.16
C LYS C 2502 51.84 -9.76 -11.27
N LEU C 2503 51.04 -9.60 -10.24
CA LEU C 2503 49.68 -10.12 -10.27
C LEU C 2503 48.85 -9.34 -11.25
N ILE C 2504 49.09 -8.05 -11.37
CA ILE C 2504 48.34 -7.24 -12.31
C ILE C 2504 48.78 -7.46 -13.76
N PHE C 2505 49.97 -7.98 -14.01
CA PHE C 2505 50.34 -8.20 -15.39
C PHE C 2505 50.16 -9.62 -15.77
N LEU C 2506 49.41 -10.38 -15.00
CA LEU C 2506 49.11 -11.74 -15.37
C LEU C 2506 47.70 -11.61 -15.80
N TYR C 2507 46.96 -10.75 -15.14
CA TYR C 2507 45.57 -10.58 -15.44
C TYR C 2507 45.36 -9.56 -16.53
N ARG C 2508 46.43 -9.08 -17.15
CA ARG C 2508 46.36 -8.10 -18.22
C ARG C 2508 46.91 -8.67 -19.47
N SER C 2509 47.32 -9.94 -19.44
CA SER C 2509 47.91 -10.60 -20.60
C SER C 2509 47.33 -12.01 -20.69
N PRO C 2510 46.17 -12.21 -21.35
CA PRO C 2510 45.54 -13.52 -21.38
C PRO C 2510 46.44 -14.69 -21.74
N GLU C 2511 47.53 -14.46 -22.46
CA GLU C 2511 48.47 -15.51 -22.88
C GLU C 2511 49.61 -15.81 -21.96
N THR C 2512 49.80 -15.04 -20.91
CA THR C 2512 50.80 -15.36 -19.91
C THR C 2512 50.11 -16.03 -18.78
N MET C 2513 48.79 -16.16 -18.86
CA MET C 2513 48.09 -16.90 -17.87
C MET C 2513 47.97 -18.30 -18.41
N ILE C 2514 48.07 -18.50 -19.71
CA ILE C 2514 48.06 -19.87 -20.23
C ILE C 2514 49.44 -20.48 -20.17
N LYS C 2515 50.42 -19.75 -19.66
CA LYS C 2515 51.73 -20.32 -19.47
C LYS C 2515 51.92 -20.57 -18.00
N TRP C 2516 51.46 -19.66 -17.16
CA TRP C 2516 51.61 -19.80 -15.73
C TRP C 2516 50.65 -20.83 -15.18
N THR C 2517 49.47 -20.96 -15.76
CA THR C 2517 48.51 -21.95 -15.31
C THR C 2517 48.45 -23.17 -16.19
N ARG C 2518 49.56 -23.85 -16.41
CA ARG C 2518 49.50 -25.08 -17.17
C ARG C 2518 49.91 -26.21 -16.28
N GLU C 2519 49.39 -27.40 -16.55
CA GLU C 2519 49.67 -28.54 -15.69
C GLU C 2519 51.06 -29.03 -15.94
N LYS C 2520 51.95 -28.81 -14.97
CA LYS C 2520 53.34 -29.19 -15.14
C LYS C 2520 53.54 -30.65 -14.83
N GLU C 2521 53.34 -31.50 -15.82
CA GLU C 2521 53.52 -32.93 -15.62
C GLU C 2521 54.70 -33.43 -16.43
N L9Q D . 21.95 6.57 -11.39
P L9Q D . 25.50 4.98 -12.10
C1 L9Q D . 26.10 3.09 -10.38
C2 L9Q D . 27.54 2.89 -10.81
O2 L9Q D . 28.41 3.20 -9.72
C3 L9Q D . 27.76 1.46 -11.31
O3 L9Q D . 29.08 1.03 -11.01
C4 L9Q D . 23.77 6.71 -13.04
C5 L9Q D . 22.25 6.69 -12.84
C11 L9Q D . 30.22 1.42 -11.83
O11 L9Q D . 30.05 1.93 -12.92
C12 L9Q D . 31.62 1.21 -11.30
C13 L9Q D . 32.35 2.54 -11.28
C14 L9Q D . 32.55 3.03 -9.84
C15 L9Q D . 33.01 4.47 -9.83
C16 L9Q D . 33.07 5.03 -8.42
C17 L9Q D . 32.89 6.54 -8.42
C18 L9Q D . 32.47 7.05 -9.80
C19 L9Q D . 31.59 8.29 -9.70
O1P L9Q D . 26.76 5.66 -12.61
C20 L9Q D . 31.49 8.78 -8.26
C21 L9Q D . 31.78 10.27 -8.18
C22 L9Q D . 33.25 10.51 -7.85
C23 L9Q D . 33.52 11.96 -7.50
C24 L9Q D . 32.51 12.87 -8.19
C25 L9Q D . 32.43 14.22 -7.48
C26 L9Q D . 31.15 14.95 -7.84
C27 L9Q D . 29.99 13.97 -7.94
C28 L9Q D . 28.67 14.68 -7.77
O2P L9Q D . 24.89 3.87 -12.91
C31 L9Q D . 29.00 4.51 -9.90
O31 L9Q D . 29.49 4.80 -10.97
C32 L9Q D . 29.00 5.49 -8.76
C33 L9Q D . 29.05 4.75 -7.44
C34 L9Q D . 27.97 5.28 -6.50
C35 L9Q D . 26.64 4.60 -6.76
C36 L9Q D . 25.55 5.62 -7.09
C37 L9Q D . 24.18 4.97 -7.00
C38 L9Q D . 23.32 5.34 -8.21
C39 L9Q D . 22.01 4.56 -8.19
O3P L9Q D . 25.75 4.45 -10.61
C40 L9Q D . 22.13 3.28 -9.02
C41 L9Q D . 21.13 2.24 -8.54
C42 L9Q D . 20.83 2.41 -7.05
C43 L9Q D . 19.68 1.53 -6.61
C44 L9Q D . 20.18 0.28 -5.90
C45 L9Q D . 19.24 -0.90 -6.16
C46 L9Q D . 19.94 -2.00 -6.94
C47 L9Q D . 19.39 -2.11 -8.35
C48 L9Q D . 20.51 -2.00 -9.37
O4P L9Q D . 24.39 6.12 -11.90
N L9Q E . 31.27 23.28 -26.71
P L9Q E . 29.08 20.11 -25.37
C1 L9Q E . 28.44 21.81 -23.51
C2 L9Q E . 27.75 21.27 -22.27
O2 L9Q E . 27.74 22.24 -21.23
C3 L9Q E . 26.32 20.96 -22.68
O3 L9Q E . 26.12 19.57 -22.50
C4 L9Q E . 30.41 21.12 -27.34
C5 L9Q E . 31.54 22.11 -27.57
C11 L9Q E . 25.28 18.88 -23.46
O11 L9Q E . 25.62 18.83 -24.61
C12 L9Q E . 23.99 18.26 -23.00
C13 L9Q E . 23.02 18.41 -24.16
C14 L9Q E . 22.09 17.22 -24.21
C15 L9Q E . 20.94 17.34 -23.24
C16 L9Q E . 19.70 17.92 -23.91
C17 L9Q E . 18.44 17.39 -23.24
C18 L9Q E . 18.45 17.72 -21.75
C19 L9Q E . 18.25 16.47 -20.90
O1P L9Q E . 28.41 19.42 -26.53
C20 L9Q E . 17.63 16.85 -19.57
C21 L9Q E . 18.21 18.18 -19.11
C22 L9Q E . 17.50 18.68 -17.86
C23 L9Q E . 18.49 19.30 -16.89
C24 L9Q E . 19.93 19.02 -17.33
C25 L9Q E . 20.82 18.76 -16.12
C26 L9Q E . 20.01 18.67 -14.84
C27 L9Q E . 20.91 18.83 -13.62
C28 L9Q E . 22.37 18.79 -14.03
O2P L9Q E . 29.80 19.28 -24.34
C31 L9Q E . 27.77 21.61 -19.93
O31 L9Q E . 28.76 20.97 -19.61
C32 L9Q E . 26.59 21.72 -19.00
C33 L9Q E . 26.06 20.31 -18.73
C34 L9Q E . 24.78 20.35 -17.90
C35 L9Q E . 25.09 20.28 -16.41
C36 L9Q E . 26.03 19.13 -16.09
C37 L9Q E . 26.89 19.45 -14.87
C38 L9Q E . 28.37 19.30 -15.17
C39 L9Q E . 28.98 20.61 -15.65
O3P L9Q E . 28.01 21.03 -24.62
C40 L9Q E . 29.07 21.62 -14.52
C41 L9Q E . 28.95 23.04 -15.05
C42 L9Q E . 30.00 23.31 -16.13
C43 L9Q E . 30.57 24.72 -15.98
C44 L9Q E . 31.97 24.68 -15.36
C45 L9Q E . 33.03 25.10 -16.37
C46 L9Q E . 34.32 24.32 -16.19
C47 L9Q E . 34.42 23.20 -17.20
C48 L9Q E . 35.54 23.47 -18.19
O4P L9Q E . 30.08 21.19 -25.97
N L9Q F . 22.76 -11.62 -1.27
P L9Q F . 25.21 -13.03 -4.04
C1 L9Q F . 23.95 -13.63 -6.26
C2 L9Q F . 25.11 -14.32 -6.96
O2 L9Q F . 24.77 -15.68 -7.22
C3 L9Q F . 25.47 -13.58 -8.24
O3 L9Q F . 25.94 -14.49 -9.23
C4 L9Q F . 25.16 -12.00 -1.63
C5 L9Q F . 24.12 -11.05 -1.05
C11 L9Q F . 27.31 -15.00 -9.21
O11 L9Q F . 28.15 -14.46 -8.51
C12 L9Q F . 27.67 -16.19 -10.06
C13 L9Q F . 28.24 -17.28 -9.17
C14 L9Q F . 27.27 -18.44 -9.05
C15 L9Q F . 27.71 -19.38 -7.93
C16 L9Q F . 26.68 -20.47 -7.69
C17 L9Q F . 26.76 -20.97 -6.25
C18 L9Q F . 27.69 -20.11 -5.41
C19 L9Q F . 27.24 -20.07 -3.95
O1P L9Q F . 26.43 -13.90 -3.86
C20 L9Q F . 26.09 -21.03 -3.70
C21 L9Q F . 26.37 -21.92 -2.50
C22 L9Q F . 27.00 -23.24 -2.93
C23 L9Q F . 27.06 -24.24 -1.79
C24 L9Q F . 27.14 -23.52 -0.45
C25 L9Q F . 26.68 -24.45 0.67
C26 L9Q F . 26.31 -23.65 1.91
C27 L9Q F . 25.59 -22.37 1.52
C28 L9Q F . 24.77 -21.83 2.68
O2P L9Q F . 25.36 -11.66 -4.66
C31 L9Q F . 25.42 -16.55 -6.25
O31 L9Q F . 26.61 -16.39 -6.01
C32 L9Q F . 24.64 -17.62 -5.55
C33 L9Q F . 23.51 -18.09 -6.45
C34 L9Q F . 22.19 -18.11 -5.69
C35 L9Q F . 21.54 -16.72 -5.70
C36 L9Q F . 21.29 -16.21 -4.30
C37 L9Q F . 20.34 -15.02 -4.32
C38 L9Q F . 20.86 -13.89 -3.44
C39 L9Q F . 19.99 -12.65 -3.61
O3P L9Q F . 24.09 -13.84 -4.86
C40 L9Q F . 20.56 -11.72 -4.67
C41 L9Q F . 19.46 -10.86 -5.28
C42 L9Q F . 18.12 -11.57 -5.24
C43 L9Q F . 16.98 -10.64 -5.64
C44 L9Q F . 16.55 -10.88 -7.07
C45 L9Q F . 16.06 -9.57 -7.71
C46 L9Q F . 16.96 -9.15 -8.85
C47 L9Q F . 17.77 -7.90 -8.49
C48 L9Q F . 19.25 -8.15 -8.70
O4P L9Q F . 24.54 -12.85 -2.59
N L9Q G . 12.88 -10.31 -19.56
P L9Q G . 16.36 -9.84 -21.39
C1 L9Q G . 17.33 -7.42 -21.05
C2 L9Q G . 18.48 -7.54 -22.03
O2 L9Q G . 18.33 -6.59 -23.07
C3 L9Q G . 19.81 -7.37 -21.31
O3 L9Q G . 20.77 -6.75 -22.16
C4 L9Q G . 14.52 -11.62 -20.83
C5 L9Q G . 13.56 -11.62 -19.64
C11 L9Q G . 21.49 -7.51 -23.18
O11 L9Q G . 21.49 -8.73 -23.15
C12 L9Q G . 22.24 -6.77 -24.26
C13 L9Q G . 21.72 -7.23 -25.62
C14 L9Q G . 20.92 -6.12 -26.28
C15 L9Q G . 20.17 -6.67 -27.48
C16 L9Q G . 19.23 -5.62 -28.08
C17 L9Q G . 18.07 -6.29 -28.79
C18 L9Q G . 18.03 -7.79 -28.54
C19 L9Q G . 16.60 -8.34 -28.56
O1P L9Q G . 16.82 -10.43 -22.70
C20 L9Q G . 15.62 -7.26 -28.99
C21 L9Q G . 14.70 -7.77 -30.10
C22 L9Q G . 15.26 -7.41 -31.46
C23 L9Q G . 14.25 -7.69 -32.57
C24 L9Q G . 13.32 -8.81 -32.17
C25 L9Q G . 12.03 -8.75 -33.00
C26 L9Q G . 10.92 -9.54 -32.32
C27 L9Q G . 10.98 -9.35 -30.82
C28 L9Q G . 9.63 -9.66 -30.20
O2P L9Q G . 17.11 -10.16 -20.12
C31 L9Q G . 17.83 -7.23 -24.27
O31 L9Q G . 18.35 -8.26 -24.66
C32 L9Q G . 16.67 -6.63 -25.03
C33 L9Q G . 16.68 -5.12 -24.84
C34 L9Q G . 15.30 -4.63 -24.44
C35 L9Q G . 15.10 -4.75 -22.93
C36 L9Q G . 13.88 -5.60 -22.60
C37 L9Q G . 13.50 -5.42 -21.14
C38 L9Q G . 13.23 -6.76 -20.47
C39 L9Q G . 13.01 -6.58 -18.97
O3P L9Q G . 16.26 -8.24 -21.52
C40 L9Q G . 14.31 -6.77 -18.19
C41 L9Q G . 14.27 -6.01 -16.87
C42 L9Q G . 13.36 -4.79 -16.98
C43 L9Q G . 13.12 -4.16 -15.62
C44 L9Q G . 14.00 -2.94 -15.41
C45 L9Q G . 14.38 -2.77 -13.94
C46 L9Q G . 15.88 -2.94 -13.75
C47 L9Q G . 16.22 -4.23 -13.01
C48 L9Q G . 17.21 -5.06 -13.81
O4P L9Q G . 14.83 -10.27 -21.18
N L9Q H . 12.89 -29.98 -34.18
P L9Q H . 13.29 -27.71 -30.80
C1 L9Q H . 10.96 -26.84 -31.57
C2 L9Q H . 10.42 -25.59 -30.91
O2 L9Q H . 9.31 -25.07 -31.62
C3 L9Q H . 9.97 -26.00 -29.52
O3 L9Q H . 10.75 -25.27 -28.59
C4 L9Q H . 14.16 -29.74 -32.14
C5 L9Q H . 14.22 -30.23 -33.58
C11 L9Q H . 11.14 -25.94 -27.37
O11 L9Q H . 11.85 -26.91 -27.42
C12 L9Q H . 10.64 -25.43 -26.05
C13 L9Q H . 10.44 -26.65 -25.17
C14 L9Q H . 10.75 -26.30 -23.73
C15 L9Q H . 9.59 -25.63 -23.03
C16 L9Q H . 8.75 -26.62 -22.25
C17 L9Q H . 8.11 -25.95 -21.05
C18 L9Q H . 7.27 -24.76 -21.49
C19 L9Q H . 7.67 -23.49 -20.75
O1P L9Q H . 13.85 -28.55 -29.69
C20 L9Q H . 6.51 -22.53 -20.68
C21 L9Q H . 5.72 -22.60 -21.99
C22 L9Q H . 4.45 -21.78 -21.90
C23 L9Q H . 4.19 -21.06 -23.21
C24 L9Q H . 5.40 -21.16 -24.14
C25 L9Q H . 5.62 -19.85 -24.89
C26 L9Q H . 4.68 -18.76 -24.40
C27 L9Q H . 4.59 -17.62 -25.41
C28 L9Q H . 5.64 -17.79 -26.50
O2P L9Q H . 13.86 -26.35 -31.08
C31 L9Q H . 9.24 -23.63 -31.49
O31 L9Q H . 10.13 -22.94 -31.98
C32 L9Q H . 8.09 -22.97 -30.76
C33 L9Q H . 8.65 -22.20 -29.58
C34 L9Q H . 7.55 -21.64 -28.70
C35 L9Q H . 7.16 -20.23 -29.16
C36 L9Q H . 8.38 -19.34 -29.30
C37 L9Q H . 8.16 -18.27 -30.36
C38 L9Q H . 9.25 -18.30 -31.42
C39 L9Q H . 8.89 -19.21 -32.58
O3P L9Q H . 11.70 -27.56 -30.61
C40 L9Q H . 7.77 -18.61 -33.41
C41 L9Q H . 6.92 -19.71 -34.05
C42 L9Q H . 7.78 -20.66 -34.88
C43 L9Q H . 7.08 -21.04 -36.17
C44 L9Q H . 7.66 -20.31 -37.37
C45 L9Q H . 8.39 -21.26 -38.30
C46 L9Q H . 9.62 -20.60 -38.91
C47 L9Q H . 10.89 -21.02 -38.19
C48 L9Q H . 11.75 -21.90 -39.07
O4P L9Q H . 13.35 -28.58 -32.14
N L9Q I . 42.54 -16.43 12.37
P L9Q I . 39.81 -14.31 10.21
C1 L9Q I . 38.15 -15.65 11.70
C2 L9Q I . 36.69 -15.64 11.30
O2 L9Q I . 35.96 -16.64 12.01
C3 L9Q I . 36.14 -14.29 11.68
O3 L9Q I . 35.71 -13.66 10.48
C4 L9Q I . 42.29 -14.54 10.89
C5 L9Q I . 43.25 -15.62 11.35
C11 L9Q I . 35.90 -12.23 10.36
O11 L9Q I . 37.02 -11.78 10.36
C12 L9Q I . 34.71 -11.32 10.26
C13 L9Q I . 35.09 -10.04 10.97
C14 L9Q I . 34.43 -8.85 10.29
C15 L9Q I . 33.00 -8.66 10.73
C16 L9Q I . 32.89 -7.64 11.85
C17 L9Q I . 31.55 -6.93 11.78
C18 L9Q I . 30.41 -7.93 11.84
C19 L9Q I . 29.45 -7.75 10.67
O1P L9Q I . 40.27 -12.89 10.06
C20 L9Q I . 28.06 -8.25 11.04
C21 L9Q I . 28.20 -9.47 11.93
C22 L9Q I . 26.84 -9.91 12.46
C23 L9Q I . 26.72 -11.42 12.47
C24 L9Q I . 27.87 -12.05 11.69
C25 L9Q I . 27.40 -13.26 10.89
C26 L9Q I . 25.88 -13.40 10.94
C27 L9Q I . 25.45 -14.79 10.52
C28 L9Q I . 26.62 -15.57 9.96
O2P L9Q I . 39.30 -15.05 9.01
C31 L9Q I . 34.86 -17.15 11.22
O31 L9Q I . 35.10 -17.76 10.19
C32 L9Q I . 33.44 -16.90 11.65
C33 L9Q I . 32.74 -16.10 10.56
C34 L9Q I . 31.33 -15.69 10.99
C35 L9Q I . 30.31 -16.74 10.57
C36 L9Q I . 30.46 -17.09 9.08
C37 L9Q I . 30.02 -18.53 8.83
C38 L9Q I . 31.10 -19.34 8.13
C39 L9Q I . 32.01 -20.04 9.14
O3P L9Q I . 38.69 -14.38 11.36
C40 L9Q I . 31.28 -21.17 9.83
C41 L9Q I . 31.82 -21.38 11.25
C42 L9Q I . 33.32 -21.62 11.22
C43 L9Q I . 33.71 -22.70 12.22
C44 L9Q I . 34.02 -24.01 11.52
C45 L9Q I . 35.50 -24.36 11.63
C46 L9Q I . 36.00 -25.04 10.36
C47 L9Q I . 36.75 -24.06 9.47
C48 L9Q I . 38.23 -24.37 9.43
O4P L9Q I . 41.00 -15.14 10.87
#